data_6RDF
#
_entry.id   6RDF
#
_cell.length_a   1.0
_cell.length_b   1.0
_cell.length_c   1.0
_cell.angle_alpha   90.00
_cell.angle_beta   90.00
_cell.angle_gamma   90.00
#
_symmetry.space_group_name_H-M   'P 1'
#
loop_
_entity.id
_entity.type
_entity.pdbx_description
1 polymer 'ASA-10: Polytomella F-ATP synthase associated subunit 10'
2 polymer 'ATP synthase associated protein ASA1'
3 polymer 'ASA-2: Polytomella F-ATP synthase associated subunit 2'
4 polymer 'Mitochondrial F1F0 ATP synthase associated 32 kDa protein'
5 polymer 'Mitochondrial ATP synthase associated protein ASA4'
6 polymer 'Mitochondrial F1F0 ATP synthase associated 14 kDa protein'
7 polymer 'Mitochondrial ATP synthase subunit ASA6'
8 polymer 'Mitochondrial ATP synthase associated protein ASA7'
9 polymer 'Mitochondrial ATP synthase subunit ASA8'
10 polymer 'ASA-9: Polytomella F-ATP synthase associated subunit 9'
11 polymer 'Mitochondrial ATP synthase subunit 6'
12 polymer 'Mitochondrial ATP synthase subunit OSCP'
13 polymer 'ATP synthase subunit alpha'
14 non-polymer 'ZINC ION'
15 water water
#
loop_
_entity_poly.entity_id
_entity_poly.type
_entity_poly.pdbx_seq_one_letter_code
_entity_poly.pdbx_strand_id
1 'polypeptide(L)'
;MSYSAYFAKAGFQFPAGLSALVAGIVALNVCTGRPTKGTKEISNAEYNATPIGYLQSPDQHPTAFPKVPGMKDVHGSPHH
HH
;
0
2 'polypeptide(L)'
;MMRAAQKAKQELPATVLTQTRSYLAPLRSDFTEEITAPKVASASNLVNEWNNKKQATENLMKLLQAYKDIGDAKSEPLLK
NHNPRTFEDRDYPVPDFRTQNLKAGDVPKFFDTVISTRASAAIASKDKFWAGRKTEAEAASAKASAAFPRVAVPEWKKGK
TVSIENLNTVTDKYAAALVPKRKLALPVLPEGVKKAVEDFAASVGQAKNASEVSELLAKSLAEKAVVTEGGKVVEGFSYV
SKAVAAKVIATRRAEVHERLLKLWAKRLLVSPELAIVPLNEFDAQLASKFEGISPKYQELLSAVAQGNKTFAQRLNSSPA
FSSFLLKREKAESEVPPSELELEAAQKAAELEDPEVALRTLLGPQMEALGASDLLLSEQIRVITEHRYTPDRLQYKEGMK
LADKIAAQEAALKEELKVIYGDNVDVKHFQASPRTPVQQLFDSLKNAAANKERAAKEAAAAASPYLAYAVTKKQEVQADP
SNIPFDEVLYPQLSEELLELELSDIREDEIALEKAEEEELWLLTLTQQFKHIQKHFGIDLPHSVVAHMDPLLIKKIDWET
TNALEDFDITLDDMGAEDAKEQWGAENLSHHFLPLIRYRRDLARKNGDRYGPDLVNGN
;
1
3 'polypeptide(L)'
;ENDVPAILKEIDSLVSREAVSAKEVSDAAVALTYLQVKANRRLWGKVLEKAGAAQDYDAASLTNLLWAINTGGVEHFKTV
AELAGPAVSLLPSLSPVQLSIVVEALGGAGVKNYELYNKASAVVVSKIGEFKPAEIARVLYGVAFGGVNDVALAKAAGKV
FASTEVDSRTAAQALYALAKLGRADKATVDALLKSFKKGTESASDAAAASFALGSLSFKAEKAIVDALKASAGDLAPAQA
VEAAYGLALSGATDAEAFKALFGVVAPAIEKAPDALEVSSLAQLHVASTISGAKLPAAVGSFVAKAFGLAADAARLKRSS
AESALVADVAAATAVAFGAQYRPEVASAVASYVKTAPDGSVLDIAITKGDAKVLVQAVPSSLLTSTTPAKPLGHVAAYSK
VREAQGYAVAVVPANEFEALPDQKAKAQYVLAAIKKVAPSF
;
2
4 'polypeptide(L)'
;MRQASRLALSIRQAGNVEAASAVPAMTRQFSAPGSHEHHETPLSKVMPTVVSIPRKVACLALGATKKVVCGLASSGPSQN
LVSTFANKVIVEENLVNVAEIDVPFWSYWLSSAGFTSKDAFVKFAEAVKPKVAALSTSDITNLTVAFKRANYYDKDLFTG
IEANVSANFTKFETEQLLQIVATFDAFNHSSVAFLDDVADSITYCNHYLAPVRAGADELATLLTYYAKNGHERADLLATV
ARGFSEVSLGKLSAAQRKDTVLSALKAFQTFGFYPESIEAVIGAALVSPAEYSAEELKEVEAVKVAAENALGGEFVLIQE
GAHGH
;
3
5 'polypeptide(L)'
;ATEPAVSKKEVLYFLSSKDAESSTAVKSYLKSLYAGAQVEATETDASELIAQLEKKYLSAQVVEPGVHNIALPLGESGSA
PVKRYAAELFNLGAQAGFECPFIEVSKKFGQETATSETVKDVLNKTKSYVSADYNAALNEVLSSVEAEINGPVLFDGKTE
GFKKFAAKAKAVAVSRGLPADTILAYCAGSANEDAADKVSKEFFTWFESAYTADAAAEVKAIEAEAASILDRHLAKPVAQ
IRKEQASAYASLLKRAETAKGAKWAEKYLEDVKAVQWFDASVAEAPASGPKVAA
;
4
6 'polypeptide(L)'
;MKLLPESLQQEAATAAVVASWVLWHLDTQLLPTIMREHKLHACWAAAAKRYNEKLFKLNPSYDRVLSLPAVSKNQVLENV
FHTAPKAPVEHLEKMVSANSKVYDALNLQSKRVLIWQVKPALF
;
5
7 'polypeptide(L)'
;MMLRTLTRSSAVAGQAVRLFKTSAAAAEGNSVAGIIKSVNETSGANLLSSLKTIKAQAAPIYPAAASSTGYSTQAKIALF
GALSWILYRADGQSKAHEWIVDLNLNVLQAAWLISFSSLIPFRAVYFAFRGMAPATASTLNGLKTFSSISL
;
6
8 'polypeptide(L)'
;MSSVRAGVEAGRRDLTTFTFSGLQDAPVAALSGSIKLNVAAKAGKAEVTVAAGAAKAATQVSAAALRKLSGSKISLAEVA
RISVLHSSIQNYLLSLSNERYQLLSQWPDFTTMYGKDFYYRAHPEDLKKFYDAADEYYKLYETVTEFDSLSALASQVVPN
YAARRRSTVHPAIGSTVADGAFTNFLLSKQ
;
7
9 'polypeptide(L)'
;MVLGEVYLKDILRTPPTGAIPANVPHPFQTSFYTYATKKLIPRHWYLLGGFTFTITLYGILDGLRDSGKKKAYDEAIHAG
KTPYTAGGH
;
8
10 'polypeptide(L)'
;MAVTSFLGKAFEKYFYDFSAYEQFGLNRFLSSKGQYVALRHVGFVMVGVNVLLAANFPFNPPFPTIGMCPAGWEGTWVCQ
ADKAKALEMYKEWKKSN
;
9
11 'polypeptide(L)'
;MSVLSSVSMGSRIGSSLLGRSSAYLAQCGFSTRSNLNGSIDTSSSVFQALSSDNENKPAASPLNVKLPGMSCSSILLPKT
SRIAVPFGNQTMAMSSVRDVKTGSLPTNFLTGVYRFWRSQNPAEKPHDPVNDRLLPAVVDASDKRASIGTWATTFFCTII
SCNLLGLMPFNEAPTSGLGFATGLGVSVWATATILGLSKTGFKFPGHFIPGGTPWPMAFIFVPLETISYTFRAVSLGVRL
WVNMLAGHTLLHILTGMALALPFSLGFFSMVPATFGVCCLLSALVGLEYLVAVLQSGVFSILSTVYVGEFNHDKFIGPAA
KIVKKIH
;
M
12 'polypeptide(L)'
;MLARVASVALRRAEGKIMPQMVRALSVSAASAAQAELKLPTAPLQLSGTSAQIATLLWQVAAKENQLDKVQDELYQFIEL
FKQHSELRRLATDPFVPTLVRTKIISSVLKDSGASEITKKLFEALADEGALSALLEVTVNYEELMLAHKKEVYCTVITAE
PLDKLERVELTKKAEKFVDAGFKLVMQEKIDKKLLGGFVIEFSDRRVDMSTAKKVEEFNNFVNKLVLSI
;
P
13 'polypeptide(L)'
;MRSPAAFVARSGLFKASLGQSNWAQKAEQMMASVTRTFAADAKALDELRKPKFSSKYLIQHVSQKLIPAVKEWEKSYQPP
VIHLGRVLSVGDGIARVYGLKSVQAGELVCFDSGVKGMALNLQADHVGVVVFGNDSVIHQGDLVYRTGQIVNVPIGPGTL
GRVTDGLGQPIDGKGPLTNVRSSLVEVKAPGIIARQSVREPLFTGVKAVDALVPIGRGQRELIIGDRQTGKTAVAIDAII
HQKNCNEQVPKAQRVYCVYVAVGQKRSTVAQLVKLFTQTGAMRYTIMVSATASDAAPLQFLAPYSGCAMAEYFRDTGKHG
LIIYDDLSKQSVAYRQMSLLLRRPPGREAFPGDVFYLHSRLLERAAKLSKELGGGSLTAFPVIETQAGDVSAYIATNVIS
ITDGQIFLETELFYKGIRPALNVGLSVSRVGSAAQFPGMKQVAGTLKLELAQYREVAAFAQFGSDLDAATQYVLERGARL
TEMLKQKQFAPIPIERQTVAVYAATKGFLDKVRVQDIVAAEEAVISQVNPAVFKILKANGKITPALDAHLKAELRKVKLP
GA
;
T
#
# COMPACT_ATOMS: atom_id res chain seq x y z
N SER A 2 -50.93 18.72 -24.53
CA SER A 2 -50.00 19.80 -24.20
C SER A 2 -50.11 20.87 -25.25
N TYR A 3 -50.62 22.04 -24.84
CA TYR A 3 -50.78 23.28 -25.61
C TYR A 3 -51.83 23.21 -26.71
N SER A 4 -52.43 22.06 -26.97
CA SER A 4 -53.46 22.00 -28.00
C SER A 4 -54.81 22.44 -27.45
N ALA A 5 -55.01 22.33 -26.15
CA ALA A 5 -56.21 22.83 -25.52
C ALA A 5 -56.14 24.33 -25.27
N TYR A 6 -54.99 24.95 -25.50
CA TYR A 6 -54.86 26.39 -25.41
C TYR A 6 -55.27 27.07 -26.71
N PHE A 7 -55.04 26.41 -27.83
CA PHE A 7 -55.43 26.97 -29.12
C PHE A 7 -56.86 26.67 -29.48
N ALA A 8 -57.49 25.69 -28.84
CA ALA A 8 -58.91 25.48 -28.99
C ALA A 8 -59.73 26.47 -28.18
N LYS A 9 -59.10 27.27 -27.33
CA LYS A 9 -59.84 28.29 -26.59
C LYS A 9 -60.25 29.43 -27.51
N ALA A 10 -59.28 30.13 -28.09
CA ALA A 10 -59.60 31.20 -29.02
C ALA A 10 -60.11 30.61 -30.32
N GLY A 11 -61.32 30.98 -30.69
CA GLY A 11 -61.99 30.39 -31.83
C GLY A 11 -61.51 30.98 -33.13
N PHE A 12 -62.47 31.14 -34.05
CA PHE A 12 -62.18 31.82 -35.30
C PHE A 12 -61.89 33.28 -35.04
N GLN A 13 -61.00 33.84 -35.84
CA GLN A 13 -60.63 35.23 -35.73
C GLN A 13 -60.21 35.71 -37.11
N PHE A 14 -60.64 36.91 -37.47
CA PHE A 14 -60.34 37.47 -38.78
C PHE A 14 -58.85 37.82 -38.88
N PRO A 15 -58.34 38.02 -40.09
CA PRO A 15 -57.05 38.71 -40.23
C PRO A 15 -57.11 40.10 -39.65
N ALA A 16 -55.92 40.63 -39.33
CA ALA A 16 -55.82 41.71 -38.38
C ALA A 16 -56.37 43.03 -38.89
N GLY A 17 -56.11 43.37 -40.15
CA GLY A 17 -56.61 44.62 -40.65
C GLY A 17 -57.67 44.43 -41.69
N LEU A 18 -58.43 43.34 -41.58
CA LEU A 18 -59.51 43.06 -42.53
C LEU A 18 -60.62 44.10 -42.46
N SER A 19 -60.78 44.75 -41.31
CA SER A 19 -61.74 45.84 -41.21
C SER A 19 -61.28 47.06 -42.01
N ALA A 20 -59.97 47.19 -42.25
CA ALA A 20 -59.48 48.25 -43.11
C ALA A 20 -59.47 47.85 -44.58
N LEU A 21 -59.49 46.55 -44.88
CA LEU A 21 -59.65 46.13 -46.27
C LEU A 21 -61.07 46.34 -46.73
N VAL A 22 -62.04 45.84 -45.97
CA VAL A 22 -63.45 46.00 -46.36
C VAL A 22 -63.94 47.41 -46.15
N ALA A 23 -63.19 48.27 -45.45
CA ALA A 23 -63.55 49.68 -45.45
C ALA A 23 -63.09 50.35 -46.73
N GLY A 24 -61.89 50.00 -47.20
CA GLY A 24 -61.39 50.59 -48.42
C GLY A 24 -62.07 50.10 -49.67
N ILE A 25 -62.60 48.89 -49.64
CA ILE A 25 -63.30 48.36 -50.81
C ILE A 25 -64.69 48.97 -50.93
N VAL A 26 -65.41 49.14 -49.82
CA VAL A 26 -66.70 49.80 -49.92
C VAL A 26 -66.53 51.30 -50.13
N ALA A 27 -65.40 51.87 -49.73
CA ALA A 27 -65.13 53.26 -50.04
C ALA A 27 -64.70 53.46 -51.49
N LEU A 28 -64.54 52.40 -52.26
CA LEU A 28 -64.36 52.54 -53.69
C LEU A 28 -65.64 52.27 -54.45
N ASN A 29 -66.61 51.63 -53.82
CA ASN A 29 -67.86 51.30 -54.47
C ASN A 29 -69.02 52.20 -54.07
N VAL A 30 -68.88 53.03 -53.04
CA VAL A 30 -69.96 53.92 -52.67
C VAL A 30 -69.63 55.39 -52.89
N CYS A 31 -68.36 55.81 -52.79
CA CYS A 31 -68.02 57.18 -53.17
C CYS A 31 -67.36 57.20 -54.55
N THR A 32 -68.12 56.68 -55.52
CA THR A 32 -67.67 56.60 -56.89
C THR A 32 -67.65 57.97 -57.57
N GLY A 33 -68.44 58.91 -57.09
CA GLY A 33 -68.48 60.22 -57.70
C GLY A 33 -69.29 60.30 -58.97
N ARG A 34 -70.30 59.46 -59.10
CA ARG A 34 -71.16 59.40 -60.29
C ARG A 34 -72.43 58.66 -59.91
N PRO A 35 -73.52 58.85 -60.66
CA PRO A 35 -74.76 58.14 -60.32
C PRO A 35 -74.64 56.62 -60.46
N THR A 36 -75.52 55.92 -59.76
CA THR A 36 -75.25 54.54 -59.36
C THR A 36 -75.84 53.54 -60.35
N LYS A 37 -75.18 53.43 -61.51
CA LYS A 37 -75.31 52.31 -62.43
C LYS A 37 -76.73 52.11 -62.93
N GLY A 38 -77.19 53.00 -63.80
CA GLY A 38 -78.51 52.89 -64.37
C GLY A 38 -79.48 53.92 -63.85
N THR A 39 -79.03 54.84 -63.02
CA THR A 39 -79.84 55.96 -62.59
C THR A 39 -79.25 57.25 -63.14
N LYS A 40 -80.03 58.31 -63.05
CA LYS A 40 -79.62 59.62 -63.52
C LYS A 40 -80.10 60.66 -62.52
N GLU A 41 -79.26 61.65 -62.25
CA GLU A 41 -79.66 62.70 -61.34
C GLU A 41 -80.62 63.68 -62.03
N ILE A 42 -81.80 63.82 -61.46
CA ILE A 42 -82.82 64.72 -61.96
C ILE A 42 -83.02 65.82 -60.92
N SER A 43 -83.80 66.84 -61.29
CA SER A 43 -84.04 67.96 -60.41
C SER A 43 -85.04 67.60 -59.32
N ASN A 44 -85.13 68.45 -58.31
CA ASN A 44 -86.06 68.21 -57.21
C ASN A 44 -87.51 68.42 -57.64
N ALA A 45 -87.74 69.26 -58.64
CA ALA A 45 -89.09 69.44 -59.16
C ALA A 45 -89.56 68.21 -59.92
N GLU A 46 -88.65 67.53 -60.61
CA GLU A 46 -89.02 66.31 -61.31
C GLU A 46 -89.17 65.14 -60.35
N TYR A 47 -88.39 65.14 -59.26
CA TYR A 47 -88.47 64.04 -58.31
C TYR A 47 -89.77 64.04 -57.54
N ASN A 48 -90.30 65.22 -57.25
CA ASN A 48 -91.52 65.30 -56.47
C ASN A 48 -92.76 65.02 -57.31
N ALA A 49 -92.72 65.37 -58.59
CA ALA A 49 -93.87 65.15 -59.45
C ALA A 49 -94.01 63.71 -59.92
N THR A 50 -92.94 62.94 -59.89
CA THR A 50 -92.93 61.64 -60.52
C THR A 50 -93.30 60.55 -59.53
N PRO A 51 -94.23 59.67 -59.86
CA PRO A 51 -94.56 58.56 -58.96
C PRO A 51 -93.44 57.54 -58.91
N ILE A 52 -93.52 56.65 -57.93
CA ILE A 52 -92.51 55.62 -57.75
C ILE A 52 -92.56 54.59 -58.87
N GLY A 53 -93.72 54.42 -59.51
CA GLY A 53 -93.79 53.54 -60.66
C GLY A 53 -93.18 54.14 -61.90
N TYR A 54 -93.30 55.46 -62.07
CA TYR A 54 -92.78 56.13 -63.24
C TYR A 54 -91.32 56.52 -63.09
N LEU A 55 -90.84 56.64 -61.86
CA LEU A 55 -89.45 56.99 -61.62
C LEU A 55 -88.52 55.82 -61.90
N GLN A 56 -89.04 54.60 -61.89
CA GLN A 56 -88.26 53.41 -62.19
C GLN A 56 -88.17 53.18 -63.68
N SER A 57 -87.19 52.38 -64.08
CA SER A 57 -86.98 51.98 -65.45
C SER A 57 -87.12 50.47 -65.57
N PRO A 58 -87.57 49.94 -66.70
CA PRO A 58 -87.70 48.49 -66.83
C PRO A 58 -86.36 47.77 -66.88
N ASP A 59 -85.30 48.44 -67.36
CA ASP A 59 -84.00 47.78 -67.48
C ASP A 59 -83.39 47.47 -66.12
N GLN A 60 -83.63 48.31 -65.12
CA GLN A 60 -83.00 48.16 -63.82
C GLN A 60 -83.75 47.19 -62.91
N HIS A 61 -84.82 46.57 -63.38
CA HIS A 61 -85.56 45.59 -62.59
C HIS A 61 -85.80 44.34 -63.43
N PRO A 62 -84.77 43.50 -63.63
CA PRO A 62 -84.99 42.28 -64.39
C PRO A 62 -85.68 41.23 -63.54
N THR A 63 -86.39 40.33 -64.22
CA THR A 63 -87.20 39.32 -63.55
C THR A 63 -86.28 38.28 -62.92
N ALA A 64 -86.63 37.87 -61.69
CA ALA A 64 -85.71 37.11 -60.85
C ALA A 64 -85.42 35.72 -61.40
N PHE A 65 -86.32 35.13 -62.17
CA PHE A 65 -86.08 33.84 -62.82
C PHE A 65 -86.85 33.84 -64.12
N PRO A 66 -86.36 34.55 -65.14
CA PRO A 66 -87.22 34.95 -66.26
C PRO A 66 -87.58 33.77 -67.16
N LYS A 67 -88.88 33.64 -67.45
CA LYS A 67 -89.36 32.60 -68.34
C LYS A 67 -88.98 32.91 -69.78
N VAL A 68 -88.92 34.19 -70.13
CA VAL A 68 -88.43 34.64 -71.43
C VAL A 68 -87.19 35.50 -71.16
N PRO A 69 -86.11 35.35 -71.91
CA PRO A 69 -84.94 36.21 -71.70
C PRO A 69 -85.22 37.65 -72.08
N GLY A 70 -85.27 38.51 -71.07
CA GLY A 70 -85.62 39.90 -71.24
C GLY A 70 -86.83 40.33 -70.47
N MET A 71 -87.40 39.47 -69.64
CA MET A 71 -88.54 39.84 -68.82
C MET A 71 -88.12 40.82 -67.75
N LYS A 72 -88.91 41.87 -67.56
CA LYS A 72 -88.64 42.89 -66.56
C LYS A 72 -89.77 42.91 -65.54
N ASP A 73 -89.46 43.32 -64.32
CA ASP A 73 -90.46 43.29 -63.27
C ASP A 73 -91.39 44.49 -63.31
N VAL A 74 -90.89 45.64 -63.74
CA VAL A 74 -91.68 46.86 -63.82
C VAL A 74 -91.83 47.23 -65.29
N HIS A 75 -92.70 48.20 -65.55
CA HIS A 75 -92.90 48.69 -66.90
C HIS A 75 -92.63 50.18 -67.05
N GLY A 76 -92.57 50.93 -65.95
CA GLY A 76 -92.16 52.31 -66.01
C GLY A 76 -93.22 53.24 -66.60
N SER A 77 -92.74 54.39 -67.06
CA SER A 77 -93.62 55.41 -67.61
C SER A 77 -93.97 55.08 -69.05
N PRO A 78 -95.24 55.20 -69.44
CA PRO A 78 -95.61 54.89 -70.84
C PRO A 78 -95.32 56.02 -71.81
N HIS A 79 -95.01 57.21 -71.32
CA HIS A 79 -94.83 58.37 -72.19
C HIS A 79 -93.44 58.31 -72.81
N HIS A 80 -93.32 57.53 -73.88
CA HIS A 80 -92.07 57.37 -74.60
C HIS A 80 -91.98 58.43 -75.69
N HIS A 81 -90.75 58.88 -75.97
CA HIS A 81 -90.50 59.97 -76.90
C HIS A 81 -90.07 59.47 -78.28
N HIS A 82 -90.51 58.27 -78.68
CA HIS A 82 -90.07 57.66 -79.92
C HIS A 82 -90.73 58.29 -81.15
N TYR B 23 23.59 -33.65 23.49
CA TYR B 23 24.61 -33.51 24.52
C TYR B 23 25.72 -34.51 24.30
N LEU B 24 25.48 -35.45 23.39
CA LEU B 24 26.42 -36.53 23.14
C LEU B 24 27.25 -36.27 21.89
N ALA B 25 28.48 -36.74 21.92
CA ALA B 25 29.52 -36.46 20.95
C ALA B 25 29.84 -37.70 20.12
N PRO B 26 30.40 -37.52 18.92
CA PRO B 26 30.86 -38.69 18.18
C PRO B 26 32.10 -39.30 18.81
N LEU B 27 32.17 -40.63 18.79
CA LEU B 27 33.29 -41.34 19.35
C LEU B 27 34.41 -41.44 18.32
N ARG B 28 35.61 -41.05 18.70
CA ARG B 28 36.78 -41.17 17.85
C ARG B 28 37.76 -42.14 18.46
N SER B 29 38.40 -42.94 17.62
CA SER B 29 39.46 -43.85 18.03
C SER B 29 40.68 -43.54 17.19
N ASP B 30 41.41 -42.51 17.58
CA ASP B 30 42.58 -42.10 16.83
C ASP B 30 43.60 -41.53 17.79
N PHE B 31 44.86 -41.65 17.43
CA PHE B 31 45.95 -41.25 18.30
C PHE B 31 46.61 -40.00 17.74
N THR B 32 47.23 -39.24 18.63
CA THR B 32 47.97 -38.04 18.25
C THR B 32 49.44 -38.39 18.22
N GLU B 33 49.99 -38.54 17.02
CA GLU B 33 51.38 -38.94 16.88
C GLU B 33 52.34 -37.77 17.01
N GLU B 34 51.86 -36.56 16.76
CA GLU B 34 52.68 -35.35 16.79
C GLU B 34 52.58 -34.67 18.14
N ILE B 35 53.57 -33.83 18.45
CA ILE B 35 53.48 -32.93 19.60
C ILE B 35 53.53 -31.50 19.06
N THR B 36 52.39 -30.80 19.09
CA THR B 36 52.28 -29.45 18.59
C THR B 36 51.69 -28.55 19.67
N ALA B 37 51.83 -27.25 19.46
CA ALA B 37 51.09 -26.26 20.23
C ALA B 37 49.60 -26.41 19.95
N PRO B 38 48.74 -26.19 20.95
CA PRO B 38 47.35 -26.64 20.84
C PRO B 38 46.44 -25.77 20.01
N LYS B 39 46.97 -24.86 19.18
CA LYS B 39 46.23 -24.11 18.14
C LYS B 39 45.12 -23.25 18.76
N VAL B 40 45.57 -22.20 19.43
CA VAL B 40 44.67 -21.19 20.00
C VAL B 40 43.87 -20.53 18.88
N ALA B 41 42.54 -20.53 19.01
CA ALA B 41 41.69 -19.86 18.05
C ALA B 41 41.58 -18.38 18.38
N SER B 42 41.38 -17.57 17.34
CA SER B 42 41.41 -16.12 17.48
C SER B 42 40.10 -15.61 18.04
N ALA B 43 40.15 -14.40 18.60
CA ALA B 43 39.04 -13.86 19.36
C ALA B 43 37.89 -13.47 18.45
N SER B 44 36.67 -13.81 18.84
CA SER B 44 35.50 -13.41 18.09
C SER B 44 35.13 -11.97 18.41
N ASN B 45 34.36 -11.38 17.51
CA ASN B 45 33.96 -9.99 17.62
C ASN B 45 32.58 -9.82 18.24
N LEU B 46 32.12 -10.79 19.03
CA LEU B 46 30.75 -10.74 19.54
C LEU B 46 30.61 -9.70 20.65
N VAL B 47 31.68 -9.43 21.40
CA VAL B 47 31.58 -8.41 22.44
C VAL B 47 31.59 -7.03 21.81
N ASN B 48 32.34 -6.85 20.72
CA ASN B 48 32.37 -5.55 20.06
C ASN B 48 31.16 -5.35 19.15
N GLU B 49 30.60 -6.42 18.61
CA GLU B 49 29.35 -6.28 17.85
C GLU B 49 28.19 -5.93 18.77
N TRP B 50 28.08 -6.61 19.91
CA TRP B 50 26.98 -6.35 20.82
C TRP B 50 27.14 -5.02 21.55
N ASN B 51 28.35 -4.48 21.57
CA ASN B 51 28.54 -3.11 22.05
C ASN B 51 28.33 -2.08 20.95
N ASN B 52 28.45 -2.48 19.69
CA ASN B 52 28.00 -1.62 18.61
C ASN B 52 26.48 -1.58 18.54
N LYS B 53 25.83 -2.72 18.79
CA LYS B 53 24.38 -2.76 18.78
C LYS B 53 23.79 -2.04 19.98
N LYS B 54 24.48 -2.06 21.10
CA LYS B 54 24.01 -1.30 22.26
C LYS B 54 24.20 0.18 22.05
N GLN B 55 25.25 0.58 21.34
CA GLN B 55 25.46 1.98 21.04
C GLN B 55 24.53 2.48 19.94
N ALA B 56 24.24 1.63 18.94
CA ALA B 56 23.33 2.03 17.88
C ALA B 56 21.90 2.14 18.38
N THR B 57 21.51 1.26 19.30
CA THR B 57 20.19 1.36 19.90
C THR B 57 20.07 2.57 20.81
N GLU B 58 21.17 2.95 21.46
CA GLU B 58 21.13 4.12 22.32
C GLU B 58 21.27 5.41 21.52
N ASN B 59 21.91 5.33 20.34
CA ASN B 59 21.91 6.45 19.42
C ASN B 59 20.52 6.70 18.86
N LEU B 60 19.75 5.63 18.64
CA LEU B 60 18.39 5.78 18.15
C LEU B 60 17.48 6.40 19.21
N MET B 61 17.75 6.14 20.48
CA MET B 61 16.92 6.74 21.51
C MET B 61 17.32 8.19 21.75
N LYS B 62 18.57 8.54 21.43
CA LYS B 62 18.92 9.96 21.38
C LYS B 62 18.31 10.62 20.15
N LEU B 63 18.06 9.84 19.09
CA LEU B 63 17.43 10.39 17.91
C LEU B 63 15.94 10.56 18.09
N LEU B 64 15.27 9.56 18.67
CA LEU B 64 13.83 9.67 18.88
C LEU B 64 13.50 10.61 20.02
N GLN B 65 14.47 10.97 20.84
CA GLN B 65 14.26 12.05 21.80
C GLN B 65 14.52 13.40 21.15
N ALA B 66 15.48 13.47 20.22
CA ALA B 66 15.75 14.73 19.55
C ALA B 66 14.70 15.01 18.49
N TYR B 67 14.02 13.99 17.98
CA TYR B 67 12.86 14.22 17.13
C TYR B 67 11.71 14.81 17.93
N LYS B 68 11.52 14.33 19.16
CA LYS B 68 10.39 14.80 19.96
C LYS B 68 10.69 16.14 20.61
N ASP B 69 11.95 16.41 20.97
CA ASP B 69 12.28 17.64 21.66
C ASP B 69 12.22 18.84 20.74
N ILE B 70 12.55 18.65 19.45
CA ILE B 70 12.39 19.73 18.49
C ILE B 70 11.03 19.72 17.81
N GLY B 71 10.21 18.69 18.05
CA GLY B 71 8.86 18.67 17.56
C GLY B 71 7.92 19.29 18.57
N ASP B 72 8.23 19.14 19.86
CA ASP B 72 7.47 19.81 20.89
C ASP B 72 7.91 21.25 21.09
N ALA B 73 9.11 21.61 20.62
CA ALA B 73 9.54 23.00 20.73
C ALA B 73 8.80 23.88 19.74
N LYS B 74 8.58 23.39 18.53
CA LYS B 74 7.78 24.11 17.54
C LYS B 74 6.28 23.93 17.77
N SER B 75 5.90 23.05 18.71
CA SER B 75 4.51 22.73 19.07
C SER B 75 3.68 22.33 17.85
N GLU B 76 4.30 21.62 16.92
CA GLU B 76 3.60 21.22 15.72
C GLU B 76 2.71 20.02 16.01
N PRO B 77 1.64 19.84 15.22
CA PRO B 77 0.77 18.69 15.44
C PRO B 77 1.45 17.37 15.12
N LEU B 78 0.91 16.29 15.69
CA LEU B 78 1.52 14.98 15.50
C LEU B 78 1.30 14.46 14.09
N LEU B 79 0.06 14.38 13.64
CA LEU B 79 -0.25 13.81 12.33
C LEU B 79 -0.06 14.77 11.18
N LYS B 80 0.41 15.99 11.42
CA LYS B 80 0.53 16.96 10.33
C LYS B 80 1.65 16.58 9.38
N ASN B 81 2.83 16.32 9.91
CA ASN B 81 3.98 16.07 9.06
C ASN B 81 4.03 14.66 8.49
N HIS B 82 3.15 13.77 8.93
CA HIS B 82 3.02 12.45 8.32
C HIS B 82 1.87 12.37 7.34
N ASN B 83 0.98 13.34 7.36
CA ASN B 83 -0.06 13.44 6.34
C ASN B 83 0.53 14.12 5.12
N PRO B 84 0.59 13.47 3.96
CA PRO B 84 1.10 14.14 2.76
C PRO B 84 0.09 15.07 2.10
N ARG B 85 -1.11 15.21 2.66
CA ARG B 85 -2.03 16.22 2.17
C ARG B 85 -1.59 17.61 2.57
N THR B 86 -0.90 17.75 3.69
CA THR B 86 -0.42 19.05 4.13
C THR B 86 0.75 19.56 3.30
N PHE B 87 1.45 18.67 2.61
CA PHE B 87 2.53 19.04 1.72
C PHE B 87 2.07 19.21 0.29
N GLU B 88 0.78 19.03 0.04
CA GLU B 88 0.23 19.18 -1.30
C GLU B 88 0.00 20.64 -1.63
N ASP B 89 0.38 21.05 -2.83
CA ASP B 89 0.20 22.41 -3.29
C ASP B 89 -1.18 22.53 -3.92
N ARG B 90 -2.13 23.11 -3.19
CA ARG B 90 -3.50 23.20 -3.69
C ARG B 90 -3.67 24.32 -4.69
N ASP B 91 -2.84 25.35 -4.66
CA ASP B 91 -2.90 26.46 -5.60
C ASP B 91 -1.97 26.29 -6.79
N TYR B 92 -1.75 25.04 -7.20
CA TYR B 92 -1.06 24.78 -8.45
C TYR B 92 -1.95 25.22 -9.63
N PRO B 93 -1.35 25.65 -10.76
CA PRO B 93 -2.15 26.20 -11.86
C PRO B 93 -3.14 25.28 -12.59
N VAL B 94 -3.28 24.01 -12.18
CA VAL B 94 -4.33 23.04 -12.54
C VAL B 94 -4.63 22.98 -14.04
N PRO B 95 -3.85 22.20 -14.80
CA PRO B 95 -3.91 22.28 -16.27
C PRO B 95 -5.27 21.92 -16.87
N ASP B 96 -5.71 22.76 -17.81
CA ASP B 96 -6.99 22.57 -18.45
C ASP B 96 -6.91 21.46 -19.48
N PHE B 97 -7.89 20.57 -19.48
CA PHE B 97 -7.86 19.44 -20.40
C PHE B 97 -8.30 19.82 -21.80
N ARG B 98 -8.91 20.99 -21.97
CA ARG B 98 -9.39 21.40 -23.28
C ARG B 98 -8.30 22.02 -24.14
N THR B 99 -7.11 22.19 -23.60
CA THR B 99 -5.96 22.70 -24.35
C THR B 99 -4.91 21.62 -24.55
N GLN B 100 -5.28 20.35 -24.48
CA GLN B 100 -4.31 19.27 -24.48
C GLN B 100 -4.47 18.32 -25.65
N ASN B 101 -5.43 18.59 -26.56
CA ASN B 101 -5.67 17.83 -27.78
C ASN B 101 -5.96 16.36 -27.49
N LEU B 102 -7.02 16.12 -26.75
CA LEU B 102 -7.39 14.79 -26.26
C LEU B 102 -8.54 14.22 -27.07
N LYS B 103 -8.54 12.91 -27.24
CA LYS B 103 -9.60 12.21 -27.94
C LYS B 103 -10.66 11.77 -26.93
N ALA B 104 -11.53 10.84 -27.35
CA ALA B 104 -12.69 10.47 -26.53
C ALA B 104 -12.28 9.71 -25.28
N GLY B 105 -11.53 8.63 -25.42
CA GLY B 105 -11.19 7.90 -24.23
C GLY B 105 -9.96 8.38 -23.49
N ASP B 106 -9.31 9.43 -23.97
CA ASP B 106 -8.00 9.82 -23.47
C ASP B 106 -8.05 10.84 -22.35
N VAL B 107 -9.22 11.37 -22.03
CA VAL B 107 -9.37 12.38 -20.98
C VAL B 107 -9.21 11.82 -19.57
N PRO B 108 -9.81 10.68 -19.16
CA PRO B 108 -9.55 10.20 -17.80
C PRO B 108 -8.13 9.73 -17.57
N LYS B 109 -7.42 9.33 -18.62
CA LYS B 109 -5.99 9.10 -18.49
C LYS B 109 -5.22 10.40 -18.26
N PHE B 110 -5.68 11.52 -18.81
CA PHE B 110 -5.06 12.80 -18.51
C PHE B 110 -5.33 13.23 -17.08
N PHE B 111 -6.52 12.90 -16.56
CA PHE B 111 -6.86 13.26 -15.18
C PHE B 111 -6.04 12.45 -14.20
N ASP B 112 -5.68 11.22 -14.55
CA ASP B 112 -4.90 10.39 -13.65
C ASP B 112 -3.44 10.81 -13.59
N THR B 113 -2.84 11.12 -14.74
CA THR B 113 -1.43 11.51 -14.71
C THR B 113 -1.24 12.93 -14.22
N VAL B 114 -2.30 13.73 -14.19
CA VAL B 114 -2.19 15.03 -13.53
C VAL B 114 -2.29 14.86 -12.02
N ILE B 115 -3.17 13.97 -11.58
CA ILE B 115 -3.32 13.71 -10.15
C ILE B 115 -2.11 12.97 -9.61
N SER B 116 -1.57 12.02 -10.38
CA SER B 116 -0.40 11.27 -9.96
C SER B 116 0.83 12.17 -9.85
N THR B 117 1.00 13.08 -10.81
CA THR B 117 2.09 14.05 -10.75
C THR B 117 1.96 14.99 -9.56
N ARG B 118 0.75 15.32 -9.15
CA ARG B 118 0.54 16.19 -8.01
C ARG B 118 0.50 15.44 -6.69
N ALA B 119 0.28 14.13 -6.73
CA ALA B 119 0.39 13.33 -5.51
C ALA B 119 1.84 12.94 -5.26
N SER B 120 2.57 12.57 -6.30
CA SER B 120 3.97 12.19 -6.17
C SER B 120 4.85 13.40 -5.85
N ALA B 121 4.40 14.61 -6.19
CA ALA B 121 5.11 15.80 -5.76
C ALA B 121 4.76 16.18 -4.34
N ALA B 122 3.70 15.60 -3.77
CA ALA B 122 3.36 15.83 -2.38
C ALA B 122 4.04 14.83 -1.46
N ILE B 123 4.30 13.63 -1.96
CA ILE B 123 5.11 12.68 -1.21
C ILE B 123 6.57 13.07 -1.26
N ALA B 124 7.05 13.53 -2.41
CA ALA B 124 8.44 13.97 -2.54
C ALA B 124 8.70 15.27 -1.80
N SER B 125 7.68 16.09 -1.59
CA SER B 125 7.85 17.25 -0.71
C SER B 125 7.70 16.87 0.75
N LYS B 126 7.08 15.73 1.04
CA LYS B 126 7.02 15.23 2.41
C LYS B 126 8.35 14.59 2.79
N ASP B 127 8.97 13.88 1.85
CA ASP B 127 10.28 13.28 2.09
C ASP B 127 11.37 14.32 2.25
N LYS B 128 11.26 15.44 1.54
CA LYS B 128 12.25 16.51 1.70
C LYS B 128 12.07 17.24 3.02
N PHE B 129 10.90 17.15 3.65
CA PHE B 129 10.75 17.69 4.98
C PHE B 129 11.49 16.85 6.01
N TRP B 130 11.35 15.53 5.93
CA TRP B 130 11.96 14.66 6.91
C TRP B 130 13.47 14.55 6.72
N ALA B 131 13.95 14.67 5.48
CA ALA B 131 15.39 14.68 5.26
C ALA B 131 16.03 15.93 5.82
N GLY B 132 15.28 17.03 5.89
CA GLY B 132 15.74 18.20 6.62
C GLY B 132 15.42 18.16 8.09
N ARG B 133 14.47 17.32 8.50
CA ARG B 133 14.20 17.08 9.90
C ARG B 133 15.18 16.08 10.49
N LYS B 134 15.69 15.18 9.67
CA LYS B 134 16.72 14.25 10.13
C LYS B 134 18.00 14.99 10.49
N THR B 135 18.52 15.81 9.58
CA THR B 135 19.77 16.52 9.83
C THR B 135 19.64 17.58 10.91
N GLU B 136 18.42 18.02 11.20
CA GLU B 136 18.24 18.88 12.36
C GLU B 136 18.33 18.10 13.65
N ALA B 137 17.75 16.91 13.71
CA ALA B 137 17.76 16.13 14.94
C ALA B 137 18.93 15.18 15.05
N GLU B 138 19.62 14.89 13.94
CA GLU B 138 20.90 14.21 14.05
C GLU B 138 21.97 15.12 14.63
N ALA B 139 21.81 16.44 14.49
CA ALA B 139 22.75 17.41 15.05
C ALA B 139 22.39 17.80 16.49
N ALA B 140 21.31 17.24 17.02
CA ALA B 140 21.00 17.39 18.43
C ALA B 140 21.05 16.08 19.20
N SER B 141 21.05 14.94 18.51
CA SER B 141 21.32 13.67 19.18
C SER B 141 22.78 13.56 19.55
N ALA B 142 23.66 14.25 18.81
CA ALA B 142 25.08 14.26 19.16
C ALA B 142 25.32 15.13 20.39
N LYS B 143 24.54 16.20 20.55
CA LYS B 143 24.65 17.09 21.70
C LYS B 143 23.54 16.76 22.69
N ALA B 144 23.71 15.63 23.38
CA ALA B 144 22.63 15.12 24.22
C ALA B 144 23.23 14.60 25.52
N SER B 145 22.40 13.96 26.33
CA SER B 145 22.77 13.49 27.66
C SER B 145 23.01 11.99 27.70
N ALA B 146 22.21 11.22 26.96
CA ALA B 146 22.25 9.76 26.88
C ALA B 146 22.11 9.11 28.26
N ALA B 147 21.07 9.54 28.96
CA ALA B 147 20.75 9.05 30.29
C ALA B 147 19.45 8.24 30.18
N PHE B 148 19.57 6.98 29.81
CA PHE B 148 18.40 6.13 29.66
C PHE B 148 18.42 5.03 30.70
N PRO B 149 17.27 4.65 31.24
CA PRO B 149 17.23 3.52 32.16
C PRO B 149 17.49 2.21 31.44
N ARG B 150 17.88 1.20 32.21
CA ARG B 150 18.28 -0.08 31.65
C ARG B 150 17.11 -1.05 31.65
N VAL B 151 17.21 -2.06 30.78
CA VAL B 151 16.15 -3.05 30.66
C VAL B 151 16.15 -3.94 31.89
N ALA B 152 14.98 -4.13 32.49
CA ALA B 152 14.84 -4.95 33.69
C ALA B 152 15.07 -6.41 33.33
N VAL B 153 16.25 -6.93 33.66
CA VAL B 153 16.58 -8.33 33.50
C VAL B 153 16.84 -8.89 34.89
N PRO B 154 16.69 -10.19 35.13
CA PRO B 154 17.00 -10.72 36.46
C PRO B 154 18.48 -10.72 36.73
N GLU B 155 18.83 -10.45 37.99
CA GLU B 155 20.22 -10.22 38.36
C GLU B 155 20.92 -11.56 38.57
N TRP B 156 21.89 -11.86 37.71
CA TRP B 156 22.61 -13.12 37.72
C TRP B 156 24.08 -12.84 37.90
N LYS B 157 24.69 -13.42 38.92
CA LYS B 157 26.10 -13.26 39.21
C LYS B 157 26.87 -14.43 38.61
N LYS B 158 28.20 -14.38 38.70
CA LYS B 158 29.03 -15.20 37.81
C LYS B 158 29.00 -16.69 38.16
N GLY B 159 28.99 -17.02 39.43
CA GLY B 159 28.93 -18.42 39.80
C GLY B 159 27.60 -18.77 40.44
N LYS B 160 26.82 -17.74 40.75
CA LYS B 160 25.68 -17.88 41.65
C LYS B 160 24.46 -18.39 40.89
N THR B 161 23.32 -18.35 41.58
CA THR B 161 22.03 -18.71 41.01
C THR B 161 21.06 -17.58 41.24
N VAL B 162 20.17 -17.35 40.28
CA VAL B 162 19.23 -16.26 40.39
C VAL B 162 18.05 -16.71 41.24
N SER B 163 17.54 -15.81 42.07
CA SER B 163 16.50 -16.12 43.03
C SER B 163 15.13 -15.78 42.46
N ILE B 164 14.10 -16.46 42.96
CA ILE B 164 12.76 -16.21 42.47
C ILE B 164 12.18 -14.90 42.99
N GLU B 165 12.68 -14.39 44.12
CA GLU B 165 12.25 -13.09 44.58
C GLU B 165 12.90 -11.95 43.81
N ASN B 166 13.89 -12.25 42.97
CA ASN B 166 14.42 -11.27 42.04
C ASN B 166 13.93 -11.50 40.62
N LEU B 167 13.49 -12.72 40.30
CA LEU B 167 12.79 -12.93 39.05
C LEU B 167 11.39 -12.33 39.10
N ASN B 168 10.79 -12.25 40.29
CA ASN B 168 9.47 -11.67 40.45
C ASN B 168 9.49 -10.16 40.54
N THR B 169 10.55 -9.58 41.11
CA THR B 169 10.73 -8.14 41.11
C THR B 169 10.93 -7.60 39.70
N VAL B 170 11.52 -8.41 38.83
CA VAL B 170 11.68 -8.01 37.43
C VAL B 170 10.33 -8.07 36.71
N THR B 171 9.53 -9.09 37.00
CA THR B 171 8.19 -9.20 36.39
C THR B 171 7.26 -8.09 36.85
N ASP B 172 7.43 -7.59 38.07
CA ASP B 172 6.66 -6.44 38.51
C ASP B 172 7.07 -5.17 37.79
N LYS B 173 8.28 -5.12 37.23
CA LYS B 173 8.67 -3.99 36.41
C LYS B 173 8.15 -4.10 34.99
N TYR B 174 7.79 -5.30 34.55
CA TYR B 174 7.20 -5.43 33.22
C TYR B 174 5.74 -5.04 33.24
N ALA B 175 5.02 -5.46 34.28
CA ALA B 175 3.61 -5.10 34.43
C ALA B 175 3.42 -3.67 34.89
N ALA B 176 4.47 -3.02 35.41
CA ALA B 176 4.37 -1.60 35.70
C ALA B 176 4.51 -0.76 34.44
N ALA B 177 4.88 -1.37 33.32
CA ALA B 177 4.81 -0.71 32.03
C ALA B 177 3.51 -1.02 31.30
N LEU B 178 2.70 -1.93 31.84
CA LEU B 178 1.40 -2.18 31.24
C LEU B 178 0.34 -1.20 31.72
N VAL B 179 0.58 -0.50 32.83
CA VAL B 179 -0.32 0.59 33.19
C VAL B 179 0.00 1.80 32.34
N PRO B 180 -1.00 2.49 31.80
CA PRO B 180 -0.71 3.64 30.94
C PRO B 180 -0.36 4.87 31.76
N LYS B 181 0.34 5.81 31.12
CA LYS B 181 0.83 6.98 31.82
C LYS B 181 -0.28 7.96 32.18
N ARG B 182 -1.43 7.85 31.53
CA ARG B 182 -2.59 8.68 31.84
C ARG B 182 -3.83 7.85 31.57
N LYS B 183 -4.57 7.52 32.61
CA LYS B 183 -5.66 6.57 32.49
C LYS B 183 -6.94 7.12 33.09
N LEU B 184 -8.07 6.63 32.57
CA LEU B 184 -9.36 6.95 33.14
C LEU B 184 -9.59 6.09 34.36
N ALA B 185 -9.95 6.72 35.47
CA ALA B 185 -10.28 5.98 36.69
C ALA B 185 -11.73 5.50 36.61
N LEU B 186 -11.93 4.49 35.76
CA LEU B 186 -13.25 3.89 35.61
C LEU B 186 -13.54 3.05 36.84
N PRO B 187 -14.41 3.48 37.74
CA PRO B 187 -14.48 2.83 39.06
C PRO B 187 -15.34 1.58 39.06
N VAL B 188 -14.73 0.46 39.41
CA VAL B 188 -15.47 -0.78 39.65
C VAL B 188 -16.16 -0.65 41.00
N LEU B 189 -17.42 -1.06 41.04
CA LEU B 189 -18.18 -1.02 42.29
C LEU B 189 -17.80 -2.24 43.12
N PRO B 190 -17.18 -2.08 44.29
CA PRO B 190 -16.81 -3.25 45.10
C PRO B 190 -18.04 -3.89 45.71
N GLU B 191 -17.92 -5.19 45.98
CA GLU B 191 -19.02 -5.91 46.60
C GLU B 191 -19.20 -5.56 48.07
N GLY B 192 -18.24 -4.86 48.68
CA GLY B 192 -18.44 -4.34 50.01
C GLY B 192 -19.42 -3.18 50.07
N VAL B 193 -19.57 -2.44 48.98
CA VAL B 193 -20.58 -1.38 48.90
C VAL B 193 -21.72 -1.77 47.97
N LYS B 194 -21.53 -2.80 47.14
CA LYS B 194 -22.61 -3.29 46.30
C LYS B 194 -23.67 -4.03 47.09
N LYS B 195 -23.30 -4.74 48.16
CA LYS B 195 -24.31 -5.36 49.00
C LYS B 195 -24.82 -4.42 50.08
N ALA B 196 -24.20 -3.24 50.25
CA ALA B 196 -24.83 -2.19 51.04
C ALA B 196 -26.03 -1.60 50.32
N VAL B 197 -26.06 -1.72 48.98
CA VAL B 197 -27.18 -1.20 48.20
C VAL B 197 -28.31 -2.20 48.10
N GLU B 198 -28.00 -3.43 47.68
CA GLU B 198 -29.06 -4.40 47.39
C GLU B 198 -29.72 -4.94 48.64
N ASP B 199 -29.03 -4.91 49.79
CA ASP B 199 -29.68 -5.28 51.04
C ASP B 199 -30.48 -4.12 51.61
N PHE B 200 -30.08 -2.88 51.29
CA PHE B 200 -30.91 -1.72 51.61
C PHE B 200 -32.13 -1.66 50.70
N ALA B 201 -31.98 -2.07 49.43
CA ALA B 201 -33.12 -2.10 48.54
C ALA B 201 -33.99 -3.33 48.78
N ALA B 202 -33.49 -4.29 49.54
CA ALA B 202 -34.35 -5.34 50.06
C ALA B 202 -35.08 -4.92 51.33
N SER B 203 -34.66 -3.80 51.95
CA SER B 203 -35.34 -3.30 53.13
C SER B 203 -36.62 -2.56 52.79
N VAL B 204 -36.73 -2.02 51.57
CA VAL B 204 -37.91 -1.27 51.19
C VAL B 204 -38.74 -2.15 50.26
N GLY B 205 -38.49 -3.45 50.30
CA GLY B 205 -39.32 -4.43 49.64
C GLY B 205 -39.20 -4.50 48.13
N GLN B 206 -38.31 -3.70 47.53
CA GLN B 206 -38.15 -3.62 46.08
C GLN B 206 -36.97 -4.47 45.62
N ALA B 207 -36.78 -5.63 46.25
CA ALA B 207 -35.55 -6.40 46.06
C ALA B 207 -35.45 -7.07 44.70
N LYS B 208 -36.55 -7.17 43.95
CA LYS B 208 -36.45 -7.74 42.61
C LYS B 208 -35.91 -6.74 41.61
N ASN B 209 -35.90 -5.46 41.96
CA ASN B 209 -35.20 -4.43 41.18
C ASN B 209 -34.01 -3.88 41.98
N ALA B 210 -33.51 -4.66 42.92
CA ALA B 210 -32.32 -4.25 43.68
C ALA B 210 -31.05 -4.42 42.88
N SER B 211 -31.07 -5.28 41.86
CA SER B 211 -29.89 -5.44 41.02
C SER B 211 -29.68 -4.23 40.13
N GLU B 212 -30.77 -3.64 39.63
CA GLU B 212 -30.67 -2.52 38.71
C GLU B 212 -30.43 -1.18 39.40
N VAL B 213 -30.70 -1.07 40.70
CA VAL B 213 -30.35 0.17 41.39
C VAL B 213 -28.85 0.24 41.64
N SER B 214 -28.19 -0.93 41.71
CA SER B 214 -26.74 -0.96 41.86
C SER B 214 -26.01 -0.54 40.60
N GLU B 215 -26.48 -0.98 39.43
CA GLU B 215 -25.81 -0.64 38.17
C GLU B 215 -25.95 0.83 37.84
N LEU B 216 -27.08 1.44 38.21
CA LEU B 216 -27.22 2.88 38.02
C LEU B 216 -26.33 3.67 38.98
N LEU B 217 -26.00 3.09 40.14
CA LEU B 217 -24.99 3.69 40.99
C LEU B 217 -23.61 3.55 40.38
N ALA B 218 -23.34 2.41 39.74
CA ALA B 218 -22.04 2.20 39.09
C ALA B 218 -21.89 3.08 37.86
N LYS B 219 -22.95 3.19 37.05
CA LYS B 219 -22.85 3.95 35.80
C LYS B 219 -22.73 5.45 36.07
N SER B 220 -23.48 5.97 37.05
CA SER B 220 -23.39 7.39 37.38
C SER B 220 -22.01 7.77 37.92
N LEU B 221 -21.32 6.81 38.54
CA LEU B 221 -19.91 6.99 38.85
C LEU B 221 -19.04 6.78 37.62
N ALA B 222 -19.51 5.99 36.65
CA ALA B 222 -18.72 5.69 35.47
C ALA B 222 -18.76 6.79 34.41
N GLU B 223 -19.94 7.38 34.15
CA GLU B 223 -20.00 8.42 33.13
C GLU B 223 -19.32 9.71 33.59
N LYS B 224 -19.25 9.94 34.89
CA LYS B 224 -18.40 11.01 35.41
C LYS B 224 -17.11 10.42 35.97
N ALA B 225 -16.31 9.84 35.08
CA ALA B 225 -15.01 9.30 35.48
C ALA B 225 -13.94 10.37 35.38
N VAL B 226 -12.98 10.33 36.28
CA VAL B 226 -11.92 11.30 36.32
C VAL B 226 -10.67 10.61 35.79
N VAL B 227 -9.76 11.40 35.22
CA VAL B 227 -8.52 10.91 34.62
C VAL B 227 -7.39 11.09 35.63
N THR B 228 -6.69 10.00 35.93
CA THR B 228 -5.55 9.98 36.83
C THR B 228 -4.29 9.76 36.02
N GLU B 229 -3.28 10.59 36.25
CA GLU B 229 -2.00 10.42 35.56
C GLU B 229 -1.05 9.53 36.36
N GLY B 230 -0.70 9.95 37.57
CA GLY B 230 0.19 9.17 38.41
C GLY B 230 -0.39 8.89 39.77
N GLY B 231 -1.69 8.58 39.82
CA GLY B 231 -2.44 8.54 41.04
C GLY B 231 -3.15 9.83 41.36
N LYS B 232 -2.53 10.96 41.01
CA LYS B 232 -3.15 12.26 41.19
C LYS B 232 -4.05 12.57 40.01
N VAL B 233 -5.22 13.11 40.30
CA VAL B 233 -6.20 13.43 39.27
C VAL B 233 -5.81 14.75 38.60
N VAL B 234 -5.94 14.80 37.28
CA VAL B 234 -5.79 16.05 36.54
C VAL B 234 -7.19 16.61 36.28
N GLU B 235 -7.63 17.52 37.16
CA GLU B 235 -8.91 18.16 36.95
C GLU B 235 -8.74 19.34 35.99
N GLY B 236 -9.81 19.64 35.26
CA GLY B 236 -9.68 20.52 34.13
C GLY B 236 -9.20 19.83 32.88
N PHE B 237 -9.32 18.50 32.82
CA PHE B 237 -8.91 17.74 31.65
C PHE B 237 -10.15 17.27 30.92
N SER B 238 -10.24 17.61 29.63
CA SER B 238 -11.33 17.18 28.79
C SER B 238 -10.79 16.26 27.69
N TYR B 239 -11.48 15.14 27.48
CA TYR B 239 -11.13 14.19 26.44
C TYR B 239 -12.36 13.94 25.59
N VAL B 240 -12.14 13.70 24.31
CA VAL B 240 -13.22 13.41 23.37
C VAL B 240 -13.13 11.94 22.97
N SER B 241 -14.15 11.17 23.34
CA SER B 241 -14.15 9.73 23.18
C SER B 241 -14.18 9.34 21.70
N LYS B 242 -13.83 8.08 21.43
CA LYS B 242 -13.93 7.57 20.07
C LYS B 242 -15.33 7.10 19.73
N ALA B 243 -16.26 7.15 20.69
CA ALA B 243 -17.67 7.04 20.34
C ALA B 243 -18.30 8.41 20.17
N VAL B 244 -17.75 9.43 20.82
CA VAL B 244 -18.22 10.79 20.60
C VAL B 244 -17.72 11.31 19.26
N ALA B 245 -16.44 11.08 18.97
CA ALA B 245 -15.86 11.55 17.72
C ALA B 245 -16.34 10.75 16.52
N ALA B 246 -16.89 9.56 16.76
CA ALA B 246 -17.46 8.78 15.65
C ALA B 246 -18.88 9.21 15.33
N LYS B 247 -19.52 9.99 16.19
CA LYS B 247 -20.79 10.60 15.84
C LYS B 247 -20.58 11.95 15.16
N VAL B 248 -19.48 12.62 15.47
CA VAL B 248 -19.13 13.84 14.75
C VAL B 248 -18.78 13.51 13.30
N ILE B 249 -18.18 12.35 13.07
CA ILE B 249 -17.94 11.90 11.70
C ILE B 249 -19.26 11.47 11.05
N ALA B 250 -20.12 10.78 11.79
CA ALA B 250 -21.32 10.21 11.19
C ALA B 250 -22.38 11.26 10.89
N THR B 251 -22.49 12.31 11.71
CA THR B 251 -23.45 13.37 11.38
C THR B 251 -22.88 14.30 10.32
N ARG B 252 -21.57 14.36 10.18
CA ARG B 252 -20.99 15.14 9.09
C ARG B 252 -20.95 14.33 7.80
N ARG B 253 -20.86 13.00 7.89
CA ARG B 253 -21.01 12.19 6.68
C ARG B 253 -22.45 12.18 6.21
N ALA B 254 -23.40 12.26 7.14
CA ALA B 254 -24.80 12.22 6.74
C ALA B 254 -25.28 13.55 6.19
N GLU B 255 -24.69 14.68 6.60
CA GLU B 255 -25.12 15.96 6.08
C GLU B 255 -24.34 16.41 4.86
N VAL B 256 -23.23 15.75 4.52
CA VAL B 256 -22.61 16.00 3.23
C VAL B 256 -23.13 14.98 2.22
N HIS B 257 -23.76 13.90 2.70
CA HIS B 257 -24.42 12.99 1.77
C HIS B 257 -25.77 13.54 1.35
N GLU B 258 -26.45 14.24 2.27
CA GLU B 258 -27.71 14.88 1.93
C GLU B 258 -27.54 15.99 0.89
N ARG B 259 -26.39 16.67 0.87
CA ARG B 259 -26.13 17.62 -0.20
C ARG B 259 -25.80 16.92 -1.51
N LEU B 260 -25.29 15.69 -1.46
CA LEU B 260 -25.07 14.95 -2.70
C LEU B 260 -26.38 14.54 -3.33
N LEU B 261 -27.33 14.09 -2.53
CA LEU B 261 -28.66 13.79 -3.04
C LEU B 261 -29.39 15.06 -3.46
N LYS B 262 -29.17 16.16 -2.73
CA LYS B 262 -29.76 17.42 -3.11
C LYS B 262 -29.13 17.99 -4.37
N LEU B 263 -27.85 17.70 -4.61
CA LEU B 263 -27.21 18.16 -5.84
C LEU B 263 -27.80 17.45 -7.05
N TRP B 264 -27.90 16.13 -6.98
CA TRP B 264 -28.37 15.35 -8.11
C TRP B 264 -29.89 15.35 -8.25
N ALA B 265 -30.62 15.82 -7.25
CA ALA B 265 -32.06 15.95 -7.43
C ALA B 265 -32.38 17.17 -8.26
N LYS B 266 -31.63 18.27 -8.08
CA LYS B 266 -31.82 19.44 -8.92
C LYS B 266 -31.41 19.18 -10.36
N ARG B 267 -30.51 18.22 -10.58
CA ARG B 267 -30.03 17.96 -11.93
C ARG B 267 -30.94 16.97 -12.64
N LEU B 268 -31.67 16.16 -11.89
CA LEU B 268 -32.55 15.16 -12.46
C LEU B 268 -34.02 15.55 -12.38
N LEU B 269 -34.37 16.65 -11.72
CA LEU B 269 -35.70 17.20 -11.85
C LEU B 269 -35.78 18.10 -13.07
N VAL B 270 -34.68 18.79 -13.38
CA VAL B 270 -34.60 19.59 -14.58
C VAL B 270 -34.27 18.72 -15.79
N SER B 271 -33.26 17.87 -15.65
CA SER B 271 -32.69 17.11 -16.76
C SER B 271 -32.62 15.63 -16.43
N PRO B 272 -33.76 14.91 -16.49
CA PRO B 272 -33.76 13.52 -16.05
C PRO B 272 -33.11 12.56 -17.02
N GLU B 273 -32.68 13.00 -18.20
CA GLU B 273 -32.01 12.13 -19.15
C GLU B 273 -30.58 11.83 -18.77
N LEU B 274 -30.06 12.48 -17.73
CA LEU B 274 -28.70 12.24 -17.27
C LEU B 274 -28.52 10.87 -16.64
N ALA B 275 -29.61 10.19 -16.30
CA ALA B 275 -29.53 8.88 -15.67
C ALA B 275 -29.15 7.78 -16.63
N ILE B 276 -29.18 8.02 -17.95
CA ILE B 276 -28.79 6.99 -18.90
C ILE B 276 -27.28 6.93 -19.12
N VAL B 277 -26.54 7.90 -18.61
CA VAL B 277 -25.08 7.88 -18.65
C VAL B 277 -24.58 7.56 -17.25
N PRO B 278 -23.95 6.41 -17.03
CA PRO B 278 -23.48 6.07 -15.69
C PRO B 278 -22.32 6.95 -15.26
N LEU B 279 -22.20 7.14 -13.95
CA LEU B 279 -21.23 8.07 -13.41
C LEU B 279 -19.79 7.64 -13.64
N ASN B 280 -19.54 6.35 -13.77
CA ASN B 280 -18.20 5.85 -14.00
C ASN B 280 -17.75 5.98 -15.45
N GLU B 281 -18.68 5.99 -16.39
CA GLU B 281 -18.37 6.16 -17.81
C GLU B 281 -18.61 7.57 -18.30
N PHE B 282 -18.62 8.56 -17.42
CA PHE B 282 -18.85 9.92 -17.89
C PHE B 282 -17.58 10.56 -18.41
N ASP B 283 -16.46 10.40 -17.71
CA ASP B 283 -15.21 11.03 -18.13
C ASP B 283 -14.66 10.38 -19.39
N ALA B 284 -15.03 9.13 -19.65
CA ALA B 284 -14.58 8.41 -20.83
C ALA B 284 -15.24 8.89 -22.11
N GLN B 285 -16.15 9.86 -22.03
CA GLN B 285 -16.78 10.44 -23.21
C GLN B 285 -16.13 11.72 -23.68
N LEU B 286 -15.52 12.49 -22.78
CA LEU B 286 -15.13 13.85 -23.07
C LEU B 286 -13.94 13.90 -24.03
N ALA B 287 -13.66 15.09 -24.53
CA ALA B 287 -12.48 15.34 -25.33
C ALA B 287 -12.06 16.78 -25.08
N SER B 288 -11.07 17.24 -25.82
CA SER B 288 -10.68 18.63 -25.68
C SER B 288 -11.62 19.56 -26.43
N LYS B 289 -12.16 19.13 -27.56
CA LYS B 289 -13.17 19.86 -28.31
C LYS B 289 -14.53 19.21 -28.07
N PHE B 290 -15.59 20.00 -28.20
CA PHE B 290 -16.93 19.45 -27.98
C PHE B 290 -17.33 18.49 -29.08
N GLU B 291 -16.87 18.70 -30.31
CA GLU B 291 -17.24 17.80 -31.39
C GLU B 291 -16.49 16.48 -31.32
N GLY B 292 -15.44 16.39 -30.52
CA GLY B 292 -14.71 15.18 -30.33
C GLY B 292 -15.24 14.27 -29.23
N ILE B 293 -16.33 14.67 -28.57
CA ILE B 293 -16.91 13.86 -27.51
C ILE B 293 -17.50 12.58 -28.11
N SER B 294 -17.29 11.46 -27.40
CA SER B 294 -17.67 10.14 -27.88
C SER B 294 -19.16 10.06 -28.17
N PRO B 295 -19.56 9.59 -29.36
CA PRO B 295 -20.96 9.65 -29.74
C PRO B 295 -21.79 8.48 -29.24
N LYS B 296 -21.30 7.79 -28.21
CA LYS B 296 -21.99 6.62 -27.67
C LYS B 296 -23.32 7.00 -27.03
N TYR B 297 -23.38 8.17 -26.39
CA TYR B 297 -24.59 8.61 -25.73
C TYR B 297 -25.18 9.88 -26.31
N GLN B 298 -24.64 10.42 -27.40
CA GLN B 298 -25.13 11.69 -27.93
C GLN B 298 -26.55 11.56 -28.48
N GLU B 299 -26.76 10.59 -29.36
CA GLU B 299 -28.08 10.38 -29.94
C GLU B 299 -29.05 9.73 -28.96
N LEU B 300 -28.57 9.16 -27.87
CA LEU B 300 -29.50 8.61 -26.89
C LEU B 300 -29.92 9.67 -25.88
N LEU B 301 -29.02 10.57 -25.50
CA LEU B 301 -29.39 11.63 -24.55
C LEU B 301 -30.31 12.64 -25.18
N SER B 302 -30.11 12.94 -26.47
CA SER B 302 -30.93 13.95 -27.13
C SER B 302 -32.34 13.46 -27.39
N ALA B 303 -32.55 12.15 -27.41
CA ALA B 303 -33.87 11.60 -27.61
C ALA B 303 -34.61 11.29 -26.32
N VAL B 304 -33.90 11.01 -25.24
CA VAL B 304 -34.56 10.88 -23.94
C VAL B 304 -34.96 12.25 -23.42
N ALA B 305 -34.21 13.29 -23.80
CA ALA B 305 -34.52 14.65 -23.36
C ALA B 305 -35.77 15.21 -23.99
N GLN B 306 -36.27 14.60 -25.07
CA GLN B 306 -37.44 15.13 -25.75
C GLN B 306 -38.75 14.67 -25.14
N GLY B 307 -38.72 13.82 -24.13
CA GLY B 307 -39.92 13.42 -23.43
C GLY B 307 -40.26 11.96 -23.66
N ASN B 308 -41.35 11.54 -23.03
CA ASN B 308 -41.81 10.17 -23.12
C ASN B 308 -42.61 9.88 -24.38
N LYS B 309 -43.01 10.90 -25.12
CA LYS B 309 -43.75 10.73 -26.36
C LYS B 309 -42.86 10.99 -27.55
N THR B 310 -43.07 10.23 -28.61
CA THR B 310 -42.27 10.33 -29.82
C THR B 310 -42.70 11.61 -30.56
N PHE B 311 -41.92 12.01 -31.58
CA PHE B 311 -42.31 13.15 -32.39
C PHE B 311 -43.58 12.89 -33.17
N ALA B 312 -43.72 11.67 -33.70
CA ALA B 312 -44.96 11.29 -34.36
C ALA B 312 -46.12 11.19 -33.38
N GLN B 313 -45.81 10.83 -32.14
CA GLN B 313 -46.83 10.77 -31.10
C GLN B 313 -47.18 12.15 -30.59
N ARG B 314 -46.23 13.08 -30.60
CA ARG B 314 -46.51 14.44 -30.19
C ARG B 314 -47.26 15.21 -31.27
N LEU B 315 -47.11 14.81 -32.53
CA LEU B 315 -47.85 15.45 -33.61
C LEU B 315 -49.31 15.03 -33.61
N ASN B 316 -49.63 13.84 -33.11
CA ASN B 316 -51.01 13.38 -33.08
C ASN B 316 -51.82 14.14 -32.04
N SER B 317 -51.17 14.67 -31.01
CA SER B 317 -51.84 15.49 -30.01
C SER B 317 -51.81 16.97 -30.34
N SER B 318 -51.20 17.35 -31.47
CA SER B 318 -51.14 18.74 -31.90
C SER B 318 -52.51 19.17 -32.43
N PRO B 319 -52.76 20.49 -32.50
CA PRO B 319 -54.06 20.94 -33.05
C PRO B 319 -54.25 20.67 -34.52
N ALA B 320 -53.20 20.34 -35.27
CA ALA B 320 -53.35 20.12 -36.70
C ALA B 320 -53.99 18.78 -37.00
N PHE B 321 -53.85 17.81 -36.11
CA PHE B 321 -54.45 16.50 -36.31
C PHE B 321 -55.76 16.35 -35.59
N SER B 322 -56.29 17.42 -35.02
CA SER B 322 -57.66 17.49 -34.56
C SER B 322 -58.55 18.26 -35.53
N SER B 323 -57.96 18.85 -36.56
CA SER B 323 -58.74 19.51 -37.60
C SER B 323 -59.45 18.47 -38.45
N PHE B 324 -60.46 18.93 -39.20
CA PHE B 324 -61.43 18.03 -39.82
C PHE B 324 -60.81 17.14 -40.88
N LEU B 325 -59.92 17.70 -41.70
CA LEU B 325 -59.34 16.93 -42.79
C LEU B 325 -58.21 16.02 -42.34
N LEU B 326 -57.87 16.00 -41.05
CA LEU B 326 -56.77 15.20 -40.53
C LEU B 326 -57.13 14.39 -39.31
N LYS B 327 -58.42 14.23 -38.99
CA LYS B 327 -58.80 13.50 -37.79
C LYS B 327 -58.56 12.00 -37.92
N ARG B 328 -58.83 11.44 -39.09
CA ARG B 328 -58.66 10.00 -39.29
C ARG B 328 -57.28 9.64 -39.81
N GLU B 329 -56.33 10.57 -39.77
CA GLU B 329 -54.97 10.33 -40.20
C GLU B 329 -54.06 10.27 -38.99
N LYS B 330 -52.97 9.53 -39.13
CA LYS B 330 -52.02 9.35 -38.05
C LYS B 330 -50.65 9.81 -38.52
N ALA B 331 -49.92 10.49 -37.63
CA ALA B 331 -48.63 11.05 -37.99
C ALA B 331 -47.56 9.98 -38.12
N GLU B 332 -47.76 8.80 -37.53
CA GLU B 332 -46.85 7.69 -37.71
C GLU B 332 -46.93 7.10 -39.11
N SER B 333 -48.01 7.37 -39.84
CA SER B 333 -48.18 6.82 -41.16
C SER B 333 -47.27 7.47 -42.19
N GLU B 334 -46.83 8.70 -41.95
CA GLU B 334 -46.03 9.41 -42.94
C GLU B 334 -44.55 9.13 -42.75
N VAL B 335 -44.01 9.43 -41.56
CA VAL B 335 -42.65 9.04 -41.24
C VAL B 335 -42.65 8.24 -39.94
N PRO B 336 -42.38 6.94 -40.00
CA PRO B 336 -42.48 6.11 -38.81
C PRO B 336 -41.29 6.33 -37.90
N PRO B 337 -41.49 6.20 -36.58
CA PRO B 337 -40.38 6.41 -35.66
C PRO B 337 -39.38 5.28 -35.70
N SER B 338 -38.10 5.64 -35.69
CA SER B 338 -37.06 4.63 -35.67
C SER B 338 -36.99 3.97 -34.30
N GLU B 339 -36.25 2.87 -34.22
CA GLU B 339 -36.21 2.11 -32.98
C GLU B 339 -35.39 2.81 -31.91
N LEU B 340 -34.48 3.71 -32.31
CA LEU B 340 -33.85 4.57 -31.34
C LEU B 340 -34.83 5.58 -30.77
N GLU B 341 -35.77 6.05 -31.59
CA GLU B 341 -36.78 6.99 -31.11
C GLU B 341 -37.79 6.30 -30.22
N LEU B 342 -38.07 5.02 -30.47
CA LEU B 342 -39.05 4.30 -29.66
C LEU B 342 -38.46 3.82 -28.35
N GLU B 343 -37.20 3.37 -28.37
CA GLU B 343 -36.58 2.89 -27.15
C GLU B 343 -36.19 4.03 -26.21
N ALA B 344 -36.10 5.26 -26.71
CA ALA B 344 -35.83 6.39 -25.85
C ALA B 344 -37.10 7.05 -25.37
N ALA B 345 -38.21 6.82 -26.07
CA ALA B 345 -39.49 7.31 -25.59
C ALA B 345 -40.01 6.48 -24.43
N GLN B 346 -39.73 5.18 -24.43
CA GLN B 346 -40.12 4.36 -23.29
C GLN B 346 -39.11 4.50 -22.16
N LYS B 347 -37.87 4.83 -22.50
CA LYS B 347 -36.87 5.07 -21.45
C LYS B 347 -37.14 6.37 -20.73
N ALA B 348 -37.64 7.39 -21.44
CA ALA B 348 -37.98 8.64 -20.78
C ALA B 348 -39.29 8.54 -20.04
N ALA B 349 -40.08 7.50 -20.31
CA ALA B 349 -41.23 7.20 -19.48
C ALA B 349 -40.81 6.56 -18.17
N GLU B 350 -39.65 5.91 -18.15
CA GLU B 350 -39.12 5.39 -16.88
C GLU B 350 -38.57 6.50 -16.02
N LEU B 351 -37.83 7.43 -16.62
CA LEU B 351 -37.11 8.46 -15.89
C LEU B 351 -37.96 9.67 -15.54
N GLU B 352 -39.25 9.66 -15.90
CA GLU B 352 -40.12 10.74 -15.46
C GLU B 352 -40.53 10.59 -14.01
N ASP B 353 -40.25 9.44 -13.41
CA ASP B 353 -40.29 9.22 -11.97
C ASP B 353 -38.96 9.72 -11.43
N PRO B 354 -38.94 10.84 -10.69
CA PRO B 354 -37.65 11.44 -10.33
C PRO B 354 -36.87 10.67 -9.27
N GLU B 355 -37.47 9.69 -8.60
CA GLU B 355 -36.71 8.90 -7.64
C GLU B 355 -36.05 7.71 -8.31
N VAL B 356 -36.68 7.20 -9.37
CA VAL B 356 -36.06 6.12 -10.14
C VAL B 356 -34.84 6.64 -10.89
N ALA B 357 -34.85 7.90 -11.28
CA ALA B 357 -33.69 8.49 -11.94
C ALA B 357 -32.52 8.67 -11.00
N LEU B 358 -32.77 8.92 -9.70
CA LEU B 358 -31.69 8.97 -8.73
C LEU B 358 -31.12 7.59 -8.47
N ARG B 359 -31.98 6.60 -8.23
CA ARG B 359 -31.53 5.26 -7.90
C ARG B 359 -30.88 4.57 -9.08
N THR B 360 -31.20 4.97 -10.31
CA THR B 360 -30.47 4.46 -11.46
C THR B 360 -29.08 5.09 -11.52
N LEU B 361 -29.01 6.40 -11.31
CA LEU B 361 -27.75 7.12 -11.48
C LEU B 361 -26.82 6.90 -10.31
N LEU B 362 -27.30 7.14 -9.09
CA LEU B 362 -26.44 7.09 -7.92
C LEU B 362 -26.24 5.66 -7.43
N GLY B 363 -27.31 4.90 -7.27
CA GLY B 363 -27.22 3.49 -6.96
C GLY B 363 -26.67 3.20 -5.58
N PRO B 364 -25.44 2.69 -5.52
CA PRO B 364 -24.79 2.50 -4.21
C PRO B 364 -24.55 3.78 -3.43
N GLN B 365 -24.50 4.93 -4.09
CA GLN B 365 -24.35 6.19 -3.38
C GLN B 365 -25.66 6.78 -2.94
N MET B 366 -26.75 6.01 -2.92
CA MET B 366 -28.00 6.49 -2.35
C MET B 366 -27.96 6.51 -0.83
N GLU B 367 -27.04 5.75 -0.22
CA GLU B 367 -26.88 5.69 1.21
C GLU B 367 -25.48 6.20 1.56
N ALA B 368 -25.34 6.68 2.79
CA ALA B 368 -24.11 7.36 3.18
C ALA B 368 -22.97 6.36 3.34
N LEU B 369 -21.79 6.89 3.66
CA LEU B 369 -20.60 6.05 3.74
C LEU B 369 -20.62 5.12 4.95
N GLY B 370 -21.28 5.51 6.04
CA GLY B 370 -21.37 4.62 7.17
C GLY B 370 -22.78 4.14 7.44
N ALA B 371 -23.75 4.62 6.67
CA ALA B 371 -25.16 4.37 6.94
C ALA B 371 -25.73 3.27 6.06
N SER B 372 -24.94 2.26 5.73
CA SER B 372 -25.45 1.09 5.04
C SER B 372 -25.53 -0.08 6.01
N ASP B 373 -25.96 -1.23 5.51
CA ASP B 373 -25.91 -2.45 6.31
C ASP B 373 -24.78 -3.37 5.89
N LEU B 374 -24.07 -3.03 4.82
CA LEU B 374 -22.81 -3.68 4.51
C LEU B 374 -21.73 -3.21 5.48
N LEU B 375 -20.64 -3.96 5.50
CA LEU B 375 -19.45 -3.51 6.22
C LEU B 375 -18.84 -2.31 5.51
N LEU B 376 -18.10 -1.50 6.27
CA LEU B 376 -17.54 -0.28 5.70
C LEU B 376 -16.49 -0.58 4.64
N SER B 377 -15.66 -1.59 4.86
CA SER B 377 -14.69 -1.97 3.85
C SER B 377 -15.35 -2.64 2.65
N GLU B 378 -16.54 -3.21 2.84
CA GLU B 378 -17.29 -3.77 1.73
C GLU B 378 -18.12 -2.70 1.03
N GLN B 379 -18.41 -1.59 1.71
CA GLN B 379 -19.14 -0.51 1.09
C GLN B 379 -18.27 0.32 0.17
N ILE B 380 -16.98 0.48 0.50
CA ILE B 380 -16.01 1.12 -0.39
C ILE B 380 -15.90 0.35 -1.70
N ARG B 381 -16.02 -0.97 -1.65
CA ARG B 381 -15.88 -1.78 -2.86
C ARG B 381 -17.08 -1.62 -3.78
N VAL B 382 -18.24 -1.21 -3.27
CA VAL B 382 -19.37 -1.00 -4.16
C VAL B 382 -19.56 0.47 -4.53
N ILE B 383 -18.99 1.40 -3.76
CA ILE B 383 -18.96 2.79 -4.19
C ILE B 383 -17.94 2.98 -5.30
N THR B 384 -16.74 2.45 -5.10
CA THR B 384 -15.65 2.69 -6.04
C THR B 384 -15.83 1.89 -7.32
N GLU B 385 -16.54 0.77 -7.26
CA GLU B 385 -16.95 0.09 -8.48
C GLU B 385 -17.98 0.89 -9.26
N HIS B 386 -18.79 1.68 -8.56
CA HIS B 386 -19.83 2.50 -9.17
C HIS B 386 -19.31 3.88 -9.56
N ARG B 387 -18.45 4.47 -8.74
CA ARG B 387 -17.93 5.80 -9.05
C ARG B 387 -16.92 5.79 -10.18
N TYR B 388 -16.12 4.73 -10.31
CA TYR B 388 -15.01 4.71 -11.26
C TYR B 388 -14.99 3.39 -12.00
N THR B 389 -14.47 3.44 -13.21
CA THR B 389 -14.21 2.29 -14.04
C THR B 389 -12.90 1.63 -13.61
N PRO B 390 -12.74 0.32 -13.82
CA PRO B 390 -11.60 -0.41 -13.24
C PRO B 390 -10.21 0.02 -13.72
N ASP B 391 -10.09 0.86 -14.74
CA ASP B 391 -8.77 1.29 -15.15
C ASP B 391 -8.38 2.64 -14.58
N ARG B 392 -9.25 3.27 -13.79
CA ARG B 392 -8.94 4.59 -13.26
C ARG B 392 -7.91 4.50 -12.14
N LEU B 393 -7.27 5.63 -11.86
CA LEU B 393 -6.39 5.69 -10.71
C LEU B 393 -7.18 5.58 -9.41
N GLN B 394 -8.31 6.27 -9.34
CA GLN B 394 -9.09 6.29 -8.11
C GLN B 394 -9.92 5.03 -7.91
N TYR B 395 -10.00 4.17 -8.90
CA TYR B 395 -10.50 2.81 -8.66
C TYR B 395 -9.49 2.03 -7.85
N LYS B 396 -8.22 2.12 -8.24
CA LYS B 396 -7.17 1.39 -7.55
C LYS B 396 -6.94 1.95 -6.16
N GLU B 397 -6.90 3.28 -6.02
CA GLU B 397 -6.69 3.88 -4.72
C GLU B 397 -7.91 3.78 -3.83
N GLY B 398 -9.06 3.42 -4.39
CA GLY B 398 -10.21 3.12 -3.57
C GLY B 398 -10.28 1.68 -3.14
N MET B 399 -9.87 0.76 -4.01
CA MET B 399 -9.82 -0.64 -3.63
C MET B 399 -8.69 -0.93 -2.66
N LYS B 400 -7.58 -0.20 -2.77
CA LYS B 400 -6.52 -0.29 -1.77
C LYS B 400 -6.96 0.31 -0.45
N LEU B 401 -7.85 1.29 -0.47
CA LEU B 401 -8.39 1.85 0.77
C LEU B 401 -9.35 0.88 1.42
N ALA B 402 -10.05 0.07 0.63
CA ALA B 402 -10.96 -0.92 1.18
C ALA B 402 -10.22 -2.07 1.85
N ASP B 403 -8.95 -2.26 1.53
CA ASP B 403 -8.15 -3.26 2.23
C ASP B 403 -7.54 -2.71 3.51
N LYS B 404 -7.34 -1.39 3.60
CA LYS B 404 -6.90 -0.78 4.85
C LYS B 404 -8.03 -0.81 5.87
N ILE B 405 -9.28 -0.66 5.43
CA ILE B 405 -10.40 -0.74 6.35
C ILE B 405 -10.72 -2.19 6.66
N ALA B 406 -10.45 -3.10 5.74
CA ALA B 406 -10.64 -4.52 6.02
C ALA B 406 -9.63 -5.03 7.04
N ALA B 407 -8.45 -4.41 7.11
CA ALA B 407 -7.52 -4.70 8.19
C ALA B 407 -8.03 -4.15 9.51
N GLN B 408 -8.64 -2.97 9.50
CA GLN B 408 -9.17 -2.40 10.74
C GLN B 408 -10.47 -3.07 11.17
N GLU B 409 -11.13 -3.78 10.26
CA GLU B 409 -12.32 -4.53 10.65
C GLU B 409 -11.97 -5.86 11.28
N ALA B 410 -10.94 -6.53 10.78
CA ALA B 410 -10.49 -7.76 11.40
C ALA B 410 -9.78 -7.50 12.72
N ALA B 411 -9.06 -6.38 12.82
CA ALA B 411 -8.41 -6.02 14.08
C ALA B 411 -9.41 -5.53 15.11
N LEU B 412 -10.55 -5.03 14.69
CA LEU B 412 -11.63 -4.73 15.63
C LEU B 412 -12.39 -5.98 16.01
N LYS B 413 -12.49 -6.93 15.08
CA LYS B 413 -13.20 -8.17 15.38
C LYS B 413 -12.44 -9.01 16.39
N GLU B 414 -11.11 -9.05 16.29
CA GLU B 414 -10.34 -9.91 17.16
C GLU B 414 -10.22 -9.38 18.57
N GLU B 415 -10.36 -8.07 18.78
CA GLU B 415 -10.38 -7.52 20.13
C GLU B 415 -11.79 -7.41 20.68
N LEU B 416 -12.78 -7.92 19.96
CA LEU B 416 -14.13 -8.03 20.48
C LEU B 416 -14.70 -9.44 20.39
N LYS B 417 -14.00 -10.37 19.73
CA LYS B 417 -14.47 -11.75 19.73
C LYS B 417 -14.11 -12.46 21.03
N VAL B 418 -13.28 -11.84 21.87
CA VAL B 418 -13.10 -12.27 23.25
C VAL B 418 -14.40 -12.20 24.01
N ILE B 419 -15.21 -11.18 23.79
CA ILE B 419 -16.36 -10.86 24.63
C ILE B 419 -17.65 -11.43 24.05
N TYR B 420 -17.96 -11.10 22.81
CA TYR B 420 -19.28 -11.34 22.24
C TYR B 420 -19.35 -12.64 21.43
N GLY B 421 -18.41 -13.54 21.62
CA GLY B 421 -18.36 -14.74 20.82
C GLY B 421 -17.73 -14.46 19.47
N ASP B 422 -17.75 -15.45 18.60
CA ASP B 422 -17.19 -15.25 17.27
C ASP B 422 -18.14 -14.47 16.38
N ASN B 423 -19.44 -14.57 16.63
CA ASN B 423 -20.44 -13.81 15.86
C ASN B 423 -20.62 -12.45 16.53
N VAL B 424 -19.66 -11.56 16.28
CA VAL B 424 -19.58 -10.30 17.01
C VAL B 424 -20.57 -9.27 16.49
N ASP B 425 -20.92 -9.35 15.20
CA ASP B 425 -21.58 -8.28 14.42
C ASP B 425 -20.71 -7.02 14.48
N VAL B 426 -19.55 -7.12 13.82
CA VAL B 426 -18.52 -6.09 13.84
C VAL B 426 -19.00 -4.80 13.16
N LYS B 427 -20.04 -4.88 12.32
CA LYS B 427 -20.63 -3.69 11.73
C LYS B 427 -21.23 -2.77 12.78
N HIS B 428 -21.87 -3.36 13.79
CA HIS B 428 -22.52 -2.57 14.84
C HIS B 428 -21.50 -1.83 15.69
N PHE B 429 -20.32 -2.40 15.86
CA PHE B 429 -19.28 -1.78 16.67
C PHE B 429 -18.32 -0.93 15.86
N GLN B 430 -18.38 -1.00 14.54
CA GLN B 430 -17.60 -0.08 13.72
C GLN B 430 -18.34 1.23 13.54
N ALA B 431 -19.63 1.16 13.23
CA ALA B 431 -20.42 2.38 13.06
C ALA B 431 -20.68 3.03 14.41
N SER B 432 -20.92 2.25 15.44
CA SER B 432 -21.16 2.76 16.78
C SER B 432 -20.12 2.14 17.71
N PRO B 433 -18.97 2.78 17.89
CA PRO B 433 -17.92 2.22 18.75
C PRO B 433 -18.32 2.30 20.21
N ARG B 434 -17.65 1.48 21.01
CA ARG B 434 -17.99 1.36 22.41
C ARG B 434 -17.42 2.52 23.21
N THR B 435 -18.28 3.08 24.06
CA THR B 435 -17.91 4.17 24.94
C THR B 435 -16.97 3.66 26.03
N PRO B 436 -16.24 4.56 26.71
CA PRO B 436 -15.42 4.10 27.85
C PRO B 436 -16.20 3.42 28.97
N VAL B 437 -17.46 3.81 29.18
CA VAL B 437 -18.25 3.14 30.21
C VAL B 437 -18.82 1.84 29.68
N GLN B 438 -18.76 1.64 28.36
CA GLN B 438 -19.17 0.34 27.82
C GLN B 438 -18.00 -0.64 27.85
N GLN B 439 -16.78 -0.15 27.65
CA GLN B 439 -15.61 -1.01 27.77
C GLN B 439 -15.37 -1.42 29.22
N LEU B 440 -15.81 -0.61 30.17
CA LEU B 440 -15.77 -1.01 31.58
C LEU B 440 -16.77 -2.12 31.84
N PHE B 441 -17.97 -2.03 31.29
CA PHE B 441 -19.01 -3.02 31.51
C PHE B 441 -18.86 -4.27 30.66
N ASP B 442 -17.84 -4.34 29.80
CA ASP B 442 -17.50 -5.60 29.17
C ASP B 442 -16.33 -6.30 29.84
N SER B 443 -15.48 -5.56 30.55
CA SER B 443 -14.46 -6.19 31.36
C SER B 443 -15.06 -6.81 32.61
N LEU B 444 -15.98 -6.12 33.26
CA LEU B 444 -16.57 -6.60 34.50
C LEU B 444 -17.56 -7.74 34.29
N LYS B 445 -18.10 -7.91 33.08
CA LYS B 445 -18.92 -9.08 32.82
C LYS B 445 -18.10 -10.29 32.43
N ASN B 446 -16.82 -10.11 32.10
CA ASN B 446 -15.89 -11.21 31.93
C ASN B 446 -14.91 -11.34 33.09
N ALA B 447 -15.02 -10.46 34.10
CA ALA B 447 -14.08 -10.48 35.21
C ALA B 447 -14.26 -11.68 36.12
N ALA B 448 -15.37 -12.40 36.01
CA ALA B 448 -15.56 -13.60 36.81
C ALA B 448 -14.76 -14.77 36.26
N ALA B 449 -14.88 -15.02 34.96
CA ALA B 449 -14.23 -16.18 34.35
C ALA B 449 -12.79 -15.91 33.95
N ASN B 450 -12.35 -14.66 33.94
CA ASN B 450 -10.96 -14.34 33.65
C ASN B 450 -10.08 -14.45 34.88
N LYS B 451 -10.65 -14.24 36.07
CA LYS B 451 -9.91 -14.52 37.29
C LYS B 451 -9.86 -16.01 37.58
N GLU B 452 -10.87 -16.75 37.12
CA GLU B 452 -10.89 -18.19 37.37
C GLU B 452 -10.06 -18.94 36.34
N ARG B 453 -9.90 -18.38 35.14
CA ARG B 453 -9.05 -19.03 34.15
C ARG B 453 -7.58 -18.84 34.48
N ALA B 454 -7.19 -17.63 34.91
CA ALA B 454 -5.81 -17.38 35.28
C ALA B 454 -5.41 -18.11 36.54
N ALA B 455 -6.37 -18.38 37.43
CA ALA B 455 -6.08 -19.27 38.55
C ALA B 455 -5.93 -20.71 38.07
N LYS B 456 -6.66 -21.08 37.03
CA LYS B 456 -6.53 -22.42 36.47
C LYS B 456 -5.28 -22.55 35.61
N GLU B 457 -4.80 -21.44 35.04
CA GLU B 457 -3.56 -21.45 34.28
C GLU B 457 -2.33 -21.35 35.16
N ALA B 458 -2.43 -20.72 36.33
CA ALA B 458 -1.31 -20.67 37.26
C ALA B 458 -1.02 -22.02 37.89
N ALA B 459 -2.04 -22.83 38.12
CA ALA B 459 -1.81 -24.17 38.66
C ALA B 459 -1.28 -25.11 37.58
N ALA B 460 -1.52 -24.79 36.31
CA ALA B 460 -1.07 -25.61 35.20
C ALA B 460 0.25 -25.12 34.61
N ALA B 461 0.87 -24.11 35.20
CA ALA B 461 2.11 -23.58 34.66
C ALA B 461 3.29 -24.47 34.99
N ALA B 462 4.32 -24.43 34.15
CA ALA B 462 5.49 -25.27 34.30
C ALA B 462 6.49 -24.72 35.31
N SER B 463 6.19 -23.62 35.97
CA SER B 463 7.11 -23.02 36.93
C SER B 463 6.29 -22.21 37.92
N PRO B 464 6.81 -21.96 39.13
CA PRO B 464 6.25 -20.88 39.93
C PRO B 464 6.68 -19.50 39.47
N TYR B 465 7.63 -19.41 38.55
CA TYR B 465 7.90 -18.13 37.90
C TYR B 465 6.82 -17.81 36.86
N LEU B 466 6.48 -18.80 36.04
CA LEU B 466 5.39 -18.64 35.09
C LEU B 466 4.04 -18.54 35.78
N ALA B 467 3.89 -19.12 36.96
CA ALA B 467 2.65 -18.98 37.72
C ALA B 467 2.52 -17.61 38.34
N TYR B 468 3.62 -16.94 38.64
CA TYR B 468 3.53 -15.56 39.10
C TYR B 468 3.29 -14.60 37.95
N ALA B 469 3.80 -14.93 36.76
CA ALA B 469 3.67 -14.01 35.65
C ALA B 469 2.28 -14.04 35.05
N VAL B 470 1.58 -15.18 35.15
CA VAL B 470 0.23 -15.25 34.60
C VAL B 470 -0.77 -14.60 35.55
N THR B 471 -0.43 -14.39 36.81
CA THR B 471 -1.30 -13.68 37.72
C THR B 471 -0.84 -12.27 38.02
N LYS B 472 0.30 -11.85 37.48
CA LYS B 472 0.67 -10.44 37.53
C LYS B 472 0.27 -9.73 36.25
N LYS B 473 0.36 -10.42 35.11
CA LYS B 473 -0.18 -9.87 33.88
C LYS B 473 -1.70 -9.82 33.92
N GLN B 474 -2.33 -10.75 34.61
CA GLN B 474 -3.78 -10.70 34.76
C GLN B 474 -4.20 -9.72 35.85
N GLU B 475 -3.31 -9.40 36.79
CA GLU B 475 -3.66 -8.43 37.82
C GLU B 475 -3.73 -7.02 37.27
N VAL B 476 -3.08 -6.75 36.14
CA VAL B 476 -3.21 -5.45 35.51
C VAL B 476 -4.23 -5.51 34.37
N GLN B 477 -4.48 -6.70 33.81
CA GLN B 477 -5.42 -6.82 32.71
C GLN B 477 -6.84 -7.12 33.16
N ALA B 478 -7.06 -7.47 34.43
CA ALA B 478 -8.42 -7.54 34.94
C ALA B 478 -8.89 -6.21 35.48
N ASP B 479 -7.95 -5.35 35.87
CA ASP B 479 -8.29 -4.02 36.34
C ASP B 479 -8.77 -3.18 35.16
N PRO B 480 -9.99 -2.63 35.21
CA PRO B 480 -10.51 -1.88 34.06
C PRO B 480 -9.98 -0.46 33.96
N SER B 481 -9.33 0.05 35.00
CA SER B 481 -8.72 1.36 34.91
C SER B 481 -7.44 1.36 34.07
N ASN B 482 -6.88 0.20 33.79
CA ASN B 482 -5.63 0.09 33.02
C ASN B 482 -5.89 -0.11 31.53
N ILE B 483 -7.13 0.05 31.07
CA ILE B 483 -7.43 -0.03 29.65
C ILE B 483 -6.89 1.23 28.99
N PRO B 484 -6.03 1.10 27.97
CA PRO B 484 -5.45 2.30 27.35
C PRO B 484 -6.43 2.93 26.37
N PHE B 485 -6.78 4.18 26.63
CA PHE B 485 -7.61 4.97 25.73
C PHE B 485 -6.71 6.01 25.07
N ASP B 486 -6.67 5.98 23.74
CA ASP B 486 -5.88 6.96 22.99
C ASP B 486 -6.39 8.38 23.16
N GLU B 487 -7.68 8.54 23.45
CA GLU B 487 -8.27 9.84 23.71
C GLU B 487 -7.80 10.43 25.03
N VAL B 488 -7.36 9.60 25.97
CA VAL B 488 -6.91 10.04 27.28
C VAL B 488 -5.39 10.18 27.33
N LEU B 489 -4.66 9.22 26.76
CA LEU B 489 -3.21 9.30 26.71
C LEU B 489 -2.73 10.43 25.81
N TYR B 490 -3.26 10.50 24.60
CA TYR B 490 -2.82 11.45 23.59
C TYR B 490 -4.02 12.29 23.19
N PRO B 491 -4.26 13.40 23.87
CA PRO B 491 -5.45 14.22 23.54
C PRO B 491 -5.30 14.97 22.24
N GLN B 492 -4.10 15.50 21.95
CA GLN B 492 -3.86 16.22 20.71
C GLN B 492 -3.87 15.29 19.51
N LEU B 493 -3.57 14.00 19.69
CA LEU B 493 -3.59 13.07 18.58
C LEU B 493 -5.02 12.71 18.18
N SER B 494 -5.90 12.49 19.16
CA SER B 494 -7.25 12.04 18.84
C SER B 494 -8.11 13.16 18.29
N GLU B 495 -7.72 14.41 18.44
CA GLU B 495 -8.36 15.47 17.69
C GLU B 495 -7.77 15.63 16.31
N GLU B 496 -6.63 15.01 16.03
CA GLU B 496 -6.07 15.02 14.69
C GLU B 496 -6.48 13.82 13.87
N LEU B 497 -6.78 12.70 14.53
CA LEU B 497 -7.41 11.58 13.85
C LEU B 497 -8.83 11.90 13.46
N LEU B 498 -9.46 12.84 14.17
CA LEU B 498 -10.77 13.32 13.79
C LEU B 498 -10.70 14.19 12.56
N GLU B 499 -9.80 15.17 12.54
CA GLU B 499 -9.61 16.04 11.39
C GLU B 499 -8.75 15.42 10.28
N LEU B 500 -8.52 14.11 10.30
CA LEU B 500 -8.20 13.43 9.05
C LEU B 500 -9.48 13.02 8.33
N GLU B 501 -10.46 12.55 9.07
CA GLU B 501 -11.70 12.09 8.44
C GLU B 501 -12.68 13.22 8.22
N LEU B 502 -12.63 14.26 9.06
CA LEU B 502 -13.47 15.42 8.82
C LEU B 502 -12.90 16.34 7.76
N SER B 503 -11.59 16.33 7.55
CA SER B 503 -11.03 17.11 6.46
C SER B 503 -11.27 16.43 5.12
N ASP B 504 -11.40 15.11 5.11
CA ASP B 504 -11.76 14.42 3.87
C ASP B 504 -13.22 14.64 3.50
N ILE B 505 -14.07 14.90 4.50
CA ILE B 505 -15.46 15.25 4.23
C ILE B 505 -15.55 16.68 3.72
N ARG B 506 -14.76 17.59 4.29
CA ARG B 506 -14.81 19.00 3.90
C ARG B 506 -14.31 19.21 2.48
N GLU B 507 -13.44 18.33 1.99
CA GLU B 507 -13.08 18.39 0.57
C GLU B 507 -14.22 17.91 -0.31
N ASP B 508 -15.09 17.05 0.20
CA ASP B 508 -16.25 16.63 -0.57
C ASP B 508 -17.36 17.68 -0.49
N GLU B 509 -17.30 18.56 0.50
CA GLU B 509 -18.31 19.60 0.62
C GLU B 509 -17.94 20.85 -0.17
N ILE B 510 -16.64 21.12 -0.34
CA ILE B 510 -16.24 22.25 -1.19
C ILE B 510 -16.50 21.91 -2.65
N ALA B 511 -16.38 20.63 -3.01
CA ALA B 511 -16.70 20.20 -4.38
C ALA B 511 -18.18 20.32 -4.68
N LEU B 512 -19.03 20.31 -3.65
CA LEU B 512 -20.46 20.51 -3.83
C LEU B 512 -20.88 21.94 -3.57
N GLU B 513 -20.09 22.70 -2.81
CA GLU B 513 -20.34 24.14 -2.71
C GLU B 513 -19.98 24.84 -4.00
N LYS B 514 -19.01 24.31 -4.75
CA LYS B 514 -18.66 24.89 -6.03
C LYS B 514 -19.63 24.48 -7.12
N ALA B 515 -20.21 23.28 -7.02
CA ALA B 515 -21.08 22.77 -8.07
C ALA B 515 -22.44 23.47 -8.11
N GLU B 516 -22.82 24.16 -7.04
CA GLU B 516 -24.07 24.91 -7.02
C GLU B 516 -23.83 26.40 -7.10
N GLU B 517 -22.69 26.82 -7.63
CA GLU B 517 -22.41 28.23 -7.75
C GLU B 517 -23.12 28.84 -8.95
N GLU B 518 -22.94 28.24 -10.13
CA GLU B 518 -23.59 28.68 -11.35
C GLU B 518 -24.56 27.63 -11.86
N GLU B 519 -25.20 26.90 -10.97
CA GLU B 519 -26.12 25.85 -11.38
C GLU B 519 -27.46 26.39 -11.84
N LEU B 520 -27.79 27.62 -11.48
CA LEU B 520 -29.07 28.16 -11.90
C LEU B 520 -29.05 28.51 -13.37
N TRP B 521 -27.95 29.09 -13.83
CA TRP B 521 -27.84 29.46 -15.23
C TRP B 521 -27.72 28.25 -16.14
N LEU B 522 -26.96 27.24 -15.72
CA LEU B 522 -26.76 26.07 -16.56
C LEU B 522 -28.00 25.20 -16.61
N LEU B 523 -28.85 25.25 -15.58
CA LEU B 523 -30.07 24.48 -15.60
C LEU B 523 -31.25 25.28 -16.15
N THR B 524 -31.15 26.60 -16.21
CA THR B 524 -32.17 27.37 -16.92
C THR B 524 -32.02 27.23 -18.42
N LEU B 525 -30.78 27.08 -18.90
CA LEU B 525 -30.53 26.85 -20.32
C LEU B 525 -31.14 25.53 -20.78
N THR B 526 -31.06 24.51 -19.94
CA THR B 526 -31.63 23.22 -20.34
C THR B 526 -33.13 23.15 -20.08
N GLN B 527 -33.62 23.83 -19.04
CA GLN B 527 -35.06 23.87 -18.79
C GLN B 527 -35.76 24.63 -19.90
N GLN B 528 -35.12 25.66 -20.44
CA GLN B 528 -35.72 26.44 -21.50
C GLN B 528 -35.64 25.72 -22.83
N PHE B 529 -34.48 25.18 -23.17
CA PHE B 529 -34.32 24.59 -24.50
C PHE B 529 -35.01 23.24 -24.62
N LYS B 530 -35.15 22.50 -23.53
CA LYS B 530 -35.90 21.25 -23.62
C LYS B 530 -37.39 21.51 -23.80
N HIS B 531 -37.87 22.68 -23.39
CA HIS B 531 -39.27 22.99 -23.61
C HIS B 531 -39.52 23.48 -25.02
N ILE B 532 -38.54 24.16 -25.62
CA ILE B 532 -38.68 24.54 -27.02
C ILE B 532 -38.62 23.31 -27.90
N GLN B 533 -37.52 22.55 -27.82
CA GLN B 533 -37.25 21.42 -28.70
C GLN B 533 -38.31 20.32 -28.61
N LYS B 534 -39.00 20.22 -27.48
CA LYS B 534 -40.11 19.29 -27.37
C LYS B 534 -41.35 19.82 -28.08
N HIS B 535 -41.56 21.14 -28.03
CA HIS B 535 -42.81 21.73 -28.47
C HIS B 535 -42.71 22.57 -29.72
N PHE B 536 -41.51 22.95 -30.16
CA PHE B 536 -41.36 23.83 -31.31
C PHE B 536 -41.78 23.13 -32.58
N GLY B 537 -42.56 23.81 -33.40
CA GLY B 537 -43.03 23.23 -34.64
C GLY B 537 -44.14 22.23 -34.48
N ILE B 538 -44.68 22.06 -33.27
CA ILE B 538 -45.77 21.13 -33.03
C ILE B 538 -46.93 21.90 -32.42
N ASP B 539 -46.75 22.43 -31.22
CA ASP B 539 -47.80 23.22 -30.61
C ASP B 539 -47.34 24.41 -29.77
N LEU B 540 -46.07 24.79 -29.82
CA LEU B 540 -45.58 25.85 -28.94
C LEU B 540 -46.10 27.19 -29.41
N PRO B 541 -46.74 27.99 -28.55
CA PRO B 541 -47.15 29.32 -28.98
C PRO B 541 -45.97 30.27 -29.08
N HIS B 542 -46.19 31.36 -29.79
CA HIS B 542 -45.15 32.38 -29.90
C HIS B 542 -45.05 33.20 -28.61
N SER B 543 -46.08 33.15 -27.77
CA SER B 543 -46.05 33.91 -26.54
C SER B 543 -45.15 33.25 -25.51
N VAL B 544 -45.06 31.92 -25.53
CA VAL B 544 -44.17 31.21 -24.63
C VAL B 544 -42.73 31.40 -25.06
N VAL B 545 -42.47 31.44 -26.37
CA VAL B 545 -41.12 31.66 -26.88
C VAL B 545 -40.65 33.07 -26.55
N ALA B 546 -41.52 34.05 -26.75
CA ALA B 546 -41.16 35.43 -26.45
C ALA B 546 -41.09 35.70 -24.96
N HIS B 547 -41.68 34.82 -24.15
CA HIS B 547 -41.49 34.88 -22.71
C HIS B 547 -40.20 34.21 -22.31
N MET B 548 -39.95 33.01 -22.85
CA MET B 548 -38.74 32.26 -22.51
C MET B 548 -37.48 32.91 -23.02
N ASP B 549 -37.53 33.52 -24.20
CA ASP B 549 -36.35 34.09 -24.83
C ASP B 549 -36.69 35.49 -25.31
N PRO B 550 -36.73 36.46 -24.40
CA PRO B 550 -37.24 37.78 -24.78
C PRO B 550 -36.25 38.60 -25.57
N LEU B 551 -34.95 38.31 -25.46
CA LEU B 551 -33.96 39.08 -26.18
C LEU B 551 -33.65 38.50 -27.54
N LEU B 552 -33.93 37.23 -27.76
CA LEU B 552 -33.80 36.69 -29.11
C LEU B 552 -34.92 37.20 -30.00
N ILE B 553 -36.12 37.26 -29.44
CA ILE B 553 -37.27 37.85 -30.12
C ILE B 553 -37.05 39.34 -30.36
N LYS B 554 -36.30 40.01 -29.48
CA LYS B 554 -35.95 41.40 -29.69
C LYS B 554 -34.96 41.56 -30.84
N LYS B 555 -34.03 40.61 -30.99
CA LYS B 555 -33.06 40.68 -32.07
C LYS B 555 -33.65 40.23 -33.39
N ILE B 556 -34.59 39.28 -33.35
CA ILE B 556 -35.26 38.83 -34.56
C ILE B 556 -36.20 39.91 -35.07
N ASP B 557 -36.90 40.59 -34.16
CA ASP B 557 -37.75 41.72 -34.54
C ASP B 557 -36.94 42.91 -35.03
N TRP B 558 -35.68 43.01 -34.68
CA TRP B 558 -34.86 44.11 -35.20
C TRP B 558 -34.58 43.90 -36.68
N GLU B 559 -34.39 42.66 -37.10
CA GLU B 559 -34.10 42.41 -38.50
C GLU B 559 -35.33 42.62 -39.37
N THR B 560 -36.50 42.28 -38.85
CA THR B 560 -37.73 42.54 -39.59
C THR B 560 -38.02 44.02 -39.66
N THR B 561 -37.70 44.75 -38.59
CA THR B 561 -37.89 46.19 -38.59
C THR B 561 -36.91 46.91 -39.50
N ASN B 562 -35.64 46.53 -39.45
CA ASN B 562 -34.61 47.19 -40.23
C ASN B 562 -34.37 46.52 -41.57
N ALA B 563 -35.42 45.90 -42.13
CA ALA B 563 -35.47 45.41 -43.51
C ALA B 563 -34.42 44.35 -43.80
N LEU B 564 -34.03 43.60 -42.80
CA LEU B 564 -33.07 42.51 -42.95
C LEU B 564 -33.72 41.17 -42.66
N GLU B 565 -34.98 41.00 -43.06
CA GLU B 565 -35.70 39.77 -42.77
C GLU B 565 -35.25 38.62 -43.65
N ASP B 566 -34.46 38.88 -44.68
CA ASP B 566 -33.85 37.84 -45.49
C ASP B 566 -32.35 37.77 -45.29
N PHE B 567 -31.87 38.12 -44.10
CA PHE B 567 -30.43 38.21 -43.90
C PHE B 567 -29.78 36.84 -43.81
N ASP B 568 -30.51 35.85 -43.31
CA ASP B 568 -29.98 34.50 -43.39
C ASP B 568 -30.08 33.92 -44.79
N ILE B 569 -30.99 34.43 -45.62
CA ILE B 569 -31.02 34.03 -47.02
C ILE B 569 -29.94 34.75 -47.80
N THR B 570 -29.61 35.98 -47.39
CA THR B 570 -28.57 36.75 -48.07
C THR B 570 -27.20 36.14 -47.85
N LEU B 571 -26.89 35.74 -46.61
CA LEU B 571 -25.61 35.12 -46.32
C LEU B 571 -25.49 33.73 -46.91
N ASP B 572 -26.60 33.07 -47.19
CA ASP B 572 -26.53 31.81 -47.93
C ASP B 572 -26.31 32.05 -49.41
N ASP B 573 -26.83 33.16 -49.94
CA ASP B 573 -26.70 33.43 -51.36
C ASP B 573 -25.27 33.83 -51.72
N MET B 574 -24.61 34.61 -50.87
CA MET B 574 -23.22 34.95 -51.09
C MET B 574 -22.27 33.96 -50.45
N GLY B 575 -22.75 32.80 -50.05
CA GLY B 575 -21.91 31.70 -49.61
C GLY B 575 -21.21 31.90 -48.30
N ALA B 576 -21.62 32.90 -47.52
CA ALA B 576 -20.93 33.25 -46.28
C ALA B 576 -21.31 32.26 -45.21
N GLU B 577 -20.60 31.14 -45.16
CA GLU B 577 -20.88 30.14 -44.14
C GLU B 577 -20.26 30.48 -42.80
N ASP B 578 -19.18 31.24 -42.78
CA ASP B 578 -18.61 31.67 -41.50
C ASP B 578 -19.32 32.88 -40.94
N ALA B 579 -19.90 33.73 -41.79
CA ALA B 579 -20.69 34.83 -41.30
C ALA B 579 -22.09 34.38 -40.93
N LYS B 580 -22.54 33.25 -41.47
CA LYS B 580 -23.82 32.67 -41.03
C LYS B 580 -23.69 32.10 -39.63
N GLU B 581 -22.55 31.52 -39.30
CA GLU B 581 -22.34 31.01 -37.95
C GLU B 581 -22.12 32.13 -36.96
N GLN B 582 -21.53 33.24 -37.40
CA GLN B 582 -21.44 34.42 -36.53
C GLN B 582 -22.81 35.06 -36.33
N TRP B 583 -23.68 34.97 -37.33
CA TRP B 583 -25.01 35.55 -37.22
C TRP B 583 -25.86 34.78 -36.22
N GLY B 584 -25.77 33.46 -36.23
CA GLY B 584 -26.52 32.68 -35.27
C GLY B 584 -25.96 32.75 -33.87
N ALA B 585 -24.63 32.84 -33.75
CA ALA B 585 -24.01 32.89 -32.42
C ALA B 585 -24.19 34.25 -31.77
N GLU B 586 -24.39 35.30 -32.56
CA GLU B 586 -24.58 36.63 -32.01
C GLU B 586 -26.05 36.96 -31.76
N ASN B 587 -26.97 36.12 -32.19
CA ASN B 587 -28.35 36.25 -31.76
C ASN B 587 -28.65 35.42 -30.54
N LEU B 588 -27.77 34.48 -30.19
CA LEU B 588 -27.84 33.74 -28.94
C LEU B 588 -26.69 34.10 -28.02
N SER B 589 -26.09 35.27 -28.19
CA SER B 589 -24.97 35.66 -27.35
C SER B 589 -25.42 36.20 -26.01
N HIS B 590 -26.71 36.46 -25.84
CA HIS B 590 -27.25 36.88 -24.56
C HIS B 590 -27.48 35.73 -23.61
N HIS B 591 -27.27 34.49 -24.06
CA HIS B 591 -27.42 33.34 -23.18
C HIS B 591 -26.27 33.24 -22.20
N PHE B 592 -25.12 33.83 -22.55
CA PHE B 592 -23.96 33.85 -21.68
C PHE B 592 -23.84 35.15 -20.92
N LEU B 593 -24.74 36.10 -21.15
CA LEU B 593 -24.74 37.34 -20.37
C LEU B 593 -25.04 37.16 -18.88
N PRO B 594 -25.94 36.27 -18.42
CA PRO B 594 -26.03 36.06 -16.97
C PRO B 594 -24.80 35.47 -16.34
N LEU B 595 -23.98 34.75 -17.10
CA LEU B 595 -22.75 34.25 -16.54
C LEU B 595 -21.71 35.33 -16.41
N ILE B 596 -21.43 36.06 -17.48
CA ILE B 596 -20.37 37.06 -17.47
C ILE B 596 -20.80 38.38 -16.87
N ARG B 597 -22.03 38.50 -16.40
CA ARG B 597 -22.34 39.57 -15.46
C ARG B 597 -22.13 39.12 -14.04
N TYR B 598 -22.24 37.81 -13.78
CA TYR B 598 -21.93 37.28 -12.47
C TYR B 598 -20.43 37.18 -12.27
N ARG B 599 -19.72 36.65 -13.26
CA ARG B 599 -18.27 36.55 -13.19
C ARG B 599 -17.58 37.91 -13.26
N ARG B 600 -18.26 38.94 -13.76
CA ARG B 600 -17.72 40.28 -13.65
C ARG B 600 -17.98 40.89 -12.29
N ASP B 601 -19.10 40.53 -11.65
CA ASP B 601 -19.36 41.06 -10.32
C ASP B 601 -18.54 40.35 -9.25
N LEU B 602 -18.10 39.12 -9.52
CA LEU B 602 -17.14 38.49 -8.63
C LEU B 602 -15.79 39.16 -8.72
N ALA B 603 -15.34 39.50 -9.92
CA ALA B 603 -14.06 40.17 -10.08
C ALA B 603 -14.07 41.59 -9.55
N ARG B 604 -15.23 42.21 -9.44
CA ARG B 604 -15.30 43.54 -8.88
C ARG B 604 -15.32 43.54 -7.36
N LYS B 605 -15.91 42.52 -6.73
CA LYS B 605 -15.83 42.44 -5.28
C LYS B 605 -14.49 41.88 -4.82
N ASN B 606 -13.77 41.19 -5.70
CA ASN B 606 -12.43 40.71 -5.39
C ASN B 606 -11.35 41.67 -5.87
N GLY B 607 -11.72 42.89 -6.24
CA GLY B 607 -10.77 43.92 -6.60
C GLY B 607 -10.07 43.76 -7.93
N ASP B 608 -10.33 42.68 -8.67
CA ASP B 608 -9.65 42.44 -9.92
C ASP B 608 -10.43 43.03 -11.09
N ARG B 609 -9.98 42.71 -12.29
CA ARG B 609 -10.71 43.01 -13.51
C ARG B 609 -11.11 41.70 -14.17
N TYR B 610 -12.22 41.72 -14.90
CA TYR B 610 -12.67 40.53 -15.61
C TYR B 610 -11.77 40.28 -16.80
N GLY B 611 -11.43 39.02 -17.02
CA GLY B 611 -10.54 38.61 -18.09
C GLY B 611 -11.01 38.93 -19.49
N PRO B 612 -12.15 38.37 -19.91
CA PRO B 612 -12.63 38.63 -21.29
C PRO B 612 -13.06 40.07 -21.58
N ASP B 613 -13.18 40.93 -20.57
CA ASP B 613 -13.41 42.35 -20.83
C ASP B 613 -12.18 43.05 -21.41
N LEU B 614 -10.99 42.48 -21.26
CA LEU B 614 -9.77 43.17 -21.63
C LEU B 614 -9.39 42.84 -23.06
N VAL B 615 -8.65 43.76 -23.68
CA VAL B 615 -8.20 43.54 -25.06
C VAL B 615 -7.06 42.54 -25.10
N ASN B 616 -6.01 42.80 -24.32
CA ASN B 616 -4.83 41.95 -24.31
C ASN B 616 -4.92 40.85 -23.26
N GLY B 617 -6.02 40.76 -22.54
CA GLY B 617 -6.20 39.74 -21.53
C GLY B 617 -7.35 38.79 -21.85
N GLU C 1 20.27 -32.09 74.76
CA GLU C 1 21.40 -31.92 75.66
C GLU C 1 22.71 -32.29 74.97
N ASN C 2 22.70 -33.42 74.26
CA ASN C 2 23.86 -33.93 73.53
C ASN C 2 23.32 -34.70 72.33
N ASP C 3 23.33 -34.06 71.16
CA ASP C 3 22.75 -34.64 69.95
C ASP C 3 23.75 -34.50 68.80
N VAL C 4 24.27 -35.62 68.33
CA VAL C 4 25.16 -35.67 67.17
C VAL C 4 24.40 -35.65 65.85
N PRO C 5 23.34 -36.44 65.59
CA PRO C 5 22.64 -36.29 64.30
C PRO C 5 21.84 -35.00 64.15
N ALA C 6 21.72 -34.18 65.20
CA ALA C 6 21.12 -32.86 65.04
C ALA C 6 22.14 -31.81 64.62
N ILE C 7 23.39 -31.93 65.06
CA ILE C 7 24.40 -30.96 64.68
C ILE C 7 24.98 -31.26 63.31
N LEU C 8 24.86 -32.50 62.84
CA LEU C 8 25.26 -32.79 61.47
C LEU C 8 24.30 -32.16 60.48
N LYS C 9 23.00 -32.10 60.82
CA LYS C 9 22.03 -31.47 59.95
C LYS C 9 22.21 -29.96 59.88
N GLU C 10 22.75 -29.36 60.94
CA GLU C 10 22.96 -27.92 60.92
C GLU C 10 24.35 -27.54 60.43
N ILE C 11 25.29 -28.48 60.40
CA ILE C 11 26.48 -28.30 59.57
C ILE C 11 26.12 -28.50 58.10
N ASP C 12 25.18 -29.42 57.83
CA ASP C 12 24.70 -29.66 56.47
C ASP C 12 23.98 -28.44 55.91
N SER C 13 23.33 -27.66 56.77
CA SER C 13 22.77 -26.39 56.33
C SER C 13 23.80 -25.28 56.31
N LEU C 14 24.92 -25.44 57.01
CA LEU C 14 25.94 -24.41 57.06
C LEU C 14 26.75 -24.36 55.77
N VAL C 15 27.08 -25.53 55.22
CA VAL C 15 27.85 -25.61 53.99
C VAL C 15 26.97 -25.71 52.76
N SER C 16 25.66 -25.50 52.91
CA SER C 16 24.74 -25.51 51.79
C SER C 16 24.30 -24.12 51.36
N ARG C 17 24.77 -23.08 52.03
CA ARG C 17 24.45 -21.73 51.60
C ARG C 17 25.41 -21.33 50.48
N GLU C 18 25.29 -20.10 49.99
CA GLU C 18 25.94 -19.74 48.74
C GLU C 18 27.21 -18.94 48.95
N ALA C 19 27.33 -18.22 50.06
CA ALA C 19 28.49 -17.38 50.28
C ALA C 19 29.28 -17.84 51.49
N VAL C 20 29.52 -19.14 51.59
CA VAL C 20 30.26 -19.71 52.71
C VAL C 20 31.74 -19.33 52.60
N SER C 21 32.26 -18.74 53.67
CA SER C 21 33.63 -18.27 53.70
C SER C 21 34.58 -19.42 54.01
N ALA C 22 35.87 -19.09 54.05
CA ALA C 22 36.90 -20.09 54.34
C ALA C 22 36.87 -20.52 55.78
N LYS C 23 36.55 -19.60 56.69
CA LYS C 23 36.73 -19.89 58.11
C LYS C 23 35.67 -20.85 58.63
N GLU C 24 34.48 -20.84 58.06
CA GLU C 24 33.50 -21.81 58.54
C GLU C 24 33.58 -23.13 57.80
N VAL C 25 34.08 -23.16 56.56
CA VAL C 25 34.31 -24.46 55.92
C VAL C 25 35.53 -25.13 56.53
N SER C 26 36.47 -24.33 57.05
CA SER C 26 37.52 -24.88 57.91
C SER C 26 36.91 -25.48 59.16
N ASP C 27 36.01 -24.76 59.80
CA ASP C 27 35.44 -25.20 61.06
C ASP C 27 34.33 -26.22 60.91
N ALA C 28 33.72 -26.32 59.73
CA ALA C 28 32.83 -27.45 59.51
C ALA C 28 33.63 -28.72 59.27
N ALA C 29 34.82 -28.60 58.70
CA ALA C 29 35.65 -29.78 58.47
C ALA C 29 36.29 -30.26 59.76
N VAL C 30 36.72 -29.32 60.61
CA VAL C 30 37.29 -29.68 61.92
C VAL C 30 36.23 -30.34 62.79
N ALA C 31 34.98 -29.86 62.71
CA ALA C 31 33.91 -30.45 63.49
C ALA C 31 33.49 -31.82 62.97
N LEU C 32 33.81 -32.15 61.73
CA LEU C 32 33.42 -33.44 61.19
C LEU C 32 34.41 -34.55 61.51
N THR C 33 35.67 -34.22 61.83
CA THR C 33 36.60 -35.25 62.25
C THR C 33 36.49 -35.55 63.74
N TYR C 34 36.22 -34.52 64.54
CA TYR C 34 36.03 -34.69 65.97
C TYR C 34 34.77 -35.47 66.30
N LEU C 35 33.82 -35.54 65.38
CA LEU C 35 32.60 -36.32 65.55
C LEU C 35 32.61 -37.65 64.83
N GLN C 36 33.65 -37.93 64.01
CA GLN C 36 33.88 -39.21 63.36
C GLN C 36 32.72 -39.60 62.44
N VAL C 37 32.61 -38.85 61.33
CA VAL C 37 31.44 -38.85 60.46
C VAL C 37 31.82 -39.51 59.14
N LYS C 38 32.58 -40.62 59.23
CA LYS C 38 32.91 -41.39 58.04
C LYS C 38 31.69 -41.99 57.34
N ALA C 39 30.60 -42.23 58.07
CA ALA C 39 29.46 -42.91 57.47
C ALA C 39 28.66 -41.99 56.55
N ASN C 40 28.68 -40.68 56.80
CA ASN C 40 27.96 -39.72 55.98
C ASN C 40 28.94 -39.13 54.99
N ARG C 41 28.94 -39.65 53.77
CA ARG C 41 29.93 -39.25 52.78
C ARG C 41 29.55 -37.98 52.05
N ARG C 42 28.25 -37.71 51.86
CA ARG C 42 27.85 -36.51 51.14
C ARG C 42 28.11 -35.26 51.96
N LEU C 43 27.93 -35.33 53.28
CA LEU C 43 28.25 -34.20 54.14
C LEU C 43 29.74 -33.88 54.13
N TRP C 44 30.58 -34.89 53.97
CA TRP C 44 31.99 -34.62 53.72
C TRP C 44 32.20 -34.05 52.34
N GLY C 45 31.36 -34.44 51.38
CA GLY C 45 31.51 -33.93 50.04
C GLY C 45 31.02 -32.50 49.91
N LYS C 46 30.00 -32.13 50.68
CA LYS C 46 29.55 -30.74 50.70
C LYS C 46 30.58 -29.80 51.30
N VAL C 47 31.43 -30.32 52.19
CA VAL C 47 32.48 -29.49 52.76
C VAL C 47 33.61 -29.31 51.78
N LEU C 48 34.02 -30.38 51.11
CA LEU C 48 35.10 -30.29 50.14
C LEU C 48 34.67 -29.58 48.86
N GLU C 49 33.36 -29.49 48.61
CA GLU C 49 32.89 -28.66 47.51
C GLU C 49 33.11 -27.18 47.81
N LYS C 50 32.71 -26.75 49.00
CA LYS C 50 32.84 -25.36 49.41
C LYS C 50 34.23 -25.02 49.88
N ALA C 51 35.09 -26.02 50.07
CA ALA C 51 36.48 -25.74 50.42
C ALA C 51 37.28 -25.26 49.24
N GLY C 52 37.03 -25.81 48.05
CA GLY C 52 37.69 -25.34 46.86
C GLY C 52 37.08 -24.08 46.29
N ALA C 53 35.84 -23.77 46.67
CA ALA C 53 35.20 -22.54 46.23
C ALA C 53 35.66 -21.33 47.00
N ALA C 54 36.27 -21.52 48.18
CA ALA C 54 36.70 -20.40 49.00
C ALA C 54 37.93 -19.72 48.40
N GLN C 55 37.88 -18.40 48.28
CA GLN C 55 38.97 -17.64 47.69
C GLN C 55 39.88 -16.99 48.71
N ASP C 56 39.33 -16.39 49.76
CA ASP C 56 40.14 -15.93 50.88
C ASP C 56 40.68 -17.12 51.63
N TYR C 57 41.90 -16.99 52.17
CA TYR C 57 42.48 -18.03 53.01
C TYR C 57 43.59 -17.39 53.83
N ASP C 58 43.52 -17.52 55.15
CA ASP C 58 44.62 -17.12 56.00
C ASP C 58 45.34 -18.36 56.52
N ALA C 59 46.40 -18.14 57.28
CA ALA C 59 47.26 -19.23 57.69
C ALA C 59 46.62 -20.11 58.76
N ALA C 60 45.60 -19.62 59.45
CA ALA C 60 44.98 -20.43 60.49
C ALA C 60 43.89 -21.32 59.92
N SER C 61 43.07 -20.78 59.01
CA SER C 61 41.95 -21.54 58.48
C SER C 61 42.37 -22.56 57.43
N LEU C 62 43.52 -22.36 56.80
CA LEU C 62 44.00 -23.34 55.83
C LEU C 62 44.51 -24.59 56.53
N THR C 63 45.25 -24.42 57.63
CA THR C 63 45.83 -25.56 58.30
C THR C 63 44.80 -26.30 59.14
N ASN C 64 43.73 -25.62 59.56
CA ASN C 64 42.64 -26.36 60.18
C ASN C 64 41.89 -27.19 59.17
N LEU C 65 41.83 -26.73 57.92
CA LEU C 65 41.18 -27.51 56.88
C LEU C 65 42.05 -28.70 56.48
N LEU C 66 43.34 -28.46 56.27
CA LEU C 66 44.24 -29.52 55.83
C LEU C 66 44.47 -30.55 56.92
N TRP C 67 44.41 -30.14 58.19
CA TRP C 67 44.43 -31.12 59.28
C TRP C 67 43.19 -31.99 59.24
N ALA C 68 42.03 -31.41 58.96
CA ALA C 68 40.79 -32.15 59.00
C ALA C 68 40.63 -33.06 57.80
N ILE C 69 41.17 -32.67 56.65
CA ILE C 69 41.20 -33.56 55.49
C ILE C 69 42.13 -34.73 55.76
N ASN C 70 43.26 -34.47 56.42
CA ASN C 70 44.29 -35.48 56.61
C ASN C 70 43.85 -36.53 57.64
N THR C 71 43.46 -36.09 58.84
CA THR C 71 43.10 -37.05 59.87
C THR C 71 41.69 -37.59 59.68
N GLY C 72 40.90 -36.97 58.79
CA GLY C 72 39.57 -37.46 58.55
C GLY C 72 39.52 -38.65 57.63
N GLY C 73 40.63 -39.00 57.00
CA GLY C 73 40.64 -40.07 56.02
C GLY C 73 39.95 -39.70 54.74
N VAL C 74 39.88 -38.41 54.43
CA VAL C 74 39.13 -37.92 53.29
C VAL C 74 40.11 -37.58 52.18
N GLU C 75 39.98 -38.26 51.05
CA GLU C 75 40.81 -37.97 49.91
C GLU C 75 39.93 -37.53 48.74
N HIS C 76 40.21 -36.33 48.23
CA HIS C 76 39.73 -35.87 46.94
C HIS C 76 40.88 -35.10 46.33
N PHE C 77 41.42 -35.58 45.22
CA PHE C 77 42.66 -35.00 44.73
C PHE C 77 42.45 -33.63 44.10
N LYS C 78 41.27 -33.38 43.53
CA LYS C 78 41.04 -32.11 42.85
C LYS C 78 40.98 -30.96 43.84
N THR C 79 40.34 -31.16 44.99
CA THR C 79 40.24 -30.09 45.97
C THR C 79 41.55 -29.87 46.70
N VAL C 80 42.20 -30.96 47.11
CA VAL C 80 43.39 -30.86 47.96
C VAL C 80 44.58 -30.32 47.18
N ALA C 81 44.72 -30.73 45.92
CA ALA C 81 45.83 -30.20 45.13
C ALA C 81 45.59 -28.77 44.68
N GLU C 82 44.35 -28.30 44.71
CA GLU C 82 44.06 -26.89 44.46
C GLU C 82 44.19 -26.05 45.71
N LEU C 83 44.41 -26.68 46.87
CA LEU C 83 44.73 -25.97 48.10
C LEU C 83 46.21 -25.63 48.21
N ALA C 84 47.02 -26.06 47.25
CA ALA C 84 48.41 -25.63 47.21
C ALA C 84 48.57 -24.22 46.67
N GLY C 85 47.51 -23.67 46.09
CA GLY C 85 47.45 -22.27 45.73
C GLY C 85 47.55 -21.33 46.91
N PRO C 86 46.65 -21.48 47.90
CA PRO C 86 46.83 -20.71 49.14
C PRO C 86 48.07 -21.10 49.92
N ALA C 87 48.54 -22.34 49.79
CA ALA C 87 49.69 -22.77 50.59
C ALA C 87 50.98 -22.10 50.13
N VAL C 88 51.16 -21.94 48.82
CA VAL C 88 52.36 -21.27 48.31
C VAL C 88 52.30 -19.78 48.61
N SER C 89 51.13 -19.16 48.48
CA SER C 89 51.01 -17.72 48.69
C SER C 89 51.11 -17.32 50.15
N LEU C 90 50.75 -18.20 51.08
CA LEU C 90 50.77 -17.90 52.50
C LEU C 90 52.00 -18.45 53.20
N LEU C 91 53.02 -18.84 52.46
CA LEU C 91 54.10 -19.63 53.04
C LEU C 91 55.06 -18.83 53.95
N PRO C 92 55.42 -17.56 53.65
CA PRO C 92 56.10 -16.78 54.71
C PRO C 92 55.21 -16.44 55.89
N SER C 93 53.90 -16.34 55.69
CA SER C 93 52.99 -16.04 56.78
C SER C 93 52.69 -17.25 57.66
N LEU C 94 53.22 -18.42 57.32
CA LEU C 94 52.94 -19.64 58.07
C LEU C 94 53.96 -19.83 59.19
N SER C 95 53.47 -20.32 60.32
CA SER C 95 54.35 -20.67 61.42
C SER C 95 54.98 -22.04 61.16
N PRO C 96 56.13 -22.33 61.77
CA PRO C 96 56.69 -23.69 61.68
C PRO C 96 55.83 -24.76 62.31
N VAL C 97 54.93 -24.41 63.23
CA VAL C 97 53.97 -25.36 63.75
C VAL C 97 52.90 -25.67 62.72
N GLN C 98 52.50 -24.67 61.92
CA GLN C 98 51.44 -24.86 60.93
C GLN C 98 51.97 -25.30 59.58
N LEU C 99 53.23 -24.97 59.25
CA LEU C 99 53.79 -25.34 57.96
C LEU C 99 54.01 -26.85 57.87
N SER C 100 54.10 -27.54 59.00
CA SER C 100 54.20 -28.98 58.94
C SER C 100 52.88 -29.62 58.53
N ILE C 101 51.76 -29.09 59.00
CA ILE C 101 50.45 -29.69 58.69
C ILE C 101 50.08 -29.44 57.24
N VAL C 102 50.56 -28.33 56.66
CA VAL C 102 50.30 -28.06 55.25
C VAL C 102 51.04 -29.06 54.37
N VAL C 103 52.33 -29.25 54.64
CA VAL C 103 53.13 -30.13 53.78
C VAL C 103 52.80 -31.60 54.05
N GLU C 104 52.40 -31.95 55.28
CA GLU C 104 52.01 -33.33 55.55
C GLU C 104 50.71 -33.71 54.85
N ALA C 105 49.74 -32.79 54.82
CA ALA C 105 48.47 -33.11 54.19
C ALA C 105 48.55 -33.06 52.68
N LEU C 106 49.26 -32.07 52.12
CA LEU C 106 49.45 -32.03 50.68
C LEU C 106 50.42 -33.12 50.22
N GLY C 107 51.44 -33.41 51.01
CA GLY C 107 52.34 -34.49 50.68
C GLY C 107 51.68 -35.85 50.83
N GLY C 108 50.88 -36.01 51.88
CA GLY C 108 50.24 -37.30 52.12
C GLY C 108 49.18 -37.65 51.11
N ALA C 109 48.62 -36.66 50.42
CA ALA C 109 47.69 -36.93 49.33
C ALA C 109 48.38 -37.09 47.99
N GLY C 110 49.67 -36.80 47.91
CA GLY C 110 50.39 -36.96 46.67
C GLY C 110 50.31 -35.79 45.73
N VAL C 111 50.19 -34.58 46.27
CA VAL C 111 50.08 -33.39 45.42
C VAL C 111 51.43 -33.10 44.79
N LYS C 112 51.46 -33.10 43.45
CA LYS C 112 52.69 -32.90 42.69
C LYS C 112 52.86 -31.40 42.47
N ASN C 113 53.38 -30.72 43.49
CA ASN C 113 53.68 -29.29 43.43
C ASN C 113 55.13 -29.14 43.87
N TYR C 114 56.05 -29.04 42.91
CA TYR C 114 57.46 -29.03 43.23
C TYR C 114 57.90 -27.71 43.85
N GLU C 115 57.33 -26.58 43.41
CA GLU C 115 57.76 -25.31 43.98
C GLU C 115 57.18 -25.09 45.36
N LEU C 116 56.19 -25.87 45.76
CA LEU C 116 55.79 -25.87 47.16
C LEU C 116 56.86 -26.57 48.01
N TYR C 117 57.27 -27.77 47.61
CA TYR C 117 58.23 -28.52 48.39
C TYR C 117 59.65 -27.98 48.25
N ASN C 118 59.98 -27.32 47.13
CA ASN C 118 61.28 -26.67 47.04
C ASN C 118 61.32 -25.42 47.92
N LYS C 119 60.17 -24.80 48.14
CA LYS C 119 60.10 -23.69 49.08
C LYS C 119 59.91 -24.14 50.52
N ALA C 120 59.17 -25.22 50.75
CA ALA C 120 58.92 -25.65 52.12
C ALA C 120 60.03 -26.52 52.69
N SER C 121 60.98 -26.95 51.86
CA SER C 121 62.18 -27.57 52.39
C SER C 121 63.26 -26.53 52.66
N ALA C 122 63.30 -25.46 51.85
CA ALA C 122 64.30 -24.41 52.04
C ALA C 122 63.99 -23.56 53.27
N VAL C 123 62.77 -23.63 53.79
CA VAL C 123 62.48 -22.99 55.07
C VAL C 123 63.01 -23.84 56.21
N VAL C 124 62.86 -25.16 56.12
CA VAL C 124 63.20 -26.04 57.24
C VAL C 124 64.70 -26.17 57.40
N VAL C 125 65.44 -26.33 56.30
CA VAL C 125 66.89 -26.48 56.43
C VAL C 125 67.59 -25.17 56.72
N SER C 126 66.91 -24.02 56.59
CA SER C 126 67.52 -22.75 56.92
C SER C 126 67.31 -22.38 58.38
N LYS C 127 66.09 -22.52 58.89
CA LYS C 127 65.81 -22.35 60.31
C LYS C 127 65.32 -23.69 60.87
N ILE C 128 66.27 -24.52 61.29
CA ILE C 128 65.95 -25.86 61.73
C ILE C 128 65.79 -25.95 63.24
N GLY C 129 66.38 -25.01 64.00
CA GLY C 129 66.10 -24.95 65.42
C GLY C 129 64.70 -24.46 65.75
N GLU C 130 64.07 -23.76 64.81
CA GLU C 130 62.70 -23.31 64.98
C GLU C 130 61.69 -24.45 64.93
N PHE C 131 62.10 -25.61 64.41
CA PHE C 131 61.19 -26.72 64.20
C PHE C 131 61.38 -27.76 65.29
N LYS C 132 60.28 -28.11 65.96
CA LYS C 132 60.25 -29.28 66.83
C LYS C 132 60.51 -30.54 66.00
N PRO C 133 61.15 -31.56 66.58
CA PRO C 133 61.36 -32.82 65.83
C PRO C 133 60.08 -33.51 65.38
N ALA C 134 58.94 -33.27 66.02
CA ALA C 134 57.68 -33.76 65.48
C ALA C 134 57.20 -32.90 64.33
N GLU C 135 57.70 -31.67 64.21
CA GLU C 135 57.32 -30.80 63.11
C GLU C 135 58.27 -30.95 61.94
N ILE C 136 59.37 -31.67 62.12
CA ILE C 136 60.25 -31.97 61.00
C ILE C 136 59.97 -33.36 60.45
N ALA C 137 59.30 -34.21 61.22
CA ALA C 137 58.88 -35.51 60.70
C ALA C 137 57.70 -35.38 59.75
N ARG C 138 57.01 -34.23 59.75
CA ARG C 138 55.90 -34.02 58.84
C ARG C 138 56.36 -33.44 57.51
N VAL C 139 57.32 -32.51 57.55
CA VAL C 139 57.87 -31.99 56.31
C VAL C 139 58.70 -33.05 55.60
N LEU C 140 59.32 -33.95 56.36
CA LEU C 140 60.00 -35.09 55.76
C LEU C 140 59.01 -36.08 55.19
N TYR C 141 57.85 -36.23 55.83
CA TYR C 141 56.79 -37.04 55.27
C TYR C 141 56.14 -36.36 54.07
N GLY C 142 56.17 -35.03 54.05
CA GLY C 142 55.50 -34.32 52.98
C GLY C 142 56.26 -34.34 51.68
N VAL C 143 57.57 -34.10 51.74
CA VAL C 143 58.36 -34.13 50.52
C VAL C 143 58.60 -35.55 50.04
N ALA C 144 58.47 -36.55 50.90
CA ALA C 144 58.69 -37.93 50.48
C ALA C 144 57.51 -38.44 49.67
N PHE C 145 56.30 -38.29 50.19
CA PHE C 145 55.12 -38.77 49.49
C PHE C 145 54.59 -37.78 48.48
N GLY C 146 55.19 -36.61 48.38
CA GLY C 146 54.91 -35.71 47.29
C GLY C 146 55.76 -35.96 46.06
N GLY C 147 56.67 -36.92 46.15
CA GLY C 147 57.49 -37.31 45.02
C GLY C 147 58.81 -36.58 44.89
N VAL C 148 59.27 -35.92 45.93
CA VAL C 148 60.53 -35.19 45.90
C VAL C 148 61.59 -36.01 46.61
N ASN C 149 62.68 -36.33 45.92
CA ASN C 149 63.80 -37.01 46.57
C ASN C 149 64.77 -35.95 47.09
N ASP C 150 64.31 -35.27 48.14
CA ASP C 150 65.07 -34.20 48.78
C ASP C 150 65.92 -34.83 49.86
N VAL C 151 67.22 -34.98 49.58
CA VAL C 151 68.14 -35.47 50.61
C VAL C 151 68.71 -34.34 51.43
N ALA C 152 68.55 -33.09 51.01
CA ALA C 152 68.99 -31.96 51.81
C ALA C 152 68.15 -31.80 53.06
N LEU C 153 66.88 -32.19 53.00
CA LEU C 153 66.06 -32.28 54.21
C LEU C 153 66.31 -33.58 54.96
N ALA C 154 66.51 -34.69 54.23
CA ALA C 154 66.66 -35.99 54.86
C ALA C 154 67.99 -36.12 55.60
N LYS C 155 69.02 -35.40 55.16
CA LYS C 155 70.26 -35.37 55.93
C LYS C 155 70.15 -34.42 57.11
N ALA C 156 69.45 -33.29 56.92
CA ALA C 156 69.26 -32.36 58.01
C ALA C 156 68.24 -32.87 59.03
N ALA C 157 67.40 -33.83 58.64
CA ALA C 157 66.52 -34.45 59.62
C ALA C 157 67.27 -35.41 60.52
N GLY C 158 68.32 -36.04 60.00
CA GLY C 158 69.11 -36.95 60.82
C GLY C 158 69.92 -36.24 61.89
N LYS C 159 70.25 -34.97 61.67
CA LYS C 159 70.90 -34.17 62.70
C LYS C 159 69.96 -33.89 63.86
N VAL C 160 68.66 -33.81 63.60
CA VAL C 160 67.69 -33.55 64.65
C VAL C 160 67.28 -34.84 65.35
N PHE C 161 67.17 -35.94 64.62
CA PHE C 161 66.72 -37.19 65.23
C PHE C 161 67.81 -37.86 66.05
N ALA C 162 69.07 -37.52 65.81
CA ALA C 162 70.17 -38.05 66.60
C ALA C 162 70.53 -37.17 67.79
N SER C 163 70.14 -35.90 67.77
CA SER C 163 70.40 -34.98 68.87
C SER C 163 69.21 -34.89 69.83
N THR C 164 68.04 -34.52 69.31
CA THR C 164 66.85 -34.34 70.13
C THR C 164 66.08 -35.66 70.19
N GLU C 165 65.52 -35.95 71.37
CA GLU C 165 64.71 -37.15 71.53
C GLU C 165 63.34 -36.95 70.91
N VAL C 166 62.87 -37.98 70.20
CA VAL C 166 61.61 -37.93 69.48
C VAL C 166 60.64 -38.93 70.09
N ASP C 167 59.37 -38.78 69.73
CA ASP C 167 58.33 -39.65 70.26
C ASP C 167 58.24 -40.94 69.47
N SER C 168 57.32 -41.80 69.87
CA SER C 168 57.05 -43.03 69.13
C SER C 168 56.41 -42.74 67.79
N ARG C 169 55.41 -41.85 67.75
CA ARG C 169 54.71 -41.54 66.52
C ARG C 169 55.56 -40.65 65.61
N THR C 170 56.46 -39.85 66.20
CA THR C 170 57.29 -38.97 65.40
C THR C 170 58.31 -39.76 64.59
N ALA C 171 58.95 -40.76 65.21
CA ALA C 171 59.95 -41.55 64.50
C ALA C 171 59.31 -42.44 63.45
N ALA C 172 58.11 -42.94 63.72
CA ALA C 172 57.46 -43.82 62.77
C ALA C 172 56.94 -43.05 61.56
N GLN C 173 56.55 -41.80 61.75
CA GLN C 173 56.29 -40.95 60.60
C GLN C 173 57.58 -40.63 59.86
N ALA C 174 58.69 -40.50 60.60
CA ALA C 174 59.98 -40.24 59.98
C ALA C 174 60.55 -41.50 59.34
N LEU C 175 60.21 -42.68 59.86
CA LEU C 175 60.66 -43.91 59.22
C LEU C 175 59.85 -44.21 57.97
N TYR C 176 58.54 -43.98 58.03
CA TYR C 176 57.66 -44.19 56.88
C TYR C 176 57.98 -43.23 55.75
N ALA C 177 58.53 -42.07 56.08
CA ALA C 177 59.02 -41.16 55.06
C ALA C 177 60.30 -41.69 54.42
N LEU C 178 61.19 -42.26 55.22
CA LEU C 178 62.47 -42.75 54.71
C LEU C 178 62.30 -44.00 53.86
N ALA C 179 61.32 -44.84 54.19
CA ALA C 179 61.02 -46.01 53.37
C ALA C 179 60.48 -45.63 51.99
N LYS C 180 59.78 -44.50 51.90
CA LYS C 180 59.35 -43.98 50.60
C LYS C 180 60.54 -43.46 49.80
N LEU C 181 61.42 -42.70 50.44
CA LEU C 181 62.62 -42.23 49.76
C LEU C 181 63.62 -43.35 49.53
N GLY C 182 63.66 -44.34 50.41
CA GLY C 182 64.63 -45.41 50.28
C GLY C 182 66.03 -44.95 50.57
N ARG C 183 66.32 -44.64 51.83
CA ARG C 183 67.64 -44.13 52.20
C ARG C 183 68.39 -45.07 53.14
N ALA C 184 67.75 -45.49 54.22
CA ALA C 184 68.20 -46.61 55.08
C ALA C 184 69.58 -46.38 55.70
N ASP C 185 69.95 -45.12 55.92
CA ASP C 185 71.24 -44.83 56.54
C ASP C 185 71.17 -45.12 58.03
N LYS C 186 72.07 -45.99 58.49
CA LYS C 186 71.98 -46.55 59.83
C LYS C 186 72.28 -45.52 60.93
N ALA C 187 72.85 -44.37 60.57
CA ALA C 187 73.03 -43.29 61.53
C ALA C 187 71.73 -42.58 61.87
N THR C 188 70.68 -42.78 61.08
CA THR C 188 69.40 -42.16 61.35
C THR C 188 68.32 -43.16 61.74
N VAL C 189 68.35 -44.37 61.18
CA VAL C 189 67.31 -45.36 61.46
C VAL C 189 67.40 -45.86 62.89
N ASP C 190 68.63 -46.07 63.38
CA ASP C 190 68.77 -46.48 64.78
C ASP C 190 68.51 -45.34 65.74
N ALA C 191 68.71 -44.09 65.31
CA ALA C 191 68.32 -42.94 66.11
C ALA C 191 66.80 -42.83 66.23
N LEU C 192 66.06 -43.38 65.28
CA LEU C 192 64.61 -43.44 65.36
C LEU C 192 64.11 -44.73 66.01
N LEU C 193 65.00 -45.71 66.23
CA LEU C 193 64.58 -46.94 66.89
C LEU C 193 64.77 -46.89 68.39
N LYS C 194 65.50 -45.90 68.91
CA LYS C 194 65.61 -45.72 70.35
C LYS C 194 64.39 -45.03 70.94
N SER C 195 63.42 -44.65 70.11
CA SER C 195 62.18 -44.03 70.56
C SER C 195 61.08 -45.03 70.84
N PHE C 196 61.20 -46.26 70.36
CA PHE C 196 60.18 -47.28 70.62
C PHE C 196 60.48 -48.05 71.90
N LYS C 197 60.72 -47.32 72.99
CA LYS C 197 61.00 -47.91 74.28
C LYS C 197 59.96 -47.54 75.33
N LYS C 198 59.09 -46.58 75.05
CA LYS C 198 58.07 -46.11 75.97
C LYS C 198 56.73 -46.81 75.81
N GLY C 199 56.59 -47.64 74.78
CA GLY C 199 55.29 -48.15 74.38
C GLY C 199 54.52 -47.12 73.55
N THR C 200 53.85 -47.63 72.53
CA THR C 200 53.25 -46.79 71.50
C THR C 200 51.84 -46.38 71.91
N GLU C 201 51.54 -45.09 71.75
CA GLU C 201 50.20 -44.59 72.04
C GLU C 201 49.19 -45.07 71.01
N SER C 202 49.62 -45.34 69.78
CA SER C 202 48.74 -45.78 68.71
C SER C 202 49.18 -47.16 68.25
N ALA C 203 48.36 -47.78 67.41
CA ALA C 203 48.82 -48.98 66.71
C ALA C 203 49.40 -48.63 65.34
N SER C 204 49.02 -47.48 64.78
CA SER C 204 49.43 -47.11 63.43
C SER C 204 50.91 -46.78 63.33
N ASP C 205 51.52 -46.31 64.41
CA ASP C 205 52.95 -46.04 64.38
C ASP C 205 53.76 -47.31 64.59
N ALA C 206 53.17 -48.31 65.23
CA ALA C 206 53.83 -49.61 65.28
C ALA C 206 53.70 -50.33 63.95
N ALA C 207 52.61 -50.11 63.22
CA ALA C 207 52.43 -50.76 61.93
C ALA C 207 53.21 -50.07 60.83
N ALA C 208 53.41 -48.76 60.94
CA ALA C 208 54.13 -48.04 59.90
C ALA C 208 55.63 -48.20 60.03
N ALA C 209 56.15 -48.31 61.25
CA ALA C 209 57.57 -48.60 61.41
C ALA C 209 57.85 -50.06 61.05
N SER C 210 56.85 -50.92 61.15
CA SER C 210 56.95 -52.28 60.64
C SER C 210 57.17 -52.29 59.14
N PHE C 211 56.35 -51.54 58.40
CA PHE C 211 56.49 -51.45 56.96
C PHE C 211 57.78 -50.73 56.57
N ALA C 212 58.20 -49.78 57.40
CA ALA C 212 59.40 -49.01 57.07
C ALA C 212 60.68 -49.76 57.39
N LEU C 213 60.70 -50.56 58.45
CA LEU C 213 61.89 -51.36 58.73
C LEU C 213 62.00 -52.52 57.76
N GLY C 214 60.87 -53.05 57.31
CA GLY C 214 60.90 -54.16 56.39
C GLY C 214 61.25 -53.77 54.97
N SER C 215 60.75 -52.63 54.50
CA SER C 215 61.05 -52.21 53.14
C SER C 215 62.42 -51.56 53.04
N LEU C 216 62.98 -51.12 54.16
CA LEU C 216 64.41 -50.80 54.20
C LEU C 216 65.26 -52.00 54.61
N SER C 217 64.62 -53.07 55.09
CA SER C 217 65.24 -54.36 55.42
C SER C 217 66.32 -54.21 56.48
N PHE C 218 65.92 -53.76 57.67
CA PHE C 218 66.88 -53.61 58.76
C PHE C 218 66.88 -54.81 59.70
N LYS C 219 65.83 -54.92 60.54
CA LYS C 219 65.22 -56.08 61.22
C LYS C 219 64.16 -55.52 62.17
N ALA C 220 63.39 -56.40 62.81
CA ALA C 220 62.43 -55.94 63.81
C ALA C 220 63.15 -55.44 65.06
N GLU C 221 62.47 -54.58 65.80
CA GLU C 221 63.09 -53.88 66.93
C GLU C 221 62.78 -54.56 68.26
N LYS C 222 61.86 -55.53 68.26
CA LYS C 222 61.38 -56.43 69.30
C LYS C 222 60.45 -55.71 70.28
N ALA C 223 60.36 -54.38 70.24
CA ALA C 223 59.26 -53.70 70.92
C ALA C 223 58.19 -53.25 69.94
N ILE C 224 58.56 -53.05 68.68
CA ILE C 224 57.58 -52.72 67.65
C ILE C 224 56.73 -53.94 67.31
N VAL C 225 57.36 -55.13 67.25
CA VAL C 225 56.58 -56.32 66.98
C VAL C 225 55.81 -56.78 68.22
N ASP C 226 56.29 -56.48 69.42
CA ASP C 226 55.49 -56.80 70.61
C ASP C 226 54.34 -55.84 70.80
N ALA C 227 54.44 -54.63 70.23
CA ALA C 227 53.30 -53.72 70.23
C ALA C 227 52.19 -54.19 69.31
N LEU C 228 52.50 -55.01 68.31
CA LEU C 228 51.50 -55.52 67.39
C LEU C 228 50.82 -56.79 67.89
N LYS C 229 51.30 -57.37 68.99
CA LYS C 229 50.68 -58.58 69.52
C LYS C 229 49.38 -58.32 70.25
N ALA C 230 49.16 -57.10 70.74
CA ALA C 230 47.96 -56.79 71.51
C ALA C 230 47.09 -55.73 70.87
N SER C 231 47.67 -54.82 70.09
CA SER C 231 46.92 -53.71 69.51
C SER C 231 46.67 -53.92 68.02
N ALA C 232 46.52 -55.18 67.60
CA ALA C 232 46.16 -55.44 66.21
C ALA C 232 44.65 -55.54 66.06
N GLY C 233 43.94 -54.56 66.61
CA GLY C 233 42.51 -54.44 66.41
C GLY C 233 42.19 -53.00 66.12
N ASP C 234 43.21 -52.16 66.22
CA ASP C 234 43.10 -50.74 65.90
C ASP C 234 43.46 -50.44 64.45
N LEU C 235 43.74 -51.47 63.65
CA LEU C 235 44.23 -51.31 62.30
C LEU C 235 43.16 -51.70 61.29
N ALA C 236 43.08 -50.93 60.20
CA ALA C 236 42.28 -51.31 59.07
C ALA C 236 42.88 -52.55 58.40
N PRO C 237 42.07 -53.33 57.67
CA PRO C 237 42.62 -54.53 57.02
C PRO C 237 43.65 -54.25 55.95
N ALA C 238 43.65 -53.06 55.35
CA ALA C 238 44.75 -52.68 54.47
C ALA C 238 45.95 -52.20 55.28
N GLN C 239 45.71 -51.71 56.48
CA GLN C 239 46.79 -51.28 57.36
C GLN C 239 47.43 -52.47 58.07
N ALA C 240 46.68 -53.55 58.25
CA ALA C 240 47.20 -54.75 58.89
C ALA C 240 47.99 -55.62 57.93
N VAL C 241 47.81 -55.44 56.62
CA VAL C 241 48.62 -56.16 55.65
C VAL C 241 50.03 -55.60 55.60
N GLU C 242 50.15 -54.28 55.46
CA GLU C 242 51.46 -53.65 55.38
C GLU C 242 52.22 -53.70 56.69
N ALA C 243 51.55 -54.03 57.80
CA ALA C 243 52.26 -54.33 59.03
C ALA C 243 52.91 -55.70 58.96
N ALA C 244 52.15 -56.72 58.56
CA ALA C 244 52.68 -58.08 58.52
C ALA C 244 53.64 -58.29 57.37
N TYR C 245 53.42 -57.61 56.25
CA TYR C 245 54.36 -57.64 55.14
C TYR C 245 55.70 -57.02 55.54
N GLY C 246 55.65 -55.92 56.28
CA GLY C 246 56.88 -55.32 56.76
C GLY C 246 57.54 -56.08 57.88
N LEU C 247 56.79 -56.95 58.55
CA LEU C 247 57.41 -57.84 59.53
C LEU C 247 58.06 -59.03 58.86
N ALA C 248 57.41 -59.58 57.83
CA ALA C 248 57.99 -60.71 57.10
C ALA C 248 59.21 -60.30 56.29
N LEU C 249 59.28 -59.04 55.88
CA LEU C 249 60.45 -58.56 55.18
C LEU C 249 61.60 -58.27 56.13
N SER C 250 61.29 -57.87 57.36
CA SER C 250 62.30 -57.57 58.35
C SER C 250 62.74 -58.79 59.13
N GLY C 251 62.31 -59.98 58.74
CA GLY C 251 62.78 -61.20 59.37
C GLY C 251 62.22 -61.40 60.76
N ALA C 252 60.91 -61.34 60.90
CA ALA C 252 60.26 -61.52 62.19
C ALA C 252 59.85 -62.97 62.36
N THR C 253 60.20 -63.54 63.51
CA THR C 253 59.85 -64.90 63.87
C THR C 253 58.69 -64.92 64.85
N ASP C 254 58.27 -63.76 65.33
CA ASP C 254 57.24 -63.62 66.36
C ASP C 254 55.88 -63.97 65.77
N ALA C 255 55.45 -65.23 65.95
CA ALA C 255 54.19 -65.68 65.38
C ALA C 255 52.98 -65.22 66.16
N GLU C 256 53.15 -64.66 67.36
CA GLU C 256 52.03 -64.07 68.05
C GLU C 256 51.59 -62.75 67.43
N ALA C 257 52.47 -62.11 66.65
CA ALA C 257 52.04 -60.95 65.87
C ALA C 257 51.31 -61.37 64.61
N PHE C 258 51.85 -62.36 63.89
CA PHE C 258 51.22 -62.85 62.67
C PHE C 258 49.92 -63.60 62.92
N LYS C 259 49.71 -64.11 64.14
CA LYS C 259 48.40 -64.63 64.48
C LYS C 259 47.40 -63.49 64.67
N ALA C 260 47.86 -62.37 65.25
CA ALA C 260 46.97 -61.25 65.49
C ALA C 260 46.73 -60.43 64.23
N LEU C 261 47.78 -60.20 63.43
CA LEU C 261 47.66 -59.35 62.26
C LEU C 261 46.83 -60.00 61.17
N PHE C 262 46.90 -61.32 61.03
CA PHE C 262 46.05 -61.98 60.04
C PHE C 262 44.64 -62.19 60.55
N GLY C 263 44.39 -61.96 61.83
CA GLY C 263 43.03 -61.95 62.35
C GLY C 263 42.22 -60.73 61.99
N VAL C 264 42.88 -59.71 61.44
CA VAL C 264 42.19 -58.54 60.93
C VAL C 264 41.79 -58.73 59.48
N VAL C 265 42.68 -59.32 58.69
CA VAL C 265 42.55 -59.28 57.24
C VAL C 265 41.67 -60.43 56.75
N ALA C 266 41.94 -61.65 57.22
CA ALA C 266 41.23 -62.85 56.79
C ALA C 266 39.72 -62.84 57.05
N PRO C 267 39.19 -62.21 58.11
CA PRO C 267 37.73 -61.98 58.10
C PRO C 267 37.30 -60.93 57.09
N ALA C 268 38.13 -59.92 56.82
CA ALA C 268 37.72 -58.84 55.92
C ALA C 268 37.74 -59.27 54.46
N ILE C 269 38.68 -60.15 54.09
CA ILE C 269 38.68 -60.72 52.75
C ILE C 269 37.48 -61.65 52.58
N GLU C 270 37.14 -62.42 53.61
CA GLU C 270 35.97 -63.28 53.54
C GLU C 270 34.68 -62.47 53.61
N LYS C 271 34.75 -61.28 54.22
CA LYS C 271 33.63 -60.34 54.19
C LYS C 271 33.41 -59.82 52.78
N ALA C 272 34.41 -59.15 52.21
CA ALA C 272 34.37 -58.65 50.85
C ALA C 272 35.75 -58.80 50.24
N PRO C 273 35.94 -59.74 49.31
CA PRO C 273 37.28 -59.96 48.75
C PRO C 273 37.78 -58.83 47.86
N ASP C 274 36.88 -58.00 47.35
CA ASP C 274 37.20 -56.93 46.44
C ASP C 274 37.64 -55.65 47.16
N ALA C 275 37.66 -55.65 48.49
CA ALA C 275 37.90 -54.42 49.25
C ALA C 275 39.35 -53.97 49.15
N LEU C 276 40.30 -54.90 49.29
CA LEU C 276 41.70 -54.55 49.19
C LEU C 276 42.15 -54.65 47.73
N GLU C 277 43.09 -53.77 47.37
CA GLU C 277 43.61 -53.83 46.02
C GLU C 277 44.61 -54.97 45.89
N VAL C 278 44.92 -55.32 44.64
CA VAL C 278 45.80 -56.45 44.36
C VAL C 278 47.25 -56.10 44.73
N SER C 279 47.58 -54.81 44.77
CA SER C 279 48.88 -54.41 45.28
C SER C 279 49.02 -54.69 46.76
N SER C 280 47.90 -54.68 47.49
CA SER C 280 47.91 -55.02 48.90
C SER C 280 47.62 -56.49 49.15
N LEU C 281 46.89 -57.15 48.25
CA LEU C 281 46.70 -58.59 48.40
C LEU C 281 47.96 -59.38 48.12
N ALA C 282 48.86 -58.88 47.28
CA ALA C 282 50.11 -59.56 47.03
C ALA C 282 51.07 -59.41 48.20
N GLN C 283 50.92 -58.35 48.99
CA GLN C 283 51.75 -58.21 50.18
C GLN C 283 51.34 -59.19 51.26
N LEU C 284 50.10 -59.71 51.21
CA LEU C 284 49.66 -60.70 52.17
C LEU C 284 50.17 -62.09 51.80
N HIS C 285 50.36 -62.36 50.51
CA HIS C 285 50.95 -63.63 50.12
C HIS C 285 52.43 -63.67 50.46
N VAL C 286 53.09 -62.52 50.50
CA VAL C 286 54.46 -62.47 50.99
C VAL C 286 54.49 -62.75 52.49
N ALA C 287 53.57 -62.14 53.25
CA ALA C 287 53.59 -62.27 54.71
C ALA C 287 53.16 -63.65 55.16
N SER C 288 52.24 -64.30 54.45
CA SER C 288 51.83 -65.64 54.84
C SER C 288 52.80 -66.72 54.39
N THR C 289 53.84 -66.34 53.62
CA THR C 289 54.82 -67.31 53.14
C THR C 289 56.09 -67.27 53.98
N ILE C 290 56.61 -66.09 54.26
CA ILE C 290 57.95 -65.98 54.86
C ILE C 290 57.93 -66.39 56.32
N SER C 291 57.03 -65.82 57.11
CA SER C 291 56.86 -66.32 58.48
C SER C 291 55.98 -67.57 58.50
N GLY C 292 55.25 -67.83 57.44
CA GLY C 292 54.55 -69.08 57.27
C GLY C 292 53.24 -69.20 58.01
N ALA C 293 52.79 -68.14 58.67
CA ALA C 293 51.53 -68.18 59.39
C ALA C 293 50.37 -68.30 58.42
N LYS C 294 49.61 -69.38 58.57
CA LYS C 294 48.71 -69.81 57.52
C LYS C 294 47.39 -69.05 57.58
N LEU C 295 46.81 -68.83 56.42
CA LEU C 295 45.55 -68.13 56.22
C LEU C 295 44.46 -69.19 56.09
N PRO C 296 43.18 -68.82 56.06
CA PRO C 296 42.16 -69.79 55.65
C PRO C 296 42.35 -70.27 54.22
N ALA C 297 41.77 -71.43 53.93
CA ALA C 297 41.96 -72.05 52.62
C ALA C 297 41.23 -71.29 51.53
N ALA C 298 40.16 -70.58 51.87
CA ALA C 298 39.51 -69.72 50.89
C ALA C 298 40.31 -68.45 50.65
N VAL C 299 41.02 -67.96 51.66
CA VAL C 299 41.76 -66.72 51.56
C VAL C 299 43.14 -66.96 50.97
N GLY C 300 43.88 -67.94 51.50
CA GLY C 300 45.24 -68.16 51.07
C GLY C 300 45.37 -68.65 49.64
N SER C 301 44.35 -69.38 49.15
CA SER C 301 44.35 -69.75 47.74
C SER C 301 44.04 -68.55 46.86
N PHE C 302 43.24 -67.62 47.36
CA PHE C 302 42.87 -66.43 46.60
C PHE C 302 43.98 -65.39 46.62
N VAL C 303 44.64 -65.21 47.78
CA VAL C 303 45.74 -64.28 47.90
C VAL C 303 46.97 -64.73 47.13
N ALA C 304 47.17 -66.04 46.98
CA ALA C 304 48.28 -66.53 46.18
C ALA C 304 48.03 -66.30 44.68
N LYS C 305 46.76 -66.35 44.27
CA LYS C 305 46.42 -66.00 42.89
C LYS C 305 46.58 -64.51 42.65
N ALA C 306 46.43 -63.69 43.69
CA ALA C 306 46.61 -62.25 43.57
C ALA C 306 48.07 -61.84 43.64
N PHE C 307 49.00 -62.77 43.83
CA PHE C 307 50.41 -62.44 43.64
C PHE C 307 50.82 -62.63 42.20
N GLY C 308 50.15 -63.54 41.49
CA GLY C 308 50.41 -63.67 40.07
C GLY C 308 49.91 -62.49 39.29
N LEU C 309 48.79 -61.90 39.70
CA LEU C 309 48.24 -60.73 39.04
C LEU C 309 49.09 -59.50 39.29
N ALA C 310 49.55 -59.31 40.53
CA ALA C 310 50.31 -58.12 40.84
C ALA C 310 51.76 -58.21 40.40
N ALA C 311 52.22 -59.38 39.96
CA ALA C 311 53.57 -59.48 39.42
C ALA C 311 53.60 -59.20 37.92
N ASP C 312 52.54 -59.57 37.19
CA ASP C 312 52.50 -59.25 35.77
C ASP C 312 52.18 -57.79 35.51
N ALA C 313 51.43 -57.15 36.41
CA ALA C 313 51.20 -55.72 36.28
C ALA C 313 52.48 -54.93 36.51
N ALA C 314 53.40 -55.47 37.30
CA ALA C 314 54.73 -54.90 37.39
C ALA C 314 55.58 -55.27 36.20
N ARG C 315 55.17 -56.27 35.42
CA ARG C 315 55.89 -56.69 34.24
C ARG C 315 55.30 -56.09 32.97
N LEU C 316 53.98 -55.96 32.88
CA LEU C 316 53.37 -55.30 31.74
C LEU C 316 53.70 -53.82 31.72
N LYS C 317 53.66 -53.17 32.87
CA LYS C 317 53.94 -51.75 32.99
C LYS C 317 55.38 -51.52 33.44
N ARG C 318 56.29 -52.33 32.91
CA ARG C 318 57.70 -52.26 33.25
C ARG C 318 58.33 -50.99 32.68
N SER C 319 59.34 -50.49 33.39
CA SER C 319 59.87 -49.15 33.21
C SER C 319 60.65 -48.95 31.92
N SER C 320 60.90 -50.02 31.15
CA SER C 320 61.56 -50.03 29.83
C SER C 320 63.03 -49.63 29.85
N ALA C 321 63.53 -49.19 31.01
CA ALA C 321 64.94 -49.29 31.33
C ALA C 321 65.21 -50.49 32.21
N GLU C 322 64.17 -51.03 32.84
CA GLU C 322 64.22 -52.39 33.36
C GLU C 322 64.10 -53.41 32.24
N SER C 323 63.28 -53.14 31.22
CA SER C 323 63.19 -54.04 30.09
C SER C 323 64.48 -54.05 29.28
N ALA C 324 65.15 -52.90 29.20
CA ALA C 324 66.47 -52.85 28.58
C ALA C 324 67.52 -53.52 29.44
N LEU C 325 67.27 -53.66 30.73
CA LEU C 325 68.15 -54.38 31.64
C LEU C 325 67.86 -55.87 31.67
N VAL C 326 66.58 -56.25 31.77
CA VAL C 326 66.20 -57.66 31.85
C VAL C 326 66.56 -58.38 30.55
N ALA C 327 66.39 -57.72 29.41
CA ALA C 327 66.85 -58.30 28.15
C ALA C 327 68.36 -58.30 28.01
N ASP C 328 69.06 -57.51 28.83
CA ASP C 328 70.52 -57.56 28.89
C ASP C 328 71.02 -58.64 29.83
N VAL C 329 70.32 -58.85 30.95
CA VAL C 329 70.68 -59.91 31.86
C VAL C 329 70.31 -61.27 31.27
N ALA C 330 69.20 -61.34 30.54
CA ALA C 330 68.84 -62.59 29.87
C ALA C 330 69.80 -62.93 28.75
N ALA C 331 70.41 -61.93 28.13
CA ALA C 331 71.44 -62.20 27.14
C ALA C 331 72.73 -62.65 27.82
N ALA C 332 73.12 -62.00 28.91
CA ALA C 332 74.35 -62.37 29.60
C ALA C 332 74.22 -63.68 30.37
N THR C 333 73.01 -64.15 30.64
CA THR C 333 72.88 -65.49 31.18
C THR C 333 72.81 -66.52 30.07
N ALA C 334 72.70 -66.09 28.82
CA ALA C 334 72.87 -67.03 27.71
C ALA C 334 74.33 -67.18 27.33
N VAL C 335 75.13 -66.12 27.52
CA VAL C 335 76.56 -66.20 27.27
C VAL C 335 77.23 -67.06 28.32
N ALA C 336 76.76 -66.99 29.57
CA ALA C 336 77.34 -67.77 30.65
C ALA C 336 77.08 -69.25 30.51
N PHE C 337 75.92 -69.63 29.97
CA PHE C 337 75.60 -71.02 29.71
C PHE C 337 76.13 -71.49 28.35
N GLY C 338 76.79 -70.60 27.62
CA GLY C 338 77.58 -70.94 26.46
C GLY C 338 76.88 -70.63 25.14
N ALA C 339 77.15 -69.44 24.61
CA ALA C 339 76.62 -69.03 23.32
C ALA C 339 77.50 -67.86 22.84
N GLN C 340 78.41 -68.15 21.91
CA GLN C 340 79.32 -67.09 21.46
C GLN C 340 78.83 -66.35 20.22
N TYR C 341 77.74 -66.79 19.59
CA TYR C 341 77.23 -66.14 18.40
C TYR C 341 75.86 -65.54 18.67
N ARG C 342 75.49 -64.57 17.83
CA ARG C 342 74.22 -63.86 18.01
C ARG C 342 72.96 -64.69 17.73
N PRO C 343 72.88 -65.59 16.73
CA PRO C 343 71.67 -66.41 16.63
C PRO C 343 71.53 -67.47 17.71
N GLU C 344 72.60 -67.82 18.43
CA GLU C 344 72.46 -68.77 19.52
C GLU C 344 72.33 -68.10 20.88
N VAL C 345 72.68 -66.82 21.01
CA VAL C 345 72.30 -66.06 22.20
C VAL C 345 70.80 -65.83 22.20
N ALA C 346 70.27 -65.29 21.11
CA ALA C 346 68.86 -64.90 21.05
C ALA C 346 67.91 -66.07 20.97
N SER C 347 68.39 -67.25 20.57
CA SER C 347 67.55 -68.43 20.58
C SER C 347 67.35 -68.98 21.97
N ALA C 348 68.22 -68.60 22.92
CA ALA C 348 68.12 -69.05 24.29
C ALA C 348 67.25 -68.16 25.15
N VAL C 349 67.23 -66.85 24.87
CA VAL C 349 66.52 -65.91 25.73
C VAL C 349 65.01 -66.04 25.52
N ALA C 350 64.59 -66.59 24.40
CA ALA C 350 63.17 -66.87 24.17
C ALA C 350 62.72 -68.14 24.87
N SER C 351 63.65 -68.97 25.34
CA SER C 351 63.30 -70.17 26.08
C SER C 351 63.28 -69.95 27.57
N TYR C 352 63.77 -68.81 28.05
CA TYR C 352 63.88 -68.53 29.47
C TYR C 352 62.61 -67.90 30.04
N VAL C 353 61.52 -67.89 29.28
CA VAL C 353 60.36 -67.07 29.58
C VAL C 353 59.25 -68.04 29.98
N LYS C 354 59.62 -69.05 30.77
CA LYS C 354 58.67 -69.99 31.33
C LYS C 354 57.65 -69.26 32.22
N THR C 355 56.48 -69.90 32.39
CA THR C 355 55.43 -69.35 33.24
C THR C 355 55.56 -69.89 34.65
N ALA C 356 55.43 -69.01 35.63
CA ALA C 356 55.41 -69.39 37.04
C ALA C 356 54.16 -70.21 37.33
N PRO C 357 54.20 -71.06 38.37
CA PRO C 357 53.05 -71.94 38.64
C PRO C 357 51.79 -71.22 39.10
N ASP C 358 51.88 -69.99 39.59
CA ASP C 358 50.70 -69.24 39.98
C ASP C 358 50.07 -68.47 38.82
N GLY C 359 50.56 -68.67 37.60
CA GLY C 359 50.03 -68.01 36.43
C GLY C 359 50.88 -66.87 35.90
N SER C 360 51.95 -66.50 36.61
CA SER C 360 52.78 -65.36 36.25
C SER C 360 53.73 -65.72 35.11
N VAL C 361 54.60 -64.78 34.76
CA VAL C 361 55.66 -64.98 33.78
C VAL C 361 56.98 -64.61 34.43
N LEU C 362 57.93 -65.53 34.38
CA LEU C 362 59.30 -65.28 34.82
C LEU C 362 60.17 -65.04 33.59
N ASP C 363 60.98 -64.00 33.63
CA ASP C 363 61.72 -63.62 32.43
C ASP C 363 62.96 -64.48 32.21
N ILE C 364 63.61 -64.91 33.29
CA ILE C 364 64.75 -65.80 33.20
C ILE C 364 64.46 -67.00 34.10
N ALA C 365 63.87 -68.04 33.54
CA ALA C 365 63.56 -69.25 34.28
C ALA C 365 64.27 -70.42 33.61
N ILE C 366 65.31 -70.92 34.26
CA ILE C 366 66.21 -71.92 33.70
C ILE C 366 66.02 -73.21 34.49
N THR C 367 65.97 -74.34 33.80
CA THR C 367 65.81 -75.65 34.44
C THR C 367 66.85 -76.63 33.92
N LYS C 368 67.51 -77.31 34.85
CA LYS C 368 68.42 -78.41 34.56
C LYS C 368 67.91 -79.64 35.32
N GLY C 369 67.15 -80.48 34.62
CA GLY C 369 66.47 -81.57 35.28
C GLY C 369 65.28 -81.07 36.06
N ASP C 370 65.37 -81.09 37.40
CA ASP C 370 64.33 -80.54 38.26
C ASP C 370 64.82 -79.34 39.07
N ALA C 371 66.09 -78.97 38.94
CA ALA C 371 66.63 -77.85 39.69
C ALA C 371 66.44 -76.56 38.90
N LYS C 372 65.62 -75.66 39.41
CA LYS C 372 65.24 -74.44 38.72
C LYS C 372 65.98 -73.26 39.34
N VAL C 373 66.52 -72.40 38.49
CA VAL C 373 67.19 -71.19 38.91
C VAL C 373 66.52 -70.01 38.22
N LEU C 374 66.02 -69.07 39.01
CA LEU C 374 65.49 -67.82 38.50
C LEU C 374 66.53 -66.72 38.66
N VAL C 375 66.75 -65.96 37.60
CA VAL C 375 67.60 -64.79 37.66
C VAL C 375 66.70 -63.56 37.62
N GLN C 376 66.79 -62.73 38.64
CA GLN C 376 65.95 -61.54 38.76
C GLN C 376 66.84 -60.31 38.73
N ALA C 377 66.50 -59.37 37.86
CA ALA C 377 67.25 -58.12 37.73
C ALA C 377 66.45 -57.00 38.34
N VAL C 378 67.10 -56.15 39.14
CA VAL C 378 66.45 -55.09 39.88
C VAL C 378 67.15 -53.77 39.57
N PRO C 379 66.55 -52.93 38.70
CA PRO C 379 67.34 -51.85 38.06
C PRO C 379 67.83 -50.70 38.93
N SER C 380 66.95 -49.78 39.30
CA SER C 380 67.34 -48.70 40.20
C SER C 380 66.17 -48.36 41.09
N SER C 381 64.97 -48.68 40.59
CA SER C 381 63.74 -48.36 41.29
C SER C 381 63.60 -49.17 42.57
N LEU C 382 64.25 -50.33 42.62
CA LEU C 382 64.22 -51.17 43.79
C LEU C 382 65.57 -51.17 44.53
N LEU C 383 66.41 -50.18 44.26
CA LEU C 383 67.67 -50.01 44.98
C LEU C 383 67.58 -48.83 45.92
N THR C 384 68.36 -48.89 46.99
CA THR C 384 68.43 -47.79 47.95
C THR C 384 69.13 -46.60 47.31
N SER C 385 68.58 -45.41 47.56
CA SER C 385 69.02 -44.18 46.90
C SER C 385 70.28 -43.57 47.52
N THR C 386 71.02 -44.31 48.34
CA THR C 386 72.27 -43.82 48.90
C THR C 386 73.47 -44.45 48.20
N THR C 387 74.65 -44.04 48.64
CA THR C 387 75.89 -44.46 48.00
C THR C 387 76.27 -45.95 48.15
N PRO C 388 75.89 -46.70 49.21
CA PRO C 388 76.08 -48.16 49.10
C PRO C 388 75.22 -48.81 48.03
N ALA C 389 73.96 -48.37 47.91
CA ALA C 389 73.01 -48.75 46.86
C ALA C 389 72.77 -50.26 46.83
N LYS C 390 72.32 -50.78 47.94
CA LYS C 390 71.88 -52.14 48.08
C LYS C 390 70.39 -52.22 47.77
N PRO C 391 69.89 -53.38 47.31
CA PRO C 391 68.47 -53.45 46.93
C PRO C 391 67.54 -53.39 48.12
N LEU C 392 66.34 -52.85 47.86
CA LEU C 392 65.35 -52.59 48.90
C LEU C 392 64.72 -53.90 49.37
N GLY C 393 63.81 -53.80 50.33
CA GLY C 393 63.28 -54.98 50.98
C GLY C 393 62.34 -55.79 50.13
N HIS C 394 61.78 -55.20 49.08
CA HIS C 394 60.80 -55.90 48.27
C HIS C 394 61.43 -56.94 47.34
N VAL C 395 62.74 -56.90 47.14
CA VAL C 395 63.39 -57.91 46.30
C VAL C 395 63.59 -59.19 47.07
N ALA C 396 63.65 -59.11 48.40
CA ALA C 396 63.63 -60.30 49.23
C ALA C 396 62.24 -60.89 49.29
N ALA C 397 61.22 -60.06 49.14
CA ALA C 397 59.86 -60.56 49.04
C ALA C 397 59.68 -61.37 47.77
N TYR C 398 60.18 -60.85 46.65
CA TYR C 398 60.03 -61.56 45.38
C TYR C 398 60.92 -62.79 45.33
N SER C 399 62.03 -62.80 46.08
CA SER C 399 62.87 -63.99 46.14
C SER C 399 62.17 -65.12 46.89
N LYS C 400 61.75 -64.85 48.12
CA LYS C 400 61.28 -65.91 49.00
C LYS C 400 59.91 -66.46 48.61
N VAL C 401 59.17 -65.78 47.73
CA VAL C 401 57.91 -66.34 47.26
C VAL C 401 58.17 -67.31 46.12
N ARG C 402 59.08 -66.97 45.20
CA ARG C 402 59.49 -67.93 44.19
C ARG C 402 60.32 -69.06 44.79
N GLU C 403 61.07 -68.79 45.86
CA GLU C 403 61.85 -69.82 46.53
C GLU C 403 60.96 -70.87 47.18
N ALA C 404 59.78 -70.48 47.64
CA ALA C 404 58.81 -71.44 48.13
C ALA C 404 58.06 -72.14 47.00
N GLN C 405 58.21 -71.66 45.77
CA GLN C 405 57.63 -72.32 44.61
C GLN C 405 58.61 -73.24 43.91
N GLY C 406 59.86 -73.31 44.37
CA GLY C 406 60.83 -74.24 43.85
C GLY C 406 62.02 -73.64 43.13
N TYR C 407 62.19 -72.33 43.17
CA TYR C 407 63.25 -71.67 42.43
C TYR C 407 64.38 -71.27 43.36
N ALA C 408 65.57 -71.17 42.80
CA ALA C 408 66.74 -70.64 43.51
C ALA C 408 67.02 -69.27 42.90
N VAL C 409 66.53 -68.22 43.55
CA VAL C 409 66.53 -66.89 42.95
C VAL C 409 67.92 -66.28 43.03
N ALA C 410 68.49 -65.97 41.88
CA ALA C 410 69.78 -65.31 41.78
C ALA C 410 69.55 -63.85 41.43
N VAL C 411 69.62 -62.98 42.43
CA VAL C 411 69.30 -61.57 42.24
C VAL C 411 70.55 -60.83 41.75
N VAL C 412 70.40 -60.11 40.65
CA VAL C 412 71.50 -59.34 40.07
C VAL C 412 71.12 -57.86 39.98
N PRO C 413 71.75 -57.00 40.77
CA PRO C 413 71.38 -55.58 40.75
C PRO C 413 72.12 -54.83 39.65
N ALA C 414 71.48 -53.76 39.16
CA ALA C 414 72.03 -53.04 38.02
C ALA C 414 73.06 -51.99 38.40
N ASN C 415 73.23 -51.69 39.68
CA ASN C 415 74.37 -50.87 40.06
C ASN C 415 75.66 -51.68 39.97
N GLU C 416 75.56 -53.00 40.05
CA GLU C 416 76.71 -53.87 39.88
C GLU C 416 76.82 -54.44 38.48
N PHE C 417 75.69 -54.80 37.87
CA PHE C 417 75.71 -55.51 36.59
C PHE C 417 76.15 -54.59 35.44
N GLU C 418 75.65 -53.37 35.41
CA GLU C 418 75.99 -52.48 34.30
C GLU C 418 77.28 -51.71 34.54
N ALA C 419 77.96 -51.93 35.66
CA ALA C 419 79.30 -51.39 35.83
C ALA C 419 80.35 -52.22 35.08
N LEU C 420 80.02 -53.45 34.66
CA LEU C 420 80.95 -54.30 33.95
C LEU C 420 81.23 -53.75 32.55
N PRO C 421 82.45 -53.91 32.04
CA PRO C 421 82.81 -53.28 30.76
C PRO C 421 82.39 -54.04 29.51
N ASP C 422 82.30 -55.37 29.57
CA ASP C 422 82.01 -56.15 28.37
C ASP C 422 81.03 -57.26 28.69
N GLN C 423 80.56 -57.93 27.64
CA GLN C 423 79.44 -58.86 27.79
C GLN C 423 79.85 -60.16 28.46
N LYS C 424 81.08 -60.63 28.26
CA LYS C 424 81.47 -61.88 28.91
C LYS C 424 81.76 -61.64 30.39
N ALA C 425 82.18 -60.43 30.75
CA ALA C 425 82.31 -60.08 32.15
C ALA C 425 80.95 -59.93 32.81
N LYS C 426 79.94 -59.49 32.06
CA LYS C 426 78.57 -59.54 32.54
C LYS C 426 78.08 -60.97 32.68
N ALA C 427 78.59 -61.87 31.85
CA ALA C 427 78.25 -63.28 31.98
C ALA C 427 78.91 -63.95 33.17
N GLN C 428 80.11 -63.50 33.56
CA GLN C 428 80.75 -64.13 34.71
C GLN C 428 80.18 -63.60 36.01
N TYR C 429 79.65 -62.37 36.02
CA TYR C 429 78.96 -61.87 37.20
C TYR C 429 77.61 -62.56 37.37
N VAL C 430 76.97 -62.92 36.27
CA VAL C 430 75.74 -63.67 36.36
C VAL C 430 76.02 -65.08 36.84
N LEU C 431 77.07 -65.71 36.30
CA LEU C 431 77.41 -67.07 36.69
C LEU C 431 77.96 -67.13 38.11
N ALA C 432 78.61 -66.07 38.57
CA ALA C 432 78.97 -66.01 39.98
C ALA C 432 77.75 -65.84 40.87
N ALA C 433 76.69 -65.22 40.35
CA ALA C 433 75.47 -65.05 41.12
C ALA C 433 74.64 -66.32 41.14
N ILE C 434 74.78 -67.19 40.13
CA ILE C 434 74.05 -68.44 40.14
C ILE C 434 74.76 -69.47 41.02
N LYS C 435 76.09 -69.53 40.94
CA LYS C 435 76.85 -70.46 41.77
C LYS C 435 76.77 -70.11 43.25
N LYS C 436 76.61 -68.83 43.58
CA LYS C 436 76.43 -68.42 44.96
C LYS C 436 75.08 -68.86 45.52
N VAL C 437 74.08 -69.05 44.67
CA VAL C 437 72.76 -69.44 45.09
C VAL C 437 72.51 -70.93 44.87
N ALA C 438 72.81 -71.43 43.66
CA ALA C 438 72.68 -72.85 43.35
C ALA C 438 74.05 -73.35 42.91
N PRO C 439 74.72 -74.16 43.74
CA PRO C 439 76.11 -74.52 43.45
C PRO C 439 76.28 -75.59 42.38
N SER C 440 75.21 -76.28 41.98
CA SER C 440 75.34 -77.30 40.96
C SER C 440 75.35 -76.71 39.55
N PHE C 441 74.85 -75.49 39.38
CA PHE C 441 74.78 -74.87 38.06
C PHE C 441 76.15 -74.32 37.67
N PRO D 77 -64.08 97.17 -28.89
CA PRO D 77 -63.44 96.52 -27.75
C PRO D 77 -63.01 95.09 -28.09
N SER D 78 -63.06 94.75 -29.38
CA SER D 78 -62.69 93.41 -29.84
C SER D 78 -61.19 93.18 -29.67
N GLN D 79 -60.40 94.21 -29.95
CA GLN D 79 -58.94 94.08 -29.78
C GLN D 79 -58.55 94.09 -28.32
N ASN D 80 -59.34 94.73 -27.47
CA ASN D 80 -59.03 94.79 -26.04
C ASN D 80 -59.27 93.44 -25.37
N LEU D 81 -60.34 92.75 -25.77
CA LEU D 81 -60.68 91.48 -25.15
C LEU D 81 -59.72 90.37 -25.56
N VAL D 82 -59.21 90.45 -26.80
CA VAL D 82 -58.26 89.44 -27.27
C VAL D 82 -56.91 89.65 -26.60
N SER D 83 -56.49 90.90 -26.46
CA SER D 83 -55.21 91.22 -25.82
C SER D 83 -55.25 90.90 -24.33
N THR D 84 -56.41 91.07 -23.70
CA THR D 84 -56.54 90.70 -22.29
C THR D 84 -56.54 89.17 -22.13
N PHE D 85 -57.14 88.47 -23.09
CA PHE D 85 -57.12 87.01 -23.08
C PHE D 85 -55.71 86.48 -23.32
N ALA D 86 -54.90 87.22 -24.09
CA ALA D 86 -53.58 86.73 -24.47
C ALA D 86 -52.55 86.89 -23.37
N ASN D 87 -52.75 87.84 -22.45
CA ASN D 87 -51.79 88.09 -21.39
C ASN D 87 -52.10 87.35 -20.08
N LYS D 88 -53.16 86.52 -20.07
CA LYS D 88 -53.51 85.82 -18.80
C LYS D 88 -53.86 84.34 -19.03
N VAL D 89 -54.05 83.94 -20.29
CA VAL D 89 -54.41 82.56 -20.60
C VAL D 89 -53.37 81.86 -21.45
N ILE D 90 -52.87 82.49 -22.51
CA ILE D 90 -51.81 81.87 -23.29
C ILE D 90 -50.47 82.53 -22.93
N VAL D 91 -49.83 81.98 -21.90
CA VAL D 91 -48.46 82.31 -21.51
C VAL D 91 -47.71 80.99 -21.41
N GLU D 92 -46.44 81.07 -21.03
CA GLU D 92 -45.62 79.87 -20.86
C GLU D 92 -45.74 79.27 -19.46
N GLU D 93 -46.45 79.93 -18.54
CA GLU D 93 -46.69 79.34 -17.23
C GLU D 93 -47.86 78.37 -17.25
N ASN D 94 -48.78 78.54 -18.21
CA ASN D 94 -49.86 77.58 -18.42
C ASN D 94 -49.50 76.58 -19.52
N LEU D 95 -48.54 76.94 -20.37
CA LEU D 95 -47.95 75.97 -21.29
C LEU D 95 -47.18 74.88 -20.56
N VAL D 96 -46.63 75.19 -19.38
CA VAL D 96 -46.00 74.20 -18.53
C VAL D 96 -46.95 73.64 -17.49
N ASN D 97 -48.21 74.05 -17.50
CA ASN D 97 -49.21 73.47 -16.60
C ASN D 97 -50.07 72.42 -17.27
N VAL D 98 -50.12 72.42 -18.60
CA VAL D 98 -50.68 71.32 -19.37
C VAL D 98 -49.59 70.29 -19.67
N ALA D 99 -48.32 70.67 -19.59
CA ALA D 99 -47.19 69.81 -19.85
C ALA D 99 -46.77 68.99 -18.63
N GLU D 100 -47.58 68.98 -17.58
CA GLU D 100 -47.25 68.23 -16.38
C GLU D 100 -47.72 66.78 -16.43
N ILE D 101 -48.71 66.52 -17.29
CA ILE D 101 -49.28 65.14 -17.41
C ILE D 101 -48.17 64.20 -17.88
N ASP D 102 -47.59 64.48 -19.05
CA ASP D 102 -46.50 63.63 -19.62
C ASP D 102 -45.28 64.51 -19.89
N VAL D 103 -44.30 64.52 -18.98
CA VAL D 103 -43.10 65.34 -19.18
C VAL D 103 -42.25 64.94 -20.38
N PRO D 104 -41.89 63.64 -20.61
CA PRO D 104 -40.95 63.38 -21.71
C PRO D 104 -41.52 63.59 -23.10
N PHE D 105 -42.84 63.57 -23.26
CA PHE D 105 -43.42 63.90 -24.56
C PHE D 105 -43.35 65.39 -24.82
N TRP D 106 -43.70 66.20 -23.82
CA TRP D 106 -43.76 67.64 -24.03
C TRP D 106 -42.37 68.26 -24.03
N SER D 107 -41.44 67.74 -23.23
CA SER D 107 -40.10 68.30 -23.22
C SER D 107 -39.32 67.97 -24.49
N TYR D 108 -39.68 66.88 -25.17
CA TYR D 108 -38.89 66.43 -26.31
C TYR D 108 -39.20 67.24 -27.57
N TRP D 109 -40.47 67.46 -27.85
CA TRP D 109 -40.86 68.15 -29.08
C TRP D 109 -40.64 69.64 -28.99
N LEU D 110 -40.78 70.22 -27.79
CA LEU D 110 -40.49 71.63 -27.61
C LEU D 110 -39.01 71.91 -27.79
N SER D 111 -38.14 71.04 -27.27
CA SER D 111 -36.71 71.21 -27.43
C SER D 111 -36.26 71.05 -28.88
N SER D 112 -36.99 70.28 -29.69
CA SER D 112 -36.71 70.23 -31.12
C SER D 112 -37.32 71.41 -31.84
N ALA D 113 -38.33 72.05 -31.25
CA ALA D 113 -38.94 73.25 -31.80
C ALA D 113 -38.29 74.52 -31.27
N GLY D 114 -37.09 74.43 -30.72
CA GLY D 114 -36.34 75.60 -30.27
C GLY D 114 -36.73 76.15 -28.93
N PHE D 115 -37.54 75.45 -28.15
CA PHE D 115 -37.98 75.92 -26.83
C PHE D 115 -36.97 75.44 -25.79
N THR D 116 -35.84 76.16 -25.70
CA THR D 116 -34.79 75.76 -24.77
C THR D 116 -35.15 76.17 -23.35
N SER D 117 -35.21 77.49 -23.08
CA SER D 117 -35.94 78.11 -21.97
C SER D 117 -35.56 77.52 -20.60
N LYS D 118 -34.34 77.86 -20.18
CA LYS D 118 -33.70 77.25 -19.00
C LYS D 118 -34.52 77.34 -17.72
N ASP D 119 -35.39 78.35 -17.60
CA ASP D 119 -36.25 78.41 -16.42
C ASP D 119 -37.46 77.49 -16.55
N ALA D 120 -37.79 77.05 -17.76
CA ALA D 120 -38.84 76.05 -17.91
C ALA D 120 -38.31 74.64 -17.76
N PHE D 121 -37.04 74.42 -18.06
CA PHE D 121 -36.46 73.09 -17.92
C PHE D 121 -35.99 72.79 -16.50
N VAL D 122 -35.83 73.80 -15.64
CA VAL D 122 -35.56 73.50 -14.24
C VAL D 122 -36.81 72.98 -13.56
N LYS D 123 -37.98 73.43 -14.00
CA LYS D 123 -39.22 73.00 -13.36
C LYS D 123 -39.82 71.80 -14.07
N PHE D 124 -39.27 71.42 -15.22
CA PHE D 124 -39.56 70.10 -15.78
C PHE D 124 -39.03 69.00 -14.88
N ALA D 125 -37.86 69.21 -14.29
CA ALA D 125 -37.07 68.14 -13.71
C ALA D 125 -37.61 67.60 -12.40
N GLU D 126 -38.37 68.37 -11.63
CA GLU D 126 -38.89 67.83 -10.37
C GLU D 126 -40.33 67.35 -10.46
N ALA D 127 -41.03 67.64 -11.54
CA ALA D 127 -42.31 66.99 -11.76
C ALA D 127 -42.15 65.62 -12.40
N VAL D 128 -40.99 65.33 -12.96
CA VAL D 128 -40.74 64.07 -13.63
C VAL D 128 -39.96 63.09 -12.73
N LYS D 129 -39.27 63.58 -11.71
CA LYS D 129 -38.45 62.71 -10.85
C LYS D 129 -39.21 61.60 -10.10
N PRO D 130 -40.46 61.74 -9.66
CA PRO D 130 -41.20 60.56 -9.20
C PRO D 130 -41.67 59.63 -10.31
N LYS D 131 -41.40 59.94 -11.57
CA LYS D 131 -41.85 59.13 -12.68
C LYS D 131 -40.72 58.47 -13.47
N VAL D 132 -39.46 58.88 -13.25
CA VAL D 132 -38.34 58.38 -14.04
C VAL D 132 -38.11 56.89 -13.80
N ALA D 133 -38.34 56.42 -12.57
CA ALA D 133 -38.08 55.02 -12.25
C ALA D 133 -39.05 54.06 -12.92
N ALA D 134 -40.20 54.53 -13.40
CA ALA D 134 -41.18 53.68 -14.05
C ALA D 134 -41.45 54.08 -15.49
N LEU D 135 -40.53 54.81 -16.12
CA LEU D 135 -40.72 55.25 -17.49
C LEU D 135 -40.34 54.15 -18.47
N SER D 136 -40.93 54.21 -19.67
CA SER D 136 -40.59 53.29 -20.72
C SER D 136 -39.26 53.69 -21.36
N THR D 137 -38.75 52.83 -22.22
CA THR D 137 -37.43 53.05 -22.79
C THR D 137 -37.46 54.14 -23.85
N SER D 138 -38.61 54.38 -24.47
CA SER D 138 -38.73 55.48 -25.40
C SER D 138 -38.90 56.82 -24.69
N ASP D 139 -39.46 56.81 -23.48
CA ASP D 139 -39.61 58.04 -22.73
C ASP D 139 -38.28 58.49 -22.12
N ILE D 140 -37.43 57.54 -21.76
CA ILE D 140 -36.13 57.88 -21.19
C ILE D 140 -35.24 58.52 -22.24
N THR D 141 -35.24 57.97 -23.46
CA THR D 141 -34.45 58.60 -24.51
C THR D 141 -35.09 59.87 -25.03
N ASN D 142 -36.41 60.04 -24.83
CA ASN D 142 -37.02 61.32 -25.13
C ASN D 142 -36.60 62.38 -24.12
N LEU D 143 -36.50 62.01 -22.85
CA LEU D 143 -36.02 62.94 -21.84
C LEU D 143 -34.56 63.29 -22.04
N THR D 144 -33.78 62.33 -22.50
CA THR D 144 -32.34 62.47 -22.45
C THR D 144 -31.82 63.36 -23.59
N VAL D 145 -32.45 63.30 -24.76
CA VAL D 145 -32.04 64.24 -25.82
C VAL D 145 -32.66 65.61 -25.62
N ALA D 146 -33.77 65.70 -24.87
CA ALA D 146 -34.40 67.00 -24.65
C ALA D 146 -33.54 67.87 -23.74
N PHE D 147 -32.89 67.25 -22.76
CA PHE D 147 -32.02 67.96 -21.84
C PHE D 147 -30.63 68.18 -22.41
N LYS D 148 -30.32 67.62 -23.57
CA LYS D 148 -29.05 67.93 -24.23
C LYS D 148 -29.21 69.11 -25.17
N ARG D 149 -30.35 69.18 -25.88
CA ARG D 149 -30.59 70.30 -26.78
C ARG D 149 -30.90 71.58 -26.03
N ALA D 150 -31.62 71.48 -24.92
CA ALA D 150 -31.80 72.64 -24.04
C ALA D 150 -30.66 72.80 -23.05
N ASN D 151 -29.68 71.90 -23.08
CA ASN D 151 -28.37 72.04 -22.43
C ASN D 151 -28.45 72.17 -20.91
N TYR D 152 -29.52 71.67 -20.31
CA TYR D 152 -29.69 71.76 -18.88
C TYR D 152 -29.21 70.47 -18.24
N TYR D 153 -28.44 70.60 -17.16
CA TYR D 153 -27.93 69.46 -16.43
C TYR D 153 -28.44 69.53 -15.01
N ASP D 154 -29.22 68.53 -14.62
CA ASP D 154 -29.65 68.35 -13.24
C ASP D 154 -29.19 66.97 -12.82
N LYS D 155 -28.22 66.90 -11.90
CA LYS D 155 -27.62 65.63 -11.54
C LYS D 155 -28.59 64.74 -10.77
N ASP D 156 -29.53 65.34 -10.02
CA ASP D 156 -30.54 64.55 -9.34
C ASP D 156 -31.53 63.90 -10.30
N LEU D 157 -31.63 64.41 -11.53
CA LEU D 157 -32.44 63.73 -12.55
C LEU D 157 -31.65 62.62 -13.21
N PHE D 158 -30.40 62.90 -13.56
CA PHE D 158 -29.60 62.00 -14.37
C PHE D 158 -29.10 60.79 -13.60
N THR D 159 -29.15 60.81 -12.27
CA THR D 159 -28.84 59.60 -11.52
C THR D 159 -30.07 58.71 -11.39
N GLY D 160 -31.26 59.30 -11.50
CA GLY D 160 -32.46 58.48 -11.63
C GLY D 160 -32.61 57.92 -13.03
N ILE D 161 -32.03 58.60 -14.03
CA ILE D 161 -32.06 58.10 -15.39
C ILE D 161 -31.08 56.95 -15.56
N GLU D 162 -29.85 57.10 -15.08
CA GLU D 162 -28.89 56.01 -15.18
C GLU D 162 -29.22 54.84 -14.26
N ALA D 163 -30.12 55.02 -13.30
CA ALA D 163 -30.67 53.90 -12.56
C ALA D 163 -31.87 53.27 -13.25
N ASN D 164 -32.49 54.00 -14.19
CA ASN D 164 -33.50 53.41 -15.06
C ASN D 164 -32.89 52.68 -16.23
N VAL D 165 -31.76 53.19 -16.74
CA VAL D 165 -31.02 52.48 -17.77
C VAL D 165 -30.34 51.26 -17.18
N SER D 166 -29.94 51.32 -15.91
CA SER D 166 -29.31 50.14 -15.30
C SER D 166 -30.32 49.08 -14.90
N ALA D 167 -31.53 49.47 -14.56
CA ALA D 167 -32.53 48.50 -14.13
C ALA D 167 -33.22 47.81 -15.29
N ASN D 168 -33.27 48.45 -16.46
CA ASN D 168 -33.92 47.90 -17.64
C ASN D 168 -32.99 47.95 -18.85
N PHE D 169 -31.73 47.55 -18.68
CA PHE D 169 -30.77 47.65 -19.77
C PHE D 169 -31.05 46.67 -20.89
N THR D 170 -31.78 45.59 -20.61
CA THR D 170 -32.11 44.65 -21.68
C THR D 170 -33.16 45.20 -22.62
N LYS D 171 -33.99 46.13 -22.14
CA LYS D 171 -35.09 46.65 -22.94
C LYS D 171 -34.72 47.86 -23.77
N PHE D 172 -33.46 48.28 -23.76
CA PHE D 172 -33.03 49.45 -24.51
C PHE D 172 -32.42 49.02 -25.83
N GLU D 173 -32.67 49.81 -26.87
CA GLU D 173 -32.09 49.54 -28.18
C GLU D 173 -30.80 50.32 -28.32
N THR D 174 -29.97 49.91 -29.28
CA THR D 174 -28.71 50.60 -29.54
C THR D 174 -28.92 52.01 -30.05
N GLU D 175 -29.97 52.26 -30.83
CA GLU D 175 -30.24 53.60 -31.29
C GLU D 175 -30.77 54.49 -30.18
N GLN D 176 -31.32 53.90 -29.12
CA GLN D 176 -31.71 54.70 -27.97
C GLN D 176 -30.54 54.91 -27.02
N LEU D 177 -29.62 53.94 -26.94
CA LEU D 177 -28.48 54.10 -26.05
C LEU D 177 -27.45 55.04 -26.63
N LEU D 178 -27.32 55.09 -27.96
CA LEU D 178 -26.39 56.03 -28.56
C LEU D 178 -26.88 57.47 -28.47
N GLN D 179 -28.17 57.69 -28.22
CA GLN D 179 -28.64 59.02 -27.89
C GLN D 179 -28.53 59.34 -26.42
N ILE D 180 -28.47 58.32 -25.57
CA ILE D 180 -28.34 58.57 -24.14
C ILE D 180 -26.88 58.84 -23.77
N VAL D 181 -25.95 58.05 -24.30
CA VAL D 181 -24.54 58.26 -23.95
C VAL D 181 -23.95 59.42 -24.72
N ALA D 182 -24.67 59.95 -25.71
CA ALA D 182 -24.22 61.18 -26.35
C ALA D 182 -24.60 62.39 -25.50
N THR D 183 -25.62 62.25 -24.65
CA THR D 183 -25.94 63.29 -23.68
C THR D 183 -25.05 63.20 -22.47
N PHE D 184 -24.83 61.98 -21.98
CA PHE D 184 -23.95 61.72 -20.85
C PHE D 184 -22.49 62.02 -21.16
N ASP D 185 -22.13 62.14 -22.44
CA ASP D 185 -20.80 62.60 -22.82
C ASP D 185 -20.73 64.12 -22.91
N ALA D 186 -21.86 64.79 -23.10
CA ALA D 186 -21.88 66.25 -23.02
C ALA D 186 -21.78 66.70 -21.57
N PHE D 187 -22.71 66.28 -20.74
CA PHE D 187 -22.64 66.48 -19.30
C PHE D 187 -21.95 65.25 -18.71
N ASN D 188 -20.67 65.40 -18.36
CA ASN D 188 -19.80 64.24 -18.12
C ASN D 188 -20.20 63.53 -16.84
N HIS D 189 -21.27 62.76 -16.93
CA HIS D 189 -21.85 62.00 -15.85
C HIS D 189 -21.76 60.54 -16.24
N SER D 190 -21.20 59.72 -15.35
CA SER D 190 -21.02 58.30 -15.65
C SER D 190 -20.86 57.54 -14.36
N SER D 191 -21.41 56.33 -14.33
CA SER D 191 -21.21 55.39 -13.25
C SER D 191 -20.32 54.25 -13.73
N VAL D 192 -19.88 53.42 -12.80
CA VAL D 192 -19.17 52.22 -13.22
C VAL D 192 -20.16 51.13 -13.62
N ALA D 193 -21.38 51.17 -13.08
CA ALA D 193 -22.40 50.23 -13.50
C ALA D 193 -23.12 50.71 -14.75
N PHE D 194 -23.22 52.02 -14.94
CA PHE D 194 -23.83 52.55 -16.16
C PHE D 194 -22.94 52.29 -17.37
N LEU D 195 -21.62 52.33 -17.20
CA LEU D 195 -20.74 51.97 -18.31
C LEU D 195 -20.78 50.47 -18.58
N ASP D 196 -21.12 49.67 -17.58
CA ASP D 196 -21.23 48.23 -17.78
C ASP D 196 -22.60 47.83 -18.29
N ASP D 197 -23.67 48.48 -17.82
CA ASP D 197 -25.00 48.08 -18.26
C ASP D 197 -25.34 48.63 -19.64
N VAL D 198 -24.63 49.65 -20.10
CA VAL D 198 -24.81 50.08 -21.47
C VAL D 198 -23.99 49.22 -22.41
N ALA D 199 -22.78 48.83 -21.99
CA ALA D 199 -21.94 48.00 -22.84
C ALA D 199 -22.45 46.58 -22.92
N ASP D 200 -23.10 46.08 -21.85
CA ASP D 200 -23.77 44.80 -21.93
C ASP D 200 -24.94 44.84 -22.88
N SER D 201 -25.62 45.98 -22.94
CA SER D 201 -26.84 46.10 -23.72
C SER D 201 -26.56 46.26 -25.20
N ILE D 202 -25.51 46.99 -25.55
CA ILE D 202 -25.18 47.17 -26.96
C ILE D 202 -24.56 45.89 -27.52
N THR D 203 -23.84 45.15 -26.69
CA THR D 203 -23.19 43.95 -27.18
C THR D 203 -24.11 42.74 -27.16
N TYR D 204 -24.72 42.45 -26.02
CA TYR D 204 -25.41 41.18 -25.82
C TYR D 204 -26.92 41.28 -25.92
N CYS D 205 -27.52 42.38 -25.50
CA CYS D 205 -28.96 42.51 -25.52
C CYS D 205 -29.50 43.02 -26.85
N ASN D 206 -28.65 43.48 -27.74
CA ASN D 206 -29.07 44.10 -28.98
C ASN D 206 -28.45 43.39 -30.16
N HIS D 207 -29.01 43.65 -31.34
CA HIS D 207 -28.58 42.95 -32.53
C HIS D 207 -27.19 43.37 -32.93
N TYR D 208 -26.40 42.41 -33.40
CA TYR D 208 -24.98 42.66 -33.63
C TYR D 208 -24.72 43.50 -34.86
N LEU D 209 -25.74 43.81 -35.64
CA LEU D 209 -25.65 44.73 -36.76
C LEU D 209 -26.31 46.07 -36.48
N ALA D 210 -26.74 46.30 -35.28
CA ALA D 210 -27.28 47.62 -34.92
C ALA D 210 -26.25 48.74 -34.95
N PRO D 211 -24.94 48.51 -34.73
CA PRO D 211 -23.97 49.54 -35.12
C PRO D 211 -23.94 49.89 -36.60
N VAL D 212 -24.34 48.99 -37.50
CA VAL D 212 -24.30 49.32 -38.92
C VAL D 212 -25.40 50.33 -39.27
N ARG D 213 -26.51 50.30 -38.54
CA ARG D 213 -27.58 51.28 -38.73
C ARG D 213 -27.41 52.54 -37.90
N ALA D 214 -26.23 52.75 -37.31
CA ALA D 214 -26.10 53.79 -36.31
C ALA D 214 -25.61 55.11 -36.90
N GLY D 215 -24.71 55.06 -37.87
CA GLY D 215 -24.11 56.29 -38.35
C GLY D 215 -22.92 56.65 -37.51
N ALA D 216 -21.77 56.84 -38.15
CA ALA D 216 -20.48 56.81 -37.46
C ALA D 216 -20.26 57.99 -36.53
N ASP D 217 -21.03 59.06 -36.65
CA ASP D 217 -20.89 60.17 -35.72
C ASP D 217 -21.45 59.84 -34.34
N GLU D 218 -22.32 58.84 -34.23
CA GLU D 218 -22.82 58.43 -32.93
C GLU D 218 -21.98 57.33 -32.32
N LEU D 219 -21.33 56.52 -33.16
CA LEU D 219 -20.47 55.47 -32.63
C LEU D 219 -19.18 56.03 -32.09
N ALA D 220 -18.67 57.11 -32.69
CA ALA D 220 -17.43 57.71 -32.22
C ALA D 220 -17.62 58.40 -30.88
N THR D 221 -18.80 58.98 -30.64
CA THR D 221 -19.06 59.61 -29.35
C THR D 221 -19.20 58.57 -28.24
N LEU D 222 -19.65 57.36 -28.59
CA LEU D 222 -19.67 56.28 -27.61
C LEU D 222 -18.26 55.78 -27.31
N LEU D 223 -17.38 55.80 -28.31
CA LEU D 223 -16.01 55.34 -28.09
C LEU D 223 -15.23 56.30 -27.19
N THR D 224 -15.40 57.61 -27.39
CA THR D 224 -14.72 58.57 -26.53
C THR D 224 -15.35 58.62 -25.15
N TYR D 225 -16.62 58.26 -25.04
CA TYR D 225 -17.26 58.20 -23.72
C TYR D 225 -16.67 57.08 -22.87
N TYR D 226 -16.15 56.03 -23.50
CA TYR D 226 -15.47 54.97 -22.77
C TYR D 226 -13.99 55.21 -22.64
N ALA D 227 -13.39 56.02 -23.53
CA ALA D 227 -11.98 56.33 -23.44
C ALA D 227 -11.69 57.42 -22.42
N LYS D 228 -12.62 58.35 -22.22
CA LYS D 228 -12.46 59.34 -21.17
C LYS D 228 -12.59 58.70 -19.79
N ASN D 229 -13.56 57.81 -19.62
CA ASN D 229 -13.76 57.13 -18.35
C ASN D 229 -12.84 55.95 -18.15
N GLY D 230 -12.07 55.56 -19.17
CA GLY D 230 -11.09 54.50 -19.02
C GLY D 230 -11.69 53.12 -18.82
N HIS D 231 -12.93 52.92 -19.25
CA HIS D 231 -13.62 51.64 -19.08
C HIS D 231 -13.34 50.80 -20.31
N GLU D 232 -12.35 49.92 -20.20
CA GLU D 232 -11.98 49.04 -21.30
C GLU D 232 -12.89 47.83 -21.30
N ARG D 233 -13.66 47.66 -22.37
CA ARG D 233 -14.50 46.49 -22.59
C ARG D 233 -14.27 46.04 -24.03
N ALA D 234 -13.51 44.96 -24.21
CA ALA D 234 -13.15 44.52 -25.54
C ALA D 234 -14.30 43.87 -26.29
N ASP D 235 -15.36 43.48 -25.59
CA ASP D 235 -16.53 42.95 -26.28
C ASP D 235 -17.37 44.07 -26.86
N LEU D 236 -17.41 45.22 -26.19
CA LEU D 236 -18.10 46.38 -26.75
C LEU D 236 -17.31 47.00 -27.89
N LEU D 237 -15.99 47.03 -27.76
CA LEU D 237 -15.14 47.67 -28.77
C LEU D 237 -15.17 46.91 -30.09
N ALA D 238 -15.36 45.60 -30.04
CA ALA D 238 -15.48 44.84 -31.29
C ALA D 238 -16.84 45.05 -31.93
N THR D 239 -17.84 45.42 -31.13
CA THR D 239 -19.19 45.66 -31.64
C THR D 239 -19.31 47.02 -32.29
N VAL D 240 -18.80 48.06 -31.62
CA VAL D 240 -18.93 49.42 -32.14
C VAL D 240 -18.01 49.62 -33.34
N ALA D 241 -16.90 48.88 -33.38
CA ALA D 241 -16.03 48.94 -34.55
C ALA D 241 -16.64 48.29 -35.78
N ARG D 242 -17.70 47.50 -35.62
CA ARG D 242 -18.38 46.96 -36.80
C ARG D 242 -19.05 48.05 -37.61
N GLY D 243 -19.55 49.09 -36.95
CA GLY D 243 -20.27 50.13 -37.67
C GLY D 243 -19.41 51.16 -38.36
N PHE D 244 -18.10 51.01 -38.35
CA PHE D 244 -17.20 51.91 -39.06
C PHE D 244 -16.79 51.28 -40.38
N SER D 245 -17.20 51.89 -41.47
CA SER D 245 -16.90 51.37 -42.80
C SER D 245 -16.93 52.53 -43.78
N GLU D 246 -16.78 52.20 -45.06
CA GLU D 246 -16.94 53.20 -46.11
C GLU D 246 -18.38 53.63 -46.26
N VAL D 247 -19.33 52.81 -45.81
CA VAL D 247 -20.75 53.15 -45.92
C VAL D 247 -21.13 54.20 -44.89
N SER D 248 -20.80 53.96 -43.63
CA SER D 248 -21.23 54.87 -42.57
C SER D 248 -20.44 56.17 -42.56
N LEU D 249 -19.17 56.11 -42.94
CA LEU D 249 -18.37 57.33 -43.00
C LEU D 249 -18.68 58.13 -44.25
N GLY D 250 -19.07 57.47 -45.33
CA GLY D 250 -19.45 58.16 -46.55
C GLY D 250 -20.73 58.96 -46.44
N LYS D 251 -21.60 58.61 -45.50
CA LYS D 251 -22.80 59.37 -45.24
C LYS D 251 -22.55 60.60 -44.38
N LEU D 252 -21.32 60.80 -43.93
CA LEU D 252 -20.92 61.98 -43.17
C LEU D 252 -20.33 63.01 -44.11
N SER D 253 -20.64 64.27 -43.85
CA SER D 253 -19.94 65.34 -44.55
C SER D 253 -18.51 65.43 -44.04
N ALA D 254 -17.63 65.97 -44.88
CA ALA D 254 -16.19 65.95 -44.61
C ALA D 254 -15.80 66.80 -43.41
N ALA D 255 -16.64 67.76 -43.02
CA ALA D 255 -16.39 68.51 -41.80
C ALA D 255 -16.64 67.66 -40.57
N GLN D 256 -17.75 66.92 -40.55
CA GLN D 256 -18.05 66.05 -39.41
C GLN D 256 -17.40 64.68 -39.56
N ARG D 257 -16.87 64.36 -40.74
CA ARG D 257 -16.12 63.12 -40.88
C ARG D 257 -14.78 63.19 -40.15
N LYS D 258 -14.09 64.33 -40.22
CA LYS D 258 -12.78 64.40 -39.59
C LYS D 258 -12.91 64.52 -38.07
N ASP D 259 -14.03 65.08 -37.59
CA ASP D 259 -14.29 65.05 -36.15
C ASP D 259 -14.60 63.64 -35.68
N THR D 260 -15.16 62.81 -36.56
CA THR D 260 -15.46 61.43 -36.23
C THR D 260 -14.23 60.54 -36.33
N VAL D 261 -13.42 60.72 -37.38
CA VAL D 261 -12.27 59.86 -37.62
C VAL D 261 -11.20 60.08 -36.55
N LEU D 262 -10.96 61.34 -36.18
CA LEU D 262 -9.99 61.63 -35.14
C LEU D 262 -10.48 61.21 -33.76
N SER D 263 -11.79 61.19 -33.53
CA SER D 263 -12.32 60.71 -32.26
C SER D 263 -12.31 59.19 -32.17
N ALA D 264 -12.37 58.48 -33.30
CA ALA D 264 -12.32 57.03 -33.26
C ALA D 264 -10.90 56.51 -33.18
N LEU D 265 -9.95 57.19 -33.83
CA LEU D 265 -8.56 56.75 -33.82
C LEU D 265 -7.88 57.10 -32.51
N LYS D 266 -8.34 58.13 -31.82
CA LYS D 266 -7.83 58.44 -30.49
C LYS D 266 -8.38 57.47 -29.47
N ALA D 267 -9.63 57.03 -29.66
CA ALA D 267 -10.22 56.07 -28.73
C ALA D 267 -9.72 54.66 -28.98
N PHE D 268 -9.37 54.33 -30.23
CA PHE D 268 -8.84 53.00 -30.51
C PHE D 268 -7.37 52.89 -30.15
N GLN D 269 -6.72 54.01 -29.84
CA GLN D 269 -5.36 53.95 -29.32
C GLN D 269 -5.32 54.03 -27.80
N THR D 270 -6.39 54.53 -27.18
CA THR D 270 -6.45 54.56 -25.72
C THR D 270 -6.56 53.15 -25.15
N PHE D 271 -7.35 52.30 -25.78
CA PHE D 271 -7.45 50.90 -25.38
C PHE D 271 -6.46 50.00 -26.09
N GLY D 272 -5.88 50.45 -27.20
CA GLY D 272 -4.98 49.59 -27.94
C GLY D 272 -5.68 48.49 -28.70
N PHE D 273 -6.96 48.66 -28.99
CA PHE D 273 -7.75 47.68 -29.73
C PHE D 273 -7.76 48.07 -31.19
N TYR D 274 -7.15 47.25 -32.04
CA TYR D 274 -7.04 47.52 -33.47
C TYR D 274 -7.76 46.41 -34.23
N PRO D 275 -9.06 46.56 -34.45
CA PRO D 275 -9.80 45.55 -35.20
C PRO D 275 -9.49 45.65 -36.68
N GLU D 276 -9.99 44.68 -37.44
CA GLU D 276 -9.77 44.70 -38.87
C GLU D 276 -10.62 45.77 -39.54
N SER D 277 -11.66 46.25 -38.88
CA SER D 277 -12.46 47.35 -39.37
C SER D 277 -11.90 48.72 -38.99
N ILE D 278 -10.67 48.77 -38.48
CA ILE D 278 -10.01 50.06 -38.26
C ILE D 278 -9.42 50.60 -39.55
N GLU D 279 -9.25 49.76 -40.57
CA GLU D 279 -8.65 50.20 -41.82
C GLU D 279 -9.62 51.00 -42.68
N ALA D 280 -10.88 51.12 -42.28
CA ALA D 280 -11.80 52.01 -42.97
C ALA D 280 -11.87 53.37 -42.31
N VAL D 281 -11.56 53.47 -41.02
CA VAL D 281 -11.51 54.79 -40.39
C VAL D 281 -10.13 55.41 -40.55
N ILE D 282 -9.07 54.59 -40.64
CA ILE D 282 -7.79 55.11 -41.09
C ILE D 282 -7.86 55.51 -42.57
N GLY D 283 -8.40 54.62 -43.40
CA GLY D 283 -8.48 54.84 -44.84
C GLY D 283 -9.39 55.97 -45.26
N ALA D 284 -10.23 56.47 -44.35
CA ALA D 284 -11.02 57.66 -44.63
C ALA D 284 -10.25 58.94 -44.39
N ALA D 285 -9.18 58.87 -43.61
CA ALA D 285 -8.33 60.03 -43.37
C ALA D 285 -7.15 60.12 -44.32
N LEU D 286 -6.85 59.03 -45.04
CA LEU D 286 -5.78 59.04 -46.01
C LEU D 286 -6.26 59.25 -47.43
N VAL D 287 -7.57 59.14 -47.68
CA VAL D 287 -8.10 59.38 -49.01
C VAL D 287 -8.27 60.87 -49.28
N SER D 288 -8.38 61.69 -48.24
CA SER D 288 -8.50 63.14 -48.37
C SER D 288 -7.90 63.78 -47.13
N PRO D 289 -6.57 63.81 -47.02
CA PRO D 289 -5.93 64.33 -45.80
C PRO D 289 -5.78 65.84 -45.76
N ALA D 290 -6.25 66.55 -46.79
CA ALA D 290 -6.05 67.99 -46.88
C ALA D 290 -6.84 68.77 -45.84
N GLU D 291 -7.94 68.21 -45.34
CA GLU D 291 -8.71 68.91 -44.31
C GLU D 291 -8.16 68.62 -42.92
N TYR D 292 -7.33 67.59 -42.79
CA TYR D 292 -6.62 67.30 -41.55
C TYR D 292 -5.39 68.18 -41.41
N SER D 293 -4.96 68.40 -40.17
CA SER D 293 -3.82 69.27 -39.88
C SER D 293 -2.52 68.51 -40.13
N ALA D 294 -1.40 69.14 -39.76
CA ALA D 294 -0.09 68.52 -39.97
C ALA D 294 0.24 67.53 -38.86
N GLU D 295 -0.05 67.89 -37.61
CA GLU D 295 0.11 66.95 -36.51
C GLU D 295 -0.99 65.90 -36.52
N GLU D 296 -2.11 66.18 -37.18
CA GLU D 296 -3.23 65.24 -37.18
C GLU D 296 -2.91 64.04 -38.04
N LEU D 297 -2.10 64.20 -39.08
CA LEU D 297 -1.62 63.02 -39.79
C LEU D 297 -0.60 62.24 -38.97
N LYS D 298 0.06 62.87 -38.00
CA LYS D 298 1.01 62.14 -37.16
C LYS D 298 0.29 61.21 -36.20
N GLU D 299 -0.79 61.68 -35.59
CA GLU D 299 -1.58 60.83 -34.71
C GLU D 299 -2.44 59.85 -35.47
N VAL D 300 -2.66 60.07 -36.77
CA VAL D 300 -3.30 59.07 -37.60
C VAL D 300 -2.30 57.98 -37.99
N GLU D 301 -1.10 58.37 -38.40
CA GLU D 301 -0.09 57.41 -38.80
C GLU D 301 0.63 56.78 -37.62
N ALA D 302 0.45 57.29 -36.40
CA ALA D 302 0.89 56.54 -35.23
C ALA D 302 -0.05 55.38 -34.94
N VAL D 303 -1.35 55.60 -35.15
CA VAL D 303 -2.33 54.53 -35.04
C VAL D 303 -2.17 53.56 -36.22
N LYS D 304 -1.84 54.06 -37.40
CA LYS D 304 -1.75 53.24 -38.60
C LYS D 304 -0.62 52.24 -38.51
N VAL D 305 0.50 52.62 -37.89
CA VAL D 305 1.57 51.65 -37.68
C VAL D 305 1.26 50.78 -36.46
N ALA D 306 0.45 51.28 -35.53
CA ALA D 306 0.06 50.48 -34.38
C ALA D 306 -1.01 49.46 -34.73
N ALA D 307 -1.70 49.67 -35.85
CA ALA D 307 -2.69 48.72 -36.33
C ALA D 307 -2.12 47.75 -37.35
N GLU D 308 -1.03 48.13 -38.03
CA GLU D 308 -0.45 47.23 -39.02
C GLU D 308 0.28 46.06 -38.36
N ASN D 309 0.94 46.30 -37.23
CA ASN D 309 1.65 45.22 -36.55
C ASN D 309 0.71 44.40 -35.67
N ALA D 310 -0.38 45.01 -35.20
CA ALA D 310 -1.38 44.25 -34.44
C ALA D 310 -2.16 43.31 -35.34
N LEU D 311 -2.55 43.76 -36.52
CA LEU D 311 -3.19 42.90 -37.50
C LEU D 311 -2.20 42.11 -38.32
N GLY D 312 -0.91 42.40 -38.20
CA GLY D 312 0.13 41.63 -38.86
C GLY D 312 0.18 41.82 -40.36
N GLY D 313 0.30 43.05 -40.82
CA GLY D 313 0.32 43.29 -42.24
C GLY D 313 0.73 44.69 -42.59
N GLU D 314 0.47 45.07 -43.84
CA GLU D 314 0.87 46.35 -44.40
C GLU D 314 -0.35 47.09 -44.94
N PHE D 315 -0.45 48.37 -44.58
CA PHE D 315 -1.57 49.20 -45.02
C PHE D 315 -1.43 49.54 -46.49
N VAL D 316 -2.51 49.38 -47.25
CA VAL D 316 -2.57 49.82 -48.64
C VAL D 316 -3.97 50.35 -48.90
N LEU D 317 -4.05 51.41 -49.70
CA LEU D 317 -5.34 51.93 -50.15
C LEU D 317 -5.79 51.16 -51.37
N ILE D 318 -7.06 50.79 -51.38
CA ILE D 318 -7.64 50.02 -52.48
C ILE D 318 -8.10 50.98 -53.57
N GLN D 319 -7.62 50.74 -54.79
CA GLN D 319 -7.97 51.55 -55.95
C GLN D 319 -8.88 50.74 -56.85
N GLU D 320 -9.94 51.38 -57.35
CA GLU D 320 -10.86 50.73 -58.28
C GLU D 320 -10.17 50.56 -59.62
N GLY D 321 -9.67 49.35 -59.87
CA GLY D 321 -8.98 49.05 -61.12
C GLY D 321 -8.97 47.57 -61.41
N ALA E 5 33.49 -58.87 29.26
CA ALA E 5 34.50 -59.45 30.14
C ALA E 5 35.90 -58.96 29.78
N VAL E 6 36.87 -59.38 30.56
CA VAL E 6 38.27 -59.02 30.33
C VAL E 6 38.99 -60.24 29.76
N SER E 7 40.03 -59.96 28.98
CA SER E 7 40.79 -61.01 28.31
C SER E 7 42.15 -61.26 28.95
N LYS E 8 42.25 -61.05 30.27
CA LYS E 8 43.37 -61.37 31.17
C LYS E 8 44.57 -60.44 30.97
N LYS E 9 44.59 -59.68 29.87
CA LYS E 9 45.60 -58.65 29.71
C LYS E 9 45.04 -57.27 29.95
N GLU E 10 43.75 -57.08 29.74
CA GLU E 10 43.12 -55.82 30.08
C GLU E 10 43.01 -55.67 31.59
N VAL E 11 42.79 -56.78 32.30
CA VAL E 11 42.62 -56.73 33.73
C VAL E 11 43.95 -56.47 34.44
N LEU E 12 45.07 -56.72 33.78
CA LEU E 12 46.36 -56.38 34.40
C LEU E 12 46.66 -54.91 34.26
N TYR E 13 46.15 -54.25 33.22
CA TYR E 13 46.24 -52.81 33.13
C TYR E 13 45.29 -52.09 34.07
N PHE E 14 44.18 -52.72 34.46
CA PHE E 14 43.17 -52.04 35.23
C PHE E 14 43.35 -52.25 36.72
N LEU E 15 44.41 -52.95 37.14
CA LEU E 15 44.70 -53.10 38.55
C LEU E 15 45.13 -51.77 39.16
N SER E 16 46.13 -51.13 38.58
CA SER E 16 46.61 -49.86 39.07
C SER E 16 45.73 -48.69 38.65
N SER E 17 44.85 -48.90 37.66
CA SER E 17 43.92 -47.86 37.23
C SER E 17 42.87 -47.59 38.31
N LYS E 18 42.27 -46.41 38.23
CA LYS E 18 41.30 -45.98 39.24
C LYS E 18 39.99 -45.47 38.65
N ASP E 19 39.78 -45.59 37.34
CA ASP E 19 38.50 -45.18 36.81
C ASP E 19 37.45 -46.24 37.14
N ALA E 20 36.19 -45.85 37.02
CA ALA E 20 35.11 -46.58 37.67
C ALA E 20 34.78 -47.89 36.96
N GLU E 21 34.65 -47.86 35.63
CA GLU E 21 34.26 -49.06 34.92
C GLU E 21 35.40 -50.05 34.76
N SER E 22 36.64 -49.62 34.97
CA SER E 22 37.75 -50.56 35.06
C SER E 22 37.92 -51.12 36.45
N SER E 23 37.59 -50.33 37.48
CA SER E 23 37.60 -50.83 38.84
C SER E 23 36.38 -51.67 39.14
N THR E 24 35.34 -51.60 38.32
CA THR E 24 34.18 -52.47 38.47
C THR E 24 34.43 -53.85 37.90
N ALA E 25 35.21 -53.95 36.83
CA ALA E 25 35.48 -55.26 36.23
C ALA E 25 36.66 -55.94 36.91
N VAL E 26 37.53 -55.19 37.59
CA VAL E 26 38.56 -55.81 38.39
C VAL E 26 37.97 -56.39 39.66
N LYS E 27 37.05 -55.66 40.29
CA LYS E 27 36.39 -56.16 41.49
C LYS E 27 35.43 -57.30 41.16
N SER E 28 34.97 -57.39 39.91
CA SER E 28 34.24 -58.56 39.47
C SER E 28 35.16 -59.73 39.14
N TYR E 29 36.39 -59.44 38.71
CA TYR E 29 37.35 -60.51 38.45
C TYR E 29 37.99 -60.99 39.74
N LEU E 30 38.18 -60.10 40.70
CA LEU E 30 38.75 -60.48 41.98
C LEU E 30 37.75 -61.27 42.80
N LYS E 31 36.46 -61.06 42.58
CA LYS E 31 35.45 -61.85 43.28
C LYS E 31 35.35 -63.25 42.71
N SER E 32 35.75 -63.44 41.44
CA SER E 32 35.69 -64.76 40.85
C SER E 32 36.82 -65.64 41.36
N LEU E 33 38.01 -65.06 41.58
CA LEU E 33 39.13 -65.85 42.04
C LEU E 33 38.96 -66.28 43.49
N TYR E 34 38.19 -65.52 44.26
CA TYR E 34 37.84 -65.97 45.61
C TYR E 34 36.87 -67.15 45.57
N ALA E 35 36.04 -67.23 44.53
CA ALA E 35 35.13 -68.36 44.38
C ALA E 35 35.73 -69.46 43.51
N GLY E 36 36.96 -69.85 43.82
CA GLY E 36 37.56 -71.06 43.30
C GLY E 36 37.84 -71.10 41.82
N ALA E 37 38.00 -69.94 41.18
CA ALA E 37 38.31 -69.92 39.75
C ALA E 37 39.82 -69.82 39.55
N GLN E 38 40.30 -70.45 38.49
CA GLN E 38 41.73 -70.45 38.19
C GLN E 38 42.10 -69.24 37.34
N VAL E 39 43.20 -68.60 37.71
CA VAL E 39 43.74 -67.50 36.91
C VAL E 39 44.45 -68.09 35.69
N GLU E 40 44.18 -67.52 34.52
CA GLU E 40 44.75 -68.06 33.29
C GLU E 40 46.21 -67.68 33.17
N ALA E 41 46.91 -68.38 32.28
CA ALA E 41 48.33 -68.13 32.07
C ALA E 41 48.53 -66.86 31.24
N THR E 42 49.45 -66.02 31.69
CA THR E 42 49.83 -64.85 30.92
C THR E 42 50.70 -65.28 29.75
N GLU E 43 50.38 -64.76 28.56
CA GLU E 43 50.90 -65.30 27.31
C GLU E 43 52.37 -64.94 27.10
N THR E 44 53.22 -65.96 26.97
CA THR E 44 54.67 -65.81 26.83
C THR E 44 55.11 -65.78 25.37
N ASP E 45 54.50 -64.92 24.58
CA ASP E 45 54.75 -64.83 23.15
C ASP E 45 54.44 -63.40 22.73
N ALA E 46 54.02 -63.23 21.47
CA ALA E 46 53.58 -61.96 20.88
C ALA E 46 54.73 -60.96 20.84
N SER E 47 55.61 -61.21 19.86
CA SER E 47 56.88 -60.51 19.63
C SER E 47 56.78 -58.99 19.59
N GLU E 48 57.93 -58.33 19.69
CA GLU E 48 58.05 -56.95 20.18
C GLU E 48 57.30 -55.93 19.33
N LEU E 49 56.95 -56.27 18.09
CA LEU E 49 56.05 -55.41 17.34
C LEU E 49 54.61 -55.55 17.79
N ILE E 50 54.17 -56.78 18.08
CA ILE E 50 52.82 -57.01 18.55
C ILE E 50 52.66 -56.54 20.00
N ALA E 51 53.72 -56.69 20.79
CA ALA E 51 53.64 -56.38 22.21
C ALA E 51 53.55 -54.88 22.46
N GLN E 52 54.24 -54.07 21.66
CA GLN E 52 54.13 -52.63 21.83
C GLN E 52 52.89 -52.07 21.17
N LEU E 53 52.20 -52.85 20.35
CA LEU E 53 50.91 -52.47 19.83
C LEU E 53 49.79 -52.82 20.79
N GLU E 54 49.96 -53.89 21.57
CA GLU E 54 49.02 -54.15 22.65
C GLU E 54 49.17 -53.12 23.76
N LYS E 55 50.39 -52.64 24.02
CA LYS E 55 50.56 -51.57 24.99
C LYS E 55 49.94 -50.27 24.52
N LYS E 56 49.93 -50.03 23.22
CA LYS E 56 49.37 -48.79 22.69
C LYS E 56 47.87 -48.77 22.87
N TYR E 57 47.20 -49.89 22.66
CA TYR E 57 45.75 -49.96 22.68
C TYR E 57 45.20 -50.41 24.02
N LEU E 58 46.05 -50.75 24.98
CA LEU E 58 45.61 -50.98 26.35
C LEU E 58 45.85 -49.78 27.24
N SER E 59 46.91 -49.01 26.97
CA SER E 59 47.06 -47.72 27.64
C SER E 59 45.99 -46.75 27.21
N ALA E 60 45.49 -46.88 25.99
CA ALA E 60 44.43 -46.01 25.50
C ALA E 60 43.09 -46.33 26.12
N GLN E 61 42.91 -47.51 26.70
CA GLN E 61 41.70 -47.82 27.43
C GLN E 61 41.77 -47.43 28.89
N VAL E 62 42.95 -47.04 29.37
CA VAL E 62 43.11 -46.48 30.70
C VAL E 62 43.16 -44.96 30.66
N VAL E 63 43.71 -44.41 29.57
CA VAL E 63 43.79 -42.97 29.41
C VAL E 63 42.42 -42.39 29.14
N GLU E 64 41.66 -43.02 28.25
CA GLU E 64 40.42 -42.41 27.75
C GLU E 64 39.31 -42.22 28.79
N PRO E 65 39.04 -43.13 29.75
CA PRO E 65 38.16 -42.73 30.85
C PRO E 65 38.82 -41.81 31.83
N GLY E 66 40.15 -41.84 31.93
CA GLY E 66 40.81 -40.99 32.88
C GLY E 66 40.85 -39.54 32.46
N VAL E 67 40.90 -39.29 31.15
CA VAL E 67 40.86 -37.91 30.65
C VAL E 67 39.50 -37.30 30.90
N HIS E 68 38.44 -38.09 30.74
CA HIS E 68 37.08 -37.62 30.95
C HIS E 68 36.73 -37.49 32.42
N ASN E 69 37.60 -37.93 33.33
CA ASN E 69 37.40 -37.72 34.76
C ASN E 69 38.20 -36.57 35.30
N ILE E 70 39.01 -35.91 34.48
CA ILE E 70 39.85 -34.81 34.92
C ILE E 70 39.19 -33.52 34.46
N ALA E 71 38.76 -32.70 35.42
CA ALA E 71 38.12 -31.44 35.11
C ALA E 71 39.16 -30.44 34.63
N LEU E 72 38.88 -29.82 33.49
CA LEU E 72 39.75 -28.80 32.96
C LEU E 72 39.65 -27.54 33.83
N PRO E 73 40.76 -26.89 34.13
CA PRO E 73 40.75 -25.69 34.98
C PRO E 73 40.53 -24.41 34.18
N LEU E 74 39.42 -24.38 33.45
CA LEU E 74 39.15 -23.29 32.51
C LEU E 74 38.72 -22.05 33.27
N GLY E 75 39.39 -20.93 32.99
CA GLY E 75 39.03 -19.65 33.55
C GLY E 75 39.29 -19.57 35.04
N GLU E 76 40.48 -19.99 35.47
CA GLU E 76 40.87 -19.96 36.86
C GLU E 76 42.08 -19.05 37.04
N SER E 77 42.19 -18.47 38.22
CA SER E 77 43.29 -17.58 38.55
C SER E 77 44.36 -18.35 39.31
N GLY E 78 45.59 -18.24 38.85
CA GLY E 78 46.70 -18.89 39.52
C GLY E 78 47.22 -20.09 38.74
N SER E 79 48.28 -20.68 39.29
CA SER E 79 48.93 -21.82 38.65
C SER E 79 48.53 -23.15 39.28
N ALA E 80 48.00 -23.14 40.48
CA ALA E 80 47.65 -24.38 41.17
C ALA E 80 46.45 -25.15 40.60
N PRO E 81 45.42 -24.52 40.01
CA PRO E 81 44.50 -25.32 39.20
C PRO E 81 45.14 -25.85 37.93
N VAL E 82 46.15 -25.16 37.38
CA VAL E 82 46.85 -25.70 36.23
C VAL E 82 47.82 -26.78 36.67
N LYS E 83 48.38 -26.65 37.88
CA LYS E 83 49.25 -27.70 38.39
C LYS E 83 48.46 -28.89 38.91
N ARG E 84 47.21 -28.69 39.32
CA ARG E 84 46.33 -29.82 39.60
C ARG E 84 46.02 -30.58 38.33
N TYR E 85 45.83 -29.86 37.24
CA TYR E 85 45.44 -30.49 35.99
C TYR E 85 46.59 -31.25 35.38
N ALA E 86 47.81 -30.75 35.54
CA ALA E 86 48.96 -31.47 35.06
C ALA E 86 49.29 -32.65 35.94
N ALA E 87 49.12 -32.52 37.26
CA ALA E 87 49.37 -33.65 38.15
C ALA E 87 48.34 -34.75 37.98
N GLU E 88 47.12 -34.42 37.54
CA GLU E 88 46.14 -35.47 37.30
C GLU E 88 46.44 -36.22 36.01
N LEU E 89 47.05 -35.55 35.05
CA LEU E 89 47.45 -36.21 33.82
C LEU E 89 48.74 -37.00 33.97
N PHE E 90 49.58 -36.63 34.94
CA PHE E 90 50.76 -37.43 35.23
C PHE E 90 50.38 -38.74 35.89
N ASN E 91 49.53 -38.68 36.92
CA ASN E 91 49.09 -39.89 37.59
C ASN E 91 48.21 -40.75 36.70
N LEU E 92 47.58 -40.16 35.70
CA LEU E 92 46.84 -40.96 34.73
C LEU E 92 47.78 -41.70 33.81
N GLY E 93 48.84 -41.06 33.35
CA GLY E 93 49.82 -41.73 32.52
C GLY E 93 50.60 -42.79 33.27
N ALA E 94 50.86 -42.55 34.57
CA ALA E 94 51.53 -43.56 35.38
C ALA E 94 50.62 -44.77 35.62
N GLN E 95 49.31 -44.56 35.68
CA GLN E 95 48.40 -45.68 35.82
C GLN E 95 48.20 -46.41 34.51
N ALA E 96 48.35 -45.71 33.40
CA ALA E 96 48.18 -46.32 32.09
C ALA E 96 49.44 -46.99 31.58
N GLY E 97 50.51 -46.99 32.36
CA GLY E 97 51.73 -47.67 31.98
C GLY E 97 52.79 -46.81 31.38
N PHE E 98 52.58 -45.51 31.27
CA PHE E 98 53.62 -44.62 30.80
C PHE E 98 54.58 -44.28 31.93
N GLU E 99 55.76 -43.86 31.55
CA GLU E 99 56.76 -43.37 32.49
C GLU E 99 56.58 -41.86 32.59
N CYS E 100 57.57 -41.16 33.14
CA CYS E 100 57.55 -39.70 33.13
C CYS E 100 57.58 -39.19 31.70
N PRO E 101 56.94 -38.04 31.42
CA PRO E 101 57.01 -37.48 30.06
C PRO E 101 58.41 -37.15 29.60
N PHE E 102 59.33 -36.86 30.51
CA PHE E 102 60.72 -36.67 30.11
C PHE E 102 61.35 -37.97 29.67
N ILE E 103 61.03 -39.07 30.35
CA ILE E 103 61.58 -40.37 29.96
C ILE E 103 60.86 -40.92 28.75
N GLU E 104 59.58 -40.58 28.55
CA GLU E 104 58.83 -41.20 27.48
C GLU E 104 59.02 -40.49 26.15
N VAL E 105 59.36 -39.21 26.14
CA VAL E 105 59.63 -38.54 24.88
C VAL E 105 61.10 -38.61 24.50
N SER E 106 62.01 -38.82 25.46
CA SER E 106 63.39 -39.06 25.11
C SER E 106 63.58 -40.46 24.57
N LYS E 107 62.75 -41.40 25.02
CA LYS E 107 62.67 -42.71 24.39
C LYS E 107 62.15 -42.60 22.96
N LYS E 108 61.26 -41.64 22.71
CA LYS E 108 60.75 -41.42 21.35
C LYS E 108 61.80 -40.84 20.44
N PHE E 109 62.74 -40.06 20.97
CA PHE E 109 63.82 -39.54 20.13
C PHE E 109 64.80 -40.65 19.77
N GLY E 110 65.20 -41.45 20.76
CA GLY E 110 66.13 -42.53 20.52
C GLY E 110 65.57 -43.67 19.72
N GLN E 111 64.25 -43.74 19.60
CA GLN E 111 63.60 -44.73 18.74
C GLN E 111 63.49 -44.23 17.31
N GLU E 112 63.27 -42.93 17.13
CA GLU E 112 63.14 -42.37 15.79
C GLU E 112 64.49 -42.25 15.09
N THR E 113 65.56 -42.03 15.85
CA THR E 113 66.88 -41.76 15.29
C THR E 113 67.87 -42.82 15.72
N ALA E 114 67.47 -44.08 15.61
CA ALA E 114 68.40 -45.16 15.93
C ALA E 114 69.48 -45.31 14.88
N THR E 115 69.20 -44.90 13.63
CA THR E 115 70.10 -45.13 12.51
C THR E 115 70.59 -43.82 11.89
N SER E 116 70.27 -42.68 12.48
CA SER E 116 70.64 -41.41 11.87
C SER E 116 72.06 -41.04 12.28
N GLU E 117 72.96 -41.01 11.30
CA GLU E 117 74.36 -40.71 11.55
C GLU E 117 74.70 -39.26 11.31
N THR E 118 73.83 -38.50 10.65
CA THR E 118 74.01 -37.07 10.48
C THR E 118 72.97 -36.31 11.27
N VAL E 119 73.37 -35.14 11.78
CA VAL E 119 72.52 -34.38 12.68
C VAL E 119 71.44 -33.63 11.88
N LYS E 120 71.60 -33.54 10.56
CA LYS E 120 70.47 -33.06 9.75
C LYS E 120 69.35 -34.09 9.72
N ASP E 121 69.67 -35.36 9.92
CA ASP E 121 68.63 -36.38 9.86
C ASP E 121 67.84 -36.46 11.17
N VAL E 122 68.47 -36.15 12.30
CA VAL E 122 67.72 -36.16 13.56
C VAL E 122 66.83 -34.94 13.65
N LEU E 123 67.16 -33.88 12.91
CA LEU E 123 66.26 -32.75 12.80
C LEU E 123 65.14 -33.01 11.80
N ASN E 124 65.22 -34.11 11.04
CA ASN E 124 64.19 -34.42 10.06
C ASN E 124 63.40 -35.68 10.38
N LYS E 125 63.80 -36.44 11.39
CA LYS E 125 62.99 -37.57 11.84
C LYS E 125 62.26 -37.27 13.14
N THR E 126 62.80 -36.41 13.99
CA THR E 126 62.12 -35.93 15.18
C THR E 126 61.44 -34.60 14.95
N LYS E 127 60.97 -34.36 13.74
CA LYS E 127 60.31 -33.09 13.44
C LYS E 127 58.90 -33.05 14.00
N SER E 128 58.26 -34.21 14.15
CA SER E 128 56.91 -34.27 14.67
C SER E 128 56.85 -34.07 16.18
N TYR E 129 57.95 -34.25 16.89
CA TYR E 129 57.96 -34.24 18.34
C TYR E 129 58.62 -33.01 18.93
N VAL E 130 59.30 -32.20 18.13
CA VAL E 130 59.91 -30.97 18.62
C VAL E 130 59.16 -29.80 17.98
N SER E 131 59.23 -28.64 18.63
CA SER E 131 58.52 -27.45 18.14
C SER E 131 59.09 -27.00 16.79
N ALA E 132 58.18 -26.56 15.91
CA ALA E 132 58.62 -26.09 14.61
C ALA E 132 59.33 -24.75 14.69
N ASP E 133 59.13 -24.01 15.79
CA ASP E 133 59.95 -22.83 16.03
C ASP E 133 61.30 -23.21 16.60
N TYR E 134 61.41 -24.38 17.23
CA TYR E 134 62.70 -24.86 17.72
C TYR E 134 63.38 -25.81 16.76
N ASN E 135 62.63 -26.48 15.89
CA ASN E 135 63.24 -27.21 14.80
C ASN E 135 63.88 -26.26 13.79
N ALA E 136 63.29 -25.08 13.60
CA ALA E 136 63.87 -24.10 12.69
C ALA E 136 65.06 -23.40 13.31
N ALA E 137 65.02 -23.15 14.62
CA ALA E 137 66.13 -22.48 15.29
C ALA E 137 67.35 -23.37 15.42
N LEU E 138 67.19 -24.69 15.26
CA LEU E 138 68.33 -25.58 15.21
C LEU E 138 68.71 -25.96 13.78
N ASN E 139 67.88 -25.62 12.80
CA ASN E 139 68.28 -25.79 11.41
C ASN E 139 69.08 -24.60 10.90
N GLU E 140 68.86 -23.41 11.47
CA GLU E 140 69.69 -22.26 11.13
C GLU E 140 71.07 -22.38 11.75
N VAL E 141 71.14 -22.88 12.99
CA VAL E 141 72.40 -23.11 13.67
C VAL E 141 73.13 -24.29 13.04
N LEU E 142 72.39 -25.25 12.47
CA LEU E 142 73.01 -26.31 11.69
C LEU E 142 73.72 -25.77 10.45
N SER E 143 73.05 -24.88 9.70
CA SER E 143 73.66 -24.38 8.47
C SER E 143 74.79 -23.39 8.75
N SER E 144 74.80 -22.77 9.92
CA SER E 144 75.93 -21.92 10.28
C SER E 144 77.15 -22.77 10.65
N VAL E 145 76.94 -24.00 11.10
CA VAL E 145 78.04 -24.91 11.35
C VAL E 145 78.33 -25.75 10.10
N GLU E 146 77.30 -25.98 9.26
CA GLU E 146 77.51 -26.68 8.00
C GLU E 146 78.36 -25.86 7.03
N ALA E 147 78.30 -24.53 7.13
CA ALA E 147 79.14 -23.70 6.27
C ALA E 147 80.59 -23.69 6.71
N GLU E 148 80.86 -23.76 8.02
CA GLU E 148 82.23 -23.69 8.50
C GLU E 148 83.02 -24.96 8.21
N ILE E 149 82.49 -26.13 8.57
CA ILE E 149 83.22 -27.36 8.42
C ILE E 149 83.18 -27.87 6.97
N ASN E 150 82.26 -27.33 6.17
CA ASN E 150 82.09 -27.65 4.75
C ASN E 150 81.83 -29.14 4.54
N GLY E 151 81.11 -29.74 5.48
CA GLY E 151 80.96 -31.19 5.54
C GLY E 151 79.71 -31.49 6.35
N PRO E 152 79.09 -32.65 6.15
CA PRO E 152 77.95 -33.03 6.99
C PRO E 152 78.37 -33.24 8.43
N VAL E 153 77.66 -32.58 9.35
CA VAL E 153 77.93 -32.73 10.77
C VAL E 153 77.40 -34.08 11.21
N LEU E 154 78.28 -34.94 11.68
CA LEU E 154 77.93 -36.32 11.99
C LEU E 154 77.40 -36.44 13.41
N PHE E 155 76.57 -37.46 13.62
CA PHE E 155 75.92 -37.67 14.90
C PHE E 155 76.72 -38.68 15.73
N ASP E 156 77.92 -38.25 16.12
CA ASP E 156 78.80 -39.05 16.97
C ASP E 156 79.05 -38.40 18.33
N GLY E 157 79.40 -37.12 18.35
CA GLY E 157 79.51 -36.42 19.61
C GLY E 157 80.92 -36.17 20.10
N LYS E 158 81.80 -37.18 20.01
CA LYS E 158 83.19 -36.96 20.37
C LYS E 158 83.98 -36.29 19.26
N THR E 159 83.39 -36.15 18.07
CA THR E 159 83.94 -35.30 17.03
C THR E 159 83.94 -33.84 17.51
N GLU E 160 85.05 -33.13 17.26
CA GLU E 160 85.12 -31.74 17.67
C GLU E 160 84.22 -30.86 16.80
N GLY E 161 83.93 -31.30 15.57
CA GLY E 161 82.96 -30.61 14.73
C GLY E 161 81.53 -30.71 15.23
N PHE E 162 81.22 -31.74 16.03
CA PHE E 162 79.92 -31.82 16.69
C PHE E 162 79.76 -30.72 17.72
N LYS E 163 80.76 -30.51 18.58
CA LYS E 163 80.62 -29.50 19.62
C LYS E 163 80.87 -28.09 19.07
N LYS E 164 81.25 -27.98 17.80
CA LYS E 164 81.08 -26.72 17.09
C LYS E 164 79.61 -26.38 16.93
N PHE E 165 78.77 -27.40 16.77
CA PHE E 165 77.33 -27.20 16.70
C PHE E 165 76.69 -27.28 18.09
N ALA E 166 77.17 -28.19 18.93
CA ALA E 166 76.54 -28.44 20.23
C ALA E 166 76.76 -27.30 21.22
N ALA E 167 77.82 -26.51 21.06
CA ALA E 167 77.99 -25.36 21.92
C ALA E 167 77.24 -24.15 21.38
N LYS E 168 76.87 -24.18 20.11
CA LYS E 168 76.05 -23.14 19.51
C LYS E 168 74.56 -23.42 19.70
N ALA E 169 74.15 -24.69 19.62
CA ALA E 169 72.76 -25.05 19.87
C ALA E 169 72.42 -24.95 21.34
N LYS E 170 73.41 -25.02 22.23
CA LYS E 170 73.15 -24.75 23.64
C LYS E 170 72.85 -23.29 23.87
N ALA E 171 73.41 -22.39 23.05
CA ALA E 171 73.08 -20.97 23.18
C ALA E 171 71.66 -20.68 22.71
N VAL E 172 71.14 -21.50 21.81
CA VAL E 172 69.75 -21.37 21.38
C VAL E 172 68.81 -21.79 22.51
N ALA E 173 69.18 -22.85 23.23
CA ALA E 173 68.32 -23.39 24.28
C ALA E 173 68.17 -22.42 25.44
N VAL E 174 69.23 -21.68 25.79
CA VAL E 174 69.09 -20.66 26.81
C VAL E 174 68.38 -19.44 26.23
N SER E 175 68.47 -19.23 24.92
CA SER E 175 67.72 -18.15 24.28
C SER E 175 66.24 -18.47 24.22
N ARG E 176 65.87 -19.76 24.06
CA ARG E 176 64.47 -20.14 24.11
C ARG E 176 63.90 -20.09 25.51
N GLY E 177 64.75 -20.11 26.53
CA GLY E 177 64.30 -19.98 27.91
C GLY E 177 64.54 -21.20 28.77
N LEU E 178 65.11 -22.27 28.25
CA LEU E 178 65.29 -23.46 29.05
C LEU E 178 66.76 -23.65 29.42
N PRO E 179 67.06 -23.90 30.70
CA PRO E 179 68.46 -24.05 31.08
C PRO E 179 69.02 -25.41 30.71
N ALA E 180 69.82 -25.46 29.63
CA ALA E 180 70.32 -26.74 29.15
C ALA E 180 71.51 -27.21 29.98
N ASP E 181 72.17 -26.31 30.69
CA ASP E 181 73.21 -26.69 31.63
C ASP E 181 72.66 -27.39 32.85
N THR E 182 71.37 -27.16 33.17
CA THR E 182 70.73 -27.83 34.29
C THR E 182 70.09 -29.15 33.87
N ILE E 183 69.55 -29.20 32.65
CA ILE E 183 68.89 -30.40 32.15
C ILE E 183 69.91 -31.50 31.90
N LEU E 184 71.04 -31.14 31.30
CA LEU E 184 72.09 -32.12 31.01
C LEU E 184 72.73 -32.68 32.27
N ALA E 185 72.88 -31.85 33.29
CA ALA E 185 73.47 -32.31 34.53
C ALA E 185 72.51 -33.14 35.37
N TYR E 186 71.22 -33.13 35.05
CA TYR E 186 70.30 -34.02 35.76
C TYR E 186 70.35 -35.43 35.20
N CYS E 187 70.36 -35.58 33.88
CA CYS E 187 70.37 -36.91 33.28
C CYS E 187 71.76 -37.55 33.30
N ALA E 188 72.81 -36.78 33.61
CA ALA E 188 74.13 -37.35 33.84
C ALA E 188 74.45 -37.52 35.32
N GLY E 189 74.04 -36.58 36.16
CA GLY E 189 74.28 -36.69 37.58
C GLY E 189 75.69 -36.30 37.97
N SER E 190 76.00 -36.54 39.25
CA SER E 190 77.32 -36.25 39.79
C SER E 190 77.67 -37.33 40.80
N ALA E 191 78.88 -37.21 41.36
CA ALA E 191 79.38 -38.22 42.28
C ALA E 191 78.66 -38.15 43.63
N ASN E 192 78.79 -37.02 44.32
CA ASN E 192 78.15 -36.86 45.61
C ASN E 192 76.65 -36.62 45.45
N GLU E 193 75.88 -37.08 46.44
CA GLU E 193 74.45 -36.90 46.39
C GLU E 193 74.01 -35.54 46.91
N ASP E 194 74.91 -34.78 47.55
CA ASP E 194 74.55 -33.44 47.98
C ASP E 194 74.57 -32.44 46.83
N ALA E 195 75.52 -32.57 45.91
CA ALA E 195 75.54 -31.70 44.74
C ALA E 195 74.67 -32.23 43.61
N ALA E 196 74.26 -33.49 43.67
CA ALA E 196 73.23 -33.98 42.77
C ALA E 196 71.85 -33.55 43.23
N ASP E 197 71.69 -33.24 44.51
CA ASP E 197 70.40 -32.80 45.01
C ASP E 197 70.10 -31.35 44.64
N LYS E 198 71.13 -30.51 44.55
CA LYS E 198 70.85 -29.12 44.22
C LYS E 198 70.73 -28.93 42.72
N VAL E 199 71.18 -29.88 41.92
CA VAL E 199 70.92 -29.81 40.49
C VAL E 199 69.61 -30.51 40.17
N SER E 200 69.14 -31.38 41.07
CA SER E 200 67.80 -31.92 40.93
C SER E 200 66.75 -30.87 41.23
N LYS E 201 66.96 -30.07 42.27
CA LYS E 201 66.00 -29.03 42.64
C LYS E 201 65.98 -27.88 41.66
N GLU E 202 67.03 -27.71 40.87
CA GLU E 202 67.00 -26.73 39.79
C GLU E 202 66.48 -27.31 38.49
N PHE E 203 66.44 -28.65 38.36
CA PHE E 203 65.83 -29.25 37.19
C PHE E 203 64.31 -29.29 37.32
N PHE E 204 63.81 -29.76 38.46
CA PHE E 204 62.37 -29.83 38.68
C PHE E 204 61.73 -28.46 38.79
N THR E 205 62.51 -27.42 39.09
CA THR E 205 62.02 -26.06 38.96
C THR E 205 61.74 -25.73 37.49
N TRP E 206 62.59 -26.20 36.58
CA TRP E 206 62.28 -26.03 35.17
C TRP E 206 61.14 -26.96 34.75
N PHE E 207 61.17 -28.21 35.24
CA PHE E 207 60.21 -29.21 34.78
C PHE E 207 58.79 -28.87 35.20
N GLU E 208 58.62 -28.41 36.43
CA GLU E 208 57.30 -27.95 36.88
C GLU E 208 56.91 -26.67 36.15
N SER E 209 57.87 -25.85 35.77
CA SER E 209 57.57 -24.70 34.94
C SER E 209 57.43 -25.08 33.47
N ALA E 210 57.71 -26.33 33.11
CA ALA E 210 57.56 -26.75 31.73
C ALA E 210 56.20 -27.36 31.46
N TYR E 211 55.73 -28.25 32.33
CA TYR E 211 54.42 -28.84 32.07
C TYR E 211 53.28 -27.92 32.47
N THR E 212 53.47 -27.04 33.45
CA THR E 212 52.45 -26.05 33.76
C THR E 212 52.35 -25.01 32.66
N ALA E 213 53.46 -24.68 32.00
CA ALA E 213 53.38 -23.82 30.84
C ALA E 213 52.82 -24.54 29.62
N ASP E 214 52.78 -25.87 29.68
CA ASP E 214 52.24 -26.68 28.61
C ASP E 214 50.80 -27.10 28.86
N ALA E 215 50.43 -27.28 30.13
CA ALA E 215 49.03 -27.52 30.45
C ALA E 215 48.22 -26.24 30.31
N ALA E 216 48.80 -25.10 30.64
CA ALA E 216 48.07 -23.84 30.52
C ALA E 216 47.86 -23.45 29.07
N ALA E 217 48.80 -23.78 28.20
CA ALA E 217 48.59 -23.54 26.78
C ALA E 217 47.56 -24.51 26.21
N GLU E 218 47.39 -25.67 26.84
CA GLU E 218 46.31 -26.58 26.47
C GLU E 218 44.98 -26.12 27.03
N VAL E 219 45.01 -25.40 28.15
CA VAL E 219 43.79 -24.85 28.72
C VAL E 219 43.39 -23.57 27.99
N LYS E 220 44.35 -22.71 27.69
CA LYS E 220 44.09 -21.47 26.95
C LYS E 220 43.64 -21.73 25.52
N ALA E 221 43.83 -22.93 25.00
CA ALA E 221 43.28 -23.25 23.69
C ALA E 221 41.87 -23.80 23.79
N ILE E 222 41.53 -24.45 24.89
CA ILE E 222 40.16 -24.90 25.11
C ILE E 222 39.27 -23.72 25.50
N GLU E 223 39.84 -22.77 26.26
CA GLU E 223 39.13 -21.53 26.57
C GLU E 223 38.85 -20.74 25.30
N ALA E 224 39.81 -20.72 24.37
CA ALA E 224 39.61 -19.97 23.14
C ALA E 224 38.75 -20.72 22.14
N GLU E 225 38.69 -22.05 22.24
CA GLU E 225 37.81 -22.82 21.37
C GLU E 225 36.37 -22.70 21.81
N ALA E 226 36.12 -22.78 23.13
CA ALA E 226 34.77 -22.65 23.65
C ALA E 226 34.26 -21.23 23.53
N ALA E 227 35.15 -20.24 23.53
CA ALA E 227 34.70 -18.87 23.35
C ALA E 227 34.34 -18.58 21.91
N SER E 228 34.99 -19.23 20.95
CA SER E 228 34.62 -19.02 19.56
C SER E 228 33.48 -19.94 19.13
N ILE E 229 33.26 -21.03 19.87
CA ILE E 229 32.07 -21.85 19.65
C ILE E 229 30.84 -21.15 20.19
N LEU E 230 30.96 -20.49 21.34
CA LEU E 230 29.81 -19.83 21.95
C LEU E 230 29.40 -18.59 21.18
N ASP E 231 30.38 -17.78 20.77
CA ASP E 231 30.06 -16.54 20.06
C ASP E 231 29.54 -16.81 18.66
N ARG E 232 29.85 -17.96 18.09
CA ARG E 232 29.18 -18.38 16.87
C ARG E 232 27.76 -18.87 17.15
N HIS E 233 27.53 -19.36 18.37
CA HIS E 233 26.24 -19.91 18.74
C HIS E 233 25.31 -18.83 19.27
N LEU E 234 25.86 -17.78 19.88
CA LEU E 234 25.05 -16.67 20.35
C LEU E 234 24.61 -15.74 19.23
N ALA E 235 25.10 -15.94 18.01
CA ALA E 235 24.68 -15.13 16.88
C ALA E 235 23.50 -15.71 16.13
N LYS E 236 23.06 -16.90 16.49
CA LYS E 236 21.92 -17.51 15.83
C LYS E 236 20.63 -17.16 16.54
N PRO E 237 19.50 -17.24 15.86
CA PRO E 237 18.22 -17.31 16.57
C PRO E 237 18.05 -18.66 17.23
N VAL E 238 17.12 -18.71 18.19
CA VAL E 238 16.96 -19.88 19.03
C VAL E 238 16.35 -21.03 18.25
N ALA E 239 15.48 -20.73 17.30
CA ALA E 239 14.84 -21.78 16.51
C ALA E 239 15.83 -22.45 15.58
N GLN E 240 16.88 -21.74 15.17
CA GLN E 240 17.96 -22.37 14.42
C GLN E 240 18.77 -23.28 15.33
N ILE E 241 19.00 -22.85 16.57
CA ILE E 241 19.80 -23.62 17.51
C ILE E 241 19.09 -24.90 17.92
N ARG E 242 17.79 -24.80 18.22
CA ARG E 242 17.04 -25.96 18.71
C ARG E 242 16.89 -27.03 17.64
N LYS E 243 16.85 -26.64 16.37
CA LYS E 243 16.76 -27.64 15.31
C LYS E 243 18.11 -28.07 14.76
N GLU E 244 19.17 -27.33 15.05
CA GLU E 244 20.51 -27.79 14.68
C GLU E 244 21.03 -28.80 15.67
N GLN E 245 20.69 -28.64 16.95
CA GLN E 245 21.14 -29.58 17.96
C GLN E 245 20.23 -30.79 18.08
N ALA E 246 18.96 -30.67 17.68
CA ALA E 246 18.12 -31.86 17.62
C ALA E 246 18.44 -32.69 16.39
N SER E 247 18.98 -32.07 15.34
CA SER E 247 19.41 -32.84 14.18
C SER E 247 20.71 -33.57 14.45
N ALA E 248 21.64 -32.92 15.16
CA ALA E 248 22.91 -33.57 15.47
C ALA E 248 22.76 -34.63 16.54
N TYR E 249 21.77 -34.49 17.42
CA TYR E 249 21.48 -35.54 18.38
C TYR E 249 20.82 -36.73 17.70
N ALA E 250 20.02 -36.47 16.67
CA ALA E 250 19.32 -37.56 15.99
C ALA E 250 20.24 -38.27 15.01
N SER E 251 21.15 -37.54 14.37
CA SER E 251 22.13 -38.15 13.49
C SER E 251 23.12 -39.02 14.25
N LEU E 252 23.33 -38.71 15.53
CA LEU E 252 24.27 -39.47 16.34
C LEU E 252 23.60 -40.60 17.12
N LEU E 253 22.28 -40.57 17.29
CA LEU E 253 21.59 -41.74 17.82
C LEU E 253 21.40 -42.80 16.75
N LYS E 254 21.11 -42.39 15.52
CA LYS E 254 21.00 -43.36 14.45
C LYS E 254 22.36 -43.87 14.01
N ARG E 255 23.44 -43.19 14.38
CA ARG E 255 24.76 -43.76 14.21
C ARG E 255 25.02 -44.87 15.22
N ALA E 256 24.40 -44.79 16.39
CA ALA E 256 24.59 -45.78 17.44
C ALA E 256 23.55 -46.88 17.43
N GLU E 257 22.42 -46.67 16.76
CA GLU E 257 21.37 -47.67 16.75
C GLU E 257 21.39 -48.55 15.52
N THR E 258 22.02 -48.11 14.42
CA THR E 258 22.20 -49.01 13.29
C THR E 258 23.24 -50.08 13.59
N ALA E 259 24.33 -49.70 14.24
CA ALA E 259 25.30 -50.66 14.75
C ALA E 259 24.75 -51.23 16.05
N LYS E 260 24.35 -52.50 16.02
CA LYS E 260 23.94 -53.20 17.23
C LYS E 260 24.73 -54.49 17.36
N GLY E 261 24.87 -54.95 18.59
CA GLY E 261 25.73 -56.06 18.92
C GLY E 261 27.15 -55.66 19.22
N ALA E 262 27.58 -54.50 18.74
CA ALA E 262 28.88 -53.96 19.11
C ALA E 262 28.84 -53.54 20.57
N LYS E 263 29.98 -53.70 21.24
CA LYS E 263 30.07 -53.32 22.64
C LYS E 263 30.06 -51.81 22.80
N TRP E 264 30.54 -51.08 21.80
CA TRP E 264 30.61 -49.63 21.94
C TRP E 264 29.25 -48.98 21.78
N ALA E 265 28.40 -49.53 20.92
CA ALA E 265 27.12 -48.90 20.66
C ALA E 265 26.08 -49.33 21.67
N GLU E 266 26.22 -50.53 22.23
CA GLU E 266 25.35 -50.93 23.33
C GLU E 266 25.66 -50.13 24.58
N LYS E 267 26.93 -49.83 24.84
CA LYS E 267 27.31 -49.02 25.97
C LYS E 267 27.12 -47.53 25.72
N TYR E 268 27.05 -47.12 24.46
CA TYR E 268 26.67 -45.75 24.13
C TYR E 268 25.24 -45.47 24.54
N LEU E 269 24.31 -46.30 24.08
CA LEU E 269 22.90 -46.12 24.38
C LEU E 269 22.56 -46.42 25.83
N GLU E 270 23.37 -47.23 26.52
CA GLU E 270 23.17 -47.38 27.95
C GLU E 270 23.52 -46.11 28.70
N ASP E 271 24.40 -45.28 28.13
CA ASP E 271 24.72 -44.00 28.72
C ASP E 271 23.72 -42.93 28.36
N VAL E 272 23.00 -43.10 27.24
CA VAL E 272 21.88 -42.22 26.94
C VAL E 272 20.77 -42.43 27.96
N LYS E 273 20.56 -43.68 28.37
CA LYS E 273 19.60 -43.97 29.44
C LYS E 273 20.08 -43.47 30.79
N ALA E 274 21.39 -43.39 31.00
CA ALA E 274 21.93 -42.94 32.28
C ALA E 274 21.98 -41.43 32.39
N VAL E 275 21.98 -40.70 31.28
CA VAL E 275 21.75 -39.27 31.34
C VAL E 275 20.30 -38.97 31.68
N GLN E 276 19.38 -39.73 31.10
CA GLN E 276 17.96 -39.56 31.39
C GLN E 276 17.62 -39.97 32.81
N TRP E 277 18.40 -40.86 33.41
CA TRP E 277 18.23 -41.13 34.83
C TRP E 277 18.70 -39.95 35.67
N PHE E 278 19.77 -39.29 35.24
CA PHE E 278 20.29 -38.14 35.99
C PHE E 278 19.32 -36.97 35.94
N ASP E 279 18.68 -36.75 34.79
CA ASP E 279 17.69 -35.70 34.71
C ASP E 279 16.40 -36.05 35.45
N ALA E 280 16.10 -37.34 35.61
CA ALA E 280 14.92 -37.74 36.35
C ALA E 280 15.16 -37.73 37.85
N SER E 281 16.39 -37.96 38.30
CA SER E 281 16.66 -37.95 39.73
C SER E 281 16.86 -36.54 40.26
N VAL E 282 17.12 -35.58 39.39
CA VAL E 282 17.19 -34.19 39.82
C VAL E 282 15.79 -33.60 39.93
N ALA E 283 14.89 -34.02 39.03
CA ALA E 283 13.52 -33.52 39.07
C ALA E 283 12.74 -34.03 40.28
N GLU E 284 13.20 -35.09 40.93
CA GLU E 284 12.56 -35.52 42.17
C GLU E 284 12.94 -34.64 43.35
N ALA E 285 14.21 -34.24 43.44
CA ALA E 285 14.67 -33.41 44.55
C ALA E 285 15.84 -32.58 44.07
N PRO E 286 15.57 -31.37 43.59
CA PRO E 286 16.65 -30.56 43.00
C PRO E 286 17.54 -29.89 44.02
N ALA E 287 17.12 -29.81 45.28
CA ALA E 287 17.97 -29.24 46.31
C ALA E 287 19.05 -30.21 46.78
N SER E 288 18.86 -31.51 46.54
CA SER E 288 19.80 -32.53 46.98
C SER E 288 20.60 -33.14 45.86
N GLY E 289 20.13 -33.03 44.62
CA GLY E 289 20.85 -33.56 43.49
C GLY E 289 20.37 -34.95 43.14
N PRO E 290 21.22 -35.71 42.47
CA PRO E 290 20.85 -37.08 42.11
C PRO E 290 20.87 -37.99 43.34
N LYS E 291 20.00 -38.99 43.31
CA LYS E 291 19.89 -39.92 44.43
C LYS E 291 21.00 -40.94 44.34
N VAL E 292 21.92 -40.91 45.29
CA VAL E 292 23.01 -41.87 45.38
C VAL E 292 22.72 -42.79 46.57
N ALA E 293 22.66 -44.09 46.29
CA ALA E 293 22.40 -45.06 47.34
C ALA E 293 23.63 -45.26 48.21
N ALA E 294 23.46 -45.14 49.52
CA ALA E 294 24.55 -45.37 50.46
C ALA E 294 24.00 -45.94 51.76
N MET F 1 -69.65 41.74 -74.79
CA MET F 1 -69.35 41.05 -73.55
C MET F 1 -69.13 42.02 -72.41
N LYS F 2 -68.60 41.49 -71.31
CA LYS F 2 -68.14 42.31 -70.20
C LYS F 2 -66.66 42.62 -70.42
N LEU F 3 -66.36 43.65 -71.18
CA LEU F 3 -64.97 43.97 -71.47
C LEU F 3 -64.50 45.23 -70.77
N LEU F 4 -65.17 46.34 -71.00
CA LEU F 4 -64.71 47.49 -70.24
C LEU F 4 -65.62 47.76 -69.06
N PRO F 5 -65.06 48.06 -67.90
CA PRO F 5 -65.88 48.35 -66.72
C PRO F 5 -66.46 49.76 -66.81
N GLU F 6 -67.29 50.08 -65.82
CA GLU F 6 -67.93 51.40 -65.79
C GLU F 6 -66.93 52.49 -65.47
N SER F 7 -65.93 52.19 -64.66
CA SER F 7 -64.83 53.10 -64.38
C SER F 7 -63.55 52.31 -64.33
N LEU F 8 -62.57 52.70 -65.12
CA LEU F 8 -61.28 52.02 -65.10
C LEU F 8 -60.48 52.41 -63.88
N GLN F 9 -60.62 53.65 -63.41
CA GLN F 9 -59.88 54.09 -62.24
C GLN F 9 -60.42 53.46 -60.97
N GLN F 10 -61.71 53.15 -60.93
CA GLN F 10 -62.27 52.48 -59.76
C GLN F 10 -61.73 51.07 -59.63
N GLU F 11 -61.52 50.39 -60.75
CA GLU F 11 -61.04 49.01 -60.70
C GLU F 11 -59.54 48.93 -60.54
N ALA F 12 -58.80 49.92 -61.04
CA ALA F 12 -57.36 49.93 -60.81
C ALA F 12 -57.04 50.35 -59.39
N ALA F 13 -57.90 51.17 -58.77
CA ALA F 13 -57.72 51.51 -57.37
C ALA F 13 -58.16 50.39 -56.45
N THR F 14 -59.06 49.52 -56.89
CA THR F 14 -59.37 48.33 -56.12
C THR F 14 -58.19 47.36 -56.15
N ALA F 15 -57.52 47.24 -57.28
CA ALA F 15 -56.32 46.40 -57.36
C ALA F 15 -55.17 47.00 -56.58
N ALA F 16 -55.18 48.31 -56.35
CA ALA F 16 -54.15 48.91 -55.52
C ALA F 16 -54.49 48.84 -54.06
N VAL F 17 -55.78 48.86 -53.71
CA VAL F 17 -56.16 48.74 -52.31
C VAL F 17 -55.99 47.32 -51.83
N VAL F 18 -56.35 46.34 -52.66
CA VAL F 18 -56.20 44.94 -52.28
C VAL F 18 -54.73 44.55 -52.22
N ALA F 19 -53.91 45.03 -53.15
CA ALA F 19 -52.52 44.62 -53.15
C ALA F 19 -51.69 45.42 -52.16
N SER F 20 -52.15 46.58 -51.72
CA SER F 20 -51.43 47.26 -50.66
C SER F 20 -51.82 46.73 -49.30
N TRP F 21 -53.03 46.19 -49.17
CA TRP F 21 -53.40 45.53 -47.93
C TRP F 21 -52.65 44.22 -47.76
N VAL F 22 -52.49 43.47 -48.85
CA VAL F 22 -51.71 42.24 -48.78
C VAL F 22 -50.24 42.57 -48.57
N LEU F 23 -49.77 43.72 -49.06
CA LEU F 23 -48.42 44.15 -48.75
C LEU F 23 -48.28 44.55 -47.29
N TRP F 24 -49.27 45.24 -46.75
CA TRP F 24 -49.24 45.60 -45.35
C TRP F 24 -49.34 44.38 -44.46
N HIS F 25 -50.29 43.48 -44.75
CA HIS F 25 -50.53 42.33 -43.90
C HIS F 25 -49.36 41.36 -43.92
N LEU F 26 -48.62 41.33 -45.01
CA LEU F 26 -47.43 40.49 -45.07
C LEU F 26 -46.33 41.08 -44.20
N ASP F 27 -45.99 42.35 -44.42
CA ASP F 27 -44.87 42.98 -43.72
C ASP F 27 -45.14 43.20 -42.25
N THR F 28 -46.38 43.35 -41.85
CA THR F 28 -46.71 43.67 -40.48
C THR F 28 -47.20 42.49 -39.68
N GLN F 29 -48.11 41.69 -40.22
CA GLN F 29 -48.72 40.61 -39.46
C GLN F 29 -48.20 39.23 -39.80
N LEU F 30 -47.70 39.00 -41.01
CA LEU F 30 -47.29 37.66 -41.39
C LEU F 30 -45.78 37.46 -41.27
N LEU F 31 -45.00 38.31 -41.93
CA LEU F 31 -43.55 38.14 -41.91
C LEU F 31 -42.87 38.32 -40.55
N PRO F 32 -43.36 39.14 -39.60
CA PRO F 32 -42.84 39.03 -38.23
C PRO F 32 -43.14 37.70 -37.56
N THR F 33 -44.14 36.96 -38.02
CA THR F 33 -44.44 35.64 -37.50
C THR F 33 -43.72 34.54 -38.28
N ILE F 34 -43.53 34.75 -39.58
CA ILE F 34 -42.69 33.85 -40.39
C ILE F 34 -41.29 33.81 -39.82
N MET F 35 -40.73 34.98 -39.55
CA MET F 35 -39.32 35.09 -39.19
C MET F 35 -39.06 34.91 -37.70
N ARG F 36 -40.08 34.90 -36.87
CA ARG F 36 -39.86 34.64 -35.45
C ARG F 36 -39.63 33.16 -35.21
N GLU F 37 -40.23 32.32 -36.04
CA GLU F 37 -40.02 30.90 -35.89
C GLU F 37 -39.08 30.33 -36.94
N HIS F 38 -38.82 31.06 -38.02
CA HIS F 38 -37.76 30.64 -38.92
C HIS F 38 -36.41 30.91 -38.30
N LYS F 39 -36.23 32.09 -37.73
CA LYS F 39 -34.95 32.47 -37.16
C LYS F 39 -34.76 32.04 -35.73
N LEU F 40 -35.77 31.52 -35.05
CA LEU F 40 -35.49 30.75 -33.85
C LEU F 40 -34.83 29.44 -34.23
N HIS F 41 -35.29 28.82 -35.30
CA HIS F 41 -34.70 27.58 -35.78
C HIS F 41 -33.37 27.82 -36.49
N ALA F 42 -33.26 28.94 -37.21
CA ALA F 42 -32.06 29.16 -38.01
C ALA F 42 -30.89 29.65 -37.18
N CYS F 43 -31.15 30.45 -36.14
CA CYS F 43 -30.08 30.88 -35.27
C CYS F 43 -29.59 29.75 -34.40
N TRP F 44 -30.48 28.83 -34.02
CA TRP F 44 -30.03 27.70 -33.22
C TRP F 44 -29.26 26.71 -34.07
N ALA F 45 -29.64 26.55 -35.33
CA ALA F 45 -28.94 25.59 -36.18
C ALA F 45 -27.58 26.10 -36.62
N ALA F 46 -27.42 27.42 -36.72
CA ALA F 46 -26.15 27.99 -37.13
C ALA F 46 -25.18 28.17 -35.97
N ALA F 47 -25.68 28.37 -34.76
CA ALA F 47 -24.82 28.58 -33.62
C ALA F 47 -24.42 27.29 -32.92
N ALA F 48 -25.10 26.18 -33.21
CA ALA F 48 -25.02 24.97 -32.40
C ALA F 48 -23.63 24.37 -32.30
N LYS F 49 -22.76 24.66 -33.26
CA LYS F 49 -21.37 24.26 -33.12
C LYS F 49 -20.59 25.26 -32.27
N ARG F 50 -20.83 26.55 -32.48
CA ARG F 50 -20.11 27.57 -31.74
C ARG F 50 -20.75 27.88 -30.38
N TYR F 51 -22.05 27.60 -30.23
CA TYR F 51 -22.68 27.76 -28.92
C TYR F 51 -22.22 26.68 -27.97
N ASN F 52 -22.19 25.44 -28.44
CA ASN F 52 -21.82 24.32 -27.60
C ASN F 52 -20.33 24.29 -27.30
N GLU F 53 -19.49 24.77 -28.22
CA GLU F 53 -18.07 24.84 -27.93
C GLU F 53 -17.77 25.94 -26.93
N LYS F 54 -18.48 27.06 -27.03
CA LYS F 54 -18.30 28.14 -26.06
C LYS F 54 -18.81 27.74 -24.69
N LEU F 55 -19.87 26.95 -24.63
CA LEU F 55 -20.43 26.51 -23.37
C LEU F 55 -19.62 25.37 -22.76
N PHE F 56 -18.99 24.56 -23.60
CA PHE F 56 -18.10 23.50 -23.11
C PHE F 56 -16.88 24.10 -22.41
N LYS F 57 -16.38 25.21 -22.92
CA LYS F 57 -15.23 25.87 -22.30
C LYS F 57 -15.61 26.65 -21.05
N LEU F 58 -16.88 26.95 -20.85
CA LEU F 58 -17.27 27.81 -19.74
C LEU F 58 -17.66 27.03 -18.49
N ASN F 59 -18.22 25.82 -18.65
CA ASN F 59 -18.55 25.26 -17.34
C ASN F 59 -17.38 24.47 -16.79
N PRO F 60 -17.12 24.60 -15.49
CA PRO F 60 -15.98 23.91 -14.88
C PRO F 60 -16.34 22.52 -14.37
N SER F 61 -17.46 21.98 -14.83
CA SER F 61 -18.02 20.76 -14.27
C SER F 61 -17.27 19.50 -14.66
N TYR F 62 -16.31 19.57 -15.57
CA TYR F 62 -15.68 18.35 -16.04
C TYR F 62 -14.45 17.95 -15.25
N ASP F 63 -13.59 18.92 -14.93
CA ASP F 63 -12.36 18.66 -14.19
C ASP F 63 -12.48 19.04 -12.73
N ARG F 64 -13.62 18.74 -12.10
CA ARG F 64 -13.76 18.89 -10.66
C ARG F 64 -12.82 17.98 -9.89
N VAL F 65 -12.41 16.85 -10.47
CA VAL F 65 -11.52 15.93 -9.76
C VAL F 65 -10.11 16.48 -9.68
N LEU F 66 -9.77 17.49 -10.48
CA LEU F 66 -8.48 18.13 -10.35
C LEU F 66 -8.47 19.21 -9.29
N SER F 67 -9.63 19.57 -8.73
CA SER F 67 -9.69 20.49 -7.61
C SER F 67 -9.71 19.77 -6.27
N LEU F 68 -9.95 18.47 -6.27
CA LEU F 68 -9.83 17.66 -5.08
C LEU F 68 -8.36 17.46 -4.74
N PRO F 69 -8.04 17.12 -3.49
CA PRO F 69 -6.64 16.79 -3.17
C PRO F 69 -6.21 15.49 -3.82
N ALA F 70 -5.03 15.52 -4.43
CA ALA F 70 -4.58 14.41 -5.26
C ALA F 70 -4.09 13.23 -4.43
N VAL F 71 -3.65 13.50 -3.20
CA VAL F 71 -3.25 12.42 -2.31
C VAL F 71 -4.49 11.67 -1.86
N SER F 72 -4.51 10.36 -2.12
CA SER F 72 -5.68 9.54 -1.87
C SER F 72 -5.90 9.37 -0.37
N LYS F 73 -7.08 8.87 -0.01
CA LYS F 73 -7.32 8.50 1.38
C LYS F 73 -6.54 7.24 1.73
N ASN F 74 -6.23 6.42 0.73
CA ASN F 74 -5.28 5.32 0.92
C ASN F 74 -3.91 5.84 1.30
N GLN F 75 -3.37 6.80 0.55
CA GLN F 75 -2.03 7.27 0.78
C GLN F 75 -1.88 8.06 2.07
N VAL F 76 -2.97 8.53 2.65
CA VAL F 76 -2.90 9.11 3.98
C VAL F 76 -2.79 8.00 5.02
N LEU F 77 -3.56 6.93 4.86
CA LEU F 77 -3.54 5.84 5.83
C LEU F 77 -2.23 5.05 5.78
N GLU F 78 -1.59 4.98 4.62
CA GLU F 78 -0.32 4.28 4.54
C GLU F 78 0.88 5.18 4.81
N ASN F 79 0.66 6.47 5.04
CA ASN F 79 1.70 7.37 5.47
C ASN F 79 1.56 7.78 6.92
N VAL F 80 0.33 7.81 7.44
CA VAL F 80 0.13 8.10 8.86
C VAL F 80 0.37 6.84 9.67
N PHE F 81 -0.22 5.72 9.26
CA PHE F 81 0.02 4.44 9.90
C PHE F 81 1.04 3.65 9.09
N HIS F 82 2.28 4.12 9.13
CA HIS F 82 3.31 3.57 8.26
C HIS F 82 3.91 2.29 8.82
N THR F 83 4.02 2.18 10.14
CA THR F 83 4.57 1.02 10.80
C THR F 83 3.51 0.47 11.75
N ALA F 84 3.42 -0.84 11.86
CA ALA F 84 2.56 -1.42 12.88
C ALA F 84 3.20 -1.18 14.23
N PRO F 85 2.50 -0.57 15.18
CA PRO F 85 3.15 -0.18 16.43
C PRO F 85 3.38 -1.38 17.34
N LYS F 86 4.30 -1.20 18.28
CA LYS F 86 4.64 -2.25 19.22
C LYS F 86 3.63 -2.25 20.36
N ALA F 87 3.10 -3.42 20.66
CA ALA F 87 2.16 -3.55 21.77
C ALA F 87 2.91 -3.39 23.09
N PRO F 88 2.23 -2.90 24.14
CA PRO F 88 2.90 -2.82 25.44
C PRO F 88 3.12 -4.18 26.08
N VAL F 89 2.28 -5.17 25.76
CA VAL F 89 2.44 -6.52 26.30
C VAL F 89 3.48 -7.30 25.51
N GLU F 90 3.95 -6.77 24.38
CA GLU F 90 4.97 -7.46 23.58
C GLU F 90 6.31 -7.50 24.30
N HIS F 91 6.56 -6.58 25.22
CA HIS F 91 7.77 -6.63 26.03
C HIS F 91 7.61 -7.59 27.20
N LEU F 92 6.40 -7.71 27.76
CA LEU F 92 6.22 -8.62 28.89
C LEU F 92 6.34 -10.06 28.43
N GLU F 93 5.48 -10.49 27.50
CA GLU F 93 5.40 -11.90 27.15
C GLU F 93 6.59 -12.39 26.34
N LYS F 94 7.49 -11.50 25.91
CA LYS F 94 8.73 -11.94 25.31
C LYS F 94 9.86 -12.05 26.33
N MET F 95 9.94 -11.12 27.27
CA MET F 95 10.95 -11.23 28.32
C MET F 95 10.55 -12.20 29.43
N VAL F 96 9.26 -12.47 29.61
CA VAL F 96 8.87 -13.45 30.61
C VAL F 96 9.20 -14.86 30.14
N SER F 97 8.90 -15.17 28.87
CA SER F 97 9.20 -16.48 28.34
C SER F 97 10.69 -16.69 28.11
N ALA F 98 11.48 -15.62 28.11
CA ALA F 98 12.93 -15.74 28.07
C ALA F 98 13.54 -15.76 29.47
N ASN F 99 12.88 -15.16 30.45
CA ASN F 99 13.32 -15.29 31.83
C ASN F 99 12.84 -16.59 32.46
N SER F 100 11.89 -17.28 31.82
CA SER F 100 11.51 -18.60 32.31
C SER F 100 12.60 -19.61 32.03
N LYS F 101 13.46 -19.34 31.05
CA LYS F 101 14.66 -20.13 30.86
C LYS F 101 15.76 -19.73 31.84
N VAL F 102 15.73 -18.52 32.38
CA VAL F 102 16.64 -18.16 33.45
C VAL F 102 16.17 -18.74 34.77
N TYR F 103 14.85 -18.89 34.95
CA TYR F 103 14.38 -19.58 36.14
C TYR F 103 14.71 -21.06 36.06
N ASP F 104 14.46 -21.67 34.90
CA ASP F 104 14.59 -23.11 34.76
C ASP F 104 16.02 -23.58 34.97
N ALA F 105 16.99 -22.78 34.55
CA ALA F 105 18.35 -23.26 34.60
C ALA F 105 19.09 -22.84 35.86
N LEU F 106 18.59 -21.87 36.62
CA LEU F 106 19.46 -21.13 37.53
C LEU F 106 18.79 -20.80 38.86
N ASN F 107 18.01 -21.70 39.44
CA ASN F 107 17.28 -21.29 40.64
C ASN F 107 17.57 -22.08 41.90
N LEU F 108 17.95 -23.36 41.78
CA LEU F 108 18.11 -24.42 42.77
C LEU F 108 16.78 -25.00 43.25
N GLN F 109 15.64 -24.46 42.83
CA GLN F 109 14.36 -25.12 43.04
C GLN F 109 13.71 -25.57 41.75
N SER F 110 14.38 -25.35 40.62
CA SER F 110 13.81 -25.69 39.33
C SER F 110 13.85 -27.19 39.11
N LYS F 111 12.99 -27.67 38.22
CA LYS F 111 12.96 -29.11 37.98
C LYS F 111 14.13 -29.54 37.10
N ARG F 112 14.58 -28.69 36.19
CA ARG F 112 15.78 -28.98 35.42
C ARG F 112 16.82 -27.90 35.69
N VAL F 113 17.45 -27.97 36.85
CA VAL F 113 18.41 -26.96 37.25
C VAL F 113 19.79 -27.40 36.77
N LEU F 114 20.64 -26.44 36.42
CA LEU F 114 21.94 -26.76 35.87
C LEU F 114 23.03 -26.89 36.92
N ILE F 115 22.71 -26.76 38.21
CA ILE F 115 23.78 -26.79 39.21
C ILE F 115 24.31 -28.19 39.44
N TRP F 116 23.62 -29.23 38.97
CA TRP F 116 24.14 -30.58 39.05
C TRP F 116 24.75 -31.05 37.75
N GLN F 117 24.65 -30.26 36.69
CA GLN F 117 25.37 -30.52 35.46
C GLN F 117 26.66 -29.74 35.37
N VAL F 118 26.70 -28.57 35.97
CA VAL F 118 27.78 -27.63 35.77
C VAL F 118 28.86 -27.77 36.83
N LYS F 119 28.48 -27.88 38.10
CA LYS F 119 29.40 -28.25 39.16
C LYS F 119 28.86 -29.53 39.77
N PRO F 120 29.43 -30.71 39.42
CA PRO F 120 28.67 -31.98 39.46
C PRO F 120 28.12 -32.43 40.80
N ALA F 121 29.00 -32.78 41.74
CA ALA F 121 28.70 -33.32 43.06
C ALA F 121 30.02 -33.62 43.74
N LEU F 122 29.94 -34.00 45.00
CA LEU F 122 30.99 -34.74 45.69
C LEU F 122 30.29 -35.71 46.63
N PHE F 123 30.26 -36.98 46.28
CA PHE F 123 29.62 -37.96 47.13
C PHE F 123 30.63 -38.86 47.82
N GLU G 28 -43.85 36.16 -11.33
CA GLU G 28 -43.51 34.76 -11.57
C GLU G 28 -42.01 34.60 -11.83
N GLY G 29 -41.30 34.12 -10.82
CA GLY G 29 -39.90 33.78 -11.01
C GLY G 29 -39.77 32.44 -11.71
N ASN G 30 -38.54 32.12 -12.10
CA ASN G 30 -38.34 30.94 -12.93
C ASN G 30 -38.38 29.68 -12.08
N SER G 31 -38.71 28.57 -12.75
CA SER G 31 -38.98 27.33 -12.05
C SER G 31 -37.72 26.61 -11.60
N VAL G 32 -36.56 26.97 -12.13
CA VAL G 32 -35.33 26.33 -11.67
C VAL G 32 -34.92 26.88 -10.31
N ALA G 33 -35.14 28.17 -10.07
CA ALA G 33 -34.91 28.70 -8.74
C ALA G 33 -35.97 28.24 -7.76
N GLY G 34 -37.12 27.78 -8.25
CA GLY G 34 -38.07 27.11 -7.39
C GLY G 34 -37.73 25.67 -7.14
N ILE G 35 -37.10 25.01 -8.11
CA ILE G 35 -36.59 23.66 -7.90
C ILE G 35 -35.43 23.69 -6.92
N ILE G 36 -34.53 24.67 -7.10
CA ILE G 36 -33.34 24.79 -6.25
C ILE G 36 -33.75 25.13 -4.82
N LYS G 37 -34.70 26.03 -4.65
CA LYS G 37 -35.10 26.45 -3.30
C LYS G 37 -35.80 25.33 -2.55
N SER G 38 -36.84 24.74 -3.15
CA SER G 38 -37.61 23.72 -2.44
C SER G 38 -36.89 22.39 -2.32
N VAL G 39 -35.75 22.20 -2.97
CA VAL G 39 -34.91 21.06 -2.66
C VAL G 39 -34.01 21.38 -1.47
N ASN G 40 -33.48 22.61 -1.41
CA ASN G 40 -32.63 23.01 -0.30
C ASN G 40 -33.39 23.07 1.02
N GLU G 41 -34.65 23.48 1.01
CA GLU G 41 -35.41 23.50 2.27
C GLU G 41 -36.20 22.21 2.47
N THR G 42 -35.51 21.09 2.34
CA THR G 42 -36.11 19.77 2.50
C THR G 42 -35.13 18.88 3.26
N SER G 43 -35.63 18.21 4.29
CA SER G 43 -34.77 17.33 5.06
C SER G 43 -34.46 16.05 4.29
N GLY G 44 -33.41 15.36 4.72
CA GLY G 44 -32.99 14.15 4.03
C GLY G 44 -33.95 12.99 4.17
N ALA G 45 -34.83 13.02 5.17
CA ALA G 45 -35.78 11.92 5.34
C ALA G 45 -36.94 12.03 4.37
N ASN G 46 -37.47 13.24 4.17
CA ASN G 46 -38.60 13.44 3.29
C ASN G 46 -38.18 13.94 1.91
N LEU G 47 -36.92 13.70 1.52
CA LEU G 47 -36.44 14.20 0.22
C LEU G 47 -37.07 13.43 -0.93
N LEU G 48 -36.91 12.11 -0.93
CA LEU G 48 -37.42 11.30 -2.03
C LEU G 48 -38.95 11.20 -2.03
N SER G 49 -39.60 11.46 -0.89
CA SER G 49 -41.06 11.48 -0.92
C SER G 49 -41.57 12.72 -1.63
N SER G 50 -40.82 13.82 -1.54
CA SER G 50 -41.26 15.12 -2.04
C SER G 50 -40.78 15.43 -3.44
N LEU G 51 -40.18 14.49 -4.16
CA LEU G 51 -39.60 14.83 -5.46
C LEU G 51 -40.65 14.93 -6.56
N LYS G 52 -41.79 14.27 -6.42
CA LYS G 52 -42.86 14.42 -7.40
C LYS G 52 -43.73 15.62 -7.13
N THR G 53 -43.64 16.21 -5.94
CA THR G 53 -44.22 17.51 -5.68
C THR G 53 -43.43 18.62 -6.36
N ILE G 54 -42.09 18.56 -6.30
CA ILE G 54 -41.27 19.56 -6.95
C ILE G 54 -41.25 19.36 -8.46
N LYS G 55 -41.39 18.11 -8.90
CA LYS G 55 -41.51 17.83 -10.33
C LYS G 55 -42.77 18.44 -10.91
N ALA G 56 -43.87 18.44 -10.14
CA ALA G 56 -45.13 18.94 -10.64
C ALA G 56 -45.32 20.43 -10.38
N GLN G 57 -44.65 20.98 -9.38
CA GLN G 57 -44.76 22.41 -9.12
C GLN G 57 -43.95 23.24 -10.11
N ALA G 58 -42.98 22.62 -10.78
CA ALA G 58 -42.18 23.29 -11.78
C ALA G 58 -42.53 22.86 -13.19
N ALA G 59 -43.63 22.15 -13.36
CA ALA G 59 -44.09 21.80 -14.69
C ALA G 59 -44.63 23.05 -15.38
N PRO G 60 -44.51 23.14 -16.70
CA PRO G 60 -45.14 24.26 -17.41
C PRO G 60 -46.65 24.10 -17.41
N ILE G 61 -47.35 25.23 -17.45
CA ILE G 61 -48.81 25.18 -17.47
C ILE G 61 -49.27 24.80 -18.86
N TYR G 62 -50.02 23.71 -18.94
CA TYR G 62 -50.71 23.31 -20.16
C TYR G 62 -52.20 23.44 -19.85
N PRO G 63 -52.84 24.53 -20.26
CA PRO G 63 -54.18 24.82 -19.75
C PRO G 63 -55.23 23.83 -20.24
N ALA G 64 -56.24 23.61 -19.40
CA ALA G 64 -57.15 22.52 -19.60
C ALA G 64 -58.20 22.85 -20.66
N ALA G 65 -58.71 21.81 -21.30
CA ALA G 65 -59.75 21.95 -22.30
C ALA G 65 -61.04 22.37 -21.63
N ALA G 66 -61.43 23.63 -21.83
CA ALA G 66 -62.61 24.17 -21.18
C ALA G 66 -63.88 23.73 -21.92
N SER G 67 -65.01 24.29 -21.49
CA SER G 67 -66.27 24.11 -22.20
C SER G 67 -66.22 24.81 -23.56
N SER G 68 -67.04 24.30 -24.49
CA SER G 68 -66.82 24.59 -25.91
C SER G 68 -67.22 26.02 -26.26
N THR G 69 -68.52 26.34 -26.13
CA THR G 69 -69.13 27.63 -26.50
C THR G 69 -68.74 28.02 -27.93
N GLY G 70 -69.20 27.23 -28.89
CA GLY G 70 -68.78 27.36 -30.27
C GLY G 70 -69.28 28.63 -30.94
N TYR G 71 -68.64 28.93 -32.08
CA TYR G 71 -69.01 29.99 -33.00
C TYR G 71 -69.02 31.38 -32.37
N SER G 72 -67.83 31.91 -32.09
CA SER G 72 -67.62 33.23 -31.49
C SER G 72 -68.17 34.38 -32.33
N THR G 73 -68.10 35.60 -31.78
CA THR G 73 -68.76 36.75 -32.38
C THR G 73 -68.19 37.10 -33.76
N GLN G 74 -66.90 36.85 -33.98
CA GLN G 74 -66.37 36.99 -35.33
C GLN G 74 -66.61 35.76 -36.18
N ALA G 75 -66.83 34.61 -35.57
CA ALA G 75 -67.17 33.41 -36.33
C ALA G 75 -68.62 33.41 -36.78
N LYS G 76 -69.46 34.28 -36.21
CA LYS G 76 -70.84 34.39 -36.66
C LYS G 76 -71.00 35.45 -37.72
N ILE G 77 -70.20 36.51 -37.68
CA ILE G 77 -70.13 37.46 -38.79
C ILE G 77 -69.57 36.78 -40.03
N ALA G 78 -68.65 35.83 -39.85
CA ALA G 78 -68.06 35.14 -40.99
C ALA G 78 -69.05 34.20 -41.66
N LEU G 79 -69.96 33.61 -40.89
CA LEU G 79 -70.94 32.71 -41.48
C LEU G 79 -72.18 33.45 -41.95
N PHE G 80 -72.57 34.51 -41.26
CA PHE G 80 -73.64 35.34 -41.78
C PHE G 80 -73.17 36.17 -42.96
N GLY G 81 -71.90 36.59 -42.97
CA GLY G 81 -71.38 37.32 -44.10
C GLY G 81 -71.18 36.45 -45.32
N ALA G 82 -70.85 35.18 -45.13
CA ALA G 82 -70.74 34.28 -46.26
C ALA G 82 -72.09 33.83 -46.77
N LEU G 83 -73.10 33.78 -45.89
CA LEU G 83 -74.44 33.45 -46.35
C LEU G 83 -75.10 34.65 -47.02
N SER G 84 -74.88 35.85 -46.48
CA SER G 84 -75.40 37.05 -47.11
C SER G 84 -74.70 37.36 -48.41
N TRP G 85 -73.48 36.85 -48.59
CA TRP G 85 -72.82 37.01 -49.88
C TRP G 85 -73.38 36.04 -50.91
N ILE G 86 -73.62 34.79 -50.51
CA ILE G 86 -74.13 33.78 -51.43
C ILE G 86 -75.56 34.10 -51.85
N LEU G 87 -76.37 34.60 -50.93
CA LEU G 87 -77.73 34.99 -51.30
C LEU G 87 -77.75 36.24 -52.15
N TYR G 88 -76.78 37.14 -51.97
CA TYR G 88 -76.71 38.32 -52.82
C TYR G 88 -76.16 37.97 -54.19
N ARG G 89 -75.26 37.00 -54.28
CA ARG G 89 -74.66 36.65 -55.57
C ARG G 89 -75.55 35.75 -56.38
N ALA G 90 -76.24 34.79 -55.74
CA ALA G 90 -77.20 33.97 -56.44
C ALA G 90 -78.46 34.74 -56.81
N ASP G 91 -78.69 35.89 -56.18
CA ASP G 91 -79.74 36.78 -56.64
C ASP G 91 -79.39 37.38 -57.98
N GLY G 92 -78.21 37.99 -58.08
CA GLY G 92 -77.80 38.62 -59.33
C GLY G 92 -77.41 37.63 -60.40
N GLN G 93 -77.12 36.38 -60.02
CA GLN G 93 -76.88 35.35 -61.02
C GLN G 93 -78.18 34.88 -61.63
N SER G 94 -79.28 34.98 -60.90
CA SER G 94 -80.55 34.51 -61.40
C SER G 94 -81.27 35.54 -62.26
N LYS G 95 -80.80 36.78 -62.32
CA LYS G 95 -81.43 37.75 -63.19
C LYS G 95 -80.43 38.36 -64.16
N ALA G 96 -79.57 37.54 -64.76
CA ALA G 96 -78.41 38.05 -65.48
C ALA G 96 -78.42 37.76 -66.97
N HIS G 97 -79.59 37.44 -67.55
CA HIS G 97 -79.88 37.16 -68.96
C HIS G 97 -79.33 35.82 -69.43
N GLU G 98 -78.47 35.18 -68.65
CA GLU G 98 -78.02 33.82 -68.86
C GLU G 98 -78.03 33.08 -67.55
N TRP G 99 -79.17 33.20 -66.85
CA TRP G 99 -79.28 32.79 -65.46
C TRP G 99 -79.15 31.29 -65.30
N ILE G 100 -79.75 30.51 -66.20
CA ILE G 100 -79.64 29.07 -66.10
C ILE G 100 -78.23 28.61 -66.49
N VAL G 101 -77.53 29.42 -67.28
CA VAL G 101 -76.13 29.15 -67.58
C VAL G 101 -75.25 29.49 -66.38
N ASP G 102 -75.57 30.56 -65.65
CA ASP G 102 -74.78 30.94 -64.48
C ASP G 102 -75.03 29.99 -63.31
N LEU G 103 -76.27 29.57 -63.12
CA LEU G 103 -76.59 28.68 -62.00
C LEU G 103 -76.07 27.28 -62.20
N ASN G 104 -75.79 26.87 -63.44
CA ASN G 104 -75.20 25.57 -63.69
C ASN G 104 -73.69 25.61 -63.75
N LEU G 105 -73.09 26.79 -63.69
CA LEU G 105 -71.67 26.87 -63.39
C LEU G 105 -71.42 26.71 -61.90
N ASN G 106 -72.39 27.06 -61.06
CA ASN G 106 -72.23 26.90 -59.63
C ASN G 106 -72.29 25.45 -59.21
N VAL G 107 -72.86 24.57 -60.03
CA VAL G 107 -72.77 23.15 -59.71
C VAL G 107 -71.55 22.53 -60.37
N LEU G 108 -71.05 23.16 -61.43
CA LEU G 108 -69.79 22.72 -62.03
C LEU G 108 -68.60 23.09 -61.17
N GLN G 109 -68.65 24.26 -60.54
CA GLN G 109 -67.56 24.70 -59.69
C GLN G 109 -67.61 24.02 -58.33
N ALA G 110 -68.82 23.70 -57.85
CA ALA G 110 -68.95 22.99 -56.59
C ALA G 110 -68.68 21.50 -56.72
N ALA G 111 -68.69 20.97 -57.93
CA ALA G 111 -68.35 19.57 -58.12
C ALA G 111 -66.86 19.35 -57.95
N TRP G 112 -66.05 20.35 -58.27
CA TRP G 112 -64.61 20.22 -58.12
C TRP G 112 -64.19 20.46 -56.68
N LEU G 113 -64.98 21.21 -55.91
CA LEU G 113 -64.76 21.29 -54.48
C LEU G 113 -65.02 19.96 -53.82
N ILE G 114 -65.94 19.17 -54.36
CA ILE G 114 -66.24 17.85 -53.85
C ILE G 114 -65.18 16.85 -54.28
N SER G 115 -64.72 16.96 -55.53
CA SER G 115 -63.65 16.10 -56.01
C SER G 115 -62.30 16.42 -55.41
N PHE G 116 -62.14 17.58 -54.76
CA PHE G 116 -60.91 17.89 -54.05
C PHE G 116 -60.94 17.42 -52.62
N SER G 117 -62.12 17.21 -52.04
CA SER G 117 -62.19 16.64 -50.70
C SER G 117 -61.87 15.16 -50.70
N SER G 118 -62.03 14.48 -51.81
CA SER G 118 -61.90 13.04 -51.87
C SER G 118 -60.69 12.56 -52.67
N LEU G 119 -59.94 13.46 -53.28
CA LEU G 119 -58.77 13.07 -54.04
C LEU G 119 -57.47 13.69 -53.55
N ILE G 120 -57.53 14.76 -52.77
CA ILE G 120 -56.32 15.35 -52.21
C ILE G 120 -55.90 14.50 -51.02
N PRO G 121 -54.67 14.00 -50.97
CA PRO G 121 -54.20 13.36 -49.74
C PRO G 121 -53.87 14.41 -48.69
N PHE G 122 -54.73 14.58 -47.70
CA PHE G 122 -54.59 15.71 -46.81
C PHE G 122 -53.52 15.52 -45.76
N ARG G 123 -53.02 14.30 -45.59
CA ARG G 123 -51.88 14.10 -44.70
C ARG G 123 -50.57 14.24 -45.44
N ALA G 124 -50.51 13.80 -46.70
CA ALA G 124 -49.31 14.02 -47.49
C ALA G 124 -49.15 15.48 -47.88
N VAL G 125 -50.26 16.21 -48.00
CA VAL G 125 -50.19 17.64 -48.26
C VAL G 125 -49.73 18.38 -47.01
N TYR G 126 -50.18 17.94 -45.84
CA TYR G 126 -49.79 18.58 -44.57
C TYR G 126 -48.30 18.44 -44.32
N PHE G 127 -47.74 17.26 -44.58
CA PHE G 127 -46.32 17.08 -44.39
C PHE G 127 -45.49 17.60 -45.55
N ALA G 128 -46.12 17.91 -46.68
CA ALA G 128 -45.40 18.60 -47.74
C ALA G 128 -45.27 20.08 -47.44
N PHE G 129 -46.32 20.68 -46.87
CA PHE G 129 -46.25 22.08 -46.48
C PHE G 129 -45.33 22.26 -45.29
N ARG G 130 -45.30 21.28 -44.40
CA ARG G 130 -44.41 21.31 -43.24
C ARG G 130 -42.96 21.20 -43.66
N GLY G 131 -42.68 20.54 -44.77
CA GLY G 131 -41.33 20.53 -45.32
C GLY G 131 -40.94 21.74 -46.13
N MET G 132 -41.86 22.66 -46.40
CA MET G 132 -41.52 23.87 -47.12
C MET G 132 -40.77 24.86 -46.25
N ALA G 133 -41.13 24.94 -45.01
CA ALA G 133 -40.44 25.80 -44.05
C ALA G 133 -39.29 25.04 -43.43
N PRO G 134 -38.08 25.61 -43.37
CA PRO G 134 -36.98 24.93 -42.68
C PRO G 134 -37.18 24.83 -41.18
N ALA G 135 -38.11 25.58 -40.60
CA ALA G 135 -38.39 25.48 -39.17
C ALA G 135 -39.09 24.19 -38.82
N THR G 136 -39.79 23.59 -39.78
CA THR G 136 -40.50 22.35 -39.55
C THR G 136 -39.99 21.22 -40.42
N ALA G 137 -39.06 21.49 -41.34
CA ALA G 137 -38.42 20.44 -42.10
C ALA G 137 -37.43 19.65 -41.27
N SER G 138 -36.90 20.23 -40.20
CA SER G 138 -35.93 19.57 -39.36
C SER G 138 -36.33 19.75 -37.90
N THR G 139 -35.59 19.09 -37.03
CA THR G 139 -35.71 19.31 -35.59
C THR G 139 -34.59 20.22 -35.12
N LEU G 140 -34.80 20.84 -33.97
CA LEU G 140 -33.87 21.84 -33.44
C LEU G 140 -32.52 21.22 -33.10
N ASN G 141 -31.48 22.05 -33.04
CA ASN G 141 -30.13 21.55 -33.11
C ASN G 141 -29.23 21.90 -31.93
N GLY G 142 -29.44 23.02 -31.27
CA GLY G 142 -28.48 23.48 -30.28
C GLY G 142 -28.50 22.67 -29.00
N LEU G 143 -27.61 23.07 -28.08
CA LEU G 143 -27.56 22.60 -26.69
C LEU G 143 -27.48 21.09 -26.53
N LYS G 144 -26.32 20.50 -26.86
CA LYS G 144 -26.21 19.05 -27.00
C LYS G 144 -25.91 18.34 -25.70
N THR G 145 -26.33 18.90 -24.56
CA THR G 145 -26.55 18.28 -23.25
C THR G 145 -25.30 17.72 -22.56
N PHE G 146 -24.15 17.68 -23.23
CA PHE G 146 -22.90 17.49 -22.51
C PHE G 146 -22.19 18.82 -22.32
N SER G 147 -22.63 19.86 -23.02
CA SER G 147 -22.08 21.18 -22.79
C SER G 147 -22.68 21.84 -21.58
N SER G 148 -23.89 21.47 -21.19
CA SER G 148 -24.68 22.20 -20.21
C SER G 148 -25.01 21.37 -18.98
N ILE G 149 -24.03 20.71 -18.40
CA ILE G 149 -24.24 19.97 -17.16
C ILE G 149 -23.56 20.69 -16.01
N SER G 150 -24.01 20.38 -14.80
CA SER G 150 -23.53 21.02 -13.57
C SER G 150 -23.15 19.91 -12.59
N LEU G 151 -21.87 19.54 -12.60
CA LEU G 151 -21.40 18.45 -11.77
C LEU G 151 -20.44 18.97 -10.71
N LEU H 15 45.40 -40.12 49.84
CA LEU H 15 45.94 -40.45 51.15
C LEU H 15 46.74 -41.75 51.12
N THR H 16 47.73 -41.84 51.99
CA THR H 16 48.56 -43.03 52.11
C THR H 16 47.89 -44.04 53.02
N THR H 17 48.62 -45.10 53.36
CA THR H 17 48.03 -46.14 54.19
C THR H 17 47.99 -45.73 55.65
N PHE H 18 49.07 -45.14 56.15
CA PHE H 18 49.17 -44.73 57.54
C PHE H 18 49.25 -43.21 57.60
N THR H 19 48.43 -42.60 58.44
CA THR H 19 48.41 -41.17 58.68
C THR H 19 48.83 -40.91 60.12
N PHE H 20 49.48 -39.77 60.35
CA PHE H 20 50.13 -39.46 61.61
C PHE H 20 49.74 -38.08 62.10
N SER H 21 48.44 -37.79 62.10
CA SER H 21 47.94 -36.53 62.64
C SER H 21 46.67 -36.80 63.43
N GLY H 22 46.46 -35.98 64.46
CA GLY H 22 45.27 -36.08 65.28
C GLY H 22 45.54 -35.96 66.76
N LEU H 23 44.86 -34.99 67.39
CA LEU H 23 44.95 -34.68 68.82
C LEU H 23 46.36 -34.37 69.28
N GLN H 24 47.16 -33.79 68.38
CA GLN H 24 48.49 -33.31 68.71
C GLN H 24 48.81 -32.25 67.67
N ASP H 25 49.00 -31.02 68.13
CA ASP H 25 48.96 -29.79 67.32
C ASP H 25 47.65 -29.69 66.55
N ALA H 26 46.57 -30.10 67.19
CA ALA H 26 45.24 -30.07 66.61
C ALA H 26 44.65 -28.67 66.72
N PRO H 27 43.63 -28.35 65.92
CA PRO H 27 42.86 -27.13 66.17
C PRO H 27 42.14 -27.20 67.50
N VAL H 28 42.29 -26.14 68.30
CA VAL H 28 41.71 -26.09 69.63
C VAL H 28 40.42 -25.29 69.68
N ALA H 29 40.19 -24.38 68.75
CA ALA H 29 39.00 -23.55 68.76
C ALA H 29 38.63 -23.19 67.32
N ALA H 30 37.37 -22.87 67.12
CA ALA H 30 36.89 -22.48 65.81
C ALA H 30 37.31 -21.06 65.50
N LEU H 31 37.42 -20.77 64.21
CA LEU H 31 37.73 -19.43 63.75
C LEU H 31 36.51 -18.69 63.24
N SER H 32 35.39 -19.38 63.07
CA SER H 32 34.14 -18.80 62.63
C SER H 32 33.23 -18.49 63.81
N GLY H 33 32.19 -17.73 63.52
CA GLY H 33 31.12 -17.51 64.48
C GLY H 33 29.90 -18.37 64.27
N SER H 34 29.76 -18.96 63.08
CA SER H 34 28.60 -19.78 62.78
C SER H 34 28.68 -21.16 63.42
N ILE H 35 29.84 -21.54 63.93
CA ILE H 35 30.01 -22.77 64.69
C ILE H 35 31.11 -22.55 65.72
N LYS H 36 30.84 -22.92 66.96
CA LYS H 36 31.75 -22.68 68.07
C LYS H 36 32.34 -24.00 68.54
N LEU H 37 33.65 -24.02 68.75
CA LEU H 37 34.40 -25.22 69.08
C LEU H 37 35.26 -24.96 70.30
N ASN H 38 35.24 -25.90 71.24
CA ASN H 38 36.11 -25.87 72.42
C ASN H 38 36.52 -27.29 72.74
N VAL H 39 37.83 -27.52 72.88
CA VAL H 39 38.34 -28.83 73.24
C VAL H 39 38.94 -28.75 74.64
N ALA H 40 39.05 -29.90 75.28
CA ALA H 40 39.74 -30.04 76.56
C ALA H 40 40.92 -30.97 76.34
N ALA H 41 42.06 -30.38 75.99
CA ALA H 41 43.25 -31.16 75.67
C ALA H 41 43.84 -31.75 76.95
N LYS H 42 43.45 -32.97 77.28
CA LYS H 42 44.07 -33.71 78.36
C LYS H 42 45.25 -34.49 77.80
N ALA H 43 45.89 -35.31 78.64
CA ALA H 43 46.95 -36.18 78.14
C ALA H 43 46.37 -37.39 77.41
N GLY H 44 45.39 -38.04 78.00
CA GLY H 44 44.87 -39.28 77.45
C GLY H 44 43.74 -39.12 76.45
N LYS H 45 42.68 -38.41 76.84
CA LYS H 45 41.53 -38.21 75.98
C LYS H 45 41.33 -36.70 75.76
N ALA H 46 40.20 -36.35 75.14
CA ALA H 46 39.90 -34.94 74.89
C ALA H 46 38.40 -34.75 74.90
N GLU H 47 37.94 -33.82 75.74
CA GLU H 47 36.54 -33.46 75.82
C GLU H 47 36.29 -32.30 74.87
N VAL H 48 35.71 -32.59 73.71
CA VAL H 48 35.43 -31.59 72.69
C VAL H 48 33.96 -31.18 72.81
N THR H 49 33.69 -29.88 72.69
CA THR H 49 32.32 -29.36 72.66
C THR H 49 32.13 -28.62 71.35
N VAL H 50 31.23 -29.11 70.51
CA VAL H 50 30.91 -28.50 69.23
C VAL H 50 29.54 -27.87 69.31
N ALA H 51 29.44 -26.61 68.91
CA ALA H 51 28.19 -25.87 69.04
C ALA H 51 27.95 -25.08 67.77
N ALA H 52 26.86 -25.41 67.06
CA ALA H 52 26.49 -24.73 65.82
C ALA H 52 25.02 -24.35 65.90
N GLY H 53 24.74 -23.11 66.25
CA GLY H 53 23.38 -22.59 66.28
C GLY H 53 22.48 -23.18 67.34
N ALA H 54 21.41 -23.85 66.92
CA ALA H 54 20.44 -24.43 67.83
C ALA H 54 20.80 -25.83 68.28
N ALA H 55 21.90 -26.40 67.79
CA ALA H 55 22.34 -27.71 68.21
C ALA H 55 23.61 -27.61 69.04
N LYS H 56 23.76 -28.54 69.97
CA LYS H 56 24.99 -28.65 70.74
C LYS H 56 25.30 -30.13 70.90
N ALA H 57 26.56 -30.49 70.65
CA ALA H 57 27.03 -31.86 70.82
C ALA H 57 28.42 -31.82 71.43
N ALA H 58 28.64 -32.65 72.45
CA ALA H 58 29.91 -32.74 73.14
C ALA H 58 30.24 -34.21 73.29
N THR H 59 31.28 -34.66 72.60
CA THR H 59 31.77 -36.03 72.72
C THR H 59 33.15 -36.02 73.35
N GLN H 60 33.69 -37.21 73.54
CA GLN H 60 35.05 -37.39 74.06
C GLN H 60 35.76 -38.37 73.15
N VAL H 61 36.82 -37.89 72.48
CA VAL H 61 37.60 -38.71 71.57
C VAL H 61 39.00 -38.84 72.13
N SER H 62 39.55 -40.05 72.08
CA SER H 62 40.88 -40.31 72.57
C SER H 62 41.89 -40.09 71.46
N ALA H 63 43.17 -40.04 71.84
CA ALA H 63 44.23 -39.83 70.86
C ALA H 63 44.41 -41.04 69.96
N ALA H 64 44.02 -42.23 70.42
CA ALA H 64 44.06 -43.44 69.63
C ALA H 64 42.75 -43.72 68.90
N ALA H 65 41.74 -42.87 69.05
CA ALA H 65 40.51 -43.01 68.28
C ALA H 65 40.49 -42.14 67.04
N LEU H 66 41.28 -41.07 67.01
CA LEU H 66 41.44 -40.30 65.80
C LEU H 66 42.40 -40.96 64.81
N ARG H 67 43.19 -41.93 65.26
CA ARG H 67 44.09 -42.64 64.37
C ARG H 67 43.40 -43.79 63.66
N LYS H 68 42.32 -44.32 64.21
CA LYS H 68 41.49 -45.25 63.47
C LYS H 68 40.53 -44.55 62.52
N LEU H 69 40.51 -43.23 62.53
CA LEU H 69 39.62 -42.49 61.65
C LEU H 69 40.09 -42.53 60.22
N SER H 70 41.39 -42.38 59.99
CA SER H 70 41.99 -42.43 58.67
C SER H 70 42.44 -43.83 58.29
N GLY H 71 41.80 -44.86 58.83
CA GLY H 71 42.13 -46.21 58.44
C GLY H 71 41.37 -46.61 57.20
N SER H 72 40.06 -46.40 57.22
CA SER H 72 39.22 -46.58 56.05
C SER H 72 38.98 -45.21 55.43
N LYS H 73 39.25 -45.10 54.14
CA LYS H 73 39.29 -43.82 53.45
C LYS H 73 37.92 -43.45 52.91
N ILE H 74 37.65 -42.14 52.84
CA ILE H 74 36.37 -41.66 52.33
C ILE H 74 36.31 -41.81 50.82
N SER H 75 37.33 -41.28 50.12
CA SER H 75 37.48 -41.35 48.66
C SER H 75 36.28 -40.72 47.95
N LEU H 76 36.18 -39.40 48.11
CA LEU H 76 35.14 -38.62 47.47
C LEU H 76 35.29 -38.67 45.96
N ALA H 77 34.17 -38.75 45.25
CA ALA H 77 34.17 -38.77 43.80
C ALA H 77 32.96 -38.03 43.30
N GLU H 78 33.07 -37.47 42.10
CA GLU H 78 32.06 -36.55 41.59
C GLU H 78 31.06 -37.30 40.74
N VAL H 79 29.78 -37.10 41.04
CA VAL H 79 28.68 -37.68 40.28
C VAL H 79 28.26 -36.64 39.25
N ALA H 80 28.69 -36.83 38.01
CA ALA H 80 28.46 -35.88 36.95
C ALA H 80 27.40 -36.40 35.99
N ARG H 81 26.80 -35.49 35.24
CA ARG H 81 25.75 -35.88 34.32
C ARG H 81 26.30 -36.65 33.14
N ILE H 82 27.39 -36.16 32.55
CA ILE H 82 28.01 -36.83 31.43
C ILE H 82 29.45 -37.19 31.79
N SER H 83 30.24 -36.20 32.16
CA SER H 83 31.60 -36.44 32.58
C SER H 83 32.00 -35.30 33.51
N VAL H 84 33.11 -35.50 34.22
CA VAL H 84 33.70 -34.42 34.96
C VAL H 84 34.41 -33.46 34.00
N LEU H 85 34.92 -34.00 32.90
CA LEU H 85 35.49 -33.16 31.85
C LEU H 85 34.43 -32.34 31.18
N HIS H 86 33.31 -32.97 30.81
CA HIS H 86 32.22 -32.29 30.13
C HIS H 86 31.56 -31.25 31.01
N SER H 87 31.54 -31.49 32.32
CA SER H 87 30.95 -30.52 33.24
C SER H 87 31.86 -29.32 33.44
N SER H 88 33.14 -29.47 33.17
CA SER H 88 34.08 -28.35 33.32
C SER H 88 34.08 -27.47 32.09
N ILE H 89 33.75 -28.02 30.93
CA ILE H 89 33.57 -27.21 29.73
C ILE H 89 32.23 -26.52 29.76
N GLN H 90 31.20 -27.19 30.27
CA GLN H 90 29.88 -26.58 30.37
C GLN H 90 29.84 -25.50 31.45
N ASN H 91 30.64 -25.65 32.50
CA ASN H 91 30.75 -24.59 33.49
C ASN H 91 31.47 -23.37 32.93
N TYR H 92 32.40 -23.58 32.01
CA TYR H 92 33.05 -22.44 31.37
C TYR H 92 32.14 -21.79 30.35
N LEU H 93 31.37 -22.58 29.61
CA LEU H 93 30.39 -22.01 28.70
C LEU H 93 29.28 -21.28 29.46
N LEU H 94 28.92 -21.76 30.65
CA LEU H 94 27.98 -21.02 31.48
C LEU H 94 28.61 -19.76 32.05
N SER H 95 29.91 -19.77 32.30
CA SER H 95 30.57 -18.58 32.83
C SER H 95 30.91 -17.58 31.74
N LEU H 96 31.03 -18.04 30.49
CA LEU H 96 31.17 -17.11 29.39
C LEU H 96 29.82 -16.54 28.97
N SER H 97 28.76 -17.35 29.06
CA SER H 97 27.43 -16.89 28.73
C SER H 97 26.90 -15.91 29.75
N ASN H 98 27.52 -15.81 30.93
CA ASN H 98 27.20 -14.76 31.86
C ASN H 98 27.89 -13.46 31.47
N GLU H 99 29.10 -13.52 30.93
CA GLU H 99 29.79 -12.30 30.55
C GLU H 99 29.15 -11.63 29.33
N ARG H 100 28.37 -12.37 28.55
CA ARG H 100 27.54 -11.79 27.53
C ARG H 100 26.16 -11.40 28.04
N TYR H 101 25.63 -12.13 29.01
CA TYR H 101 24.38 -11.74 29.64
C TYR H 101 24.52 -10.46 30.44
N GLN H 102 25.72 -10.17 30.94
CA GLN H 102 25.90 -8.98 31.75
C GLN H 102 25.95 -7.72 30.92
N LEU H 103 26.20 -7.86 29.61
CA LEU H 103 26.16 -6.70 28.73
C LEU H 103 24.86 -6.60 27.96
N LEU H 104 24.02 -7.63 28.00
CA LEU H 104 22.61 -7.47 27.67
C LEU H 104 21.83 -6.96 28.87
N SER H 105 22.45 -6.96 30.05
CA SER H 105 21.88 -6.37 31.24
C SER H 105 22.00 -4.86 31.25
N GLN H 106 22.89 -4.30 30.44
CA GLN H 106 23.08 -2.87 30.36
C GLN H 106 22.52 -2.27 29.08
N TRP H 107 21.55 -2.93 28.48
CA TRP H 107 20.90 -2.41 27.29
C TRP H 107 19.94 -1.30 27.71
N PRO H 108 19.82 -0.24 26.92
CA PRO H 108 18.90 0.84 27.28
C PRO H 108 17.46 0.44 27.05
N ASP H 109 16.57 0.94 27.90
CA ASP H 109 15.16 0.57 27.86
C ASP H 109 14.50 1.22 26.65
N PHE H 110 14.24 0.42 25.63
CA PHE H 110 13.57 0.90 24.44
C PHE H 110 12.06 0.92 24.58
N THR H 111 11.50 0.27 25.57
CA THR H 111 10.05 0.30 25.73
C THR H 111 9.54 1.58 26.35
N THR H 112 10.42 2.45 26.82
CA THR H 112 10.02 3.78 27.25
C THR H 112 9.85 4.74 26.08
N MET H 113 10.07 4.28 24.85
CA MET H 113 9.87 5.09 23.64
C MET H 113 8.93 4.41 22.67
N TYR H 114 8.00 3.61 23.17
CA TYR H 114 7.01 2.97 22.32
C TYR H 114 5.74 3.79 22.16
N GLY H 115 5.62 4.91 22.87
CA GLY H 115 4.40 5.69 22.81
C GLY H 115 4.21 6.38 21.48
N LYS H 116 2.98 6.82 21.25
CA LYS H 116 2.64 7.45 19.98
C LYS H 116 3.16 8.87 19.89
N ASP H 117 3.58 9.47 21.00
CA ASP H 117 4.26 10.75 20.92
C ASP H 117 5.72 10.62 20.57
N PHE H 118 6.26 9.40 20.52
CA PHE H 118 7.56 9.13 19.93
C PHE H 118 7.44 8.53 18.54
N TYR H 119 6.31 7.90 18.25
CA TYR H 119 6.03 7.35 16.94
C TYR H 119 5.93 8.45 15.90
N TYR H 120 5.18 9.51 16.19
CA TYR H 120 4.80 10.47 15.19
C TYR H 120 5.75 11.66 15.10
N ARG H 121 6.61 11.87 16.08
CA ARG H 121 7.63 12.89 15.90
C ARG H 121 8.79 12.39 15.05
N ALA H 122 8.92 11.08 14.89
CA ALA H 122 10.11 10.49 14.33
C ALA H 122 9.97 10.25 12.83
N HIS H 123 11.11 10.34 12.15
CA HIS H 123 11.25 9.95 10.76
C HIS H 123 10.78 8.50 10.58
N PRO H 124 10.04 8.19 9.51
CA PRO H 124 9.48 6.85 9.38
C PRO H 124 10.50 5.75 9.20
N GLU H 125 11.70 6.06 8.70
CA GLU H 125 12.73 5.04 8.59
C GLU H 125 13.56 4.92 9.86
N ASP H 126 13.71 6.01 10.61
CA ASP H 126 14.35 5.95 11.92
C ASP H 126 13.47 5.34 12.99
N LEU H 127 12.21 5.07 12.68
CA LEU H 127 11.36 4.28 13.56
C LEU H 127 11.35 2.81 13.16
N LYS H 128 11.49 2.53 11.87
CA LYS H 128 11.71 1.15 11.43
C LYS H 128 13.03 0.61 11.97
N LYS H 129 14.06 1.45 12.01
CA LYS H 129 15.34 1.04 12.57
C LYS H 129 15.26 0.92 14.09
N PHE H 130 14.34 1.64 14.72
CA PHE H 130 14.20 1.53 16.16
C PHE H 130 13.44 0.27 16.53
N TYR H 131 12.42 -0.09 15.76
CA TYR H 131 11.66 -1.29 16.03
C TYR H 131 12.41 -2.55 15.61
N ASP H 132 13.44 -2.40 14.78
CA ASP H 132 14.35 -3.50 14.47
C ASP H 132 15.49 -3.60 15.46
N ALA H 133 15.85 -2.50 16.12
CA ALA H 133 16.80 -2.55 17.21
C ALA H 133 16.18 -3.14 18.46
N ALA H 134 14.87 -3.08 18.59
CA ALA H 134 14.18 -3.73 19.69
C ALA H 134 13.89 -5.18 19.37
N ASP H 135 13.69 -5.49 18.11
CA ASP H 135 13.51 -6.87 17.68
C ASP H 135 14.81 -7.65 17.72
N GLU H 136 15.95 -6.96 17.72
CA GLU H 136 17.23 -7.64 17.80
C GLU H 136 17.58 -7.99 19.23
N TYR H 137 17.23 -7.13 20.18
CA TYR H 137 17.50 -7.41 21.59
C TYR H 137 16.76 -8.65 22.05
N TYR H 138 15.51 -8.81 21.65
CA TYR H 138 14.77 -10.02 21.98
C TYR H 138 15.30 -11.24 21.26
N LYS H 139 16.09 -11.06 20.19
CA LYS H 139 16.79 -12.18 19.60
C LYS H 139 18.07 -12.49 20.35
N LEU H 140 18.81 -11.45 20.76
CA LEU H 140 20.04 -11.66 21.51
C LEU H 140 19.75 -12.15 22.91
N TYR H 141 18.65 -11.72 23.50
CA TYR H 141 18.35 -12.11 24.87
C TYR H 141 17.78 -13.51 24.94
N GLU H 142 17.04 -13.93 23.92
CA GLU H 142 16.48 -15.25 23.93
C GLU H 142 17.52 -16.32 23.61
N THR H 143 18.63 -15.95 22.97
CA THR H 143 19.67 -16.92 22.66
C THR H 143 20.82 -16.91 23.65
N VAL H 144 20.90 -15.91 24.53
CA VAL H 144 21.89 -15.98 25.60
C VAL H 144 21.31 -16.71 26.81
N THR H 145 20.00 -16.82 26.90
CA THR H 145 19.36 -17.53 27.99
C THR H 145 18.92 -18.92 27.59
N GLU H 146 19.29 -19.38 26.40
CA GLU H 146 19.10 -20.78 26.02
C GLU H 146 20.23 -21.60 26.62
N PHE H 147 20.12 -21.83 27.93
CA PHE H 147 21.14 -22.52 28.69
C PHE H 147 21.09 -24.02 28.49
N ASP H 148 20.02 -24.55 27.92
CA ASP H 148 19.97 -25.98 27.63
C ASP H 148 20.76 -26.34 26.38
N SER H 149 21.27 -25.36 25.64
CA SER H 149 22.10 -25.62 24.48
C SER H 149 23.58 -25.67 24.81
N LEU H 150 23.97 -25.30 26.02
CA LEU H 150 25.38 -25.32 26.40
C LEU H 150 25.89 -26.72 26.64
N SER H 151 25.01 -27.67 26.97
CA SER H 151 25.45 -29.05 27.14
C SER H 151 25.81 -29.69 25.82
N ALA H 152 25.15 -29.28 24.73
CA ALA H 152 25.51 -29.80 23.43
C ALA H 152 26.62 -29.00 22.78
N LEU H 153 26.92 -27.82 23.33
CA LEU H 153 28.09 -27.06 22.88
C LEU H 153 29.36 -27.56 23.54
N ALA H 154 29.27 -28.02 24.78
CA ALA H 154 30.44 -28.53 25.47
C ALA H 154 30.89 -29.87 24.91
N SER H 155 30.01 -30.58 24.23
CA SER H 155 30.38 -31.84 23.60
C SER H 155 30.98 -31.65 22.22
N GLN H 156 31.12 -30.41 21.74
CA GLN H 156 31.89 -30.15 20.55
C GLN H 156 33.35 -29.87 20.86
N VAL H 157 33.67 -29.51 22.11
CA VAL H 157 35.03 -29.31 22.54
C VAL H 157 35.69 -30.60 22.97
N VAL H 158 34.95 -31.51 23.59
CA VAL H 158 35.43 -32.78 24.14
C VAL H 158 36.15 -33.71 23.15
N PRO H 159 35.63 -34.04 21.95
CA PRO H 159 36.32 -35.07 21.16
C PRO H 159 37.62 -34.60 20.53
N ASN H 160 37.77 -33.31 20.26
CA ASN H 160 39.04 -32.83 19.77
C ASN H 160 40.05 -32.67 20.91
N TYR H 161 39.57 -32.42 22.12
CA TYR H 161 40.47 -32.37 23.27
C TYR H 161 40.91 -33.75 23.68
N ALA H 162 39.98 -34.70 23.73
CA ALA H 162 40.31 -36.04 24.19
C ALA H 162 41.21 -36.79 23.23
N ALA H 163 41.19 -36.44 21.95
CA ALA H 163 42.10 -37.06 21.00
C ALA H 163 43.51 -36.52 21.14
N ARG H 164 43.67 -35.32 21.69
CA ARG H 164 45.01 -34.80 21.95
C ARG H 164 45.65 -35.47 23.14
N ARG H 165 44.85 -35.82 24.15
CA ARG H 165 45.36 -36.55 25.30
C ARG H 165 45.54 -38.02 25.02
N ARG H 166 45.08 -38.50 23.87
CA ARG H 166 45.33 -39.87 23.43
C ARG H 166 46.61 -39.93 22.60
N SER H 167 47.68 -39.40 23.14
CA SER H 167 48.93 -39.28 22.41
C SER H 167 49.75 -40.55 22.59
N THR H 168 50.56 -40.85 21.59
CA THR H 168 51.44 -42.02 21.65
C THR H 168 52.63 -41.80 22.57
N VAL H 169 52.95 -40.56 22.91
CA VAL H 169 54.03 -40.30 23.84
C VAL H 169 53.48 -40.33 25.25
N HIS H 170 52.60 -39.37 25.57
CA HIS H 170 52.10 -39.24 26.94
C HIS H 170 50.85 -38.39 26.88
N PRO H 171 49.91 -38.58 27.80
CA PRO H 171 48.78 -37.64 27.91
C PRO H 171 49.20 -36.21 28.25
N ALA H 172 50.23 -36.03 29.07
CA ALA H 172 50.63 -34.73 29.58
C ALA H 172 51.84 -34.16 28.85
N ILE H 173 52.12 -34.63 27.64
CA ILE H 173 53.28 -34.11 26.93
C ILE H 173 52.91 -32.80 26.25
N GLY H 174 53.87 -31.88 26.20
CA GLY H 174 53.68 -30.63 25.50
C GLY H 174 54.95 -30.25 24.78
N SER H 175 55.01 -29.04 24.25
CA SER H 175 56.20 -28.66 23.48
C SER H 175 57.35 -28.26 24.39
N THR H 176 57.05 -27.62 25.52
CA THR H 176 58.13 -27.12 26.39
C THR H 176 58.88 -28.26 27.07
N VAL H 177 58.17 -29.34 27.40
CA VAL H 177 58.85 -30.52 27.91
C VAL H 177 59.62 -31.22 26.80
N ALA H 178 59.01 -31.38 25.63
CA ALA H 178 59.65 -32.09 24.53
C ALA H 178 60.76 -31.28 23.89
N ASP H 179 60.81 -29.97 24.11
CA ASP H 179 61.97 -29.19 23.66
C ASP H 179 63.14 -29.37 24.62
N GLY H 180 62.86 -29.33 25.92
CA GLY H 180 63.92 -29.48 26.90
C GLY H 180 64.45 -30.89 26.98
N ALA H 181 63.65 -31.86 26.58
CA ALA H 181 64.16 -33.23 26.49
C ALA H 181 64.83 -33.50 25.16
N PHE H 182 64.73 -32.58 24.21
CA PHE H 182 65.46 -32.73 22.96
C PHE H 182 66.87 -32.16 23.07
N THR H 183 67.06 -31.14 23.90
CA THR H 183 68.41 -30.66 24.19
C THR H 183 69.19 -31.68 25.01
N ASN H 184 68.51 -32.40 25.91
CA ASN H 184 69.17 -33.50 26.60
C ASN H 184 69.48 -34.65 25.66
N PHE H 185 68.73 -34.75 24.56
CA PHE H 185 69.01 -35.75 23.56
C PHE H 185 70.11 -35.31 22.61
N LEU H 186 70.09 -34.03 22.20
CA LEU H 186 71.00 -33.57 21.18
C LEU H 186 72.36 -33.20 21.77
N LEU H 187 72.37 -32.44 22.87
CA LEU H 187 73.62 -31.96 23.43
C LEU H 187 74.33 -32.97 24.30
N SER H 188 73.83 -34.21 24.39
CA SER H 188 74.62 -35.33 24.85
C SER H 188 75.28 -35.99 23.65
N LYS H 189 76.09 -37.03 23.93
CA LYS H 189 76.76 -37.73 22.85
C LYS H 189 75.76 -38.59 22.08
N GLN H 190 75.78 -38.45 20.76
CA GLN H 190 75.03 -39.26 19.81
C GLN H 190 73.52 -39.24 20.06
N VAL I 2 -23.26 32.91 -5.28
CA VAL I 2 -23.92 32.07 -6.26
C VAL I 2 -24.59 32.92 -7.32
N LEU I 3 -24.86 32.33 -8.47
CA LEU I 3 -25.65 33.02 -9.49
C LEU I 3 -27.11 32.89 -9.10
N GLY I 4 -27.78 34.02 -8.88
CA GLY I 4 -28.96 34.02 -8.06
C GLY I 4 -30.21 34.70 -8.57
N GLU I 5 -30.53 34.55 -9.86
CA GLU I 5 -31.79 34.91 -10.51
C GLU I 5 -31.97 36.42 -10.67
N VAL I 6 -31.05 37.21 -10.12
CA VAL I 6 -31.03 38.63 -10.45
C VAL I 6 -30.28 38.82 -11.75
N TYR I 7 -29.43 37.87 -12.12
CA TYR I 7 -28.69 37.91 -13.36
C TYR I 7 -29.50 37.35 -14.52
N LEU I 8 -30.50 36.54 -14.23
CA LEU I 8 -31.40 35.99 -15.25
C LEU I 8 -32.62 36.84 -15.47
N LYS I 9 -32.69 38.03 -14.87
CA LYS I 9 -33.89 38.85 -14.97
C LYS I 9 -33.99 39.46 -16.35
N ASP I 10 -35.10 39.14 -17.05
CA ASP I 10 -35.44 39.61 -18.38
C ASP I 10 -34.38 39.25 -19.42
N ILE I 11 -33.67 38.14 -19.23
CA ILE I 11 -32.68 37.66 -20.17
C ILE I 11 -33.03 36.22 -20.52
N LEU I 12 -33.12 35.38 -19.50
CA LEU I 12 -33.47 33.97 -19.65
C LEU I 12 -34.63 33.69 -18.71
N ARG I 13 -35.71 33.15 -19.24
CA ARG I 13 -36.81 32.69 -18.42
C ARG I 13 -37.06 31.22 -18.73
N THR I 14 -37.68 30.53 -17.79
CA THR I 14 -38.10 29.16 -17.97
C THR I 14 -39.47 29.14 -18.65
N PRO I 15 -39.99 27.97 -19.03
CA PRO I 15 -41.39 27.88 -19.44
C PRO I 15 -42.33 28.38 -18.35
N PRO I 16 -43.41 29.06 -18.72
CA PRO I 16 -44.29 29.63 -17.70
C PRO I 16 -45.06 28.56 -16.96
N THR I 17 -45.18 28.74 -15.65
CA THR I 17 -45.86 27.80 -14.79
C THR I 17 -47.20 28.30 -14.30
N GLY I 18 -47.43 29.61 -14.28
CA GLY I 18 -48.68 30.13 -13.80
C GLY I 18 -49.71 30.32 -14.88
N ALA I 19 -49.37 31.06 -15.93
CA ALA I 19 -50.30 31.35 -17.00
C ALA I 19 -49.51 31.70 -18.24
N ILE I 20 -50.05 31.34 -19.40
CA ILE I 20 -49.41 31.67 -20.67
C ILE I 20 -49.56 33.16 -20.92
N PRO I 21 -48.48 33.90 -21.15
CA PRO I 21 -48.56 35.35 -21.25
C PRO I 21 -49.17 35.78 -22.57
N ALA I 22 -49.33 37.09 -22.72
CA ALA I 22 -49.72 37.64 -24.00
C ALA I 22 -48.54 37.55 -24.97
N ASN I 23 -48.84 37.53 -26.25
CA ASN I 23 -47.79 37.54 -27.25
C ASN I 23 -47.14 38.91 -27.31
N VAL I 24 -45.82 38.93 -27.39
CA VAL I 24 -45.09 40.19 -27.51
C VAL I 24 -45.27 40.72 -28.92
N PRO I 25 -45.81 41.92 -29.11
CA PRO I 25 -46.05 42.43 -30.45
C PRO I 25 -44.77 42.88 -31.13
N HIS I 26 -44.75 42.75 -32.44
CA HIS I 26 -43.73 43.40 -33.24
C HIS I 26 -43.98 44.90 -33.21
N PRO I 27 -42.92 45.71 -33.39
CA PRO I 27 -43.13 47.17 -33.48
C PRO I 27 -43.98 47.64 -34.64
N PHE I 28 -44.24 46.80 -35.64
CA PHE I 28 -45.13 47.18 -36.73
C PHE I 28 -46.59 46.90 -36.39
N GLN I 29 -46.85 45.90 -35.56
CA GLN I 29 -48.22 45.58 -35.22
C GLN I 29 -48.81 46.58 -34.24
N THR I 30 -47.97 47.22 -33.43
CA THR I 30 -48.47 48.19 -32.47
C THR I 30 -48.92 49.46 -33.16
N SER I 31 -48.13 49.97 -34.09
CA SER I 31 -48.40 51.25 -34.70
C SER I 31 -48.17 51.19 -36.19
N PHE I 32 -49.05 51.86 -36.94
CA PHE I 32 -48.86 51.98 -38.39
C PHE I 32 -47.82 53.04 -38.73
N TYR I 33 -47.56 53.97 -37.81
CA TYR I 33 -46.59 55.03 -38.11
C TYR I 33 -45.16 54.51 -38.10
N THR I 34 -44.85 53.54 -37.24
CA THR I 34 -43.51 52.98 -37.26
C THR I 34 -43.35 51.96 -38.38
N TYR I 35 -44.46 51.45 -38.92
CA TYR I 35 -44.36 50.69 -40.15
C TYR I 35 -44.17 51.61 -41.34
N ALA I 36 -44.92 52.72 -41.38
CA ALA I 36 -44.92 53.57 -42.56
C ALA I 36 -43.62 54.33 -42.71
N THR I 37 -42.96 54.66 -41.61
CA THR I 37 -41.74 55.44 -41.68
C THR I 37 -40.48 54.60 -41.72
N LYS I 38 -40.54 53.32 -41.35
CA LYS I 38 -39.37 52.46 -41.37
C LYS I 38 -39.38 51.41 -42.46
N LYS I 39 -40.54 50.99 -42.93
CA LYS I 39 -40.51 49.97 -43.97
C LYS I 39 -41.33 50.33 -45.19
N LEU I 40 -42.45 51.03 -45.03
CA LEU I 40 -43.31 51.27 -46.18
C LEU I 40 -42.73 52.32 -47.10
N ILE I 41 -42.44 53.51 -46.58
CA ILE I 41 -41.86 54.57 -47.38
C ILE I 41 -40.39 54.32 -47.72
N PRO I 42 -39.50 53.81 -46.82
CA PRO I 42 -38.14 53.54 -47.29
C PRO I 42 -38.00 52.39 -48.27
N ARG I 43 -38.75 51.30 -48.11
CA ARG I 43 -38.54 50.13 -48.94
C ARG I 43 -39.57 49.94 -50.02
N HIS I 44 -40.85 50.22 -49.76
CA HIS I 44 -41.93 49.93 -50.69
C HIS I 44 -42.52 51.18 -51.32
N TRP I 45 -41.75 52.26 -51.43
CA TRP I 45 -42.32 53.44 -52.07
C TRP I 45 -42.40 53.29 -53.58
N TYR I 46 -41.70 52.31 -54.16
CA TYR I 46 -41.83 52.05 -55.59
C TYR I 46 -43.19 51.45 -55.91
N LEU I 47 -43.70 50.57 -55.06
CA LEU I 47 -45.04 50.03 -55.27
C LEU I 47 -46.10 51.09 -55.09
N LEU I 48 -45.92 51.97 -54.11
CA LEU I 48 -46.88 53.05 -53.91
C LEU I 48 -46.81 54.04 -55.06
N GLY I 49 -45.61 54.25 -55.61
CA GLY I 49 -45.49 55.04 -56.81
C GLY I 49 -45.98 54.30 -58.04
N GLY I 50 -45.87 52.97 -58.03
CA GLY I 50 -46.39 52.19 -59.13
C GLY I 50 -47.90 52.10 -59.12
N PHE I 51 -48.51 52.04 -57.93
CA PHE I 51 -49.96 52.06 -57.84
C PHE I 51 -50.51 53.45 -58.15
N THR I 52 -49.76 54.49 -57.81
CA THR I 52 -50.20 55.85 -58.09
C THR I 52 -50.13 56.15 -59.56
N PHE I 53 -49.13 55.59 -60.27
CA PHE I 53 -49.05 55.77 -61.71
C PHE I 53 -50.23 55.13 -62.41
N THR I 54 -50.62 53.93 -61.98
CA THR I 54 -51.74 53.24 -62.62
C THR I 54 -53.07 53.91 -62.33
N ILE I 55 -53.26 54.44 -61.13
CA ILE I 55 -54.52 55.09 -60.80
C ILE I 55 -54.66 56.41 -61.55
N THR I 56 -53.57 57.17 -61.70
CA THR I 56 -53.67 58.39 -62.48
C THR I 56 -53.71 58.13 -63.97
N LEU I 57 -53.05 57.08 -64.47
CA LEU I 57 -53.13 56.74 -65.89
C LEU I 57 -54.53 56.26 -66.25
N TYR I 58 -55.16 55.51 -65.37
CA TYR I 58 -56.50 55.02 -65.63
C TYR I 58 -57.54 56.10 -65.43
N GLY I 59 -57.19 57.20 -64.76
CA GLY I 59 -58.02 58.38 -64.77
C GLY I 59 -57.88 59.21 -66.02
N ILE I 60 -56.72 59.14 -66.67
CA ILE I 60 -56.58 59.75 -68.00
C ILE I 60 -57.43 58.99 -69.00
N LEU I 61 -57.38 57.66 -68.98
CA LEU I 61 -58.13 56.86 -69.93
C LEU I 61 -59.63 56.85 -69.63
N ASP I 62 -60.04 57.27 -68.44
CA ASP I 62 -61.45 57.52 -68.18
C ASP I 62 -61.85 58.92 -68.62
N GLY I 63 -60.88 59.83 -68.69
CA GLY I 63 -61.15 61.13 -69.27
C GLY I 63 -61.20 61.09 -70.77
N LEU I 64 -60.45 60.17 -71.39
CA LEU I 64 -60.57 59.98 -72.84
C LEU I 64 -61.88 59.31 -73.19
N ARG I 65 -62.32 58.35 -72.39
CA ARG I 65 -63.53 57.61 -72.69
C ARG I 65 -64.77 58.46 -72.44
N ASP I 66 -64.73 59.34 -71.45
CA ASP I 66 -65.87 60.20 -71.18
C ASP I 66 -65.95 61.35 -72.17
N SER I 67 -64.81 61.81 -72.68
CA SER I 67 -64.84 62.81 -73.74
C SER I 67 -65.25 62.21 -75.07
N GLY I 68 -64.98 60.91 -75.28
CA GLY I 68 -65.52 60.25 -76.45
C GLY I 68 -67.01 60.00 -76.35
N LYS I 69 -67.54 59.91 -75.14
CA LYS I 69 -68.97 59.78 -74.95
C LYS I 69 -69.65 61.14 -75.08
N LYS I 70 -68.99 62.19 -74.60
CA LYS I 70 -69.58 63.53 -74.64
C LYS I 70 -69.62 64.08 -76.05
N LYS I 71 -68.61 63.77 -76.85
CA LYS I 71 -68.61 64.20 -78.24
C LYS I 71 -69.70 63.49 -79.03
N ALA I 72 -69.76 62.16 -78.92
CA ALA I 72 -70.77 61.39 -79.65
C ALA I 72 -72.18 61.59 -79.13
N TYR I 73 -72.34 62.18 -77.96
CA TYR I 73 -73.67 62.59 -77.49
C TYR I 73 -74.10 63.87 -78.18
N ASP I 74 -73.20 64.85 -78.25
CA ASP I 74 -73.52 66.12 -78.90
C ASP I 74 -73.57 66.00 -80.42
N GLU I 75 -72.90 65.00 -81.01
CA GLU I 75 -73.00 64.79 -82.45
C GLU I 75 -74.29 64.10 -82.85
N ALA I 76 -75.13 63.70 -81.90
CA ALA I 76 -76.48 63.26 -82.19
C ALA I 76 -77.52 64.27 -81.75
N ILE I 77 -77.19 65.16 -80.82
CA ILE I 77 -78.12 66.22 -80.44
C ILE I 77 -78.16 67.29 -81.52
N HIS I 78 -77.00 67.71 -82.03
CA HIS I 78 -76.97 68.53 -83.23
C HIS I 78 -76.92 67.68 -84.49
N ALA I 79 -77.80 66.68 -84.57
CA ALA I 79 -78.06 65.94 -85.80
C ALA I 79 -79.51 65.53 -85.89
N GLY I 80 -80.35 65.90 -84.94
CA GLY I 80 -81.76 65.57 -84.96
C GLY I 80 -82.08 64.10 -84.76
N LYS I 81 -81.30 63.42 -83.91
CA LYS I 81 -81.53 62.01 -83.64
C LYS I 81 -81.42 61.77 -82.14
N THR I 82 -82.01 60.67 -81.69
CA THR I 82 -81.87 60.30 -80.29
C THR I 82 -80.44 59.82 -80.02
N PRO I 83 -79.85 60.13 -78.87
CA PRO I 83 -78.43 59.81 -78.65
C PRO I 83 -78.16 58.35 -78.31
N TYR I 84 -79.18 57.53 -78.12
CA TYR I 84 -78.99 56.13 -77.75
C TYR I 84 -80.00 55.29 -78.49
N THR I 85 -80.14 54.03 -78.08
CA THR I 85 -80.92 53.04 -78.81
C THR I 85 -82.38 53.00 -78.36
N ALA I 86 -82.91 54.12 -77.85
CA ALA I 86 -84.29 54.27 -77.39
C ALA I 86 -84.67 53.25 -76.31
N GLY I 87 -83.71 52.87 -75.48
CA GLY I 87 -83.98 51.99 -74.35
C GLY I 87 -84.03 50.52 -74.69
N GLY I 88 -85.08 50.10 -75.39
CA GLY I 88 -85.30 48.70 -75.66
C GLY I 88 -86.43 48.14 -74.81
N HIS I 89 -86.48 48.58 -73.56
CA HIS I 89 -87.60 48.28 -72.67
C HIS I 89 -87.73 49.39 -71.64
N MET J 1 -80.75 19.71 -29.65
CA MET J 1 -79.37 19.46 -30.02
C MET J 1 -78.47 20.65 -29.69
N ALA J 2 -77.16 20.42 -29.74
CA ALA J 2 -76.20 21.50 -29.84
C ALA J 2 -76.06 21.85 -31.32
N VAL J 3 -76.37 23.10 -31.67
CA VAL J 3 -76.56 23.48 -33.07
C VAL J 3 -75.26 23.40 -33.86
N THR J 4 -74.12 23.55 -33.21
CA THR J 4 -72.82 23.45 -33.88
C THR J 4 -72.13 22.12 -33.60
N SER J 5 -72.36 21.54 -32.41
CA SER J 5 -71.62 20.34 -32.05
C SER J 5 -72.30 19.07 -32.57
N PHE J 6 -73.60 19.12 -32.89
CA PHE J 6 -74.22 17.95 -33.49
C PHE J 6 -73.92 17.86 -34.97
N LEU J 7 -74.03 18.99 -35.69
CA LEU J 7 -73.83 18.99 -37.13
C LEU J 7 -72.38 18.70 -37.51
N GLY J 8 -71.44 19.01 -36.61
CA GLY J 8 -70.05 18.63 -36.86
C GLY J 8 -69.84 17.14 -36.76
N LYS J 9 -70.42 16.52 -35.73
CA LYS J 9 -70.26 15.08 -35.55
C LYS J 9 -71.08 14.29 -36.56
N ALA J 10 -72.17 14.88 -37.06
CA ALA J 10 -72.95 14.22 -38.09
C ALA J 10 -72.22 14.25 -39.43
N PHE J 11 -71.62 15.40 -39.76
CA PHE J 11 -70.92 15.54 -41.03
C PHE J 11 -69.61 14.77 -41.04
N GLU J 12 -68.99 14.59 -39.87
CA GLU J 12 -67.76 13.81 -39.79
C GLU J 12 -68.01 12.34 -40.09
N LYS J 13 -69.10 11.79 -39.56
CA LYS J 13 -69.46 10.40 -39.85
C LYS J 13 -69.93 10.23 -41.29
N TYR J 14 -70.49 11.28 -41.89
CA TYR J 14 -70.92 11.22 -43.28
C TYR J 14 -69.73 11.35 -44.24
N PHE J 15 -68.77 12.21 -43.89
CA PHE J 15 -67.63 12.45 -44.77
C PHE J 15 -66.69 11.26 -44.82
N TYR J 16 -66.48 10.60 -43.68
CA TYR J 16 -65.44 9.58 -43.56
C TYR J 16 -66.01 8.16 -43.61
N ASP J 17 -66.97 7.86 -42.72
CA ASP J 17 -67.46 6.50 -42.53
C ASP J 17 -68.48 6.09 -43.59
N PHE J 18 -69.45 6.94 -43.89
CA PHE J 18 -70.49 6.61 -44.86
C PHE J 18 -69.91 6.71 -46.26
N SER J 19 -69.60 5.56 -46.85
CA SER J 19 -69.08 5.48 -48.21
C SER J 19 -69.99 4.60 -49.04
N ALA J 20 -70.61 5.19 -50.07
CA ALA J 20 -71.48 4.44 -50.98
C ALA J 20 -70.70 3.63 -52.00
N TYR J 21 -69.37 3.64 -51.94
CA TYR J 21 -68.56 2.71 -52.71
C TYR J 21 -68.42 1.36 -52.01
N GLU J 22 -68.89 1.24 -50.78
CA GLU J 22 -68.93 -0.04 -50.09
C GLU J 22 -70.34 -0.51 -49.80
N GLN J 23 -71.22 0.39 -49.37
CA GLN J 23 -72.59 0.03 -49.04
C GLN J 23 -73.43 -0.32 -50.25
N PHE J 24 -73.00 0.07 -51.46
CA PHE J 24 -73.72 -0.28 -52.68
C PHE J 24 -72.91 -1.23 -53.56
N GLY J 25 -71.79 -1.74 -53.06
CA GLY J 25 -70.98 -2.65 -53.83
C GLY J 25 -69.92 -1.98 -54.67
N LEU J 26 -70.17 -1.84 -55.98
CA LEU J 26 -69.42 -1.00 -56.92
C LEU J 26 -67.97 -1.43 -57.17
N ASN J 27 -67.47 -2.43 -56.47
CA ASN J 27 -66.25 -3.09 -56.89
C ASN J 27 -66.52 -4.11 -57.99
N ARG J 28 -67.76 -4.57 -58.08
CA ARG J 28 -68.20 -5.45 -59.16
C ARG J 28 -68.46 -4.66 -60.44
N PHE J 29 -68.58 -3.34 -60.33
CA PHE J 29 -68.80 -2.48 -61.48
C PHE J 29 -67.57 -1.69 -61.88
N LEU J 30 -66.87 -1.10 -60.93
CA LEU J 30 -65.81 -0.13 -61.19
C LEU J 30 -64.45 -0.72 -60.87
N SER J 31 -63.41 -0.13 -61.46
CA SER J 31 -62.05 -0.60 -61.25
C SER J 31 -61.53 -0.24 -59.87
N SER J 32 -61.38 1.05 -59.61
CA SER J 32 -60.84 1.56 -58.36
C SER J 32 -61.84 2.51 -57.71
N LYS J 33 -61.43 3.13 -56.62
CA LYS J 33 -62.17 4.25 -56.08
C LYS J 33 -61.87 5.55 -56.80
N GLY J 34 -60.71 5.64 -57.45
CA GLY J 34 -60.38 6.81 -58.23
C GLY J 34 -61.19 6.97 -59.50
N GLN J 35 -61.84 5.90 -59.96
CA GLN J 35 -62.81 6.01 -61.04
C GLN J 35 -64.23 6.15 -60.55
N TYR J 36 -64.45 5.93 -59.25
CA TYR J 36 -65.79 6.16 -58.65
C TYR J 36 -65.93 7.67 -58.47
N VAL J 37 -64.83 8.33 -58.12
CA VAL J 37 -64.82 9.78 -57.94
C VAL J 37 -64.87 10.52 -59.27
N ALA J 38 -64.34 9.94 -60.33
CA ALA J 38 -64.43 10.52 -61.66
C ALA J 38 -65.78 10.29 -62.32
N LEU J 39 -66.66 9.49 -61.71
CA LEU J 39 -68.02 9.33 -62.19
C LEU J 39 -69.07 9.91 -61.25
N ARG J 40 -68.77 9.94 -59.95
CA ARG J 40 -69.61 10.69 -59.02
C ARG J 40 -69.56 12.18 -59.33
N HIS J 41 -68.42 12.66 -59.81
CA HIS J 41 -68.24 14.05 -60.20
C HIS J 41 -69.11 14.38 -61.41
N VAL J 42 -68.98 13.59 -62.48
CA VAL J 42 -69.78 13.80 -63.67
C VAL J 42 -71.25 13.47 -63.39
N GLY J 43 -71.49 12.54 -62.47
CA GLY J 43 -72.85 12.28 -62.03
C GLY J 43 -73.45 13.42 -61.24
N PHE J 44 -72.60 14.20 -60.56
CA PHE J 44 -73.11 15.32 -59.78
C PHE J 44 -73.54 16.47 -60.67
N VAL J 45 -72.81 16.70 -61.77
CA VAL J 45 -73.18 17.79 -62.67
C VAL J 45 -74.31 17.34 -63.60
N MET J 46 -74.44 16.03 -63.82
CA MET J 46 -75.57 15.54 -64.60
C MET J 46 -76.86 15.61 -63.80
N VAL J 47 -76.77 15.47 -62.48
CA VAL J 47 -77.93 15.76 -61.64
C VAL J 47 -78.25 17.24 -61.67
N GLY J 48 -77.23 18.09 -61.50
CA GLY J 48 -77.43 19.51 -61.40
C GLY J 48 -77.86 20.18 -62.70
N VAL J 49 -77.49 19.60 -63.85
CA VAL J 49 -77.99 20.14 -65.11
C VAL J 49 -79.45 19.77 -65.28
N ASN J 50 -79.88 18.66 -64.68
CA ASN J 50 -81.25 18.22 -64.79
C ASN J 50 -82.15 18.83 -63.73
N VAL J 51 -81.67 18.98 -62.50
CA VAL J 51 -82.48 19.55 -61.43
C VAL J 51 -82.74 21.03 -61.69
N LEU J 52 -81.73 21.77 -62.16
CA LEU J 52 -81.91 23.19 -62.44
C LEU J 52 -82.81 23.42 -63.63
N LEU J 53 -82.89 22.46 -64.55
CA LEU J 53 -83.86 22.55 -65.64
C LEU J 53 -85.24 22.12 -65.17
N ALA J 54 -85.33 21.04 -64.40
CA ALA J 54 -86.62 20.53 -63.96
C ALA J 54 -87.27 21.39 -62.89
N ALA J 55 -86.50 22.22 -62.20
CA ALA J 55 -87.10 23.11 -61.20
C ALA J 55 -87.96 24.18 -61.83
N ASN J 56 -87.66 24.54 -63.08
CA ASN J 56 -88.53 25.41 -63.87
C ASN J 56 -88.37 25.04 -65.34
N PHE J 57 -89.24 24.14 -65.81
CA PHE J 57 -89.16 23.73 -67.22
C PHE J 57 -89.83 24.68 -68.21
N PRO J 58 -91.08 25.19 -68.01
CA PRO J 58 -91.62 26.09 -69.04
C PRO J 58 -90.91 27.43 -69.04
N PHE J 59 -89.74 27.49 -69.67
CA PHE J 59 -89.00 28.72 -69.82
C PHE J 59 -88.34 28.72 -71.19
N ASN J 60 -88.18 29.90 -71.75
CA ASN J 60 -87.47 30.01 -73.01
C ASN J 60 -85.97 30.00 -72.72
N PRO J 61 -85.20 29.20 -73.44
CA PRO J 61 -83.77 29.06 -73.13
C PRO J 61 -83.00 30.32 -73.46
N PRO J 62 -82.24 30.85 -72.51
CA PRO J 62 -81.29 31.92 -72.84
C PRO J 62 -80.10 31.39 -73.62
N PHE J 63 -79.74 30.15 -73.40
CA PHE J 63 -78.66 29.53 -74.14
C PHE J 63 -79.12 29.19 -75.54
N PRO J 64 -78.27 29.35 -76.54
CA PRO J 64 -78.67 29.01 -77.91
C PRO J 64 -78.79 27.52 -78.11
N THR J 65 -80.01 27.06 -78.41
CA THR J 65 -80.20 25.66 -78.73
C THR J 65 -79.74 25.39 -80.15
N ILE J 66 -79.86 24.13 -80.56
CA ILE J 66 -79.27 23.68 -81.81
C ILE J 66 -80.34 23.57 -82.87
N GLY J 67 -81.42 24.33 -82.70
CA GLY J 67 -82.56 24.24 -83.60
C GLY J 67 -83.51 23.15 -83.23
N MET J 68 -83.43 22.66 -82.00
CA MET J 68 -84.25 21.56 -81.53
C MET J 68 -85.23 22.09 -80.49
N CYS J 69 -86.26 21.31 -80.21
CA CYS J 69 -87.38 21.72 -79.38
C CYS J 69 -87.59 20.75 -78.22
N PRO J 70 -88.11 21.23 -77.05
CA PRO J 70 -88.15 20.39 -75.85
C PRO J 70 -89.06 19.18 -75.91
N ALA J 71 -90.26 19.38 -76.43
CA ALA J 71 -91.25 18.32 -76.58
C ALA J 71 -92.09 18.70 -77.78
N GLY J 72 -93.30 18.17 -77.87
CA GLY J 72 -94.20 18.67 -78.89
C GLY J 72 -94.73 20.06 -78.58
N TRP J 73 -93.85 21.07 -78.66
CA TRP J 73 -94.29 22.46 -78.61
C TRP J 73 -94.02 23.09 -79.98
N GLU J 74 -92.76 23.21 -80.38
CA GLU J 74 -92.27 23.36 -81.75
C GLU J 74 -92.74 24.60 -82.52
N GLY J 75 -93.65 25.38 -81.95
CA GLY J 75 -94.03 26.66 -82.51
C GLY J 75 -94.44 27.59 -81.38
N THR J 76 -94.24 27.12 -80.16
CA THR J 76 -94.72 27.78 -78.97
C THR J 76 -93.65 28.79 -78.54
N TRP J 77 -93.88 29.52 -77.44
CA TRP J 77 -92.95 30.53 -76.99
C TRP J 77 -91.63 29.95 -76.48
N VAL J 78 -91.62 28.69 -76.06
CA VAL J 78 -90.38 28.09 -75.58
C VAL J 78 -89.46 27.68 -76.73
N CYS J 79 -89.93 27.75 -77.98
CA CYS J 79 -89.13 27.39 -79.13
C CYS J 79 -88.81 28.58 -80.02
N GLN J 80 -89.10 29.79 -79.57
CA GLN J 80 -88.89 30.95 -80.41
C GLN J 80 -87.42 31.34 -80.45
N ALA J 81 -86.98 31.82 -81.60
CA ALA J 81 -85.58 32.25 -81.75
C ALA J 81 -85.37 33.64 -81.15
N ASP J 82 -86.10 34.63 -81.64
CA ASP J 82 -85.96 35.99 -81.10
C ASP J 82 -86.88 36.14 -79.89
N LYS J 83 -86.42 36.88 -78.89
CA LYS J 83 -87.07 36.86 -77.59
C LYS J 83 -88.20 37.87 -77.47
N ALA J 84 -88.22 38.91 -78.30
CA ALA J 84 -89.33 39.87 -78.24
C ALA J 84 -90.62 39.27 -78.77
N LYS J 85 -90.53 38.33 -79.71
CA LYS J 85 -91.70 37.58 -80.14
C LYS J 85 -92.17 36.63 -79.05
N ALA J 86 -91.22 36.01 -78.35
CA ALA J 86 -91.54 35.02 -77.33
C ALA J 86 -92.18 35.63 -76.09
N LEU J 87 -91.96 36.93 -75.86
CA LEU J 87 -92.53 37.54 -74.67
C LEU J 87 -94.03 37.79 -74.83
N GLU J 88 -94.46 38.22 -76.03
CA GLU J 88 -95.89 38.39 -76.23
C GLU J 88 -96.61 37.06 -76.38
N MET J 89 -95.91 36.03 -76.87
CA MET J 89 -96.52 34.72 -76.95
C MET J 89 -96.63 34.09 -75.58
N TYR J 90 -95.77 34.49 -74.65
CA TYR J 90 -95.84 33.94 -73.29
C TYR J 90 -97.02 34.55 -72.54
N LYS J 91 -97.26 35.84 -72.70
CA LYS J 91 -98.36 36.49 -72.01
C LYS J 91 -99.72 36.10 -72.58
N GLU J 92 -99.78 35.75 -73.87
CA GLU J 92 -100.99 35.16 -74.42
C GLU J 92 -101.11 33.68 -74.06
N TRP J 93 -100.03 33.08 -73.58
CA TRP J 93 -100.09 31.74 -73.01
C TRP J 93 -100.38 31.77 -71.51
N LYS J 94 -99.99 32.84 -70.82
CA LYS J 94 -100.05 32.86 -69.37
C LYS J 94 -101.46 33.13 -68.86
N LYS J 95 -102.24 33.93 -69.59
CA LYS J 95 -103.64 34.15 -69.19
C LYS J 95 -104.48 32.91 -69.43
N SER J 96 -104.09 32.06 -70.39
CA SER J 96 -104.77 30.80 -70.60
C SER J 96 -104.37 29.78 -69.55
N ASN J 97 -103.07 29.50 -69.45
CA ASN J 97 -102.57 28.57 -68.44
C ASN J 97 -102.24 29.28 -67.14
N SER K 95 -54.07 46.62 -30.01
CA SER K 95 -53.74 46.56 -28.59
C SER K 95 -53.10 45.23 -28.22
N SER K 96 -53.88 44.15 -28.32
CA SER K 96 -53.44 42.82 -27.96
C SER K 96 -53.23 41.99 -29.23
N VAL K 97 -51.97 41.69 -29.52
CA VAL K 97 -51.62 40.85 -30.66
C VAL K 97 -51.89 39.39 -30.35
N ARG K 98 -52.51 38.69 -31.30
CA ARG K 98 -52.95 37.32 -31.13
C ARG K 98 -51.76 36.37 -31.00
N ASP K 99 -52.04 35.20 -30.44
CA ASP K 99 -51.03 34.18 -30.22
C ASP K 99 -51.03 33.20 -31.38
N VAL K 100 -49.83 32.82 -31.83
CA VAL K 100 -49.66 32.00 -33.00
C VAL K 100 -48.97 30.71 -32.60
N LYS K 101 -49.49 29.58 -33.06
CA LYS K 101 -48.83 28.30 -32.90
C LYS K 101 -47.60 28.24 -33.79
N THR K 102 -46.50 27.73 -33.27
CA THR K 102 -45.33 27.50 -34.11
C THR K 102 -45.59 26.36 -35.06
N GLY K 103 -45.26 26.56 -36.33
CA GLY K 103 -45.32 25.47 -37.27
C GLY K 103 -46.71 25.12 -37.75
N SER K 104 -47.63 26.06 -37.72
CA SER K 104 -48.95 25.82 -38.29
C SER K 104 -48.87 25.85 -39.81
N LEU K 105 -49.91 25.33 -40.45
CA LEU K 105 -49.88 25.20 -41.91
C LEU K 105 -49.88 26.51 -42.68
N PRO K 106 -50.57 27.60 -42.29
CA PRO K 106 -50.41 28.83 -43.06
C PRO K 106 -49.07 29.51 -42.91
N THR K 107 -48.32 29.29 -41.83
CA THR K 107 -47.02 29.93 -41.74
C THR K 107 -45.94 29.07 -42.38
N ASN K 108 -46.15 27.77 -42.46
CA ASN K 108 -45.22 26.93 -43.20
C ASN K 108 -45.39 27.08 -44.70
N PHE K 109 -46.58 27.44 -45.15
CA PHE K 109 -46.79 27.66 -46.57
C PHE K 109 -46.24 29.01 -47.00
N LEU K 110 -46.47 30.05 -46.21
CA LEU K 110 -45.93 31.37 -46.53
C LEU K 110 -44.43 31.47 -46.32
N THR K 111 -43.84 30.57 -45.54
CA THR K 111 -42.39 30.57 -45.45
C THR K 111 -41.78 29.98 -46.72
N GLY K 112 -42.35 28.88 -47.20
CA GLY K 112 -41.86 28.30 -48.44
C GLY K 112 -42.17 29.14 -49.65
N VAL K 113 -43.24 29.94 -49.57
CA VAL K 113 -43.59 30.82 -50.68
C VAL K 113 -42.70 32.05 -50.70
N TYR K 114 -42.50 32.68 -49.54
CA TYR K 114 -41.65 33.87 -49.48
C TYR K 114 -40.21 33.55 -49.82
N ARG K 115 -39.72 32.40 -49.36
CA ARG K 115 -38.36 32.00 -49.69
C ARG K 115 -38.20 31.58 -51.13
N PHE K 116 -39.31 31.35 -51.84
CA PHE K 116 -39.22 31.08 -53.27
C PHE K 116 -38.97 32.36 -54.05
N TRP K 117 -39.76 33.38 -53.81
CA TRP K 117 -39.62 34.64 -54.53
C TRP K 117 -38.42 35.45 -54.07
N ARG K 118 -37.93 35.20 -52.87
CA ARG K 118 -36.68 35.82 -52.44
C ARG K 118 -35.49 35.14 -53.08
N SER K 119 -35.63 33.88 -53.46
CA SER K 119 -34.57 33.17 -54.15
C SER K 119 -34.52 33.45 -55.64
N GLN K 120 -35.46 34.23 -56.18
CA GLN K 120 -35.46 34.51 -57.60
C GLN K 120 -34.48 35.60 -57.96
N ASN K 121 -34.22 36.53 -57.05
CA ASN K 121 -33.22 37.59 -57.22
C ASN K 121 -32.20 37.45 -56.10
N PRO K 122 -31.26 36.52 -56.22
CA PRO K 122 -30.33 36.28 -55.11
C PRO K 122 -29.26 37.35 -55.05
N ALA K 123 -28.63 37.44 -53.88
CA ALA K 123 -27.56 38.39 -53.69
C ALA K 123 -26.31 37.93 -54.42
N GLU K 124 -25.42 38.88 -54.69
CA GLU K 124 -24.19 38.58 -55.40
C GLU K 124 -23.08 38.28 -54.41
N LYS K 125 -22.27 37.28 -54.73
CA LYS K 125 -21.14 36.94 -53.88
C LYS K 125 -20.04 37.96 -54.05
N PRO K 126 -19.52 38.55 -52.96
CA PRO K 126 -18.48 39.56 -53.09
C PRO K 126 -17.13 38.94 -53.42
N HIS K 127 -16.15 39.82 -53.65
CA HIS K 127 -14.81 39.34 -53.95
C HIS K 127 -14.10 38.89 -52.68
N ASP K 128 -14.24 39.65 -51.60
CA ASP K 128 -13.64 39.31 -50.33
C ASP K 128 -14.55 38.38 -49.53
N PRO K 129 -13.98 37.57 -48.65
CA PRO K 129 -14.81 36.77 -47.75
C PRO K 129 -15.53 37.65 -46.73
N VAL K 130 -16.77 37.28 -46.43
CA VAL K 130 -17.64 38.11 -45.58
C VAL K 130 -17.25 37.90 -44.13
N ASN K 131 -16.76 38.96 -43.49
CA ASN K 131 -16.50 38.99 -42.06
C ASN K 131 -16.93 40.35 -41.55
N ASP K 132 -16.48 40.72 -40.35
CA ASP K 132 -16.89 41.98 -39.74
C ASP K 132 -16.38 43.20 -40.50
N ARG K 133 -15.34 43.05 -41.31
CA ARG K 133 -14.92 44.12 -42.20
C ARG K 133 -15.93 44.32 -43.32
N LEU K 134 -16.39 43.24 -43.93
CA LEU K 134 -17.28 43.30 -45.09
C LEU K 134 -18.76 43.36 -44.70
N LEU K 135 -19.08 43.25 -43.42
CA LEU K 135 -20.48 43.20 -43.01
C LEU K 135 -21.28 44.49 -43.23
N PRO K 136 -20.76 45.72 -43.09
CA PRO K 136 -21.59 46.86 -43.50
C PRO K 136 -21.78 46.97 -45.00
N ALA K 137 -20.85 46.45 -45.80
CA ALA K 137 -21.05 46.45 -47.23
C ALA K 137 -22.10 45.46 -47.68
N VAL K 138 -22.34 44.41 -46.89
CA VAL K 138 -23.39 43.44 -47.18
C VAL K 138 -24.74 43.98 -46.71
N VAL K 139 -24.77 44.66 -45.57
CA VAL K 139 -26.00 45.25 -45.06
C VAL K 139 -26.43 46.42 -45.93
N ASP K 140 -25.47 47.17 -46.48
CA ASP K 140 -25.82 48.27 -47.37
C ASP K 140 -26.24 47.77 -48.74
N ALA K 141 -25.64 46.68 -49.22
CA ALA K 141 -26.08 46.10 -50.49
C ALA K 141 -27.46 45.48 -50.37
N SER K 142 -27.85 45.07 -49.17
CA SER K 142 -29.21 44.64 -48.92
C SER K 142 -30.15 45.82 -48.76
N ASP K 143 -29.61 47.01 -48.46
CA ASP K 143 -30.44 48.20 -48.39
C ASP K 143 -30.72 48.78 -49.76
N LYS K 144 -29.81 48.56 -50.71
CA LYS K 144 -29.95 49.12 -52.04
C LYS K 144 -30.65 48.17 -52.99
N ARG K 145 -30.96 46.96 -52.54
CA ARG K 145 -31.75 46.02 -53.34
C ARG K 145 -33.22 46.22 -53.00
N ALA K 146 -34.05 46.20 -54.04
CA ALA K 146 -35.48 46.35 -53.83
C ALA K 146 -36.05 45.11 -53.18
N SER K 147 -37.19 45.28 -52.53
CA SER K 147 -37.86 44.17 -51.83
C SER K 147 -38.69 43.35 -52.82
N ILE K 148 -38.02 42.79 -53.82
CA ILE K 148 -38.72 42.01 -54.82
C ILE K 148 -39.18 40.70 -54.24
N GLY K 149 -38.51 40.20 -53.19
CA GLY K 149 -39.00 39.03 -52.51
C GLY K 149 -40.34 39.27 -51.84
N THR K 150 -40.52 40.46 -51.26
CA THR K 150 -41.76 40.82 -50.61
C THR K 150 -42.83 41.24 -51.61
N TRP K 151 -42.43 41.91 -52.70
CA TRP K 151 -43.40 42.33 -53.70
C TRP K 151 -43.95 41.17 -54.48
N ALA K 152 -43.10 40.19 -54.80
CA ALA K 152 -43.57 39.09 -55.64
C ALA K 152 -44.47 38.13 -54.89
N THR K 153 -44.35 38.05 -53.57
CA THR K 153 -45.33 37.27 -52.82
C THR K 153 -46.50 38.11 -52.38
N THR K 154 -46.42 39.44 -52.53
CA THR K 154 -47.61 40.26 -52.46
C THR K 154 -48.48 40.02 -53.67
N PHE K 155 -47.86 39.93 -54.85
CA PHE K 155 -48.61 39.75 -56.08
C PHE K 155 -48.97 38.30 -56.31
N PHE K 156 -48.23 37.37 -55.74
CA PHE K 156 -48.61 35.97 -55.85
C PHE K 156 -49.85 35.68 -55.00
N CYS K 157 -49.87 36.21 -53.78
CA CYS K 157 -50.98 35.92 -52.88
C CYS K 157 -52.21 36.78 -53.20
N THR K 158 -52.04 37.92 -53.85
CA THR K 158 -53.22 38.69 -54.22
C THR K 158 -53.80 38.25 -55.54
N ILE K 159 -53.11 37.41 -56.29
CA ILE K 159 -53.66 36.94 -57.56
C ILE K 159 -54.16 35.51 -57.44
N ILE K 160 -53.41 34.64 -56.75
CA ILE K 160 -53.90 33.28 -56.56
C ILE K 160 -55.06 33.23 -55.58
N SER K 161 -55.28 34.27 -54.80
CA SER K 161 -56.53 34.36 -54.05
C SER K 161 -57.66 34.88 -54.92
N CYS K 162 -57.36 35.79 -55.84
CA CYS K 162 -58.39 36.33 -56.72
C CYS K 162 -58.67 35.40 -57.90
N ASN K 163 -57.67 34.67 -58.38
CA ASN K 163 -57.91 33.72 -59.47
C ASN K 163 -58.71 32.53 -58.99
N LEU K 164 -58.46 32.08 -57.75
CA LEU K 164 -59.22 30.97 -57.20
C LEU K 164 -60.57 31.40 -56.63
N LEU K 165 -60.88 32.70 -56.64
CA LEU K 165 -62.25 33.12 -56.37
C LEU K 165 -63.16 32.81 -57.54
N GLY K 166 -62.61 32.78 -58.76
CA GLY K 166 -63.43 32.48 -59.92
C GLY K 166 -63.85 31.04 -60.04
N LEU K 167 -63.33 30.17 -59.18
CA LEU K 167 -63.68 28.76 -59.18
C LEU K 167 -64.46 28.37 -57.93
N MET K 168 -64.67 29.25 -57.05
CA MET K 168 -65.62 29.02 -55.98
C MET K 168 -67.03 29.35 -56.47
N PRO K 169 -68.04 28.59 -56.06
CA PRO K 169 -69.39 28.85 -56.54
C PRO K 169 -69.94 30.16 -56.00
N PHE K 170 -70.87 30.74 -56.76
CA PHE K 170 -71.48 32.06 -56.52
C PHE K 170 -70.44 33.17 -56.48
N ASN K 171 -69.34 33.02 -57.21
CA ASN K 171 -68.27 34.02 -57.21
C ASN K 171 -67.62 34.06 -58.57
N GLU K 172 -67.13 35.24 -58.93
CA GLU K 172 -66.33 35.45 -60.12
C GLU K 172 -64.99 36.05 -59.72
N ALA K 173 -63.99 35.80 -60.54
CA ALA K 173 -62.64 36.25 -60.22
C ALA K 173 -62.54 37.75 -60.39
N PRO K 174 -61.93 38.47 -59.44
CA PRO K 174 -61.69 39.90 -59.66
C PRO K 174 -60.75 40.18 -60.80
N THR K 175 -59.80 39.28 -61.07
CA THR K 175 -58.84 39.48 -62.15
C THR K 175 -59.41 39.16 -63.52
N SER K 176 -60.68 38.80 -63.63
CA SER K 176 -61.33 38.70 -64.92
C SER K 176 -61.85 40.05 -65.42
N GLY K 177 -61.73 41.10 -64.61
CA GLY K 177 -62.05 42.43 -65.06
C GLY K 177 -60.84 43.09 -65.67
N LEU K 178 -61.09 43.98 -66.62
CA LEU K 178 -60.00 44.59 -67.37
C LEU K 178 -59.20 45.56 -66.51
N GLY K 179 -59.87 46.29 -65.63
CA GLY K 179 -59.17 47.23 -64.80
C GLY K 179 -58.37 46.61 -63.67
N PHE K 180 -58.86 45.50 -63.12
CA PHE K 180 -58.18 44.87 -61.99
C PHE K 180 -56.90 44.20 -62.45
N ALA K 181 -56.99 43.37 -63.48
CA ALA K 181 -55.85 42.57 -63.88
C ALA K 181 -54.79 43.41 -64.57
N THR K 182 -55.19 44.27 -65.50
CA THR K 182 -54.23 45.12 -66.18
C THR K 182 -53.72 46.21 -65.23
N GLY K 183 -54.54 46.62 -64.27
CA GLY K 183 -54.09 47.56 -63.26
C GLY K 183 -53.09 46.99 -62.28
N LEU K 184 -52.96 45.67 -62.22
CA LEU K 184 -51.86 45.05 -61.50
C LEU K 184 -50.63 44.89 -62.39
N GLY K 185 -50.84 44.76 -63.70
CA GLY K 185 -49.72 44.60 -64.60
C GLY K 185 -49.01 45.90 -64.95
N VAL K 186 -49.76 46.99 -65.08
CA VAL K 186 -49.14 48.30 -65.25
C VAL K 186 -48.46 48.72 -63.96
N SER K 187 -49.01 48.31 -62.82
CA SER K 187 -48.45 48.68 -61.52
C SER K 187 -47.13 47.98 -61.25
N VAL K 188 -46.91 46.80 -61.81
CA VAL K 188 -45.60 46.17 -61.71
C VAL K 188 -44.62 46.83 -62.67
N TRP K 189 -45.08 47.17 -63.86
CA TRP K 189 -44.21 47.83 -64.83
C TRP K 189 -43.85 49.22 -64.39
N ALA K 190 -44.77 49.92 -63.73
CA ALA K 190 -44.43 51.23 -63.18
C ALA K 190 -43.50 51.09 -61.99
N THR K 191 -43.60 50.01 -61.23
CA THR K 191 -42.72 49.79 -60.09
C THR K 191 -41.30 49.50 -60.54
N ALA K 192 -41.15 48.71 -61.60
CA ALA K 192 -39.82 48.43 -62.14
C ALA K 192 -39.20 49.68 -62.73
N THR K 193 -40.00 50.50 -63.41
CA THR K 193 -39.47 51.69 -64.06
C THR K 193 -39.10 52.76 -63.04
N ILE K 194 -39.90 52.93 -62.00
CA ILE K 194 -39.57 53.88 -60.93
C ILE K 194 -38.33 53.42 -60.18
N LEU K 195 -38.16 52.12 -60.04
CA LEU K 195 -36.92 51.58 -59.47
C LEU K 195 -35.73 51.85 -60.37
N GLY K 196 -35.93 51.74 -61.69
CA GLY K 196 -34.84 52.04 -62.61
C GLY K 196 -34.58 53.52 -62.77
N LEU K 197 -35.62 54.34 -62.64
CA LEU K 197 -35.45 55.79 -62.76
C LEU K 197 -34.87 56.40 -61.51
N SER K 198 -34.88 55.69 -60.38
CA SER K 198 -34.28 56.23 -59.16
C SER K 198 -32.79 55.96 -59.09
N LYS K 199 -32.29 55.03 -59.90
CA LYS K 199 -30.86 54.67 -59.90
C LYS K 199 -30.04 55.90 -60.27
N THR K 200 -30.54 56.68 -61.23
CA THR K 200 -29.87 57.94 -61.67
C THR K 200 -30.39 59.07 -60.77
N GLY K 201 -31.06 60.03 -61.39
CA GLY K 201 -31.68 61.13 -60.69
C GLY K 201 -33.02 61.50 -61.29
N PHE K 202 -33.79 60.47 -61.65
CA PHE K 202 -35.14 60.53 -62.21
C PHE K 202 -35.16 61.22 -63.57
N LYS K 203 -34.10 61.07 -64.35
CA LYS K 203 -34.12 61.56 -65.72
C LYS K 203 -34.28 60.40 -66.70
N PHE K 204 -35.13 60.61 -67.69
CA PHE K 204 -35.61 59.48 -68.48
C PHE K 204 -34.64 59.14 -69.60
N PRO K 205 -34.23 57.86 -69.73
CA PRO K 205 -33.57 57.39 -70.96
C PRO K 205 -34.58 56.82 -71.94
N PHE K 219 -29.13 55.83 -82.14
CA PHE K 219 -29.86 57.06 -82.43
C PHE K 219 -31.34 56.77 -82.65
N ILE K 220 -31.67 56.16 -83.78
CA ILE K 220 -33.03 55.72 -84.02
C ILE K 220 -33.29 54.33 -83.43
N PHE K 221 -32.26 53.74 -82.79
CA PHE K 221 -32.44 52.46 -82.12
C PHE K 221 -33.35 52.58 -80.91
N VAL K 222 -33.12 53.59 -80.07
CA VAL K 222 -33.77 53.63 -78.76
C VAL K 222 -35.29 53.85 -78.78
N PRO K 223 -35.92 54.39 -79.85
CA PRO K 223 -37.39 54.20 -79.91
C PRO K 223 -37.81 52.76 -80.17
N LEU K 224 -36.92 51.88 -80.61
CA LEU K 224 -37.33 50.49 -80.82
C LEU K 224 -37.04 49.63 -79.59
N GLU K 225 -36.08 50.06 -78.75
CA GLU K 225 -35.94 49.39 -77.46
C GLU K 225 -37.07 49.80 -76.51
N THR K 226 -37.55 51.03 -76.67
CA THR K 226 -38.61 51.59 -75.80
C THR K 226 -39.95 50.89 -76.03
N ILE K 227 -40.38 50.81 -77.29
CA ILE K 227 -41.70 50.18 -77.63
C ILE K 227 -41.80 48.78 -76.99
N SER K 228 -40.87 47.88 -77.33
CA SER K 228 -40.91 46.53 -76.80
C SER K 228 -40.83 46.52 -75.28
N TYR K 229 -40.23 47.56 -74.69
CA TYR K 229 -40.20 47.65 -73.24
C TYR K 229 -41.52 48.17 -72.69
N THR K 230 -42.14 49.13 -73.37
CA THR K 230 -43.39 49.63 -72.83
C THR K 230 -44.58 48.76 -73.20
N PHE K 231 -44.38 47.74 -74.03
CA PHE K 231 -45.45 46.78 -74.27
C PHE K 231 -45.63 45.83 -73.10
N ARG K 232 -44.56 45.58 -72.33
CA ARG K 232 -44.69 44.69 -71.19
C ARG K 232 -45.46 45.30 -70.03
N ALA K 233 -45.77 46.60 -70.09
CA ALA K 233 -46.84 47.15 -69.26
C ALA K 233 -48.17 46.52 -69.62
N VAL K 234 -48.44 46.43 -70.93
CA VAL K 234 -49.70 45.86 -71.38
C VAL K 234 -49.69 44.35 -71.18
N SER K 235 -48.67 43.67 -71.68
CA SER K 235 -48.72 42.22 -71.80
C SER K 235 -48.57 41.49 -70.46
N LEU K 236 -48.22 42.19 -69.38
CA LEU K 236 -48.12 41.52 -68.09
C LEU K 236 -49.49 41.30 -67.47
N GLY K 237 -50.35 42.31 -67.55
CA GLY K 237 -51.68 42.19 -66.99
C GLY K 237 -52.71 41.66 -67.96
N VAL K 238 -52.48 41.87 -69.27
CA VAL K 238 -53.40 41.37 -70.28
C VAL K 238 -53.30 39.85 -70.37
N ARG K 239 -52.10 39.30 -70.17
CA ARG K 239 -51.95 37.85 -70.11
C ARG K 239 -52.70 37.26 -68.92
N LEU K 240 -52.76 38.00 -67.82
CA LEU K 240 -53.55 37.59 -66.67
C LEU K 240 -55.04 37.76 -66.91
N TRP K 241 -55.42 38.83 -67.62
CA TRP K 241 -56.83 39.11 -67.84
C TRP K 241 -57.45 38.14 -68.83
N VAL K 242 -56.79 37.91 -69.97
CA VAL K 242 -57.35 37.07 -71.02
C VAL K 242 -57.39 35.62 -70.58
N ASN K 243 -56.43 35.18 -69.78
CA ASN K 243 -56.46 33.81 -69.27
C ASN K 243 -57.59 33.59 -68.28
N MET K 244 -57.96 34.62 -67.53
CA MET K 244 -59.10 34.53 -66.63
C MET K 244 -60.42 34.75 -67.35
N LEU K 245 -60.41 35.48 -68.45
CA LEU K 245 -61.64 35.78 -69.17
C LEU K 245 -61.96 34.72 -70.21
N ALA K 246 -60.97 34.32 -71.02
CA ALA K 246 -61.26 33.44 -72.14
C ALA K 246 -61.47 32.00 -71.70
N GLY K 247 -61.00 31.62 -70.52
CA GLY K 247 -61.30 30.31 -70.01
C GLY K 247 -62.66 30.22 -69.37
N HIS K 248 -63.16 31.34 -68.85
CA HIS K 248 -64.48 31.36 -68.26
C HIS K 248 -65.55 31.66 -69.30
N THR K 249 -65.21 32.41 -70.34
CA THR K 249 -66.13 32.66 -71.44
C THR K 249 -66.43 31.36 -72.17
N LEU K 250 -65.42 30.54 -72.40
CA LEU K 250 -65.61 29.25 -73.05
C LEU K 250 -66.38 28.27 -72.17
N LEU K 251 -66.32 28.46 -70.84
CA LEU K 251 -67.13 27.64 -69.96
C LEU K 251 -68.59 28.03 -70.03
N HIS K 252 -68.88 29.31 -70.24
CA HIS K 252 -70.26 29.77 -70.35
C HIS K 252 -70.91 29.28 -71.63
N ILE K 253 -70.15 29.28 -72.73
CA ILE K 253 -70.69 28.87 -74.01
C ILE K 253 -70.93 27.38 -74.05
N LEU K 254 -69.97 26.61 -73.55
CA LEU K 254 -70.01 25.17 -73.70
C LEU K 254 -70.93 24.51 -72.68
N THR K 255 -71.30 25.19 -71.60
CA THR K 255 -72.37 24.67 -70.75
C THR K 255 -73.74 25.16 -71.19
N GLY K 256 -73.79 26.07 -72.16
CA GLY K 256 -75.04 26.40 -72.80
C GLY K 256 -75.44 25.31 -73.77
N MET K 257 -74.44 24.75 -74.46
CA MET K 257 -74.70 23.58 -75.29
C MET K 257 -74.92 22.33 -74.45
N ALA K 258 -74.33 22.29 -73.25
CA ALA K 258 -74.52 21.16 -72.36
C ALA K 258 -75.87 21.22 -71.67
N LEU K 259 -76.53 22.37 -71.71
CA LEU K 259 -77.87 22.51 -71.16
C LEU K 259 -78.94 22.15 -72.18
N ALA K 260 -78.67 22.31 -73.47
CA ALA K 260 -79.68 22.10 -74.50
C ALA K 260 -79.95 20.63 -74.76
N LEU K 261 -79.01 19.76 -74.47
CA LEU K 261 -79.25 18.33 -74.66
C LEU K 261 -80.15 17.72 -73.58
N PRO K 262 -80.14 18.17 -72.32
CA PRO K 262 -81.26 17.82 -71.45
C PRO K 262 -82.46 18.74 -71.56
N PHE K 263 -82.33 19.90 -72.18
CA PHE K 263 -83.50 20.75 -72.36
C PHE K 263 -84.36 20.24 -73.49
N SER K 264 -83.78 20.15 -74.68
CA SER K 264 -84.57 19.74 -75.85
C SER K 264 -84.95 18.27 -75.79
N LEU K 265 -84.12 17.43 -75.19
CA LEU K 265 -84.49 16.04 -75.00
C LEU K 265 -85.04 15.91 -73.59
N GLY K 266 -85.26 14.69 -73.15
CA GLY K 266 -85.90 14.49 -71.87
C GLY K 266 -84.94 14.64 -70.70
N PHE K 267 -85.52 14.87 -69.53
CA PHE K 267 -84.73 14.88 -68.30
C PHE K 267 -84.37 13.46 -67.92
N PHE K 268 -83.06 13.25 -67.68
CA PHE K 268 -82.45 11.93 -67.47
C PHE K 268 -82.73 10.99 -68.64
N SER K 269 -82.73 11.55 -69.85
CA SER K 269 -82.93 10.79 -71.08
C SER K 269 -81.88 11.23 -72.09
N MET K 270 -81.49 10.27 -72.95
CA MET K 270 -80.32 10.35 -73.83
C MET K 270 -79.08 10.75 -73.01
N VAL K 271 -78.83 9.99 -71.97
CA VAL K 271 -77.74 10.30 -71.05
C VAL K 271 -76.31 10.14 -71.57
N PRO K 272 -75.94 9.31 -72.58
CA PRO K 272 -74.53 9.37 -73.03
C PRO K 272 -74.20 10.61 -73.82
N ALA K 273 -75.19 11.31 -74.37
CA ALA K 273 -74.93 12.56 -75.07
C ALA K 273 -74.59 13.66 -74.08
N THR K 274 -75.27 13.71 -72.94
CA THR K 274 -74.95 14.72 -71.93
C THR K 274 -73.82 14.25 -71.02
N PHE K 275 -73.51 12.96 -71.01
CA PHE K 275 -72.35 12.47 -70.27
C PHE K 275 -71.05 12.96 -70.87
N GLY K 276 -70.91 12.84 -72.19
CA GLY K 276 -69.66 13.19 -72.85
C GLY K 276 -69.41 14.67 -72.93
N VAL K 277 -70.41 15.49 -72.66
CA VAL K 277 -70.24 16.94 -72.69
C VAL K 277 -69.98 17.42 -71.27
N CYS K 278 -70.66 16.82 -70.30
CA CYS K 278 -70.39 17.12 -68.90
C CYS K 278 -69.07 16.52 -68.43
N CYS K 279 -68.52 15.54 -69.15
CA CYS K 279 -67.17 15.09 -68.87
C CYS K 279 -66.14 16.12 -69.29
N LEU K 280 -66.29 16.70 -70.49
CA LEU K 280 -65.29 17.67 -70.93
C LEU K 280 -65.59 19.05 -70.36
N LEU K 281 -66.80 19.26 -69.84
CA LEU K 281 -67.04 20.45 -69.03
C LEU K 281 -66.24 20.40 -67.75
N SER K 282 -66.32 19.29 -67.04
CA SER K 282 -65.63 19.12 -65.78
C SER K 282 -64.13 18.99 -65.97
N ALA K 283 -63.70 18.55 -67.15
CA ALA K 283 -62.29 18.60 -67.49
C ALA K 283 -61.82 20.01 -67.81
N LEU K 284 -62.74 20.92 -68.11
CA LEU K 284 -62.38 22.30 -68.37
C LEU K 284 -62.35 23.15 -67.12
N VAL K 285 -63.21 22.87 -66.15
CA VAL K 285 -63.12 23.57 -64.87
C VAL K 285 -61.86 23.15 -64.12
N GLY K 286 -61.43 21.89 -64.29
CA GLY K 286 -60.17 21.48 -63.71
C GLY K 286 -58.98 22.08 -64.41
N LEU K 287 -59.12 22.36 -65.71
CA LEU K 287 -58.09 23.09 -66.42
C LEU K 287 -58.02 24.54 -65.96
N GLU K 288 -59.15 25.12 -65.57
CA GLU K 288 -59.14 26.48 -65.05
C GLU K 288 -58.59 26.56 -63.64
N TYR K 289 -58.54 25.45 -62.92
CA TYR K 289 -57.82 25.41 -61.67
C TYR K 289 -56.32 25.46 -61.91
N LEU K 290 -55.84 24.77 -62.94
CA LEU K 290 -54.42 24.75 -63.24
C LEU K 290 -53.96 26.09 -63.82
N VAL K 291 -54.83 26.74 -64.59
CA VAL K 291 -54.52 28.05 -65.15
C VAL K 291 -54.52 29.12 -64.06
N ALA K 292 -55.42 29.01 -63.09
CA ALA K 292 -55.51 30.00 -62.02
C ALA K 292 -54.30 29.98 -61.11
N VAL K 293 -53.65 28.83 -60.97
CA VAL K 293 -52.43 28.72 -60.18
C VAL K 293 -51.21 29.11 -61.01
N LEU K 294 -51.19 28.75 -62.29
CA LEU K 294 -50.02 29.01 -63.12
C LEU K 294 -49.93 30.48 -63.50
N GLN K 295 -51.06 31.14 -63.72
CA GLN K 295 -51.01 32.53 -64.17
C GLN K 295 -50.64 33.46 -63.05
N SER K 296 -50.93 33.08 -61.80
CA SER K 296 -50.39 33.79 -60.66
C SER K 296 -48.92 33.51 -60.46
N GLY K 297 -48.45 32.36 -60.94
CA GLY K 297 -47.05 32.03 -60.92
C GLY K 297 -46.29 32.75 -62.02
N VAL K 298 -46.89 32.83 -63.21
CA VAL K 298 -46.24 33.50 -64.33
C VAL K 298 -46.17 35.00 -64.12
N PHE K 299 -47.21 35.61 -63.55
CA PHE K 299 -47.19 37.03 -63.21
C PHE K 299 -46.10 37.37 -62.22
N SER K 300 -45.92 36.54 -61.19
CA SER K 300 -44.94 36.85 -60.16
C SER K 300 -43.53 36.41 -60.53
N ILE K 301 -43.39 35.44 -61.43
CA ILE K 301 -42.09 35.13 -62.00
C ILE K 301 -41.64 36.28 -62.88
N LEU K 302 -42.54 36.79 -63.72
CA LEU K 302 -42.18 37.86 -64.64
C LEU K 302 -42.00 39.18 -63.92
N SER K 303 -42.60 39.34 -62.75
CA SER K 303 -42.35 40.56 -61.99
C SER K 303 -40.95 40.55 -61.39
N THR K 304 -40.45 39.38 -61.01
CA THR K 304 -39.08 39.29 -60.51
C THR K 304 -38.07 39.51 -61.61
N VAL K 305 -38.42 39.19 -62.86
CA VAL K 305 -37.53 39.43 -63.98
C VAL K 305 -37.52 40.91 -64.35
N TYR K 306 -38.69 41.54 -64.38
CA TYR K 306 -38.79 42.92 -64.81
C TYR K 306 -38.24 43.87 -63.76
N VAL K 307 -38.60 43.66 -62.50
CA VAL K 307 -38.09 44.52 -61.43
C VAL K 307 -36.64 44.20 -61.13
N GLY K 308 -36.24 42.94 -61.27
CA GLY K 308 -34.87 42.55 -61.02
C GLY K 308 -33.87 42.99 -62.05
N GLU K 309 -34.31 43.59 -63.16
CA GLU K 309 -33.37 44.14 -64.13
C GLU K 309 -32.69 45.39 -63.58
N PHE K 310 -33.41 46.17 -62.79
CA PHE K 310 -32.88 47.39 -62.20
C PHE K 310 -32.47 47.19 -60.76
N ASN K 311 -32.32 45.94 -60.34
CA ASN K 311 -31.91 45.61 -58.98
C ASN K 311 -30.40 45.37 -58.90
N HIS K 312 -29.62 46.32 -59.41
CA HIS K 312 -28.17 46.16 -59.49
C HIS K 312 -27.51 47.47 -59.11
N ASP K 313 -26.88 47.50 -57.95
CA ASP K 313 -26.06 48.62 -57.53
C ASP K 313 -24.65 48.12 -57.26
N LYS K 314 -23.74 49.07 -57.10
CA LYS K 314 -22.32 48.76 -56.97
C LYS K 314 -21.98 48.42 -55.53
N PHE K 315 -21.20 47.36 -55.35
CA PHE K 315 -20.78 46.93 -54.03
C PHE K 315 -19.76 47.92 -53.47
N ILE K 316 -20.00 48.39 -52.24
CA ILE K 316 -19.16 49.44 -51.67
C ILE K 316 -17.76 48.90 -51.37
N GLY K 317 -17.68 47.86 -50.55
CA GLY K 317 -16.43 47.17 -50.32
C GLY K 317 -15.39 47.97 -49.55
N PRO K 318 -14.21 47.39 -49.34
CA PRO K 318 -13.14 48.12 -48.66
C PRO K 318 -12.45 49.10 -49.61
N ALA K 319 -12.21 50.31 -49.12
CA ALA K 319 -11.39 51.28 -49.84
C ALA K 319 -9.96 51.32 -49.32
N ALA K 320 -9.66 50.60 -48.25
CA ALA K 320 -8.31 50.50 -47.71
C ALA K 320 -8.21 49.19 -46.94
N LYS K 321 -7.08 48.53 -47.06
CA LYS K 321 -6.96 47.18 -46.53
C LYS K 321 -5.55 46.97 -46.00
N ILE K 322 -5.44 46.35 -44.83
CA ILE K 322 -4.16 45.94 -44.28
C ILE K 322 -3.93 44.52 -44.80
N VAL K 323 -3.28 44.43 -45.95
CA VAL K 323 -3.00 43.14 -46.57
C VAL K 323 -1.74 42.55 -45.96
N LYS K 324 -1.52 41.26 -46.22
CA LYS K 324 -0.37 40.46 -45.75
C LYS K 324 -0.28 40.40 -44.23
N LYS L 150 78.42 -73.69 -11.32
CA LYS L 150 77.01 -73.30 -11.36
C LYS L 150 76.65 -72.46 -10.14
N GLU L 151 77.31 -71.31 -10.04
CA GLU L 151 77.22 -70.40 -8.91
C GLU L 151 76.16 -69.34 -9.19
N VAL L 152 75.89 -68.51 -8.18
CA VAL L 152 75.01 -67.35 -8.28
C VAL L 152 75.69 -66.21 -7.55
N TYR L 153 76.04 -65.16 -8.26
CA TYR L 153 76.65 -64.00 -7.63
C TYR L 153 75.57 -63.15 -6.96
N CYS L 154 75.75 -62.91 -5.67
CA CYS L 154 74.84 -62.06 -4.92
C CYS L 154 75.62 -61.33 -3.84
N THR L 155 75.07 -60.21 -3.39
CA THR L 155 75.65 -59.47 -2.27
C THR L 155 74.61 -59.27 -1.19
N VAL L 156 75.02 -59.56 0.05
CA VAL L 156 74.15 -59.49 1.22
C VAL L 156 74.55 -58.26 2.02
N ILE L 157 73.56 -57.44 2.34
CA ILE L 157 73.77 -56.26 3.17
C ILE L 157 73.07 -56.52 4.50
N THR L 158 73.83 -56.44 5.59
CA THR L 158 73.31 -56.66 6.93
C THR L 158 73.56 -55.44 7.79
N ALA L 159 73.08 -55.50 9.03
CA ALA L 159 73.25 -54.42 9.98
C ALA L 159 74.59 -54.49 10.69
N GLU L 160 74.99 -55.68 11.12
CA GLU L 160 76.24 -55.91 11.81
C GLU L 160 77.03 -56.95 11.05
N PRO L 161 78.36 -56.99 11.22
CA PRO L 161 79.16 -58.06 10.60
C PRO L 161 78.78 -59.43 11.13
N LEU L 162 78.83 -60.42 10.25
CA LEU L 162 78.19 -61.70 10.51
C LEU L 162 79.06 -62.60 11.37
N ASP L 163 78.40 -63.38 12.23
CA ASP L 163 79.04 -64.49 12.91
C ASP L 163 79.09 -65.70 11.99
N LYS L 164 79.96 -66.64 12.32
CA LYS L 164 80.09 -67.82 11.48
C LYS L 164 78.92 -68.80 11.63
N LEU L 165 78.08 -68.64 12.65
CA LEU L 165 76.81 -69.33 12.71
C LEU L 165 75.69 -68.50 12.12
N GLU L 166 75.85 -67.17 12.16
CA GLU L 166 74.89 -66.28 11.53
C GLU L 166 75.00 -66.36 10.01
N ARG L 167 76.17 -66.72 9.49
CA ARG L 167 76.37 -66.86 8.07
C ARG L 167 75.75 -68.15 7.55
N VAL L 168 76.00 -69.27 8.25
CA VAL L 168 75.43 -70.55 7.86
C VAL L 168 73.92 -70.58 8.06
N GLU L 169 73.38 -69.77 8.97
CA GLU L 169 71.94 -69.67 9.12
C GLU L 169 71.31 -68.85 7.99
N LEU L 170 72.02 -67.87 7.48
CA LEU L 170 71.55 -67.07 6.36
C LEU L 170 71.67 -67.83 5.05
N THR L 171 72.73 -68.63 4.90
CA THR L 171 73.04 -69.26 3.62
C THR L 171 72.00 -70.30 3.24
N LYS L 172 71.53 -71.11 4.18
CA LYS L 172 70.46 -72.04 3.85
C LYS L 172 69.10 -71.36 3.83
N LYS L 173 69.02 -70.13 4.35
CA LYS L 173 67.76 -69.40 4.27
C LYS L 173 67.59 -68.72 2.93
N ALA L 174 68.68 -68.22 2.34
CA ALA L 174 68.61 -67.61 1.01
C ALA L 174 68.71 -68.63 -0.11
N GLU L 175 69.15 -69.86 0.17
CA GLU L 175 69.30 -70.86 -0.88
C GLU L 175 67.98 -71.43 -1.37
N LYS L 176 66.86 -71.08 -0.75
CA LYS L 176 65.55 -71.36 -1.31
C LYS L 176 64.99 -70.19 -2.10
N PHE L 177 65.74 -69.10 -2.25
CA PHE L 177 65.41 -68.05 -3.19
C PHE L 177 66.04 -68.28 -4.56
N VAL L 178 66.88 -69.29 -4.68
CA VAL L 178 67.34 -69.79 -5.97
C VAL L 178 66.77 -71.19 -6.15
N ASP L 179 66.17 -71.42 -7.31
CA ASP L 179 65.35 -72.62 -7.53
C ASP L 179 66.18 -73.75 -8.15
N ALA L 180 67.29 -74.07 -7.50
CA ALA L 180 68.17 -75.15 -7.94
C ALA L 180 69.05 -75.55 -6.76
N GLY L 181 70.08 -76.32 -7.04
CA GLY L 181 71.11 -76.57 -6.06
C GLY L 181 72.29 -75.63 -6.29
N PHE L 182 71.97 -74.40 -6.68
CA PHE L 182 73.01 -73.42 -6.95
C PHE L 182 73.56 -72.87 -5.66
N LYS L 183 74.88 -72.94 -5.51
CA LYS L 183 75.50 -72.27 -4.39
C LYS L 183 75.71 -70.79 -4.69
N LEU L 184 74.88 -69.96 -4.08
CA LEU L 184 75.11 -68.52 -4.08
C LEU L 184 76.37 -68.27 -3.27
N VAL L 185 77.32 -67.51 -3.83
CA VAL L 185 78.69 -67.60 -3.35
C VAL L 185 78.84 -66.94 -1.98
N MET L 186 78.84 -65.60 -1.93
CA MET L 186 78.25 -64.68 -0.95
C MET L 186 78.82 -63.33 -1.36
N GLN L 187 78.36 -62.25 -0.74
CA GLN L 187 79.16 -61.06 -0.53
C GLN L 187 78.55 -60.33 0.66
N GLU L 188 79.41 -59.87 1.56
CA GLU L 188 78.99 -59.22 2.79
C GLU L 188 79.08 -57.71 2.62
N LYS L 189 78.08 -57.01 3.13
CA LYS L 189 78.11 -55.56 3.22
C LYS L 189 77.41 -55.15 4.50
N ILE L 190 77.82 -54.02 5.06
CA ILE L 190 77.27 -53.54 6.31
C ILE L 190 76.50 -52.24 6.05
N ASP L 191 75.26 -52.20 6.54
CA ASP L 191 74.47 -50.97 6.60
C ASP L 191 73.57 -51.07 7.81
N LYS L 192 73.93 -50.37 8.89
CA LYS L 192 73.14 -50.44 10.10
C LYS L 192 71.89 -49.57 10.04
N LYS L 193 71.62 -48.90 8.91
CA LYS L 193 70.29 -48.37 8.63
C LYS L 193 69.25 -49.48 8.59
N LEU L 194 69.64 -50.66 8.13
CA LEU L 194 68.86 -51.87 8.39
C LEU L 194 68.88 -52.14 9.88
N LEU L 195 67.72 -52.44 10.46
CA LEU L 195 67.67 -52.70 11.90
C LEU L 195 67.78 -54.18 12.20
N GLY L 196 68.80 -54.82 11.64
CA GLY L 196 68.90 -56.27 11.72
C GLY L 196 68.17 -56.94 10.57
N GLY L 197 68.52 -58.20 10.35
CA GLY L 197 68.04 -58.91 9.18
C GLY L 197 69.05 -58.82 8.05
N PHE L 198 68.56 -59.08 6.84
CA PHE L 198 69.43 -59.06 5.66
C PHE L 198 68.60 -58.68 4.44
N VAL L 199 69.29 -58.17 3.42
CA VAL L 199 68.72 -58.06 2.08
C VAL L 199 69.65 -58.83 1.15
N ILE L 200 69.06 -59.51 0.17
CA ILE L 200 69.82 -60.29 -0.81
C ILE L 200 69.72 -59.57 -2.15
N GLU L 201 70.81 -58.95 -2.57
CA GLU L 201 70.85 -58.26 -3.86
C GLU L 201 71.31 -59.29 -4.89
N PHE L 202 70.38 -59.91 -5.58
CA PHE L 202 70.68 -60.95 -6.56
C PHE L 202 71.11 -60.40 -7.92
N SER L 203 71.28 -59.07 -8.03
CA SER L 203 71.63 -58.30 -9.22
C SER L 203 70.58 -58.35 -10.33
N ASP L 204 69.46 -59.03 -10.12
CA ASP L 204 68.29 -58.89 -10.97
C ASP L 204 67.07 -58.67 -10.08
N ARG L 205 67.11 -59.24 -8.87
CA ARG L 205 66.00 -59.14 -7.94
C ARG L 205 66.56 -58.89 -6.55
N ARG L 206 65.72 -58.33 -5.69
CA ARG L 206 66.07 -58.00 -4.32
C ARG L 206 65.00 -58.55 -3.39
N VAL L 207 65.43 -59.32 -2.39
CA VAL L 207 64.57 -59.83 -1.34
C VAL L 207 64.95 -59.11 -0.06
N ASP L 208 64.01 -58.34 0.48
CA ASP L 208 64.24 -57.50 1.65
C ASP L 208 63.63 -58.19 2.87
N MET L 209 64.44 -59.00 3.55
CA MET L 209 64.04 -59.60 4.81
C MET L 209 64.64 -58.89 6.01
N SER L 210 64.99 -57.61 5.86
CA SER L 210 65.43 -56.83 7.01
C SER L 210 64.24 -56.48 7.89
N THR L 211 64.52 -56.20 9.16
CA THR L 211 63.44 -55.85 10.08
C THR L 211 63.03 -54.40 9.90
N ALA L 212 63.93 -53.57 9.37
CA ALA L 212 63.58 -52.18 9.09
C ALA L 212 62.53 -52.07 8.00
N LYS L 213 62.48 -53.06 7.10
CA LYS L 213 61.37 -53.17 6.17
C LYS L 213 60.20 -53.93 6.78
N LYS L 214 60.44 -54.75 7.79
CA LYS L 214 59.34 -55.45 8.45
C LYS L 214 58.54 -54.49 9.32
N VAL L 215 59.21 -53.65 10.12
CA VAL L 215 58.51 -52.67 10.93
C VAL L 215 57.88 -51.57 10.10
N GLU L 216 58.39 -51.31 8.90
CA GLU L 216 57.78 -50.34 8.01
C GLU L 216 56.59 -50.92 7.27
N GLU L 217 56.61 -52.21 6.97
CA GLU L 217 55.42 -52.87 6.45
C GLU L 217 54.46 -53.27 7.55
N PHE L 218 54.94 -53.32 8.80
CA PHE L 218 54.04 -53.55 9.92
C PHE L 218 53.13 -52.35 10.12
N ASN L 219 53.70 -51.15 10.17
CA ASN L 219 52.94 -49.94 10.42
C ASN L 219 51.98 -49.64 9.28
N ASN L 220 52.36 -49.97 8.04
CA ASN L 220 51.44 -49.73 6.93
C ASN L 220 50.27 -50.70 6.94
N PHE L 221 50.45 -51.90 7.51
CA PHE L 221 49.31 -52.80 7.67
C PHE L 221 48.43 -52.36 8.83
N VAL L 222 49.02 -51.83 9.90
CA VAL L 222 48.25 -51.35 11.03
C VAL L 222 47.48 -50.09 10.68
N ASN L 223 48.12 -49.18 9.92
CA ASN L 223 47.48 -47.93 9.56
C ASN L 223 46.39 -48.12 8.52
N LYS L 224 46.29 -49.28 7.89
CA LYS L 224 45.19 -49.54 6.97
C LYS L 224 44.02 -50.26 7.64
N LEU L 225 44.26 -51.02 8.70
CA LEU L 225 43.14 -51.61 9.42
C LEU L 225 42.40 -50.57 10.25
N VAL L 226 43.13 -49.61 10.83
CA VAL L 226 42.48 -48.64 11.69
C VAL L 226 41.70 -47.60 10.91
N LEU L 227 41.96 -47.45 9.62
CA LEU L 227 41.14 -46.60 8.78
C LEU L 227 39.90 -47.31 8.27
N SER L 228 39.88 -48.63 8.28
CA SER L 228 38.72 -49.40 7.87
C SER L 228 37.85 -49.83 9.04
N ILE L 229 38.47 -50.26 10.14
CA ILE L 229 37.73 -50.64 11.34
C ILE L 229 37.20 -49.40 12.03
N ALA M 40 15.33 -49.16 40.63
CA ALA M 40 14.92 -47.95 39.93
C ALA M 40 15.84 -46.78 40.29
N ASP M 41 15.35 -45.90 41.15
CA ASP M 41 16.13 -44.77 41.62
C ASP M 41 17.21 -45.24 42.60
N ALA M 42 18.12 -44.30 42.91
CA ALA M 42 19.24 -44.51 43.85
C ALA M 42 20.12 -45.68 43.41
N LYS M 43 20.81 -45.45 42.29
CA LYS M 43 21.57 -46.48 41.61
C LYS M 43 22.71 -47.07 42.42
N ALA M 44 23.78 -46.29 42.62
CA ALA M 44 25.01 -46.73 43.26
C ALA M 44 25.93 -45.53 43.44
N LEU M 45 27.16 -45.76 43.85
CA LEU M 45 28.20 -44.77 43.63
C LEU M 45 29.26 -45.24 42.65
N ASP M 46 29.68 -46.50 42.75
CA ASP M 46 30.79 -47.00 41.96
C ASP M 46 30.46 -47.15 40.47
N GLU M 47 29.19 -47.12 40.09
CA GLU M 47 28.88 -47.04 38.67
C GLU M 47 28.33 -45.68 38.28
N LEU M 48 28.08 -44.80 39.24
CA LEU M 48 27.79 -43.40 38.93
C LEU M 48 29.05 -42.57 38.70
N ARG M 49 30.22 -43.10 39.07
CA ARG M 49 31.49 -42.43 38.79
C ARG M 49 32.00 -42.67 37.39
N LYS M 50 31.26 -43.38 36.56
CA LYS M 50 31.74 -43.69 35.23
C LYS M 50 31.65 -42.47 34.33
N PRO M 51 32.75 -42.08 33.68
CA PRO M 51 32.63 -41.11 32.59
C PRO M 51 31.92 -41.75 31.42
N LYS M 52 30.90 -41.06 30.92
CA LYS M 52 29.97 -41.75 30.04
C LYS M 52 30.44 -41.84 28.60
N PHE M 53 30.57 -40.71 27.91
CA PHE M 53 30.76 -40.76 26.47
C PHE M 53 32.22 -40.68 26.08
N SER M 54 33.09 -41.25 26.92
CA SER M 54 34.44 -41.56 26.53
C SER M 54 34.43 -42.68 25.49
N SER M 55 35.58 -42.91 24.86
CA SER M 55 35.53 -43.94 23.84
C SER M 55 35.62 -45.32 24.48
N LYS M 56 36.81 -45.77 24.88
CA LYS M 56 37.08 -46.95 25.70
C LYS M 56 36.57 -48.29 25.17
N TYR M 57 35.66 -48.25 24.22
CA TYR M 57 35.01 -49.41 23.64
C TYR M 57 35.01 -49.33 22.14
N LEU M 58 35.14 -48.15 21.56
CA LEU M 58 35.57 -48.03 20.19
C LEU M 58 37.08 -48.23 20.09
N ILE M 59 37.82 -47.85 21.14
CA ILE M 59 39.21 -48.24 21.26
C ILE M 59 39.32 -49.75 21.43
N GLN M 60 38.47 -50.32 22.27
CA GLN M 60 38.46 -51.75 22.49
C GLN M 60 37.97 -52.52 21.28
N HIS M 61 37.10 -51.93 20.48
CA HIS M 61 36.62 -52.60 19.27
C HIS M 61 37.73 -52.67 18.23
N VAL M 62 38.62 -51.67 18.21
CA VAL M 62 39.74 -51.74 17.29
C VAL M 62 40.74 -52.78 17.75
N SER M 63 41.12 -52.75 19.02
CA SER M 63 42.13 -53.68 19.52
C SER M 63 41.64 -55.13 19.58
N GLN M 64 40.33 -55.35 19.53
CA GLN M 64 39.83 -56.71 19.36
C GLN M 64 39.67 -57.09 17.90
N LYS M 65 39.91 -56.17 16.98
CA LYS M 65 39.92 -56.47 15.56
C LYS M 65 41.21 -56.07 14.87
N LEU M 66 42.16 -55.46 15.59
CA LEU M 66 43.47 -55.18 15.04
C LEU M 66 44.50 -56.19 15.55
N ILE M 67 44.50 -56.47 16.85
CA ILE M 67 45.45 -57.40 17.45
C ILE M 67 45.24 -58.84 16.96
N PRO M 68 44.03 -59.43 16.95
CA PRO M 68 43.93 -60.79 16.37
C PRO M 68 44.06 -60.81 14.86
N ALA M 69 43.98 -59.67 14.19
CA ALA M 69 44.18 -59.63 12.74
C ALA M 69 45.62 -59.31 12.37
N VAL M 70 46.43 -58.83 13.30
CA VAL M 70 47.84 -58.59 13.02
C VAL M 70 48.71 -59.68 13.65
N LYS M 71 48.15 -60.49 14.54
CA LYS M 71 48.86 -61.69 14.99
C LYS M 71 49.07 -62.66 13.84
N GLU M 72 48.08 -62.79 12.96
CA GLU M 72 48.19 -63.66 11.81
C GLU M 72 48.80 -62.97 10.60
N TRP M 73 49.13 -61.68 10.70
CA TRP M 73 49.87 -61.06 9.62
C TRP M 73 51.35 -61.40 9.68
N GLU M 74 51.96 -61.35 10.86
CA GLU M 74 53.39 -61.58 10.90
C GLU M 74 53.75 -63.04 11.01
N LYS M 75 52.78 -63.91 11.32
CA LYS M 75 53.05 -65.34 11.23
C LYS M 75 52.90 -65.85 9.81
N SER M 76 52.26 -65.09 8.94
CA SER M 76 52.19 -65.38 7.51
C SER M 76 52.68 -64.13 6.79
N TYR M 77 54.01 -63.99 6.70
CA TYR M 77 54.63 -62.77 6.18
C TYR M 77 55.88 -63.19 5.42
N GLN M 78 55.87 -63.00 4.12
CA GLN M 78 57.02 -63.29 3.27
C GLN M 78 57.26 -62.08 2.38
N PRO M 79 58.49 -61.56 2.28
CA PRO M 79 58.78 -60.44 1.39
C PRO M 79 58.71 -60.82 -0.09
#